data_7QW4
#
_entry.id   7QW4
#
_cell.length_a   134.510
_cell.length_b   136.376
_cell.length_c   212.314
_cell.angle_alpha   90.000
_cell.angle_beta   90.000
_cell.angle_gamma   90.000
#
_symmetry.space_group_name_H-M   'P 21 21 21'
#
_entity_poly.entity_id   1
_entity_poly.type   'polypeptide(L)'
_entity_poly.pdbx_seq_one_letter_code
;MPGPRIVAFAGSWSRPSKTRSLVEEAARRAVARFGGSAHVFDIADLGPDFGSLRQPQDGPHTRHLDAFLAADALIVASPV
YKGSYTGLFKHFIDLIEPVALVGKPVLLAATGGGDRHALVIEHQLRPVFGFFEAHTLATGLYVSASDFGPDGLASEAAST
RLDRAVAQFAAHLSRHDAAPLLAVGLEHHHHHH
;
_entity_poly.pdbx_strand_id   A,B,C,D,E,F,G,H,I,J,K,L,M,N,O,P,Q,R,S,T
#
# COMPACT_ATOMS: atom_id res chain seq x y z
N MET A 1 -2.57 -19.99 -21.97
CA MET A 1 -3.19 -18.82 -21.17
C MET A 1 -2.20 -18.33 -20.11
N PRO A 2 -0.98 -17.91 -20.49
CA PRO A 2 0.02 -17.49 -19.50
C PRO A 2 -0.27 -16.11 -18.93
N GLY A 3 -0.99 -15.27 -19.67
CA GLY A 3 -1.27 -13.92 -19.24
C GLY A 3 -2.76 -13.65 -19.20
N PRO A 4 -3.32 -13.07 -18.12
CA PRO A 4 -4.68 -12.56 -18.11
C PRO A 4 -4.95 -11.38 -19.04
N ARG A 5 -6.20 -11.26 -19.48
CA ARG A 5 -6.71 -10.14 -20.24
C ARG A 5 -7.49 -9.23 -19.30
N ILE A 6 -7.03 -8.00 -19.14
CA ILE A 6 -7.57 -7.05 -18.20
C ILE A 6 -8.34 -5.98 -18.99
N VAL A 7 -9.47 -5.50 -18.46
CA VAL A 7 -10.17 -4.34 -18.97
C VAL A 7 -10.24 -3.25 -17.89
N ALA A 8 -10.42 -2.02 -18.31
CA ALA A 8 -10.49 -0.87 -17.42
C ALA A 8 -11.69 -0.02 -17.80
N PHE A 9 -12.43 0.48 -16.82
CA PHE A 9 -13.55 1.37 -17.09
C PHE A 9 -13.60 2.44 -16.02
N ALA A 10 -13.70 3.70 -16.49
CA ALA A 10 -13.76 4.85 -15.61
C ALA A 10 -14.99 5.66 -16.05
N GLY A 11 -15.71 6.21 -15.08
CA GLY A 11 -16.99 6.83 -15.37
C GLY A 11 -16.90 8.33 -15.50
N SER A 12 -15.76 8.81 -16.04
CA SER A 12 -15.53 10.25 -16.20
C SER A 12 -15.37 10.54 -17.70
N TRP A 13 -16.26 11.34 -18.25
CA TRP A 13 -16.26 11.54 -19.70
C TRP A 13 -15.18 12.51 -20.16
N SER A 14 -14.62 13.30 -19.24
CA SER A 14 -13.67 14.33 -19.60
C SER A 14 -12.31 13.72 -19.97
N ARG A 15 -11.66 14.35 -20.95
CA ARG A 15 -10.39 13.88 -21.53
C ARG A 15 -9.29 13.76 -20.47
N PRO A 16 -8.78 14.88 -19.90
CA PRO A 16 -7.68 14.78 -18.94
C PRO A 16 -8.16 14.53 -17.53
N SER A 17 -8.96 13.48 -17.30
CA SER A 17 -9.58 13.24 -16.00
C SER A 17 -8.61 12.48 -15.09
N LYS A 18 -8.84 12.64 -13.78
CA LYS A 18 -8.08 11.97 -12.74
C LYS A 18 -8.53 10.53 -12.52
N THR A 19 -9.64 10.13 -13.15
CA THR A 19 -10.13 8.77 -12.99
C THR A 19 -9.43 7.85 -14.01
N ARG A 20 -9.11 8.40 -15.18
CA ARG A 20 -8.43 7.65 -16.23
C ARG A 20 -6.97 7.37 -15.86
N SER A 21 -6.38 8.24 -15.05
CA SER A 21 -5.03 8.01 -14.53
C SER A 21 -5.00 6.94 -13.44
N LEU A 22 -6.15 6.70 -12.81
CA LEU A 22 -6.24 5.70 -11.75
C LEU A 22 -6.43 4.30 -12.35
N VAL A 23 -7.14 4.24 -13.46
CA VAL A 23 -7.40 2.97 -14.10
C VAL A 23 -6.23 2.60 -15.00
N GLU A 24 -5.46 3.56 -15.44
CA GLU A 24 -4.25 3.30 -16.22
C GLU A 24 -3.14 2.81 -15.32
N GLU A 25 -3.14 3.31 -14.08
CA GLU A 25 -2.11 2.93 -13.08
C GLU A 25 -2.63 1.72 -12.28
N ALA A 26 -3.52 0.93 -12.87
CA ALA A 26 -4.09 -0.26 -12.20
C ALA A 26 -3.66 -1.53 -12.95
N ALA A 27 -3.81 -1.53 -14.27
CA ALA A 27 -3.44 -2.70 -15.11
C ALA A 27 -1.92 -2.86 -15.10
N ARG A 28 -1.18 -1.76 -15.27
CA ARG A 28 0.31 -1.79 -15.28
C ARG A 28 0.84 -2.62 -14.11
N ARG A 29 0.12 -2.66 -12.97
CA ARG A 29 0.61 -3.45 -11.82
C ARG A 29 0.27 -4.93 -12.08
N ALA A 30 -0.85 -5.17 -12.77
CA ALA A 30 -1.29 -6.53 -13.12
C ALA A 30 -0.54 -6.98 -14.39
N VAL A 31 -0.55 -6.15 -15.42
CA VAL A 31 0.16 -6.45 -16.70
C VAL A 31 1.61 -6.78 -16.33
N ALA A 32 2.24 -5.91 -15.54
CA ALA A 32 3.62 -6.12 -15.09
C ALA A 32 3.83 -7.25 -14.09
N ARG A 33 2.77 -7.63 -13.37
CA ARG A 33 2.80 -8.85 -12.52
C ARG A 33 2.48 -10.05 -13.43
N PHE A 34 1.27 -10.06 -13.99
CA PHE A 34 0.87 -11.03 -15.05
C PHE A 34 -0.29 -10.52 -15.92
N GLY A 35 -0.04 -10.40 -17.24
CA GLY A 35 -1.08 -9.92 -18.12
C GLY A 35 -0.53 -9.47 -19.46
N GLY A 36 -1.45 -9.24 -20.40
CA GLY A 36 -1.06 -8.65 -21.69
C GLY A 36 -2.11 -7.75 -22.26
N SER A 37 -1.76 -6.49 -22.61
CA SER A 37 -2.55 -5.68 -23.52
C SER A 37 -3.92 -5.24 -22.99
N ALA A 38 -3.92 -4.55 -21.86
CA ALA A 38 -5.14 -4.23 -21.17
C ALA A 38 -6.01 -3.34 -22.05
N HIS A 39 -7.33 -3.57 -22.00
CA HIS A 39 -8.24 -2.70 -22.72
C HIS A 39 -8.62 -1.53 -21.82
N VAL A 40 -7.97 -0.39 -22.07
CA VAL A 40 -8.27 0.77 -21.23
C VAL A 40 -9.06 1.79 -22.04
N PHE A 41 -10.29 2.03 -21.59
CA PHE A 41 -11.14 2.95 -22.32
C PHE A 41 -11.86 3.87 -21.33
N ASP A 42 -11.98 5.09 -21.74
CA ASP A 42 -12.72 6.11 -21.00
C ASP A 42 -14.14 5.99 -21.50
N ILE A 43 -15.04 6.68 -20.78
CA ILE A 43 -16.45 6.65 -21.10
C ILE A 43 -16.69 7.65 -22.21
N ALA A 44 -15.71 8.45 -22.68
CA ALA A 44 -15.88 9.23 -23.89
C ALA A 44 -15.91 8.32 -25.13
N ASP A 45 -15.23 7.18 -25.07
CA ASP A 45 -15.20 6.23 -26.16
C ASP A 45 -16.20 5.24 -25.60
N LEU A 46 -17.47 5.55 -25.82
CA LEU A 46 -18.58 4.67 -25.40
C LEU A 46 -19.78 5.01 -26.26
N GLY A 47 -20.88 4.26 -26.09
CA GLY A 47 -22.17 4.67 -26.64
C GLY A 47 -23.16 5.41 -25.70
N PRO A 48 -22.71 6.53 -25.10
CA PRO A 48 -23.37 7.03 -23.89
C PRO A 48 -24.76 7.58 -24.05
N ASP A 49 -25.77 6.70 -23.96
CA ASP A 49 -27.17 7.01 -24.27
C ASP A 49 -27.36 7.47 -25.72
N PHE A 50 -26.94 6.62 -26.65
CA PHE A 50 -27.12 6.86 -28.12
C PHE A 50 -28.19 5.87 -28.64
N PRO A 56 -27.73 -3.63 -28.90
CA PRO A 56 -26.87 -2.50 -29.26
C PRO A 56 -26.89 -2.28 -30.77
N GLN A 57 -26.45 -1.11 -31.20
CA GLN A 57 -26.39 -0.87 -32.66
C GLN A 57 -25.11 -0.33 -33.30
N ASP A 58 -24.21 -1.24 -33.67
CA ASP A 58 -22.95 -0.92 -34.32
C ASP A 58 -22.19 0.30 -33.82
N GLY A 59 -22.21 0.56 -32.52
CA GLY A 59 -21.46 1.68 -32.04
C GLY A 59 -20.05 1.25 -31.65
N PRO A 60 -19.36 2.04 -30.78
CA PRO A 60 -18.06 1.65 -30.22
C PRO A 60 -18.12 0.55 -29.14
N HIS A 61 -18.84 -0.49 -29.43
CA HIS A 61 -18.85 -1.68 -28.61
C HIS A 61 -17.67 -2.57 -28.92
N THR A 62 -16.65 -2.13 -29.62
CA THR A 62 -15.32 -2.69 -29.58
C THR A 62 -14.66 -2.40 -28.24
N ARG A 63 -15.02 -1.22 -27.67
CA ARG A 63 -14.37 -0.68 -26.49
C ARG A 63 -15.40 -0.56 -25.36
N HIS A 64 -16.60 -1.16 -25.46
CA HIS A 64 -17.33 -1.22 -24.22
C HIS A 64 -17.79 -2.61 -23.81
N LEU A 65 -18.45 -3.35 -24.72
CA LEU A 65 -19.29 -4.43 -24.17
C LEU A 65 -18.46 -5.70 -24.27
N ASP A 66 -17.87 -5.92 -25.46
CA ASP A 66 -17.31 -7.21 -25.82
C ASP A 66 -15.98 -7.42 -25.14
N ALA A 67 -15.26 -6.33 -24.85
CA ALA A 67 -14.04 -6.43 -24.06
C ALA A 67 -14.35 -6.63 -22.58
N PHE A 68 -15.53 -6.19 -22.16
CA PHE A 68 -15.84 -6.18 -20.75
C PHE A 68 -16.20 -7.60 -20.31
N LEU A 69 -16.93 -8.30 -21.19
CA LEU A 69 -17.52 -9.58 -20.83
C LEU A 69 -16.49 -10.72 -20.96
N ALA A 70 -15.44 -10.48 -21.76
CA ALA A 70 -14.47 -11.52 -22.04
C ALA A 70 -13.30 -11.41 -21.08
N ALA A 71 -13.25 -10.35 -20.23
CA ALA A 71 -12.05 -10.10 -19.47
C ALA A 71 -11.87 -11.10 -18.32
N ASP A 72 -10.63 -11.37 -17.98
CA ASP A 72 -10.31 -12.20 -16.85
C ASP A 72 -10.18 -11.38 -15.57
N ALA A 73 -9.98 -10.06 -15.70
CA ALA A 73 -9.88 -9.21 -14.53
C ALA A 73 -10.53 -7.88 -14.85
N LEU A 74 -11.24 -7.31 -13.88
CA LEU A 74 -11.94 -6.05 -14.13
C LEU A 74 -11.51 -5.03 -13.07
N ILE A 75 -11.19 -3.80 -13.55
CA ILE A 75 -11.03 -2.69 -12.64
C ILE A 75 -12.07 -1.63 -13.02
N VAL A 76 -12.82 -1.20 -12.01
CA VAL A 76 -13.99 -0.36 -12.21
C VAL A 76 -13.86 0.85 -11.30
N ALA A 77 -14.20 2.01 -11.87
CA ALA A 77 -13.97 3.27 -11.16
C ALA A 77 -14.97 4.27 -11.64
N SER A 78 -15.25 5.26 -10.78
CA SER A 78 -16.24 6.28 -11.05
C SER A 78 -15.89 7.49 -10.21
N PRO A 79 -16.10 8.73 -10.70
CA PRO A 79 -16.07 9.89 -9.80
C PRO A 79 -17.31 9.92 -8.90
N VAL A 80 -17.12 10.23 -7.64
CA VAL A 80 -18.21 10.32 -6.68
C VAL A 80 -18.99 11.62 -6.91
N TYR A 81 -20.21 11.46 -7.45
CA TYR A 81 -21.13 12.54 -7.70
C TYR A 81 -22.42 12.19 -6.93
N LYS A 82 -22.90 13.15 -6.16
CA LYS A 82 -24.12 13.07 -5.37
C LYS A 82 -24.12 11.88 -4.41
N GLY A 83 -23.01 11.66 -3.71
CA GLY A 83 -22.91 10.63 -2.71
C GLY A 83 -22.88 9.21 -3.26
N SER A 84 -22.66 9.07 -4.57
CA SER A 84 -22.66 7.79 -5.25
C SER A 84 -21.88 7.92 -6.55
N TYR A 85 -21.92 6.90 -7.37
CA TYR A 85 -21.31 6.95 -8.71
C TYR A 85 -22.13 7.85 -9.64
N THR A 86 -21.62 8.03 -10.86
CA THR A 86 -22.31 8.85 -11.83
C THR A 86 -23.44 8.07 -12.47
N GLY A 87 -24.25 8.81 -13.22
CA GLY A 87 -25.34 8.26 -14.01
C GLY A 87 -24.86 7.57 -15.26
N LEU A 88 -23.82 8.07 -15.92
CA LEU A 88 -23.39 7.50 -17.19
C LEU A 88 -22.59 6.22 -16.93
N PHE A 89 -22.07 6.10 -15.71
CA PHE A 89 -21.39 4.90 -15.26
C PHE A 89 -22.43 3.79 -15.09
N LYS A 90 -23.58 4.15 -14.52
CA LYS A 90 -24.59 3.17 -14.19
C LYS A 90 -25.38 2.78 -15.46
N HIS A 91 -25.37 3.67 -16.49
CA HIS A 91 -26.06 3.31 -17.71
C HIS A 91 -25.31 2.21 -18.46
N PHE A 92 -23.98 2.17 -18.26
CA PHE A 92 -23.18 1.10 -18.86
C PHE A 92 -23.44 -0.21 -18.10
N ILE A 93 -23.70 -0.10 -16.78
CA ILE A 93 -23.89 -1.28 -15.98
C ILE A 93 -25.32 -1.82 -16.17
N ASP A 94 -26.25 -0.91 -16.52
CA ASP A 94 -27.64 -1.31 -16.73
C ASP A 94 -27.82 -2.14 -18.01
N LEU A 95 -26.80 -2.15 -18.89
CA LEU A 95 -26.88 -2.88 -20.13
C LEU A 95 -26.23 -4.25 -20.00
N ILE A 96 -25.73 -4.63 -18.84
CA ILE A 96 -25.13 -5.95 -18.69
C ILE A 96 -26.23 -6.94 -18.33
N GLU A 97 -26.18 -8.17 -18.86
CA GLU A 97 -27.06 -9.24 -18.47
C GLU A 97 -26.82 -9.63 -17.00
N PRO A 98 -27.88 -9.92 -16.24
CA PRO A 98 -27.77 -9.99 -14.79
C PRO A 98 -26.84 -11.06 -14.25
N VAL A 99 -26.48 -12.05 -15.06
CA VAL A 99 -25.65 -13.14 -14.55
C VAL A 99 -24.37 -13.23 -15.38
N ALA A 100 -23.99 -12.12 -16.00
CA ALA A 100 -22.90 -12.14 -16.99
C ALA A 100 -21.52 -12.08 -16.36
N LEU A 101 -21.41 -11.78 -15.05
CA LEU A 101 -20.08 -11.57 -14.46
C LEU A 101 -20.05 -12.30 -13.13
N VAL A 102 -20.09 -13.61 -13.17
CA VAL A 102 -19.86 -14.46 -12.02
C VAL A 102 -18.49 -15.09 -12.15
N GLY A 103 -17.79 -15.24 -11.03
CA GLY A 103 -16.41 -15.70 -10.99
C GLY A 103 -15.39 -14.70 -11.52
N LYS A 104 -15.79 -13.42 -11.64
CA LYS A 104 -14.92 -12.45 -12.26
C LYS A 104 -14.42 -11.53 -11.15
N PRO A 105 -13.08 -11.36 -11.00
CA PRO A 105 -12.57 -10.39 -10.04
C PRO A 105 -12.80 -8.94 -10.47
N VAL A 106 -13.33 -8.15 -9.53
CA VAL A 106 -13.54 -6.74 -9.76
C VAL A 106 -12.78 -5.94 -8.69
N LEU A 107 -12.02 -4.93 -9.17
CA LEU A 107 -11.31 -4.02 -8.30
C LEU A 107 -12.05 -2.69 -8.31
N LEU A 108 -12.55 -2.28 -7.16
CA LEU A 108 -13.33 -1.06 -7.06
C LEU A 108 -12.43 0.14 -6.76
N ALA A 109 -12.72 1.26 -7.40
CA ALA A 109 -11.98 2.48 -7.18
C ALA A 109 -12.95 3.64 -7.35
N ALA A 110 -12.55 4.79 -6.80
CA ALA A 110 -13.42 5.96 -6.77
C ALA A 110 -12.56 7.19 -6.56
N THR A 111 -12.90 8.29 -7.26
CA THR A 111 -12.26 9.57 -7.03
C THR A 111 -13.32 10.57 -6.54
N GLY A 112 -12.89 11.50 -5.70
CA GLY A 112 -13.82 12.48 -5.19
C GLY A 112 -13.14 13.84 -5.03
N GLY A 113 -13.82 14.73 -4.31
CA GLY A 113 -13.28 16.06 -4.08
C GLY A 113 -12.32 16.09 -2.89
N GLY A 114 -12.80 15.59 -1.74
CA GLY A 114 -11.92 15.44 -0.60
C GLY A 114 -11.81 13.97 -0.17
N ASP A 115 -11.30 13.77 1.04
CA ASP A 115 -11.26 12.44 1.64
C ASP A 115 -12.63 11.99 2.16
N ARG A 116 -13.63 12.85 2.14
CA ARG A 116 -14.97 12.46 2.54
C ARG A 116 -15.63 11.54 1.54
N HIS A 117 -16.82 10.99 1.81
CA HIS A 117 -17.58 10.20 0.87
C HIS A 117 -16.99 8.83 0.48
N ALA A 118 -16.26 8.26 1.42
CA ALA A 118 -15.44 7.10 1.15
C ALA A 118 -16.24 5.83 1.49
N LEU A 119 -17.55 5.92 1.74
CA LEU A 119 -18.35 4.72 1.87
C LEU A 119 -19.09 4.42 0.57
N VAL A 120 -18.54 4.87 -0.56
CA VAL A 120 -19.12 4.53 -1.84
C VAL A 120 -18.63 3.15 -2.28
N ILE A 121 -17.51 2.71 -1.66
CA ILE A 121 -16.95 1.42 -1.99
C ILE A 121 -17.83 0.31 -1.41
N GLU A 122 -18.37 0.51 -0.21
CA GLU A 122 -19.06 -0.58 0.46
C GLU A 122 -20.55 -0.46 0.23
N HIS A 123 -21.07 0.76 0.09
CA HIS A 123 -22.53 0.96 0.12
C HIS A 123 -23.05 1.27 -1.27
N GLN A 124 -22.18 1.62 -2.23
CA GLN A 124 -22.67 1.92 -3.57
C GLN A 124 -22.14 0.99 -4.66
N LEU A 125 -20.86 0.61 -4.59
CA LEU A 125 -20.29 -0.14 -5.72
C LEU A 125 -20.29 -1.64 -5.47
N ARG A 126 -20.15 -2.04 -4.20
CA ARG A 126 -20.16 -3.42 -3.81
C ARG A 126 -21.57 -4.02 -3.83
N PRO A 127 -22.67 -3.31 -3.50
CA PRO A 127 -24.00 -3.84 -3.80
C PRO A 127 -24.34 -4.04 -5.28
N VAL A 128 -23.71 -3.27 -6.16
CA VAL A 128 -24.04 -3.33 -7.56
C VAL A 128 -23.27 -4.50 -8.15
N PHE A 129 -22.03 -4.72 -7.69
CA PHE A 129 -21.26 -5.83 -8.21
C PHE A 129 -21.40 -7.09 -7.39
N GLY A 130 -22.25 -7.04 -6.39
CA GLY A 130 -22.67 -8.24 -5.67
C GLY A 130 -24.02 -8.68 -6.18
N PHE A 131 -24.69 -7.79 -6.94
CA PHE A 131 -25.88 -8.16 -7.69
C PHE A 131 -25.48 -9.11 -8.81
N PHE A 132 -24.29 -8.89 -9.40
CA PHE A 132 -23.76 -9.78 -10.40
C PHE A 132 -23.08 -11.01 -9.83
N GLU A 133 -22.97 -11.10 -8.51
CA GLU A 133 -22.26 -12.15 -7.77
C GLU A 133 -20.78 -12.22 -8.18
N ALA A 134 -20.15 -11.07 -8.37
CA ALA A 134 -18.79 -11.00 -8.85
C ALA A 134 -17.85 -11.14 -7.67
N HIS A 135 -16.67 -11.68 -7.95
CA HIS A 135 -15.56 -11.82 -7.01
C HIS A 135 -14.98 -10.45 -6.68
N THR A 136 -15.68 -9.69 -5.86
CA THR A 136 -15.21 -8.38 -5.41
C THR A 136 -13.99 -8.54 -4.50
N LEU A 137 -12.94 -7.79 -4.79
CA LEU A 137 -11.73 -7.85 -4.00
C LEU A 137 -11.92 -7.11 -2.68
N ALA A 138 -11.05 -7.46 -1.74
CA ALA A 138 -11.13 -6.98 -0.36
C ALA A 138 -10.70 -5.53 -0.21
N THR A 139 -10.14 -4.96 -1.29
CA THR A 139 -9.55 -3.65 -1.19
C THR A 139 -10.09 -2.82 -2.35
N GLY A 140 -11.15 -2.08 -2.08
CA GLY A 140 -11.50 -0.92 -2.93
C GLY A 140 -10.79 0.32 -2.38
N LEU A 141 -10.53 1.27 -3.29
CA LEU A 141 -9.71 2.41 -2.90
C LEU A 141 -10.39 3.69 -3.36
N TYR A 142 -10.70 4.52 -2.38
CA TYR A 142 -11.14 5.89 -2.61
C TYR A 142 -9.92 6.81 -2.54
N VAL A 143 -9.80 7.65 -3.56
CA VAL A 143 -8.69 8.58 -3.62
C VAL A 143 -9.31 9.99 -3.62
N SER A 144 -8.56 10.92 -3.02
CA SER A 144 -8.86 12.33 -3.05
C SER A 144 -8.10 13.00 -4.19
N ALA A 145 -8.22 14.31 -4.28
CA ALA A 145 -7.59 15.10 -5.34
C ALA A 145 -6.13 15.40 -4.95
N SER A 146 -5.42 14.34 -4.61
CA SER A 146 -3.99 14.36 -4.32
C SER A 146 -3.25 13.41 -5.25
N ASP A 147 -2.99 13.86 -6.47
CA ASP A 147 -2.34 13.03 -7.46
C ASP A 147 -1.83 13.96 -8.53
N PHE A 148 -0.55 13.81 -8.90
CA PHE A 148 0.11 14.54 -9.98
C PHE A 148 1.53 14.00 -10.14
N GLY A 152 1.42 8.38 -15.06
CA GLY A 152 0.86 7.67 -13.91
C GLY A 152 0.83 8.56 -12.67
N LEU A 153 0.03 9.62 -12.77
CA LEU A 153 -0.14 10.60 -11.70
C LEU A 153 -0.65 9.94 -10.41
N ALA A 154 0.16 9.99 -9.35
CA ALA A 154 -0.25 9.49 -8.06
C ALA A 154 0.43 10.30 -6.96
N SER A 155 0.08 10.01 -5.70
CA SER A 155 0.78 10.54 -4.54
C SER A 155 0.77 9.51 -3.40
N GLU A 156 1.03 9.95 -2.19
CA GLU A 156 1.35 9.09 -1.07
C GLU A 156 0.17 8.21 -0.62
N ALA A 157 0.50 7.00 -0.14
CA ALA A 157 -0.43 6.03 0.51
C ALA A 157 -1.63 5.60 -0.34
N ALA A 158 -1.66 5.89 -1.64
CA ALA A 158 -2.77 5.45 -2.46
C ALA A 158 -2.05 4.54 -3.43
N SER A 159 -0.72 4.70 -3.58
CA SER A 159 -0.01 3.86 -4.53
C SER A 159 0.22 2.47 -3.94
N THR A 160 0.44 2.46 -2.62
CA THR A 160 0.70 1.21 -1.94
C THR A 160 -0.61 0.45 -1.74
N ARG A 161 -1.73 1.20 -1.66
CA ARG A 161 -3.04 0.58 -1.57
C ARG A 161 -3.44 0.06 -2.95
N LEU A 162 -2.94 0.66 -4.02
CA LEU A 162 -3.30 0.23 -5.35
C LEU A 162 -2.46 -0.97 -5.75
N ASP A 163 -1.17 -0.93 -5.33
CA ASP A 163 -0.25 -2.01 -5.69
C ASP A 163 -0.62 -3.28 -4.90
N ARG A 164 -1.19 -3.06 -3.69
CA ARG A 164 -1.54 -4.23 -2.89
C ARG A 164 -2.98 -4.62 -3.16
N ALA A 165 -3.71 -3.90 -4.02
CA ALA A 165 -5.07 -4.38 -4.35
C ALA A 165 -5.03 -5.21 -5.62
N VAL A 166 -4.04 -4.96 -6.48
CA VAL A 166 -3.88 -5.76 -7.69
C VAL A 166 -3.22 -7.08 -7.33
N ALA A 167 -2.56 -7.17 -6.19
CA ALA A 167 -1.97 -8.39 -5.67
C ALA A 167 -3.02 -9.37 -5.17
N GLN A 168 -4.26 -8.94 -5.05
CA GLN A 168 -5.37 -9.75 -4.64
C GLN A 168 -6.05 -10.38 -5.87
N PHE A 169 -5.52 -10.12 -7.06
CA PHE A 169 -6.09 -10.68 -8.28
C PHE A 169 -5.52 -12.09 -8.43
N ALA A 170 -4.21 -12.22 -8.29
CA ALA A 170 -3.51 -13.47 -8.58
C ALA A 170 -3.51 -14.42 -7.39
N ALA A 171 -4.24 -14.05 -6.35
CA ALA A 171 -4.33 -14.85 -5.14
C ALA A 171 -5.59 -15.74 -5.06
N HIS A 172 -6.18 -15.99 -6.22
CA HIS A 172 -7.31 -16.88 -6.37
C HIS A 172 -7.20 -17.56 -7.77
N LEU A 173 -5.94 -17.69 -8.14
CA LEU A 173 -5.48 -18.28 -9.39
C LEU A 173 -4.11 -18.80 -9.02
N SER A 174 -3.99 -20.12 -8.95
CA SER A 174 -2.79 -20.78 -8.38
C SER A 174 -2.66 -22.01 -9.29
N ARG A 175 -1.43 -22.44 -9.50
CA ARG A 175 -1.12 -23.59 -10.35
C ARG A 175 -1.76 -23.47 -11.74
N HIS A 176 -1.36 -22.45 -12.48
CA HIS A 176 -1.88 -22.22 -13.83
C HIS A 176 -3.35 -21.85 -13.70
N ASP A 177 -3.60 -20.73 -13.02
CA ASP A 177 -4.95 -20.19 -12.77
C ASP A 177 -6.05 -21.26 -12.61
N ALA A 178 -5.87 -22.13 -11.62
CA ALA A 178 -6.82 -23.20 -11.37
C ALA A 178 -8.13 -22.62 -10.87
N HIS A 188 -34.59 -20.94 -12.23
CA HIS A 188 -35.35 -19.71 -12.46
C HIS A 188 -34.64 -18.68 -13.32
N HIS A 189 -33.33 -18.78 -13.50
CA HIS A 189 -32.59 -17.82 -14.32
C HIS A 189 -31.44 -18.49 -15.06
N HIS A 190 -31.28 -18.14 -16.33
CA HIS A 190 -30.22 -18.71 -17.16
C HIS A 190 -29.93 -17.83 -18.36
N HIS A 191 -28.66 -17.47 -18.54
CA HIS A 191 -28.26 -16.63 -19.66
C HIS A 191 -27.68 -17.47 -20.80
N MET B 1 -51.63 32.33 -4.50
CA MET B 1 -50.75 32.22 -3.28
C MET B 1 -50.69 30.80 -2.69
N PRO B 2 -51.83 30.11 -2.44
CA PRO B 2 -51.80 28.91 -1.62
C PRO B 2 -51.37 27.68 -2.39
N GLY B 3 -50.94 27.86 -3.65
CA GLY B 3 -50.89 26.79 -4.63
C GLY B 3 -49.50 26.16 -4.76
N PRO B 4 -49.38 24.83 -4.56
CA PRO B 4 -48.11 24.12 -4.74
C PRO B 4 -47.78 23.91 -6.24
N ARG B 5 -46.80 24.65 -6.76
CA ARG B 5 -46.38 24.51 -8.17
C ARG B 5 -45.39 23.34 -8.22
N ILE B 6 -45.82 22.17 -7.76
CA ILE B 6 -44.97 21.00 -7.61
C ILE B 6 -45.10 19.92 -8.66
N VAL B 7 -43.99 19.22 -8.93
CA VAL B 7 -43.97 18.20 -9.97
C VAL B 7 -43.42 16.84 -9.59
N ALA B 8 -43.66 15.85 -10.43
CA ALA B 8 -43.18 14.49 -10.23
C ALA B 8 -42.29 14.03 -11.35
N PHE B 9 -41.43 13.11 -11.02
CA PHE B 9 -40.49 12.53 -11.95
C PHE B 9 -40.46 11.02 -11.80
N ALA B 10 -40.48 10.33 -12.96
CA ALA B 10 -40.34 8.88 -12.99
C ALA B 10 -39.04 8.46 -13.68
N GLY B 11 -38.37 7.47 -13.08
CA GLY B 11 -37.09 7.04 -13.58
C GLY B 11 -37.16 5.94 -14.64
N SER B 12 -38.27 5.88 -15.38
CA SER B 12 -38.51 4.95 -16.44
C SER B 12 -38.75 5.74 -17.74
N TRP B 13 -38.25 5.22 -18.83
CA TRP B 13 -38.31 5.84 -20.14
C TRP B 13 -39.50 5.27 -20.92
N SER B 14 -40.10 4.15 -20.55
CA SER B 14 -41.09 3.50 -21.39
C SER B 14 -42.37 4.29 -21.42
N ARG B 15 -43.14 4.19 -22.51
CA ARG B 15 -44.37 4.96 -22.67
C ARG B 15 -45.50 4.38 -21.82
N PRO B 16 -45.83 3.08 -21.86
CA PRO B 16 -46.87 2.55 -20.96
C PRO B 16 -46.25 2.07 -19.65
N SER B 17 -45.64 2.97 -18.91
CA SER B 17 -44.86 2.61 -17.72
C SER B 17 -45.73 2.44 -16.48
N LYS B 18 -45.31 1.57 -15.56
CA LYS B 18 -45.91 1.47 -14.23
C LYS B 18 -45.33 2.52 -13.29
N THR B 19 -44.24 3.17 -13.68
CA THR B 19 -43.63 4.19 -12.84
C THR B 19 -44.26 5.53 -13.17
N ARG B 20 -44.55 5.76 -14.46
CA ARG B 20 -45.18 7.00 -14.88
C ARG B 20 -46.64 7.12 -14.45
N SER B 21 -47.33 5.97 -14.37
CA SER B 21 -48.74 5.97 -14.00
C SER B 21 -48.95 6.09 -12.48
N LEU B 22 -47.86 5.83 -11.73
CA LEU B 22 -47.95 5.78 -10.28
C LEU B 22 -47.71 7.19 -9.81
N VAL B 23 -46.83 7.92 -10.48
CA VAL B 23 -46.55 9.28 -10.02
C VAL B 23 -47.56 10.27 -10.58
N GLU B 24 -48.22 9.87 -11.68
CA GLU B 24 -49.26 10.72 -12.33
C GLU B 24 -50.50 10.76 -11.43
N GLU B 25 -50.75 9.66 -10.71
CA GLU B 25 -51.91 9.55 -9.79
C GLU B 25 -51.49 10.09 -8.41
N ALA B 26 -50.28 9.77 -7.98
CA ALA B 26 -49.76 10.22 -6.67
C ALA B 26 -49.86 11.75 -6.60
N ALA B 27 -49.51 12.44 -7.69
CA ALA B 27 -49.59 13.89 -7.73
C ALA B 27 -51.04 14.36 -7.49
N ARG B 28 -52.01 13.58 -7.99
CA ARG B 28 -53.41 13.86 -7.84
C ARG B 28 -53.85 13.74 -6.38
N ARG B 29 -53.20 12.89 -5.61
CA ARG B 29 -53.50 12.78 -4.19
C ARG B 29 -52.98 13.97 -3.40
N ALA B 30 -51.97 14.64 -3.95
CA ALA B 30 -51.39 15.79 -3.27
C ALA B 30 -52.19 17.06 -3.60
N VAL B 31 -52.76 17.09 -4.82
CA VAL B 31 -53.61 18.23 -5.14
C VAL B 31 -54.99 18.09 -4.50
N ALA B 32 -55.38 16.88 -4.17
CA ALA B 32 -56.60 16.59 -3.43
C ALA B 32 -56.43 16.95 -1.96
N ARG B 33 -55.19 16.94 -1.46
CA ARG B 33 -54.98 17.28 -0.06
C ARG B 33 -54.38 18.64 0.15
N PHE B 34 -54.16 19.43 -0.88
CA PHE B 34 -53.46 20.70 -0.83
C PHE B 34 -54.00 21.50 -1.99
N GLY B 35 -53.40 22.64 -2.37
CA GLY B 35 -54.13 23.70 -3.06
C GLY B 35 -54.14 23.80 -4.60
N GLY B 36 -52.95 23.97 -5.21
CA GLY B 36 -52.81 24.10 -6.63
C GLY B 36 -52.04 22.92 -7.24
N SER B 37 -52.12 22.84 -8.57
CA SER B 37 -51.66 21.66 -9.29
C SER B 37 -50.58 22.03 -10.30
N ALA B 38 -49.66 21.09 -10.54
CA ALA B 38 -48.67 21.21 -11.59
C ALA B 38 -48.48 19.86 -12.26
N HIS B 39 -47.62 19.85 -13.26
CA HIS B 39 -47.47 18.76 -14.21
C HIS B 39 -46.46 17.69 -13.77
N VAL B 40 -46.14 16.77 -14.68
CA VAL B 40 -45.17 15.67 -14.40
C VAL B 40 -44.50 15.21 -15.70
N PHE B 41 -43.20 14.93 -15.66
CA PHE B 41 -42.43 14.51 -16.85
C PHE B 41 -41.57 13.28 -16.50
N ASP B 42 -41.40 12.37 -17.46
CA ASP B 42 -40.53 11.18 -17.28
C ASP B 42 -39.27 11.34 -18.14
N ILE B 43 -38.47 10.27 -18.25
CA ILE B 43 -37.26 10.31 -19.03
C ILE B 43 -37.60 10.40 -20.52
N ALA B 44 -38.78 9.86 -20.93
CA ALA B 44 -39.14 9.85 -22.31
C ALA B 44 -39.51 11.24 -22.81
N ASP B 45 -39.91 12.13 -21.90
CA ASP B 45 -40.15 13.53 -22.23
C ASP B 45 -38.85 14.32 -22.31
N LEU B 46 -37.72 13.75 -21.92
CA LEU B 46 -36.45 14.46 -21.97
C LEU B 46 -35.85 14.30 -23.36
N GLY B 47 -35.87 13.05 -23.88
CA GLY B 47 -35.48 12.86 -25.27
C GLY B 47 -34.09 12.28 -25.35
N PRO B 48 -33.19 12.77 -26.25
CA PRO B 48 -31.83 12.27 -26.26
C PRO B 48 -30.99 12.76 -25.05
N ASP B 49 -29.75 12.29 -25.05
CA ASP B 49 -28.80 12.58 -23.98
C ASP B 49 -28.11 13.89 -24.32
N PHE B 50 -28.16 14.86 -23.41
CA PHE B 50 -27.48 16.12 -23.60
C PHE B 50 -26.17 16.13 -22.81
N GLY B 51 -25.33 15.14 -23.13
CA GLY B 51 -23.95 15.13 -22.65
C GLY B 51 -22.92 15.29 -23.76
N ARG B 54 -24.27 19.67 -24.79
CA ARG B 54 -24.37 20.52 -23.62
C ARG B 54 -25.51 21.64 -23.68
N GLN B 55 -25.80 22.05 -24.93
CA GLN B 55 -26.61 23.20 -25.18
C GLN B 55 -28.11 23.23 -24.86
N PRO B 56 -28.56 24.09 -23.92
CA PRO B 56 -29.99 24.28 -23.69
C PRO B 56 -30.56 25.38 -24.59
N HIS B 61 -37.11 20.73 -22.94
CA HIS B 61 -36.17 19.89 -22.19
C HIS B 61 -35.88 20.56 -20.83
N THR B 62 -35.66 21.89 -20.88
CA THR B 62 -35.28 22.60 -19.68
C THR B 62 -36.51 23.06 -18.93
N ARG B 63 -37.72 22.88 -19.47
CA ARG B 63 -38.96 23.20 -18.79
C ARG B 63 -39.15 22.27 -17.59
N HIS B 64 -38.65 21.06 -17.66
CA HIS B 64 -38.78 20.09 -16.60
C HIS B 64 -37.62 20.18 -15.60
N LEU B 65 -36.47 20.71 -16.05
CA LEU B 65 -35.36 20.93 -15.16
C LEU B 65 -35.62 22.18 -14.31
N ASP B 66 -36.36 23.17 -14.83
CA ASP B 66 -36.63 24.34 -14.04
C ASP B 66 -37.76 24.06 -13.04
N ALA B 67 -38.72 23.26 -13.51
CA ALA B 67 -39.93 23.04 -12.73
C ALA B 67 -39.71 21.99 -11.66
N PHE B 68 -38.64 21.21 -11.75
CA PHE B 68 -38.20 20.37 -10.65
C PHE B 68 -37.68 21.21 -9.47
N LEU B 69 -37.02 22.33 -9.81
CA LEU B 69 -36.45 23.23 -8.78
C LEU B 69 -37.57 24.08 -8.16
N ALA B 70 -38.82 23.81 -8.56
CA ALA B 70 -39.99 24.56 -8.03
C ALA B 70 -40.06 24.38 -6.50
N ALA B 71 -40.35 25.47 -5.78
CA ALA B 71 -40.45 25.44 -4.30
C ALA B 71 -41.74 24.78 -3.78
N ASP B 72 -41.71 23.46 -3.61
CA ASP B 72 -42.81 22.64 -3.08
C ASP B 72 -42.45 21.16 -3.08
N ALA B 73 -43.35 20.28 -2.61
CA ALA B 73 -43.06 18.82 -2.57
C ALA B 73 -42.69 18.13 -3.88
N LEU B 74 -41.48 17.57 -3.94
CA LEU B 74 -40.99 16.87 -5.16
C LEU B 74 -41.17 15.35 -4.99
N ILE B 75 -41.77 14.70 -5.99
CA ILE B 75 -41.99 13.27 -5.96
C ILE B 75 -40.99 12.66 -6.93
N VAL B 76 -40.28 11.62 -6.49
CA VAL B 76 -39.33 10.96 -7.37
C VAL B 76 -39.59 9.46 -7.30
N ALA B 77 -39.44 8.80 -8.45
CA ALA B 77 -39.56 7.35 -8.52
C ALA B 77 -38.67 6.86 -9.65
N SER B 78 -38.31 5.59 -9.56
CA SER B 78 -37.52 4.88 -10.55
C SER B 78 -37.83 3.39 -10.39
N PRO B 79 -37.71 2.57 -11.44
CA PRO B 79 -37.56 1.14 -11.29
C PRO B 79 -36.24 0.73 -10.62
N VAL B 80 -36.23 -0.45 -9.99
CA VAL B 80 -35.00 -0.96 -9.31
C VAL B 80 -34.25 -1.94 -10.23
N TYR B 81 -33.47 -1.41 -11.18
CA TYR B 81 -32.66 -2.21 -12.08
C TYR B 81 -31.24 -2.20 -11.51
N LYS B 82 -30.73 -3.42 -11.33
CA LYS B 82 -29.53 -3.72 -10.57
C LYS B 82 -29.58 -3.15 -9.17
N GLY B 83 -30.72 -3.22 -8.48
CA GLY B 83 -30.86 -2.82 -7.10
C GLY B 83 -30.65 -1.33 -6.84
N SER B 84 -30.77 -0.50 -7.95
CA SER B 84 -30.26 0.86 -7.83
C SER B 84 -31.09 1.84 -8.64
N TYR B 85 -30.52 3.02 -8.95
CA TYR B 85 -31.30 4.13 -9.43
C TYR B 85 -31.84 3.99 -10.81
N THR B 86 -31.27 3.20 -11.69
CA THR B 86 -31.47 3.31 -13.13
C THR B 86 -30.87 4.59 -13.70
N GLY B 87 -29.59 4.67 -13.81
CA GLY B 87 -28.78 5.87 -13.86
C GLY B 87 -29.22 7.00 -14.76
N LEU B 88 -29.91 6.77 -15.90
CA LEU B 88 -30.71 7.84 -16.48
C LEU B 88 -31.58 8.68 -15.54
N PHE B 89 -32.01 8.07 -14.46
CA PHE B 89 -32.61 8.77 -13.32
C PHE B 89 -31.50 9.54 -12.61
N LYS B 90 -30.33 8.94 -12.48
CA LYS B 90 -29.20 9.57 -11.82
C LYS B 90 -28.58 10.64 -12.70
N HIS B 91 -28.69 10.46 -14.03
CA HIS B 91 -28.11 11.42 -14.95
C HIS B 91 -28.91 12.71 -14.94
N PHE B 92 -30.21 12.63 -14.62
CA PHE B 92 -31.02 13.82 -14.50
C PHE B 92 -30.65 14.53 -13.19
N ILE B 93 -30.30 13.75 -12.16
CA ILE B 93 -29.98 14.32 -10.86
C ILE B 93 -28.59 14.89 -10.88
N ASP B 94 -27.70 14.35 -11.74
CA ASP B 94 -26.33 14.84 -11.82
C ASP B 94 -26.25 16.22 -12.48
N LEU B 95 -27.30 16.65 -13.11
CA LEU B 95 -27.35 17.96 -13.76
C LEU B 95 -27.98 19.01 -12.85
N ILE B 96 -28.37 18.66 -11.63
CA ILE B 96 -28.81 19.64 -10.65
C ILE B 96 -27.57 20.16 -9.94
N GLU B 97 -27.53 21.44 -9.58
CA GLU B 97 -26.56 21.97 -8.65
C GLU B 97 -26.77 21.36 -7.27
N PRO B 98 -25.70 21.01 -6.53
CA PRO B 98 -25.84 20.33 -5.26
C PRO B 98 -26.56 21.12 -4.17
N VAL B 99 -26.86 22.40 -4.40
CA VAL B 99 -27.43 23.23 -3.37
C VAL B 99 -28.83 23.68 -3.75
N ALA B 100 -29.44 23.00 -4.73
CA ALA B 100 -30.73 23.44 -5.24
C ALA B 100 -31.86 22.78 -4.45
N LEU B 101 -31.72 21.49 -4.10
CA LEU B 101 -32.85 20.74 -3.57
C LEU B 101 -32.90 20.77 -2.06
N VAL B 102 -32.29 21.76 -1.41
CA VAL B 102 -32.28 21.77 0.04
C VAL B 102 -33.57 22.44 0.52
N GLY B 103 -34.26 21.79 1.46
CA GLY B 103 -35.49 22.35 1.97
C GLY B 103 -36.73 21.61 1.50
N LYS B 104 -36.76 21.03 0.30
CA LYS B 104 -37.99 20.61 -0.30
C LYS B 104 -38.43 19.26 0.23
N PRO B 105 -39.75 19.03 0.36
CA PRO B 105 -40.24 17.68 0.60
C PRO B 105 -40.13 16.77 -0.63
N VAL B 106 -39.54 15.60 -0.41
CA VAL B 106 -39.35 14.64 -1.47
C VAL B 106 -40.00 13.34 -1.08
N LEU B 107 -40.84 12.84 -2.01
CA LEU B 107 -41.55 11.59 -1.79
C LEU B 107 -40.92 10.52 -2.65
N LEU B 108 -40.28 9.54 -2.03
CA LEU B 108 -39.52 8.54 -2.76
C LEU B 108 -40.45 7.36 -3.06
N ALA B 109 -40.27 6.82 -4.28
CA ALA B 109 -41.00 5.65 -4.66
C ALA B 109 -40.10 4.80 -5.52
N ALA B 110 -40.45 3.51 -5.60
CA ALA B 110 -39.72 2.58 -6.44
C ALA B 110 -40.67 1.51 -6.91
N THR B 111 -40.62 1.28 -8.25
CA THR B 111 -41.58 0.43 -8.91
C THR B 111 -40.79 -0.66 -9.62
N GLY B 112 -40.66 -1.78 -8.94
CA GLY B 112 -39.78 -2.87 -9.36
C GLY B 112 -40.57 -4.18 -9.51
N GLY B 113 -40.06 -5.34 -9.09
CA GLY B 113 -40.75 -6.59 -9.26
C GLY B 113 -41.25 -7.31 -8.02
N GLY B 114 -41.02 -6.74 -6.85
CA GLY B 114 -41.45 -7.35 -5.61
C GLY B 114 -42.47 -6.58 -4.78
N ASP B 115 -42.58 -6.98 -3.51
CA ASP B 115 -43.52 -6.42 -2.55
C ASP B 115 -42.86 -5.56 -1.51
N HIS B 117 -39.11 -4.86 -1.18
CA HIS B 117 -37.71 -4.51 -1.47
C HIS B 117 -37.19 -3.22 -0.83
N ALA B 118 -37.60 -2.89 0.39
CA ALA B 118 -37.67 -1.51 0.85
C ALA B 118 -36.35 -1.01 1.40
N LEU B 119 -35.28 -1.77 1.20
CA LEU B 119 -33.93 -1.30 1.50
C LEU B 119 -33.29 -0.57 0.33
N VAL B 120 -34.00 -0.41 -0.79
CA VAL B 120 -33.49 0.44 -1.84
C VAL B 120 -33.89 1.88 -1.56
N ILE B 121 -34.91 2.03 -0.69
CA ILE B 121 -35.37 3.37 -0.33
C ILE B 121 -34.31 4.04 0.57
N GLU B 122 -33.74 3.29 1.51
CA GLU B 122 -32.95 3.93 2.54
C GLU B 122 -31.47 3.83 2.22
N HIS B 123 -31.04 2.85 1.46
CA HIS B 123 -29.64 2.64 1.15
C HIS B 123 -29.27 3.08 -0.26
N GLN B 124 -30.27 3.33 -1.12
CA GLN B 124 -29.94 3.92 -2.43
C GLN B 124 -30.59 5.28 -2.64
N LEU B 125 -31.87 5.44 -2.24
CA LEU B 125 -32.63 6.61 -2.70
C LEU B 125 -32.56 7.77 -1.69
N ARG B 126 -32.50 7.42 -0.39
CA ARG B 126 -32.46 8.40 0.66
C ARG B 126 -31.08 9.08 0.74
N PRO B 127 -29.93 8.40 0.53
CA PRO B 127 -28.66 9.12 0.51
C PRO B 127 -28.45 10.11 -0.63
N VAL B 128 -29.21 9.98 -1.73
CA VAL B 128 -29.00 10.91 -2.82
C VAL B 128 -29.70 12.23 -2.48
N PHE B 129 -30.85 12.11 -1.83
CA PHE B 129 -31.61 13.30 -1.48
C PHE B 129 -31.34 13.71 -0.05
N GLY B 130 -30.41 13.03 0.62
CA GLY B 130 -29.85 13.50 1.88
C GLY B 130 -28.53 14.17 1.61
N PHE B 131 -27.96 13.94 0.42
CA PHE B 131 -26.81 14.69 -0.07
C PHE B 131 -27.30 16.12 -0.33
N PHE B 132 -28.51 16.25 -0.91
CA PHE B 132 -29.05 17.51 -1.26
C PHE B 132 -29.61 18.28 -0.06
N GLU B 133 -29.66 17.63 1.11
CA GLU B 133 -30.23 18.16 2.33
C GLU B 133 -31.69 18.59 2.14
N ALA B 134 -32.48 17.71 1.51
CA ALA B 134 -33.90 17.94 1.32
C ALA B 134 -34.64 17.84 2.67
N HIS B 135 -34.02 17.13 3.61
CA HIS B 135 -34.35 17.10 5.01
C HIS B 135 -35.77 16.63 5.31
N THR B 136 -36.44 16.00 4.38
CA THR B 136 -37.88 15.85 4.33
C THR B 136 -38.26 14.48 3.77
N LEU B 137 -37.35 13.52 3.78
CA LEU B 137 -37.58 12.25 3.14
C LEU B 137 -38.48 11.44 4.04
N ALA B 138 -39.79 11.55 3.80
CA ALA B 138 -40.75 11.06 4.80
C ALA B 138 -40.95 9.55 4.69
N THR B 139 -41.62 9.14 3.62
CA THR B 139 -42.00 7.73 3.49
C THR B 139 -41.78 7.26 2.06
N GLY B 140 -40.96 6.20 1.88
CA GLY B 140 -40.89 5.56 0.58
C GLY B 140 -41.87 4.39 0.50
N LEU B 141 -42.18 3.96 -0.69
CA LEU B 141 -42.95 2.75 -0.90
C LEU B 141 -42.35 1.99 -2.07
N TYR B 142 -42.24 0.68 -1.87
CA TYR B 142 -41.90 -0.23 -2.95
C TYR B 142 -43.15 -0.99 -3.37
N VAL B 143 -43.46 -0.94 -4.67
CA VAL B 143 -44.76 -1.38 -5.12
C VAL B 143 -44.61 -2.63 -6.01
N SER B 144 -45.70 -3.32 -6.19
CA SER B 144 -45.74 -4.70 -6.65
C SER B 144 -45.60 -4.76 -8.18
N ALA B 145 -45.12 -5.90 -8.69
CA ALA B 145 -45.23 -6.14 -10.13
C ALA B 145 -46.65 -6.45 -10.58
N SER B 146 -47.59 -6.65 -9.65
CA SER B 146 -48.92 -7.13 -9.94
C SER B 146 -49.98 -6.12 -9.49
N ASP B 147 -49.62 -4.83 -9.43
CA ASP B 147 -50.52 -3.81 -8.94
C ASP B 147 -50.76 -2.71 -9.99
N PHE B 148 -51.77 -2.94 -10.83
CA PHE B 148 -52.10 -2.01 -11.90
C PHE B 148 -53.58 -1.63 -11.92
N GLY B 149 -54.43 -2.64 -12.09
CA GLY B 149 -55.86 -2.42 -12.24
C GLY B 149 -56.27 -2.63 -13.69
N ALA B 154 -54.15 2.29 -9.17
CA ALA B 154 -53.75 0.93 -8.72
C ALA B 154 -54.47 0.62 -7.40
N SER B 155 -54.43 -0.67 -7.04
CA SER B 155 -55.24 -1.15 -5.92
C SER B 155 -54.49 -2.22 -5.11
N GLU B 156 -53.95 -1.81 -3.96
CA GLU B 156 -53.35 -2.72 -3.00
C GLU B 156 -53.21 -1.95 -1.69
N ALA B 157 -52.53 -2.56 -0.72
CA ALA B 157 -52.19 -1.90 0.54
C ALA B 157 -51.19 -0.76 0.39
N ALA B 158 -50.71 -0.50 -0.83
CA ALA B 158 -49.82 0.61 -1.11
C ALA B 158 -50.56 1.92 -1.31
N SER B 159 -51.89 1.87 -1.41
CA SER B 159 -52.72 3.06 -1.43
C SER B 159 -52.80 3.66 -0.03
N THR B 160 -52.70 2.80 1.00
CA THR B 160 -52.79 3.32 2.34
C THR B 160 -51.44 3.92 2.75
N ARG B 161 -50.36 3.34 2.18
CA ARG B 161 -49.02 3.82 2.50
C ARG B 161 -48.75 5.11 1.71
N LEU B 162 -49.47 5.31 0.58
CA LEU B 162 -49.29 6.52 -0.19
C LEU B 162 -50.10 7.65 0.44
N ASP B 163 -51.26 7.32 1.03
CA ASP B 163 -52.12 8.34 1.61
C ASP B 163 -51.51 8.91 2.88
N ARG B 164 -50.70 8.10 3.58
CA ARG B 164 -50.00 8.64 4.74
C ARG B 164 -48.73 9.38 4.34
N ALA B 165 -48.21 9.05 3.15
CA ALA B 165 -47.01 9.72 2.64
C ALA B 165 -47.34 11.03 1.94
N VAL B 166 -48.57 11.16 1.43
CA VAL B 166 -49.03 12.43 0.91
C VAL B 166 -49.43 13.34 2.06
N ALA B 167 -49.79 12.76 3.20
CA ALA B 167 -50.20 13.53 4.36
C ALA B 167 -48.98 14.11 5.07
N GLN B 168 -47.77 13.66 4.68
CA GLN B 168 -46.55 14.15 5.31
C GLN B 168 -45.97 15.34 4.57
N PHE B 169 -46.66 15.84 3.57
CA PHE B 169 -46.32 17.12 2.99
C PHE B 169 -46.96 18.24 3.77
N ALA B 170 -47.90 17.96 4.66
CA ALA B 170 -48.68 18.96 5.34
C ALA B 170 -47.89 19.64 6.46
N ALA B 171 -46.81 19.01 6.93
CA ALA B 171 -46.03 19.65 7.99
C ALA B 171 -44.98 20.56 7.40
N HIS B 172 -44.54 20.31 6.17
CA HIS B 172 -43.53 21.13 5.52
C HIS B 172 -44.14 22.21 4.65
N LEU B 173 -45.33 21.98 4.10
CA LEU B 173 -46.10 23.03 3.45
C LEU B 173 -46.95 23.74 4.49
N SER B 174 -46.26 24.52 5.33
CA SER B 174 -46.87 25.23 6.46
C SER B 174 -47.35 26.60 6.02
N LEU B 186 -20.63 27.00 5.34
CA LEU B 186 -19.63 26.82 6.38
C LEU B 186 -19.19 28.20 6.87
N GLU B 187 -18.17 28.26 7.71
CA GLU B 187 -17.56 29.47 8.21
C GLU B 187 -17.01 30.42 7.15
N HIS B 188 -16.92 29.94 5.89
CA HIS B 188 -16.73 30.81 4.75
C HIS B 188 -18.07 31.21 4.15
N HIS B 189 -19.19 31.07 4.86
CA HIS B 189 -20.48 31.66 4.56
C HIS B 189 -21.12 31.13 3.29
N HIS B 190 -20.60 30.04 2.72
CA HIS B 190 -21.20 29.37 1.60
C HIS B 190 -20.37 28.11 1.30
N MET C 1 -46.67 28.82 24.10
CA MET C 1 -45.27 28.39 23.96
C MET C 1 -45.20 26.87 23.98
N PRO C 2 -44.37 26.25 23.09
CA PRO C 2 -44.25 24.79 23.08
C PRO C 2 -43.45 24.25 24.26
N GLY C 3 -44.01 23.28 24.99
CA GLY C 3 -43.27 22.63 26.07
C GLY C 3 -42.92 21.15 25.87
N PRO C 4 -42.25 20.74 24.77
CA PRO C 4 -42.08 19.34 24.49
C PRO C 4 -41.09 18.59 25.40
N ARG C 5 -40.96 17.31 25.10
CA ARG C 5 -39.97 16.47 25.76
C ARG C 5 -38.87 16.19 24.74
N ILE C 6 -37.67 16.75 24.99
CA ILE C 6 -36.55 16.43 24.13
C ILE C 6 -35.73 15.31 24.78
N VAL C 7 -35.39 14.31 24.00
CA VAL C 7 -34.77 13.11 24.55
C VAL C 7 -33.50 12.88 23.75
N ALA C 8 -32.38 12.77 24.45
CA ALA C 8 -31.09 12.72 23.77
C ALA C 8 -30.35 11.45 24.16
N PHE C 9 -29.73 10.80 23.18
CA PHE C 9 -29.06 9.52 23.45
C PHE C 9 -27.78 9.34 22.64
N ALA C 10 -26.70 9.03 23.35
CA ALA C 10 -25.38 8.82 22.75
C ALA C 10 -25.05 7.34 22.90
N GLY C 11 -24.39 6.78 21.89
CA GLY C 11 -24.04 5.36 21.93
C GLY C 11 -22.64 5.14 22.44
N SER C 12 -22.20 5.94 23.44
CA SER C 12 -20.84 5.91 23.94
C SER C 12 -20.87 5.43 25.39
N TRP C 13 -20.24 4.27 25.67
CA TRP C 13 -20.34 3.73 27.02
C TRP C 13 -19.36 4.39 28.00
N SER C 14 -18.42 5.20 27.49
CA SER C 14 -17.45 5.82 28.35
C SER C 14 -17.96 7.16 28.89
N ARG C 15 -17.55 7.51 30.11
CA ARG C 15 -17.97 8.75 30.74
C ARG C 15 -17.43 10.04 30.13
N PRO C 16 -16.13 10.31 30.32
CA PRO C 16 -15.49 11.51 29.80
C PRO C 16 -15.47 11.38 28.28
N SER C 17 -16.65 11.41 27.67
CA SER C 17 -16.78 11.28 26.20
C SER C 17 -17.24 12.59 25.55
N LYS C 18 -17.04 12.70 24.24
CA LYS C 18 -17.41 13.82 23.42
C LYS C 18 -18.64 13.53 22.57
N THR C 19 -19.25 12.38 22.72
CA THR C 19 -20.52 12.10 22.05
C THR C 19 -21.67 12.62 22.90
N ARG C 20 -21.53 12.47 24.21
CA ARG C 20 -22.54 12.91 25.16
C ARG C 20 -22.56 14.45 25.26
N SER C 21 -21.41 15.07 25.02
CA SER C 21 -21.30 16.52 25.06
C SER C 21 -21.84 17.15 23.78
N LEU C 22 -22.01 16.37 22.70
CA LEU C 22 -22.57 16.89 21.46
C LEU C 22 -24.10 16.89 21.55
N VAL C 23 -24.63 15.85 22.19
CA VAL C 23 -26.06 15.71 22.26
C VAL C 23 -26.61 16.53 23.42
N GLU C 24 -25.77 16.89 24.39
CA GLU C 24 -26.20 17.76 25.47
C GLU C 24 -26.29 19.20 25.01
N GLU C 25 -25.40 19.58 24.08
CA GLU C 25 -25.42 20.93 23.51
C GLU C 25 -26.54 21.04 22.45
N ALA C 26 -26.85 19.91 21.79
CA ALA C 26 -27.92 19.87 20.82
C ALA C 26 -29.29 19.84 21.51
N ALA C 27 -29.34 19.36 22.75
CA ALA C 27 -30.59 19.31 23.48
C ALA C 27 -30.90 20.69 24.05
N ARG C 28 -29.86 21.39 24.52
CA ARG C 28 -30.11 22.71 25.08
C ARG C 28 -30.39 23.72 23.97
N ARG C 29 -29.83 23.47 22.79
CA ARG C 29 -30.10 24.34 21.64
C ARG C 29 -31.49 24.09 21.08
N ALA C 30 -32.10 22.92 21.40
CA ALA C 30 -33.49 22.71 21.03
C ALA C 30 -34.44 23.34 22.05
N VAL C 31 -33.92 23.92 23.15
CA VAL C 31 -34.74 24.44 24.22
C VAL C 31 -34.83 25.96 24.08
N ALA C 32 -33.69 26.59 23.73
CA ALA C 32 -33.66 28.03 23.54
C ALA C 32 -34.40 28.46 22.26
N ARG C 33 -34.53 27.54 21.32
CA ARG C 33 -35.51 27.65 20.23
C ARG C 33 -36.60 26.71 20.68
N PHE C 34 -37.77 27.24 21.01
CA PHE C 34 -39.08 26.61 21.07
C PHE C 34 -39.23 25.47 22.07
N GLY C 35 -38.34 25.32 23.04
CA GLY C 35 -38.25 24.07 23.76
C GLY C 35 -38.95 24.11 25.12
N GLY C 36 -38.98 22.95 25.76
CA GLY C 36 -39.58 22.81 27.08
C GLY C 36 -38.77 21.93 28.04
N SER C 37 -37.48 21.79 27.80
CA SER C 37 -36.49 21.50 28.83
C SER C 37 -36.52 20.08 29.41
N ALA C 38 -36.34 19.07 28.54
CA ALA C 38 -36.09 17.71 28.98
C ALA C 38 -34.63 17.31 28.83
N HIS C 39 -34.29 16.14 29.37
CA HIS C 39 -32.94 15.78 29.74
C HIS C 39 -32.42 14.54 29.01
N VAL C 40 -31.14 14.25 29.22
CA VAL C 40 -30.25 13.56 28.29
C VAL C 40 -29.74 12.35 29.05
N PHE C 41 -29.61 11.20 28.35
CA PHE C 41 -29.04 10.00 28.92
C PHE C 41 -28.01 9.39 27.94
N ASP C 42 -27.46 8.25 28.30
CA ASP C 42 -26.25 7.70 27.74
C ASP C 42 -26.28 6.20 27.98
N ILE C 43 -25.28 5.49 27.45
CA ILE C 43 -25.19 4.06 27.69
C ILE C 43 -24.67 3.82 29.10
N ALA C 44 -23.88 4.76 29.64
CA ALA C 44 -23.44 4.58 31.02
C ALA C 44 -24.59 4.89 31.98
N ASP C 45 -25.56 5.67 31.50
CA ASP C 45 -26.78 6.01 32.29
C ASP C 45 -27.79 4.87 32.13
N LEU C 46 -27.57 4.00 31.13
CA LEU C 46 -28.42 2.87 30.85
C LEU C 46 -27.81 1.67 31.54
N GLY C 47 -26.49 1.50 31.40
CA GLY C 47 -25.82 0.31 31.88
C GLY C 47 -25.26 -0.51 30.72
N PRO C 48 -24.61 -1.64 31.04
CA PRO C 48 -24.29 -2.66 30.05
C PRO C 48 -25.52 -3.42 29.55
N ASP C 49 -25.30 -4.52 28.83
CA ASP C 49 -26.26 -5.56 28.53
C ASP C 49 -26.55 -6.19 29.89
N PHE C 50 -27.66 -5.80 30.48
CA PHE C 50 -28.17 -6.42 31.69
C PHE C 50 -29.28 -7.45 31.40
N GLY C 51 -29.15 -8.12 30.28
CA GLY C 51 -30.11 -9.15 29.95
C GLY C 51 -30.34 -9.32 28.46
N LEU C 53 -33.02 -11.15 27.73
CA LEU C 53 -34.44 -11.44 27.76
C LEU C 53 -35.16 -10.10 27.80
N ARG C 54 -36.37 -10.06 27.27
CA ARG C 54 -37.17 -8.83 27.23
C ARG C 54 -37.99 -8.69 28.52
N GLN C 55 -37.26 -8.66 29.64
CA GLN C 55 -37.85 -8.42 30.96
C GLN C 55 -37.27 -7.15 31.56
N PRO C 56 -37.92 -5.98 31.41
CA PRO C 56 -37.34 -4.71 31.87
C PRO C 56 -37.63 -4.44 33.35
N GLN C 57 -37.10 -5.29 34.18
CA GLN C 57 -37.16 -5.19 35.63
C GLN C 57 -35.97 -4.42 36.21
N ASP C 58 -35.42 -3.47 35.44
CA ASP C 58 -34.08 -2.94 35.66
C ASP C 58 -34.12 -1.52 36.21
N GLY C 59 -33.08 -1.13 36.96
CA GLY C 59 -33.16 0.17 37.65
C GLY C 59 -32.85 1.36 36.71
N PRO C 60 -31.60 1.48 36.24
CA PRO C 60 -31.28 2.56 35.32
C PRO C 60 -31.79 2.43 33.90
N HIS C 61 -32.16 1.24 33.44
CA HIS C 61 -32.46 1.01 32.04
C HIS C 61 -33.87 1.51 31.72
N THR C 62 -34.78 1.39 32.69
CA THR C 62 -36.19 1.57 32.42
C THR C 62 -36.54 3.04 32.37
N ARG C 63 -35.74 3.90 33.04
CA ARG C 63 -36.06 5.31 33.09
C ARG C 63 -35.78 5.95 31.73
N HIS C 64 -34.78 5.41 31.03
CA HIS C 64 -34.42 5.98 29.73
C HIS C 64 -35.16 5.56 28.46
N LEU C 65 -35.71 4.33 28.47
CA LEU C 65 -36.57 3.94 27.36
C LEU C 65 -38.12 4.16 27.55
N ASP C 66 -38.42 4.62 28.77
CA ASP C 66 -39.80 4.94 29.22
C ASP C 66 -39.92 6.39 28.82
N ALA C 67 -38.76 7.04 28.79
CA ALA C 67 -38.69 8.41 28.29
C ALA C 67 -38.40 8.41 26.79
N PHE C 68 -37.94 7.27 26.23
CA PHE C 68 -37.66 7.24 24.82
C PHE C 68 -38.91 7.27 23.96
N LEU C 69 -40.03 6.77 24.51
CA LEU C 69 -41.31 6.85 23.86
C LEU C 69 -42.01 8.20 24.09
N ALA C 70 -41.35 9.25 24.52
CA ALA C 70 -41.96 10.54 24.81
C ALA C 70 -42.27 11.35 23.54
N ALA C 71 -41.84 10.89 22.35
CA ALA C 71 -42.54 11.21 21.12
C ALA C 71 -42.48 12.66 20.70
N ASP C 72 -41.67 13.48 21.40
CA ASP C 72 -41.78 14.91 21.10
C ASP C 72 -40.58 15.36 20.26
N ALA C 73 -39.42 14.91 20.71
CA ALA C 73 -38.16 15.18 20.02
C ALA C 73 -37.22 14.02 20.29
N LEU C 74 -36.47 13.58 19.27
CA LEU C 74 -35.38 12.64 19.48
C LEU C 74 -34.11 13.21 18.89
N ILE C 75 -33.01 13.13 19.66
CA ILE C 75 -31.68 13.41 19.14
C ILE C 75 -30.85 12.18 19.44
N VAL C 76 -30.29 11.58 18.38
CA VAL C 76 -29.62 10.31 18.48
C VAL C 76 -28.25 10.43 17.82
N ALA C 77 -27.27 9.79 18.44
CA ALA C 77 -25.89 9.86 17.96
C ALA C 77 -25.19 8.58 18.35
N SER C 78 -24.05 8.34 17.68
CA SER C 78 -23.22 7.19 18.01
C SER C 78 -21.79 7.55 17.68
N PRO C 79 -20.79 7.05 18.43
CA PRO C 79 -19.43 6.92 17.92
C PRO C 79 -19.38 5.83 16.84
N VAL C 80 -18.70 6.11 15.75
CA VAL C 80 -18.75 5.23 14.59
C VAL C 80 -17.68 4.16 14.81
N TYR C 81 -18.16 2.92 14.94
CA TYR C 81 -17.32 1.77 15.16
C TYR C 81 -17.65 0.77 14.08
N LYS C 82 -16.60 0.33 13.36
CA LYS C 82 -16.67 -0.61 12.25
C LYS C 82 -17.64 -0.14 11.16
N GLY C 83 -17.50 1.12 10.77
CA GLY C 83 -18.23 1.63 9.62
C GLY C 83 -19.71 1.89 9.89
N SER C 84 -20.12 1.81 11.17
CA SER C 84 -21.51 1.95 11.53
C SER C 84 -21.59 2.30 13.00
N TYR C 85 -22.79 2.32 13.55
CA TYR C 85 -23.01 2.55 14.96
C TYR C 85 -22.52 1.37 15.81
N THR C 86 -22.57 1.58 17.13
CA THR C 86 -22.10 0.57 18.03
C THR C 86 -23.14 -0.54 18.16
N GLY C 87 -22.74 -1.59 18.87
CA GLY C 87 -23.61 -2.66 19.29
C GLY C 87 -24.54 -2.27 20.41
N LEU C 88 -24.10 -1.43 21.33
CA LEU C 88 -24.92 -1.10 22.49
C LEU C 88 -25.90 0.00 22.11
N PHE C 89 -25.56 0.79 21.07
CA PHE C 89 -26.54 1.69 20.48
C PHE C 89 -27.66 0.93 19.78
N LYS C 90 -27.25 -0.12 19.06
CA LYS C 90 -28.18 -1.00 18.32
C LYS C 90 -28.81 -1.99 19.31
N HIS C 91 -28.45 -1.87 20.60
CA HIS C 91 -29.00 -2.76 21.66
C HIS C 91 -30.40 -2.42 22.18
N PHE C 92 -30.98 -1.32 21.71
CA PHE C 92 -32.31 -0.90 22.15
C PHE C 92 -33.36 -1.30 21.12
N ILE C 93 -32.93 -1.97 20.06
CA ILE C 93 -33.84 -2.41 19.01
C ILE C 93 -34.63 -3.63 19.44
N ASP C 94 -34.07 -4.38 20.38
CA ASP C 94 -34.72 -5.58 20.89
C ASP C 94 -35.75 -5.23 21.95
N LEU C 95 -35.64 -4.02 22.50
CA LEU C 95 -36.55 -3.55 23.54
C LEU C 95 -37.51 -2.50 22.98
N ILE C 96 -37.55 -2.39 21.65
CA ILE C 96 -38.41 -1.41 20.99
C ILE C 96 -39.23 -2.07 19.88
N LEU C 101 -42.88 4.16 15.73
CA LEU C 101 -42.46 5.44 16.36
C LEU C 101 -43.38 6.54 15.86
N VAL C 102 -44.23 7.12 16.73
CA VAL C 102 -45.35 7.90 16.27
C VAL C 102 -44.94 9.33 15.89
N GLY C 103 -44.43 9.42 14.66
CA GLY C 103 -44.14 10.65 13.94
C GLY C 103 -43.03 11.47 14.55
N LYS C 104 -42.10 10.87 15.29
CA LYS C 104 -41.21 11.64 16.13
C LYS C 104 -40.12 12.20 15.26
N PRO C 105 -39.82 13.51 15.34
CA PRO C 105 -38.66 14.05 14.64
C PRO C 105 -37.34 13.62 15.30
N VAL C 106 -36.45 13.09 14.45
CA VAL C 106 -35.22 12.49 14.91
C VAL C 106 -34.07 13.24 14.22
N LEU C 107 -33.13 13.64 15.08
CA LEU C 107 -31.93 14.34 14.62
C LEU C 107 -30.76 13.36 14.75
N LEU C 108 -30.14 13.06 13.61
CA LEU C 108 -29.05 12.12 13.56
C LEU C 108 -27.71 12.85 13.72
N ALA C 109 -26.82 12.21 14.46
CA ALA C 109 -25.47 12.72 14.63
C ALA C 109 -24.50 11.54 14.66
N ALA C 110 -23.22 11.86 14.44
CA ALA C 110 -22.18 10.86 14.66
C ALA C 110 -20.88 11.58 15.01
N THR C 111 -20.18 11.00 15.99
CA THR C 111 -18.90 11.54 16.44
C THR C 111 -17.82 10.50 16.19
N GLY C 112 -17.04 10.73 15.15
CA GLY C 112 -15.89 9.89 14.84
C GLY C 112 -14.69 10.72 14.48
N GLY C 113 -13.47 10.36 14.89
CA GLY C 113 -12.30 11.10 14.42
C GLY C 113 -11.86 10.68 13.01
N GLY C 114 -12.09 11.54 12.04
CA GLY C 114 -11.75 11.26 10.67
C GLY C 114 -12.96 11.49 9.77
N ASP C 115 -12.79 12.27 8.71
CA ASP C 115 -13.88 12.84 7.95
C ASP C 115 -14.47 11.84 6.95
N ARG C 116 -14.03 10.58 6.94
CA ARG C 116 -14.34 9.64 5.90
C ARG C 116 -15.39 8.62 6.34
N HIS C 117 -15.91 8.70 7.58
CA HIS C 117 -17.10 7.97 7.96
C HIS C 117 -18.34 8.85 7.88
N ALA C 118 -18.41 9.82 6.99
CA ALA C 118 -19.43 10.85 7.09
C ALA C 118 -20.72 10.39 6.42
N LEU C 119 -20.66 9.29 5.67
CA LEU C 119 -21.89 8.80 5.03
C LEU C 119 -22.44 7.60 5.80
N VAL C 120 -22.18 7.53 7.09
CA VAL C 120 -22.85 6.53 7.92
C VAL C 120 -24.17 7.10 8.42
N ILE C 121 -24.38 8.39 8.32
CA ILE C 121 -25.66 8.96 8.72
C ILE C 121 -26.71 8.68 7.66
N GLU C 122 -26.32 8.60 6.39
CA GLU C 122 -27.22 8.35 5.29
C GLU C 122 -27.43 6.84 5.08
N HIS C 123 -26.36 6.05 5.24
CA HIS C 123 -26.37 4.68 4.82
C HIS C 123 -26.55 3.69 5.97
N GLN C 124 -26.30 4.11 7.19
CA GLN C 124 -26.39 3.23 8.34
C GLN C 124 -27.36 3.71 9.41
N LEU C 125 -27.26 5.01 9.72
CA LEU C 125 -28.10 5.61 10.80
C LEU C 125 -29.43 6.03 10.21
N ARG C 126 -29.41 6.43 8.94
CA ARG C 126 -30.64 6.85 8.25
C ARG C 126 -31.60 5.66 8.19
N PRO C 127 -31.20 4.53 7.58
CA PRO C 127 -32.09 3.35 7.41
C PRO C 127 -32.64 2.66 8.67
N VAL C 128 -32.09 2.94 9.86
CA VAL C 128 -32.60 2.26 11.03
C VAL C 128 -33.88 2.96 11.53
N PHE C 129 -33.93 4.27 11.35
CA PHE C 129 -35.12 5.00 11.72
C PHE C 129 -36.09 5.17 10.56
N GLY C 130 -35.74 4.57 9.42
CA GLY C 130 -36.71 4.44 8.34
C GLY C 130 -37.36 3.08 8.38
N PHE C 131 -36.77 2.17 9.16
CA PHE C 131 -37.39 0.90 9.46
C PHE C 131 -38.60 1.16 10.36
N PHE C 132 -38.46 2.13 11.30
CA PHE C 132 -39.56 2.38 12.18
C PHE C 132 -40.69 3.20 11.54
N GLU C 133 -40.44 3.66 10.31
CA GLU C 133 -41.40 4.42 9.51
C GLU C 133 -41.90 5.66 10.23
N ALA C 134 -41.22 6.19 11.27
CA ALA C 134 -41.42 7.52 11.75
C ALA C 134 -40.82 8.31 10.59
N HIS C 135 -41.74 8.82 9.76
CA HIS C 135 -41.37 9.56 8.52
C HIS C 135 -40.97 10.95 9.01
N THR C 136 -39.97 11.01 9.90
CA THR C 136 -39.63 12.31 10.43
C THR C 136 -38.16 12.21 10.86
N LEU C 137 -37.29 12.30 9.86
CA LEU C 137 -35.84 12.29 10.08
C LEU C 137 -35.34 13.20 9.00
N ALA C 138 -34.82 14.39 9.34
CA ALA C 138 -34.40 15.34 8.33
C ALA C 138 -33.08 15.15 7.60
N THR C 139 -31.99 15.25 8.33
CA THR C 139 -30.64 15.20 7.92
C THR C 139 -29.77 15.13 9.17
N GLY C 140 -28.47 14.91 8.98
CA GLY C 140 -27.61 14.53 10.07
C GLY C 140 -26.39 15.43 9.95
N LEU C 141 -25.66 15.47 11.07
CA LEU C 141 -24.34 16.09 11.09
C LEU C 141 -23.28 15.11 11.61
N TYR C 142 -22.16 15.12 10.87
CA TYR C 142 -21.03 14.29 11.25
C TYR C 142 -19.98 15.21 11.83
N VAL C 143 -19.64 14.92 13.07
CA VAL C 143 -18.63 15.67 13.78
C VAL C 143 -17.39 14.82 13.75
N SER C 144 -16.29 15.46 13.30
CA SER C 144 -14.99 14.81 13.26
C SER C 144 -14.23 15.15 14.54
N ALA C 145 -12.90 15.01 14.53
CA ALA C 145 -12.06 15.47 15.62
C ALA C 145 -12.00 17.00 15.75
N SER C 146 -12.85 17.75 15.04
CA SER C 146 -12.82 19.17 15.03
C SER C 146 -13.39 19.82 16.27
N ASP C 147 -14.06 19.09 17.19
CA ASP C 147 -14.49 19.75 18.40
C ASP C 147 -13.32 19.84 19.38
N PHE C 148 -13.19 20.98 20.05
CA PHE C 148 -12.11 21.20 21.01
C PHE C 148 -12.44 22.42 21.86
N GLY C 149 -11.62 22.65 22.90
CA GLY C 149 -12.01 23.55 23.97
C GLY C 149 -12.55 22.77 25.17
N PRO C 150 -12.74 23.42 26.34
CA PRO C 150 -13.25 22.76 27.53
C PRO C 150 -14.78 22.66 27.43
N ASP C 151 -15.23 21.63 26.73
CA ASP C 151 -16.64 21.34 26.51
C ASP C 151 -17.30 22.36 25.56
N GLY C 152 -16.65 22.58 24.43
CA GLY C 152 -17.12 23.51 23.43
C GLY C 152 -17.41 22.74 22.15
N LEU C 153 -17.23 23.41 21.00
CA LEU C 153 -17.51 22.83 19.71
C LEU C 153 -16.48 23.32 18.70
N ALA C 154 -16.58 22.82 17.47
CA ALA C 154 -15.67 23.15 16.38
C ALA C 154 -15.88 24.60 15.95
N SER C 155 -15.00 25.06 15.07
CA SER C 155 -14.98 26.47 14.67
C SER C 155 -16.03 26.78 13.60
N GLU C 156 -17.30 26.67 14.02
CA GLU C 156 -18.46 27.14 13.28
C GLU C 156 -18.81 26.29 12.09
N ALA C 157 -18.11 25.17 11.83
CA ALA C 157 -18.50 24.36 10.66
C ALA C 157 -19.76 23.53 11.00
N ALA C 158 -19.71 22.94 12.20
CA ALA C 158 -20.77 22.05 12.66
C ALA C 158 -21.59 22.75 13.72
N SER C 159 -21.14 23.88 14.27
CA SER C 159 -21.94 24.59 15.27
C SER C 159 -23.12 25.30 14.60
N THR C 160 -22.89 25.75 13.36
CA THR C 160 -24.00 26.38 12.65
C THR C 160 -24.86 25.30 12.04
N ARG C 161 -24.24 24.16 11.70
CA ARG C 161 -24.95 23.08 11.03
C ARG C 161 -25.79 22.30 12.02
N LEU C 162 -25.50 22.40 13.34
CA LEU C 162 -26.41 21.93 14.37
C LEU C 162 -27.54 22.94 14.56
N ASP C 163 -27.24 24.23 14.43
CA ASP C 163 -28.24 25.26 14.52
C ASP C 163 -29.17 25.24 13.32
N ARG C 164 -28.69 24.73 12.18
CA ARG C 164 -29.54 24.59 11.01
C ARG C 164 -30.40 23.34 11.12
N ALA C 165 -29.95 22.36 11.93
CA ALA C 165 -30.71 21.13 12.09
C ALA C 165 -31.82 21.28 13.14
N VAL C 166 -31.62 22.19 14.08
CA VAL C 166 -32.65 22.51 15.06
C VAL C 166 -33.70 23.41 14.42
N ALA C 167 -33.36 24.10 13.33
CA ALA C 167 -34.32 24.97 12.66
C ALA C 167 -35.39 24.18 11.90
N GLN C 168 -35.06 22.92 11.62
CA GLN C 168 -36.02 22.05 10.94
C GLN C 168 -36.74 21.18 11.95
N PHE C 169 -36.54 21.39 13.25
CA PHE C 169 -37.50 20.92 14.26
C PHE C 169 -38.64 21.94 14.35
N ALA C 170 -38.31 23.22 14.31
CA ALA C 170 -39.31 24.27 14.36
C ALA C 170 -40.09 24.39 13.04
N ALA C 171 -39.37 24.10 11.93
CA ALA C 171 -40.01 24.08 10.63
C ALA C 171 -40.68 22.73 10.35
N HIS C 172 -40.72 21.83 11.33
CA HIS C 172 -41.35 20.54 11.18
C HIS C 172 -42.71 20.52 11.87
N LEU C 173 -42.74 21.03 13.11
CA LEU C 173 -43.99 21.12 13.85
C LEU C 173 -44.71 22.39 13.42
N SER C 174 -45.79 22.22 12.62
CA SER C 174 -46.53 23.33 12.04
C SER C 174 -47.28 24.10 13.13
N ARG C 175 -46.84 25.34 13.40
CA ARG C 175 -47.48 26.27 14.31
C ARG C 175 -47.87 25.67 15.67
N HIS C 176 -46.98 24.81 16.18
CA HIS C 176 -47.18 24.00 17.38
C HIS C 176 -48.37 23.07 17.25
N ASP C 177 -48.35 22.26 16.18
CA ASP C 177 -49.33 21.21 15.96
C ASP C 177 -48.67 20.05 15.23
N GLY C 185 -50.03 -2.30 9.63
CA GLY C 185 -50.95 -1.14 9.53
C GLY C 185 -51.26 -0.74 8.09
N LEU C 186 -51.35 -1.74 7.20
CA LEU C 186 -51.70 -1.52 5.80
C LEU C 186 -52.94 -2.29 5.40
N GLU C 187 -52.86 -3.64 5.42
CA GLU C 187 -53.98 -4.51 5.19
C GLU C 187 -54.12 -5.56 6.29
N HIS C 188 -55.08 -6.48 6.06
CA HIS C 188 -55.36 -7.61 6.94
C HIS C 188 -55.98 -7.19 8.26
N HIS C 189 -56.74 -6.09 8.22
CA HIS C 189 -57.38 -5.44 9.34
C HIS C 189 -56.37 -4.92 10.37
N HIS C 190 -55.18 -4.59 9.87
CA HIS C 190 -54.13 -4.00 10.70
C HIS C 190 -54.06 -2.49 10.52
N MET D 1 -2.57 -32.36 12.93
CA MET D 1 -2.18 -32.06 11.56
C MET D 1 -3.13 -31.05 10.91
N PRO D 2 -2.60 -30.08 10.13
CA PRO D 2 -3.36 -28.91 9.74
C PRO D 2 -4.51 -29.11 8.76
N GLY D 3 -5.18 -28.01 8.45
CA GLY D 3 -6.56 -28.01 7.96
C GLY D 3 -7.21 -26.72 8.43
N PRO D 4 -8.35 -26.32 7.85
CA PRO D 4 -9.04 -25.09 8.26
C PRO D 4 -9.63 -25.18 9.66
N ARG D 5 -9.35 -24.16 10.48
CA ARG D 5 -9.56 -24.24 11.91
C ARG D 5 -10.99 -24.15 12.45
N ILE D 6 -11.59 -22.94 12.33
CA ILE D 6 -12.79 -22.61 13.07
C ILE D 6 -13.67 -21.86 12.07
N VAL D 7 -14.92 -22.28 11.93
CA VAL D 7 -15.86 -21.65 11.01
C VAL D 7 -17.15 -21.44 11.80
N ALA D 8 -17.36 -20.26 12.36
CA ALA D 8 -18.42 -20.00 13.31
C ALA D 8 -18.82 -18.56 13.11
N PHE D 9 -20.06 -18.20 13.49
CA PHE D 9 -20.48 -16.83 13.72
C PHE D 9 -20.75 -16.47 15.19
N ALA D 10 -21.17 -15.23 15.40
CA ALA D 10 -21.63 -14.78 16.71
C ALA D 10 -23.06 -14.26 16.63
N GLY D 11 -24.06 -15.14 16.60
CA GLY D 11 -25.41 -14.68 16.37
C GLY D 11 -26.42 -15.71 16.86
N SER D 12 -27.35 -15.32 17.71
CA SER D 12 -28.43 -16.18 18.18
C SER D 12 -29.62 -15.28 18.39
N TRP D 13 -30.81 -15.65 17.85
CA TRP D 13 -32.06 -15.01 18.29
C TRP D 13 -32.39 -15.47 19.74
N SER D 14 -32.38 -16.78 19.89
CA SER D 14 -32.54 -17.46 21.17
C SER D 14 -31.80 -18.79 21.09
N ARG D 15 -32.06 -19.68 22.06
CA ARG D 15 -31.35 -20.95 22.18
C ARG D 15 -31.87 -21.98 21.19
N PRO D 16 -33.18 -22.26 21.05
CA PRO D 16 -33.63 -23.24 20.05
C PRO D 16 -33.86 -22.63 18.67
N SER D 17 -33.23 -21.53 18.31
CA SER D 17 -33.53 -20.74 17.16
C SER D 17 -33.13 -21.41 15.82
N LYS D 18 -33.69 -20.89 14.75
CA LYS D 18 -33.50 -21.43 13.42
C LYS D 18 -32.29 -20.79 12.74
N THR D 19 -31.66 -19.78 13.36
CA THR D 19 -30.61 -19.02 12.71
C THR D 19 -29.26 -19.74 12.84
N ARG D 20 -29.05 -20.46 13.93
CA ARG D 20 -27.85 -21.22 14.14
C ARG D 20 -27.93 -22.56 13.43
N SER D 21 -29.08 -22.97 12.89
CA SER D 21 -29.21 -24.18 12.10
C SER D 21 -28.56 -24.01 10.73
N LEU D 22 -28.38 -22.77 10.29
CA LEU D 22 -27.83 -22.49 8.96
C LEU D 22 -26.30 -22.57 9.01
N VAL D 23 -25.71 -22.16 10.14
CA VAL D 23 -24.27 -22.12 10.18
C VAL D 23 -23.73 -23.48 10.60
N GLU D 24 -24.58 -24.31 11.22
CA GLU D 24 -24.14 -25.60 11.74
C GLU D 24 -23.95 -26.58 10.58
N GLU D 25 -24.81 -26.49 9.56
CA GLU D 25 -24.66 -27.37 8.41
C GLU D 25 -23.65 -26.78 7.45
N ALA D 26 -23.52 -25.46 7.40
CA ALA D 26 -22.64 -24.78 6.47
C ALA D 26 -21.16 -24.94 6.87
N ALA D 27 -20.91 -25.19 8.16
CA ALA D 27 -19.57 -25.48 8.62
C ALA D 27 -19.17 -26.92 8.24
N ARG D 28 -20.14 -27.84 8.40
CA ARG D 28 -19.92 -29.27 8.07
C ARG D 28 -20.12 -29.50 6.58
N ARG D 29 -20.39 -28.43 5.83
CA ARG D 29 -20.50 -28.50 4.34
C ARG D 29 -19.13 -28.20 3.72
N ALA D 30 -18.13 -27.93 4.55
CA ALA D 30 -16.76 -27.63 4.07
C ALA D 30 -15.80 -28.75 4.48
N VAL D 31 -16.11 -29.45 5.57
CA VAL D 31 -15.25 -30.57 6.06
C VAL D 31 -15.18 -31.81 5.16
N ALA D 32 -15.98 -31.89 4.11
CA ALA D 32 -16.05 -33.08 3.22
C ALA D 32 -14.70 -33.68 2.75
N ARG D 33 -13.93 -32.94 1.94
CA ARG D 33 -12.77 -33.43 1.23
C ARG D 33 -11.63 -32.45 1.37
N PHE D 34 -11.90 -31.16 1.58
CA PHE D 34 -10.86 -30.16 1.74
C PHE D 34 -11.01 -29.33 3.03
N GLY D 35 -11.62 -29.97 4.03
CA GLY D 35 -11.79 -29.35 5.33
C GLY D 35 -11.20 -30.20 6.45
N GLY D 36 -10.86 -29.54 7.57
CA GLY D 36 -10.13 -30.23 8.62
C GLY D 36 -10.80 -30.20 9.99
N SER D 37 -11.43 -29.09 10.26
CA SER D 37 -12.00 -28.82 11.57
C SER D 37 -13.11 -27.79 11.43
N ALA D 38 -14.03 -27.81 12.36
CA ALA D 38 -15.07 -26.81 12.54
C ALA D 38 -15.50 -26.84 14.01
N HIS D 39 -15.88 -25.69 14.55
CA HIS D 39 -16.40 -25.56 15.89
C HIS D 39 -17.34 -24.37 15.84
N VAL D 40 -18.60 -24.56 16.25
CA VAL D 40 -19.63 -23.56 16.02
C VAL D 40 -20.09 -23.01 17.36
N PHE D 41 -20.17 -21.68 17.45
CA PHE D 41 -20.75 -21.04 18.62
C PHE D 41 -21.69 -19.92 18.22
N ASP D 42 -22.35 -19.38 19.24
CA ASP D 42 -23.32 -18.28 19.08
C ASP D 42 -23.29 -17.47 20.37
N ILE D 43 -24.23 -16.53 20.50
CA ILE D 43 -24.21 -15.60 21.61
C ILE D 43 -24.67 -16.29 22.88
N ALA D 44 -25.48 -17.37 22.76
CA ALA D 44 -25.81 -18.13 23.97
C ALA D 44 -24.61 -18.95 24.45
N ASP D 45 -23.72 -19.31 23.53
CA ASP D 45 -22.49 -20.00 23.91
C ASP D 45 -21.47 -19.02 24.46
N LEU D 46 -21.66 -17.70 24.29
CA LEU D 46 -20.86 -16.72 25.01
C LEU D 46 -21.47 -16.51 26.41
N GLY D 47 -20.97 -15.49 27.12
CA GLY D 47 -21.42 -15.23 28.46
C GLY D 47 -22.88 -14.77 28.54
N PRO D 48 -23.52 -14.97 29.70
CA PRO D 48 -24.87 -14.46 29.94
C PRO D 48 -24.95 -12.93 30.00
N ASP D 49 -24.12 -12.31 30.85
CA ASP D 49 -23.91 -10.88 30.87
C ASP D 49 -22.66 -10.47 30.09
N PHE D 50 -22.70 -9.23 29.60
CA PHE D 50 -21.68 -8.63 28.76
C PHE D 50 -21.03 -7.44 29.47
N GLY D 51 -19.75 -7.19 29.12
CA GLY D 51 -18.99 -6.12 29.72
C GLY D 51 -18.85 -4.88 28.82
N SER D 52 -19.62 -3.86 29.20
CA SER D 52 -19.45 -2.50 28.70
C SER D 52 -18.45 -1.77 29.61
N LEU D 53 -17.27 -2.38 29.71
CA LEU D 53 -16.22 -1.93 30.61
C LEU D 53 -14.88 -2.33 30.02
N ARG D 54 -13.81 -2.14 30.76
CA ARG D 54 -12.46 -2.37 30.20
C ARG D 54 -12.17 -3.78 29.69
N GLN D 55 -12.11 -4.70 30.65
CA GLN D 55 -11.40 -5.99 30.48
C GLN D 55 -12.17 -7.27 30.15
N PRO D 56 -11.72 -8.07 29.16
CA PRO D 56 -12.23 -9.44 29.00
C PRO D 56 -11.43 -10.43 29.84
N GLN D 57 -11.32 -10.23 31.15
CA GLN D 57 -10.37 -10.99 31.95
C GLN D 57 -10.89 -12.40 32.33
N ASP D 58 -12.10 -12.42 32.91
CA ASP D 58 -12.85 -13.66 33.03
C ASP D 58 -13.77 -13.86 31.81
N GLY D 59 -14.66 -14.84 31.93
CA GLY D 59 -15.70 -15.00 30.94
C GLY D 59 -15.24 -15.99 29.88
N PRO D 60 -16.03 -17.09 29.67
CA PRO D 60 -15.75 -18.02 28.58
C PRO D 60 -16.03 -17.53 27.16
N HIS D 61 -16.34 -16.27 26.97
CA HIS D 61 -16.40 -15.67 25.66
C HIS D 61 -15.04 -15.48 25.03
N THR D 62 -13.97 -15.59 25.84
CA THR D 62 -12.59 -15.30 25.36
C THR D 62 -12.05 -16.43 24.47
N ARG D 63 -12.56 -17.64 24.66
CA ARG D 63 -12.10 -18.80 23.90
C ARG D 63 -12.83 -18.91 22.56
N HIS D 64 -14.02 -18.33 22.46
CA HIS D 64 -14.71 -18.22 21.19
C HIS D 64 -14.25 -16.99 20.39
N LEU D 65 -13.78 -15.96 21.10
CA LEU D 65 -13.28 -14.72 20.47
C LEU D 65 -11.88 -15.06 19.94
N ASP D 66 -11.11 -15.82 20.72
CA ASP D 66 -9.75 -16.25 20.31
C ASP D 66 -9.87 -17.12 19.06
N ALA D 67 -10.81 -18.06 19.08
CA ALA D 67 -11.06 -18.95 17.91
C ALA D 67 -11.46 -18.17 16.67
N PHE D 68 -12.35 -17.18 16.82
CA PHE D 68 -12.78 -16.35 15.71
C PHE D 68 -11.56 -15.69 15.05
N LEU D 69 -10.59 -15.31 15.88
CA LEU D 69 -9.40 -14.66 15.34
C LEU D 69 -8.36 -15.70 14.98
N ALA D 70 -8.63 -16.97 15.27
CA ALA D 70 -7.72 -18.04 14.82
C ALA D 70 -7.93 -18.13 13.31
N ALA D 71 -6.95 -17.65 12.58
CA ALA D 71 -7.03 -17.44 11.12
C ALA D 71 -7.34 -18.67 10.26
N ASP D 72 -8.52 -18.71 9.67
CA ASP D 72 -8.87 -19.66 8.64
C ASP D 72 -10.10 -19.06 7.99
N ALA D 73 -10.84 -19.85 7.21
CA ALA D 73 -12.15 -19.54 6.69
C ALA D 73 -13.05 -19.09 7.84
N LEU D 74 -14.02 -18.24 7.52
CA LEU D 74 -15.02 -17.71 8.39
C LEU D 74 -16.40 -17.94 7.80
N ILE D 75 -17.36 -18.26 8.68
CA ILE D 75 -18.76 -18.30 8.33
C ILE D 75 -19.49 -17.36 9.27
N VAL D 76 -20.27 -16.44 8.75
CA VAL D 76 -20.91 -15.42 9.56
C VAL D 76 -22.36 -15.35 9.15
N ALA D 77 -23.25 -15.27 10.13
CA ALA D 77 -24.66 -15.06 9.83
C ALA D 77 -25.28 -14.31 11.00
N SER D 78 -26.36 -13.58 10.66
CA SER D 78 -27.03 -12.82 11.70
C SER D 78 -28.54 -12.86 11.52
N PRO D 79 -29.29 -12.99 12.62
CA PRO D 79 -30.73 -12.78 12.53
C PRO D 79 -31.05 -11.29 12.36
N VAL D 80 -31.98 -10.96 11.44
CA VAL D 80 -32.06 -9.57 11.03
C VAL D 80 -33.03 -8.91 12.05
N TYR D 81 -32.61 -7.78 12.54
CA TYR D 81 -33.38 -7.03 13.50
C TYR D 81 -33.20 -5.58 13.12
N LYS D 82 -34.32 -4.85 13.07
CA LYS D 82 -34.39 -3.43 12.76
C LYS D 82 -33.69 -3.04 11.46
N GLY D 83 -33.92 -3.83 10.40
CA GLY D 83 -33.41 -3.54 9.08
C GLY D 83 -31.90 -3.74 8.95
N SER D 84 -31.31 -4.42 9.93
CA SER D 84 -29.87 -4.62 9.98
C SER D 84 -29.55 -5.86 10.82
N TYR D 85 -28.28 -6.08 11.09
CA TYR D 85 -27.86 -7.15 11.97
C TYR D 85 -28.23 -6.87 13.43
N THR D 86 -28.07 -7.90 14.26
CA THR D 86 -28.41 -7.77 15.66
C THR D 86 -27.30 -7.01 16.37
N GLY D 87 -27.65 -6.33 17.47
CA GLY D 87 -26.71 -5.48 18.18
C GLY D 87 -25.69 -6.26 18.99
N LEU D 88 -26.04 -7.46 19.47
CA LEU D 88 -25.10 -8.26 20.22
C LEU D 88 -24.14 -8.97 19.27
N PHE D 89 -24.54 -9.07 17.99
CA PHE D 89 -23.66 -9.61 16.97
C PHE D 89 -22.54 -8.60 16.69
N LYS D 90 -22.93 -7.31 16.62
CA LYS D 90 -21.99 -6.26 16.30
C LYS D 90 -21.15 -5.96 17.55
N HIS D 91 -21.61 -6.26 18.74
CA HIS D 91 -20.83 -6.07 19.95
C HIS D 91 -19.65 -7.04 20.01
N PHE D 92 -19.82 -8.21 19.40
CA PHE D 92 -18.73 -9.17 19.29
C PHE D 92 -17.73 -8.70 18.24
N ILE D 93 -18.20 -8.00 17.22
CA ILE D 93 -17.32 -7.43 16.21
C ILE D 93 -16.64 -6.16 16.75
N ASP D 94 -17.27 -5.47 17.68
CA ASP D 94 -16.75 -4.28 18.33
C ASP D 94 -15.59 -4.64 19.28
N LEU D 95 -15.44 -5.89 19.67
CA LEU D 95 -14.35 -6.27 20.55
C LEU D 95 -13.07 -6.63 19.76
N ILE D 96 -13.22 -6.87 18.45
CA ILE D 96 -12.05 -7.13 17.66
C ILE D 96 -11.57 -5.82 17.05
N GLU D 97 -10.27 -5.77 16.83
CA GLU D 97 -9.53 -4.58 16.44
C GLU D 97 -9.52 -4.47 14.94
N PRO D 98 -9.55 -3.24 14.37
CA PRO D 98 -9.64 -3.03 12.94
C PRO D 98 -8.55 -3.61 12.08
N VAL D 99 -7.46 -4.08 12.67
CA VAL D 99 -6.39 -4.62 11.83
C VAL D 99 -6.47 -6.13 11.75
N ALA D 100 -7.32 -6.73 12.60
CA ALA D 100 -7.57 -8.16 12.57
C ALA D 100 -8.57 -8.46 11.44
N LEU D 101 -8.78 -9.74 11.19
CA LEU D 101 -9.73 -10.22 10.19
C LEU D 101 -9.43 -9.79 8.75
N VAL D 102 -8.14 -9.74 8.46
CA VAL D 102 -7.72 -9.34 7.12
C VAL D 102 -7.13 -10.59 6.47
N GLY D 103 -7.62 -10.94 5.28
CA GLY D 103 -7.15 -12.12 4.60
C GLY D 103 -8.03 -13.32 4.83
N LYS D 104 -9.06 -13.31 5.72
CA LYS D 104 -9.80 -14.54 5.91
C LYS D 104 -10.92 -14.59 4.89
N PRO D 105 -11.11 -15.72 4.19
CA PRO D 105 -12.34 -15.90 3.39
C PRO D 105 -13.58 -16.10 4.26
N VAL D 106 -14.58 -15.28 4.02
CA VAL D 106 -15.69 -15.09 4.96
C VAL D 106 -16.95 -15.19 4.13
N LEU D 107 -17.89 -16.04 4.63
CA LEU D 107 -19.18 -16.19 3.98
C LEU D 107 -20.22 -15.46 4.82
N LEU D 108 -20.93 -14.54 4.17
CA LEU D 108 -21.96 -13.78 4.88
C LEU D 108 -23.31 -14.41 4.57
N ALA D 109 -24.15 -14.49 5.60
CA ALA D 109 -25.54 -14.92 5.47
C ALA D 109 -26.42 -14.10 6.40
N ALA D 110 -27.73 -14.26 6.27
CA ALA D 110 -28.69 -13.57 7.13
C ALA D 110 -30.01 -14.33 7.12
N THR D 111 -30.64 -14.37 8.30
CA THR D 111 -31.84 -15.15 8.53
C THR D 111 -32.88 -14.16 9.03
N GLY D 112 -33.92 -13.97 8.22
CA GLY D 112 -34.97 -13.02 8.57
C GLY D 112 -36.35 -13.61 8.36
N GLY D 113 -37.35 -12.90 8.87
CA GLY D 113 -38.72 -13.40 8.83
C GLY D 113 -39.39 -13.21 7.47
N GLY D 114 -39.39 -11.93 7.03
CA GLY D 114 -39.77 -11.65 5.65
C GLY D 114 -38.64 -12.01 4.71
N ASP D 115 -38.93 -12.80 3.66
CA ASP D 115 -37.91 -13.11 2.67
C ASP D 115 -37.83 -12.03 1.61
N ARG D 116 -38.30 -10.82 1.86
CA ARG D 116 -38.52 -9.80 0.84
C ARG D 116 -37.46 -8.70 0.93
N HIS D 117 -36.94 -8.46 2.15
CA HIS D 117 -35.97 -7.38 2.31
C HIS D 117 -34.53 -7.85 2.35
N ALA D 118 -34.22 -8.89 1.59
CA ALA D 118 -32.96 -9.60 1.68
C ALA D 118 -31.76 -8.86 1.06
N LEU D 119 -31.66 -7.60 1.41
CA LEU D 119 -30.56 -6.72 0.97
C LEU D 119 -29.76 -6.24 2.15
N VAL D 120 -29.80 -6.96 3.28
CA VAL D 120 -28.98 -6.59 4.43
C VAL D 120 -27.57 -7.15 4.25
N ILE D 121 -27.41 -8.08 3.31
CA ILE D 121 -26.10 -8.65 3.05
C ILE D 121 -25.19 -7.61 2.35
N GLU D 122 -25.77 -6.78 1.48
CA GLU D 122 -24.95 -5.91 0.68
C GLU D 122 -24.84 -4.53 1.29
N HIS D 123 -25.85 -4.09 2.07
CA HIS D 123 -25.77 -2.76 2.66
C HIS D 123 -25.41 -2.77 4.13
N GLN D 124 -25.49 -3.91 4.80
CA GLN D 124 -25.20 -3.94 6.24
C GLN D 124 -24.06 -4.91 6.58
N LEU D 125 -24.00 -6.07 5.90
CA LEU D 125 -22.99 -7.07 6.26
C LEU D 125 -21.71 -6.93 5.44
N ARG D 126 -21.85 -6.52 4.18
CA ARG D 126 -20.70 -6.36 3.32
C ARG D 126 -19.97 -5.07 3.64
N PRO D 127 -20.60 -3.94 4.07
CA PRO D 127 -19.85 -2.84 4.63
C PRO D 127 -19.16 -3.08 5.95
N VAL D 128 -19.81 -3.79 6.90
CA VAL D 128 -19.19 -3.98 8.19
C VAL D 128 -18.10 -5.06 8.11
N PHE D 129 -18.30 -6.04 7.23
CA PHE D 129 -17.22 -6.89 6.74
C PHE D 129 -16.72 -6.37 5.41
N GLY D 130 -16.73 -5.12 5.23
CA GLY D 130 -15.99 -4.34 4.24
C GLY D 130 -14.92 -3.54 4.98
N PHE D 131 -15.22 -3.24 6.24
CA PHE D 131 -14.21 -2.77 7.18
C PHE D 131 -13.23 -3.86 7.51
N PHE D 132 -13.69 -5.10 7.55
CA PHE D 132 -12.89 -6.34 7.42
C PHE D 132 -13.45 -7.03 6.16
N GLU D 133 -12.98 -6.59 4.99
CA GLU D 133 -13.47 -7.05 3.66
C GLU D 133 -12.63 -8.26 3.24
N ALA D 134 -12.16 -9.01 4.22
CA ALA D 134 -11.18 -10.10 4.07
C ALA D 134 -11.24 -11.11 2.91
N THR D 136 -11.14 -12.81 -0.49
CA THR D 136 -12.10 -13.43 -1.40
C THR D 136 -13.53 -13.34 -0.88
N LEU D 137 -13.77 -12.42 0.04
CA LEU D 137 -15.10 -12.16 0.60
C LEU D 137 -16.12 -12.46 -0.50
N ALA D 138 -16.92 -13.53 -0.30
CA ALA D 138 -17.67 -14.11 -1.37
C ALA D 138 -19.02 -13.38 -1.46
N THR D 139 -19.81 -13.77 -2.46
CA THR D 139 -21.24 -13.43 -2.39
C THR D 139 -21.96 -14.51 -1.60
N GLY D 140 -22.51 -14.18 -0.46
CA GLY D 140 -23.51 -15.02 0.17
C GLY D 140 -24.81 -14.21 0.21
N LEU D 141 -25.92 -14.88 0.47
CA LEU D 141 -27.24 -14.33 0.17
C LEU D 141 -28.30 -14.91 1.07
N TYR D 142 -29.53 -14.74 0.58
CA TYR D 142 -30.74 -15.46 1.00
C TYR D 142 -31.32 -15.39 2.42
N VAL D 143 -31.57 -14.21 2.95
CA VAL D 143 -32.63 -14.10 3.96
C VAL D 143 -33.89 -14.83 3.47
N SER D 144 -34.36 -15.82 4.21
CA SER D 144 -35.55 -16.54 3.78
C SER D 144 -36.19 -17.33 4.91
N ALA D 145 -37.52 -17.32 4.93
CA ALA D 145 -38.27 -18.04 5.94
C ALA D 145 -38.41 -19.50 5.53
N SER D 146 -37.83 -19.86 4.39
CA SER D 146 -37.91 -21.23 3.92
C SER D 146 -36.86 -22.07 4.65
N ASP D 147 -37.29 -22.60 5.81
CA ASP D 147 -36.35 -23.20 6.75
C ASP D 147 -36.54 -24.72 6.86
N PHE D 148 -37.71 -25.18 7.33
CA PHE D 148 -37.96 -26.59 7.50
C PHE D 148 -39.22 -27.04 6.72
N ASP D 151 -36.23 -31.17 6.53
CA ASP D 151 -36.39 -30.34 7.74
C ASP D 151 -35.12 -30.40 8.58
N GLY D 152 -33.98 -30.70 7.95
CA GLY D 152 -32.71 -30.81 8.66
C GLY D 152 -32.11 -29.48 9.11
N LEU D 153 -31.66 -28.69 8.13
CA LEU D 153 -31.09 -27.38 8.41
C LEU D 153 -31.58 -26.31 7.47
N ALA D 154 -32.04 -26.67 6.27
CA ALA D 154 -32.37 -25.70 5.24
C ALA D 154 -33.41 -26.31 4.31
N SER D 155 -33.68 -25.63 3.18
CA SER D 155 -34.76 -25.98 2.27
C SER D 155 -34.26 -26.03 0.82
N GLU D 156 -35.18 -26.22 -0.12
CA GLU D 156 -34.83 -26.64 -1.47
C GLU D 156 -34.00 -25.57 -2.19
N ALA D 157 -34.34 -24.29 -1.95
CA ALA D 157 -33.83 -23.19 -2.73
C ALA D 157 -32.60 -22.52 -2.08
N ALA D 158 -32.19 -23.00 -0.91
CA ALA D 158 -31.02 -22.39 -0.25
C ALA D 158 -29.74 -23.20 -0.37
N SER D 159 -29.91 -24.50 -0.20
CA SER D 159 -28.84 -25.52 -0.11
C SER D 159 -27.74 -25.46 -1.18
N THR D 160 -28.06 -25.39 -2.47
CA THR D 160 -27.09 -25.47 -3.54
C THR D 160 -26.53 -24.09 -3.83
N ARG D 161 -27.23 -23.03 -3.45
CA ARG D 161 -26.63 -21.70 -3.52
C ARG D 161 -25.71 -21.46 -2.34
N LEU D 162 -25.88 -22.23 -1.27
CA LEU D 162 -24.92 -22.26 -0.16
C LEU D 162 -23.70 -23.08 -0.53
N ASP D 163 -23.93 -24.17 -1.27
CA ASP D 163 -22.83 -25.06 -1.73
C ASP D 163 -21.99 -24.33 -2.78
N ARG D 164 -22.58 -23.31 -3.41
CA ARG D 164 -21.85 -22.42 -4.36
C ARG D 164 -21.06 -21.38 -3.55
N ALA D 165 -21.59 -21.00 -2.38
CA ALA D 165 -20.92 -20.00 -1.52
C ALA D 165 -19.81 -20.68 -0.73
N VAL D 166 -19.86 -22.01 -0.65
CA VAL D 166 -18.83 -22.80 0.09
C VAL D 166 -17.77 -23.30 -0.91
N ALA D 167 -18.04 -23.14 -2.21
CA ALA D 167 -17.10 -23.56 -3.24
C ALA D 167 -16.14 -22.44 -3.62
N GLN D 168 -16.45 -21.23 -3.14
CA GLN D 168 -15.62 -20.02 -3.36
C GLN D 168 -14.44 -20.04 -2.38
N PHE D 169 -14.59 -20.77 -1.27
CA PHE D 169 -13.50 -20.90 -0.26
C PHE D 169 -12.30 -21.56 -0.94
N ALA D 170 -12.56 -22.73 -1.55
CA ALA D 170 -11.49 -23.54 -2.17
C ALA D 170 -10.92 -22.82 -3.41
N ALA D 171 -10.09 -23.55 -4.15
CA ALA D 171 -9.47 -23.08 -5.41
C ALA D 171 -8.58 -21.85 -5.21
N HIS D 172 -8.51 -21.23 -4.02
CA HIS D 172 -7.58 -20.08 -4.05
C HIS D 172 -6.23 -20.48 -4.64
N LEU D 173 -5.57 -21.43 -3.99
CA LEU D 173 -4.29 -21.92 -4.55
C LEU D 173 -4.59 -23.21 -5.34
N HIS D 176 -5.65 -24.84 -1.65
CA HIS D 176 -5.92 -24.34 -0.31
C HIS D 176 -6.43 -22.91 -0.30
N ASP D 177 -6.62 -22.40 0.92
CA ASP D 177 -6.99 -21.00 1.13
C ASP D 177 -5.84 -20.03 1.22
N ALA D 178 -5.92 -18.90 0.52
CA ALA D 178 -4.79 -18.01 0.34
C ALA D 178 -4.74 -17.10 1.56
N PRO D 180 -4.39 -16.70 5.33
CA PRO D 180 -5.49 -16.49 6.28
C PRO D 180 -5.50 -15.24 7.15
N LEU D 181 -4.36 -14.85 7.75
CA LEU D 181 -4.26 -13.53 8.33
C LEU D 181 -3.25 -12.70 7.56
N LEU D 182 -3.44 -11.38 7.61
CA LEU D 182 -2.61 -10.41 6.92
C LEU D 182 -2.13 -9.35 7.94
N ALA D 183 -1.43 -8.33 7.43
CA ALA D 183 -0.97 -7.21 8.24
C ALA D 183 -1.60 -5.85 7.87
N HIS D 188 4.09 3.97 8.27
CA HIS D 188 5.27 3.24 8.80
C HIS D 188 4.92 2.57 10.12
N HIS D 189 3.89 3.05 10.82
CA HIS D 189 3.47 2.55 12.12
C HIS D 189 2.55 1.35 11.87
N HIS D 190 3.11 0.35 11.21
CA HIS D 190 2.38 -0.78 10.66
C HIS D 190 2.18 -2.05 11.50
N HIS D 191 2.14 -1.84 12.81
CA HIS D 191 1.55 -2.80 13.74
C HIS D 191 0.60 -2.22 14.77
N HIS D 192 -0.51 -2.91 14.99
CA HIS D 192 -1.51 -2.52 15.98
C HIS D 192 -1.90 -3.74 16.81
N MET E 1 44.78 12.05 -20.50
CA MET E 1 43.98 12.22 -19.24
C MET E 1 43.46 10.85 -18.83
N PRO E 2 43.59 10.46 -17.53
CA PRO E 2 43.00 9.22 -17.03
C PRO E 2 41.48 9.29 -16.99
N GLY E 3 40.84 8.35 -17.71
CA GLY E 3 39.41 8.21 -17.72
C GLY E 3 38.88 7.18 -16.71
N PRO E 4 38.25 7.61 -15.59
CA PRO E 4 37.67 6.70 -14.63
C PRO E 4 36.50 5.85 -15.14
N ARG E 5 36.24 4.81 -14.38
CA ARG E 5 35.19 3.84 -14.71
C ARG E 5 34.08 4.06 -13.71
N ILE E 6 32.96 4.65 -14.15
CA ILE E 6 31.83 4.80 -13.24
C ILE E 6 30.84 3.69 -13.51
N VAL E 7 30.38 3.00 -12.44
CA VAL E 7 29.41 1.95 -12.56
C VAL E 7 28.16 2.30 -11.76
N ALA E 8 27.00 1.87 -12.32
CA ALA E 8 25.72 2.17 -11.68
C ALA E 8 24.96 0.90 -11.37
N PHE E 9 24.33 0.87 -10.18
CA PHE E 9 23.58 -0.34 -9.83
C PHE E 9 22.23 -0.01 -9.23
N ALA E 10 21.18 -0.61 -9.79
CA ALA E 10 19.83 -0.42 -9.30
C ALA E 10 19.30 -1.80 -8.91
N GLY E 11 18.73 -1.86 -7.71
CA GLY E 11 18.20 -3.11 -7.20
C GLY E 11 16.70 -3.27 -7.54
N SER E 12 16.35 -2.98 -8.80
CA SER E 12 14.95 -2.88 -9.20
C SER E 12 14.80 -3.65 -10.52
N TRP E 13 13.93 -4.63 -10.53
CA TRP E 13 13.61 -5.41 -11.71
C TRP E 13 12.46 -4.81 -12.47
N SER E 14 11.89 -3.69 -12.06
CA SER E 14 10.81 -3.05 -12.80
C SER E 14 11.34 -2.38 -14.08
N ARG E 15 10.51 -2.28 -15.10
CA ARG E 15 11.01 -1.98 -16.44
C ARG E 15 11.29 -0.48 -16.60
N PRO E 16 10.35 0.45 -16.30
CA PRO E 16 10.64 1.86 -16.46
C PRO E 16 11.18 2.45 -15.15
N SER E 17 12.10 1.78 -14.43
CA SER E 17 12.21 1.98 -12.98
C SER E 17 12.81 3.33 -12.62
N LYS E 18 12.27 3.95 -11.58
CA LYS E 18 12.68 5.29 -11.20
C LYS E 18 13.97 5.29 -10.36
N THR E 19 14.49 4.10 -10.03
CA THR E 19 15.89 3.99 -9.60
C THR E 19 16.78 3.88 -10.84
N ARG E 20 16.27 3.27 -11.94
CA ARG E 20 17.06 3.19 -13.15
C ARG E 20 17.18 4.55 -13.85
N SER E 21 16.17 5.40 -13.66
CA SER E 21 16.19 6.77 -14.12
C SER E 21 17.05 7.61 -13.18
N LEU E 22 17.29 7.16 -11.95
CA LEU E 22 18.02 7.97 -10.98
C LEU E 22 19.51 7.74 -11.16
N VAL E 23 19.87 6.47 -11.42
CA VAL E 23 21.29 6.15 -11.52
C VAL E 23 21.77 6.43 -12.93
N GLU E 24 20.88 6.62 -13.90
CA GLU E 24 21.26 7.07 -15.24
C GLU E 24 21.72 8.54 -15.20
N GLU E 25 20.99 9.35 -14.43
CA GLU E 25 21.30 10.80 -14.29
C GLU E 25 22.47 10.98 -13.33
N ALA E 26 22.64 10.03 -12.40
CA ALA E 26 23.74 10.09 -11.41
C ALA E 26 25.06 9.66 -12.07
N ALA E 27 24.97 8.94 -13.19
CA ALA E 27 26.14 8.48 -13.91
C ALA E 27 26.52 9.51 -14.95
N ARG E 28 25.51 10.14 -15.58
CA ARG E 28 25.78 11.12 -16.62
C ARG E 28 26.39 12.40 -16.00
N ARG E 29 26.06 12.67 -14.70
CA ARG E 29 26.63 13.84 -14.07
C ARG E 29 28.09 13.61 -13.70
N ALA E 30 28.50 12.34 -13.60
CA ALA E 30 29.87 12.06 -13.20
C ALA E 30 30.81 12.08 -14.40
N VAL E 31 30.29 11.70 -15.55
CA VAL E 31 31.07 11.73 -16.78
C VAL E 31 31.17 13.17 -17.30
N ALA E 32 30.19 14.00 -16.95
CA ALA E 32 30.21 15.42 -17.29
C ALA E 32 31.18 16.16 -16.36
N ARG E 33 31.45 15.62 -15.18
CA ARG E 33 32.18 16.38 -14.18
C ARG E 33 33.67 16.13 -14.31
N PHE E 34 34.05 14.85 -14.34
CA PHE E 34 35.47 14.51 -14.35
C PHE E 34 35.91 13.74 -15.61
N GLY E 35 34.97 12.96 -16.15
CA GLY E 35 35.22 12.29 -17.40
C GLY E 35 35.42 10.80 -17.18
N GLY E 36 35.62 10.10 -18.32
CA GLY E 36 35.78 8.66 -18.32
C GLY E 36 34.70 7.94 -19.13
N SER E 37 34.38 6.73 -18.62
CA SER E 37 33.41 5.85 -19.25
C SER E 37 32.16 5.76 -18.39
N ALA E 38 31.06 5.33 -19.03
CA ALA E 38 29.82 5.01 -18.33
C ALA E 38 29.54 3.52 -18.43
N HIS E 39 29.14 2.88 -17.32
CA HIS E 39 28.45 1.60 -17.42
C HIS E 39 27.31 1.64 -16.43
N VAL E 40 26.09 1.49 -16.91
CA VAL E 40 24.91 1.38 -16.07
C VAL E 40 24.33 0.00 -16.31
N PHE E 41 24.03 -0.74 -15.24
CA PHE E 41 23.23 -1.94 -15.43
C PHE E 41 22.10 -2.05 -14.40
N ASP E 42 20.99 -2.62 -14.86
CA ASP E 42 19.84 -2.85 -13.99
C ASP E 42 20.01 -4.22 -13.35
N ILE E 43 19.13 -4.57 -12.42
CA ILE E 43 19.11 -5.95 -11.95
C ILE E 43 18.42 -6.84 -12.95
N ALA E 44 17.57 -6.28 -13.80
CA ALA E 44 16.97 -6.99 -14.92
C ALA E 44 18.01 -7.35 -15.97
N ASP E 45 19.12 -6.63 -16.03
CA ASP E 45 20.17 -6.82 -17.00
C ASP E 45 21.06 -8.01 -16.69
N LEU E 46 20.73 -8.69 -15.58
CA LEU E 46 21.45 -9.92 -15.16
C LEU E 46 20.69 -11.15 -15.66
N GLY E 47 19.36 -11.05 -15.77
CA GLY E 47 18.52 -12.15 -16.24
C GLY E 47 18.24 -13.18 -15.16
N PRO E 48 17.80 -14.41 -15.50
CA PRO E 48 17.58 -15.46 -14.51
C PRO E 48 18.79 -15.64 -13.58
N ASP E 49 18.55 -15.69 -12.27
CA ASP E 49 19.64 -15.85 -11.27
C ASP E 49 20.23 -17.25 -11.40
N PHE E 50 21.17 -17.43 -12.33
CA PHE E 50 21.83 -18.74 -12.55
C PHE E 50 22.84 -18.79 -11.42
N GLY E 51 22.68 -17.82 -10.51
CA GLY E 51 23.63 -17.63 -9.45
C GLY E 51 23.07 -18.23 -8.17
N SER E 52 21.95 -18.95 -8.27
CA SER E 52 21.39 -19.72 -7.19
C SER E 52 22.02 -21.11 -7.10
N LEU E 53 23.20 -21.33 -7.71
CA LEU E 53 23.84 -22.61 -7.86
C LEU E 53 25.27 -22.49 -7.33
N ARG E 54 25.77 -21.26 -7.10
CA ARG E 54 27.20 -20.95 -7.02
C ARG E 54 27.96 -21.25 -8.33
N GLN E 55 27.39 -20.70 -9.41
CA GLN E 55 28.00 -20.80 -10.73
C GLN E 55 28.10 -19.36 -11.28
N PRO E 56 29.30 -18.76 -11.37
CA PRO E 56 29.54 -17.68 -12.31
C PRO E 56 29.90 -18.18 -13.69
N GLN E 57 29.70 -19.45 -14.03
CA GLN E 57 30.29 -20.10 -15.19
C GLN E 57 29.49 -19.85 -16.47
N ASP E 58 29.20 -18.60 -16.71
CA ASP E 58 28.51 -18.05 -17.85
C ASP E 58 28.69 -16.53 -17.75
N GLY E 59 28.30 -15.83 -18.85
CA GLY E 59 28.44 -14.42 -18.80
C GLY E 59 27.26 -13.49 -19.00
N PRO E 60 26.03 -13.77 -18.50
CA PRO E 60 25.00 -12.75 -18.41
C PRO E 60 25.25 -11.61 -17.42
N HIS E 61 25.83 -12.02 -16.26
CA HIS E 61 26.03 -11.13 -15.15
C HIS E 61 27.51 -10.93 -14.87
N THR E 62 28.43 -11.70 -15.48
CA THR E 62 29.82 -11.57 -15.18
C THR E 62 30.43 -10.34 -15.83
N ARG E 63 29.81 -9.87 -16.93
CA ARG E 63 30.22 -8.62 -17.55
C ARG E 63 29.84 -7.44 -16.65
N HIS E 64 28.76 -7.60 -15.86
CA HIS E 64 28.36 -6.52 -14.98
C HIS E 64 29.06 -6.63 -13.62
N LEU E 65 29.44 -7.85 -13.24
CA LEU E 65 30.01 -8.05 -11.92
C LEU E 65 31.49 -7.67 -11.93
N ASP E 66 32.17 -7.93 -13.06
CA ASP E 66 33.59 -7.63 -13.13
C ASP E 66 33.81 -6.14 -13.34
N ALA E 67 32.83 -5.48 -14.00
CA ALA E 67 32.91 -4.05 -14.18
C ALA E 67 32.45 -3.33 -12.93
N PHE E 68 31.74 -4.02 -12.01
CA PHE E 68 31.47 -3.45 -10.70
C PHE E 68 32.76 -3.43 -9.88
N LEU E 69 33.56 -4.48 -10.03
CA LEU E 69 34.76 -4.61 -9.21
C LEU E 69 35.92 -3.79 -9.76
N ALA E 70 35.87 -3.51 -11.07
CA ALA E 70 36.92 -2.74 -11.73
C ALA E 70 36.56 -1.28 -11.75
N ALA E 71 35.47 -0.91 -11.07
CA ALA E 71 34.99 0.50 -11.03
C ALA E 71 36.05 1.38 -10.36
N ASP E 72 36.15 2.65 -10.76
CA ASP E 72 37.13 3.53 -10.16
C ASP E 72 36.24 4.41 -9.28
N ALA E 73 34.95 4.48 -9.63
CA ALA E 73 33.94 5.19 -8.86
C ALA E 73 32.63 4.40 -8.95
N LEU E 74 31.87 4.36 -7.87
CA LEU E 74 30.65 3.57 -7.83
C LEU E 74 29.46 4.46 -7.42
N ILE E 75 28.33 4.30 -8.11
CA ILE E 75 27.07 4.81 -7.64
C ILE E 75 26.11 3.60 -7.62
N VAL E 76 25.33 3.56 -6.56
CA VAL E 76 24.50 2.41 -6.21
C VAL E 76 23.20 2.94 -5.66
N ALA E 77 22.12 2.25 -5.98
CA ALA E 77 20.78 2.61 -5.52
C ALA E 77 19.95 1.34 -5.43
N SER E 78 18.90 1.44 -4.61
CA SER E 78 17.94 0.37 -4.42
C SER E 78 16.60 0.99 -4.06
N PRO E 79 15.48 0.43 -4.52
CA PRO E 79 14.17 0.81 -3.99
C PRO E 79 13.98 0.30 -2.57
N VAL E 80 13.36 1.11 -1.71
CA VAL E 80 13.10 0.65 -0.36
C VAL E 80 11.94 -0.37 -0.32
N TYR E 81 12.30 -1.63 -0.04
CA TYR E 81 11.31 -2.66 0.17
C TYR E 81 11.51 -3.18 1.61
N LYS E 82 10.45 -3.14 2.39
CA LYS E 82 10.39 -3.65 3.74
C LYS E 82 11.40 -3.00 4.68
N GLY E 83 11.46 -1.69 4.61
CA GLY E 83 12.30 -0.90 5.52
C GLY E 83 13.78 -1.00 5.23
N SER E 84 14.14 -1.56 4.06
CA SER E 84 15.52 -1.81 3.72
C SER E 84 15.62 -1.99 2.21
N TYR E 85 16.79 -2.38 1.72
CA TYR E 85 16.97 -2.64 0.29
C TYR E 85 16.26 -3.92 -0.13
N THR E 86 16.28 -4.18 -1.44
CA THR E 86 15.64 -5.38 -1.94
C THR E 86 16.52 -6.59 -1.70
N GLY E 87 15.92 -7.76 -1.85
CA GLY E 87 16.59 -9.02 -1.54
C GLY E 87 17.52 -9.47 -2.65
N LEU E 88 17.16 -9.18 -3.92
CA LEU E 88 18.00 -9.50 -5.04
C LEU E 88 19.15 -8.52 -5.15
N PHE E 89 19.03 -7.36 -4.50
CA PHE E 89 20.10 -6.39 -4.44
C PHE E 89 21.20 -6.94 -3.54
N LYS E 90 20.78 -7.55 -2.41
CA LYS E 90 21.74 -8.02 -1.44
C LYS E 90 22.38 -9.34 -1.92
N HIS E 91 21.67 -10.08 -2.80
CA HIS E 91 22.25 -11.32 -3.27
C HIS E 91 23.42 -11.05 -4.23
N PHE E 92 23.34 -9.90 -4.91
CA PHE E 92 24.41 -9.50 -5.81
C PHE E 92 25.60 -9.01 -5.01
N ILE E 93 25.33 -8.43 -3.82
CA ILE E 93 26.42 -7.94 -2.98
C ILE E 93 27.02 -9.12 -2.21
N ASP E 94 26.20 -10.12 -1.90
CA ASP E 94 26.68 -11.25 -1.10
C ASP E 94 27.52 -12.20 -1.95
N LEU E 95 27.39 -12.08 -3.31
CA LEU E 95 28.23 -12.94 -4.13
C LEU E 95 29.59 -12.29 -4.42
N ILE E 96 29.81 -11.07 -3.97
CA ILE E 96 31.14 -10.52 -4.00
C ILE E 96 31.83 -11.06 -2.74
N GLU E 97 33.07 -11.47 -3.01
CA GLU E 97 34.08 -11.89 -2.02
C GLU E 97 34.35 -10.60 -1.23
N PRO E 98 34.57 -10.63 0.08
CA PRO E 98 34.35 -9.37 0.81
C PRO E 98 35.42 -8.34 0.60
N VAL E 99 36.55 -8.75 0.00
CA VAL E 99 37.73 -7.86 -0.15
C VAL E 99 37.84 -7.28 -1.57
N ALA E 100 36.72 -7.08 -2.29
CA ALA E 100 36.85 -6.56 -3.63
C ALA E 100 36.36 -5.12 -3.79
N LEU E 101 35.94 -4.47 -2.70
CA LEU E 101 35.48 -3.10 -2.75
C LEU E 101 36.56 -2.19 -2.11
N VAL E 102 37.55 -1.84 -2.89
CA VAL E 102 38.89 -1.55 -2.38
C VAL E 102 39.15 -0.18 -1.74
N GLY E 103 39.10 0.89 -2.51
CA GLY E 103 39.43 2.21 -2.01
C GLY E 103 38.39 3.15 -2.59
N LYS E 104 37.26 2.54 -2.95
CA LYS E 104 36.14 3.11 -3.75
C LYS E 104 35.22 4.19 -3.19
N PRO E 105 34.96 5.24 -4.00
CA PRO E 105 34.12 6.39 -3.68
C PRO E 105 32.62 6.18 -3.97
N VAL E 106 31.99 5.29 -3.19
CA VAL E 106 30.57 4.98 -3.28
C VAL E 106 29.53 6.06 -3.01
N LEU E 107 28.63 6.22 -3.98
CA LEU E 107 27.50 7.13 -3.85
C LEU E 107 26.25 6.27 -3.65
N LEU E 108 25.65 6.41 -2.47
CA LEU E 108 24.53 5.52 -2.15
C LEU E 108 23.28 6.35 -2.30
N ALA E 109 22.23 5.76 -2.90
CA ALA E 109 20.98 6.43 -3.07
C ALA E 109 19.84 5.45 -2.88
N ALA E 110 18.62 5.98 -2.74
CA ALA E 110 17.43 5.15 -2.54
C ALA E 110 16.22 5.92 -3.06
N THR E 111 15.26 5.20 -3.63
CA THR E 111 13.93 5.73 -3.83
C THR E 111 12.92 4.95 -3.00
N GLY E 112 11.91 5.65 -2.51
CA GLY E 112 10.91 4.95 -1.72
C GLY E 112 9.48 5.37 -2.08
N GLY E 113 9.35 6.57 -2.63
CA GLY E 113 8.07 7.16 -2.88
C GLY E 113 7.24 7.58 -1.68
N GLY E 114 7.75 7.47 -0.46
CA GLY E 114 6.95 7.70 0.71
C GLY E 114 7.43 8.85 1.58
N ASP E 115 8.73 9.14 1.51
CA ASP E 115 9.32 10.23 2.26
C ASP E 115 9.53 9.95 3.73
N ARG E 116 9.21 8.73 4.17
CA ARG E 116 9.33 8.30 5.55
C ARG E 116 10.59 7.45 5.73
N HIS E 117 11.07 6.81 4.68
CA HIS E 117 12.11 5.80 4.77
C HIS E 117 13.48 6.38 4.41
N ALA E 118 13.76 7.63 4.78
CA ALA E 118 14.94 8.31 4.32
C ALA E 118 16.17 7.94 5.12
N LEU E 119 15.98 7.25 6.26
CA LEU E 119 17.11 6.84 7.08
C LEU E 119 17.48 5.37 6.77
N VAL E 120 17.14 4.88 5.58
CA VAL E 120 17.64 3.59 5.17
C VAL E 120 18.97 3.81 4.48
N ILE E 121 19.34 5.03 4.15
CA ILE E 121 20.64 5.29 3.57
C ILE E 121 21.74 5.13 4.62
N GLU E 122 21.46 5.59 5.83
CA GLU E 122 22.44 5.64 6.89
C GLU E 122 22.40 4.37 7.73
N HIS E 123 21.22 3.77 7.91
CA HIS E 123 21.06 2.68 8.85
C HIS E 123 20.97 1.32 8.15
N GLN E 124 20.71 1.29 6.85
CA GLN E 124 20.63 0.06 6.11
C GLN E 124 21.67 -0.05 4.99
N LEU E 125 21.89 1.04 4.25
CA LEU E 125 22.60 0.96 2.97
C LEU E 125 24.07 1.28 3.15
N ARG E 126 24.39 2.21 4.06
CA ARG E 126 25.77 2.60 4.28
C ARG E 126 26.54 1.52 5.07
N PRO E 127 25.95 0.83 6.08
CA PRO E 127 26.66 -0.27 6.71
C PRO E 127 26.96 -1.48 5.85
N VAL E 128 26.22 -1.68 4.74
CA VAL E 128 26.55 -2.85 3.95
C VAL E 128 27.76 -2.57 3.06
N PHE E 129 27.97 -1.32 2.69
CA PHE E 129 29.27 -0.89 2.18
C PHE E 129 30.15 -0.34 3.30
N GLY E 130 29.85 -0.68 4.52
CA GLY E 130 30.71 -0.48 5.66
C GLY E 130 31.44 -1.74 5.99
N PHE E 131 30.79 -2.87 5.68
CA PHE E 131 31.47 -4.17 5.79
C PHE E 131 32.54 -4.24 4.68
N PHE E 132 32.13 -3.77 3.51
CA PHE E 132 33.00 -3.77 2.34
C PHE E 132 33.56 -2.35 2.13
N GLU E 133 33.83 -1.64 3.24
CA GLU E 133 34.02 -0.17 3.21
C GLU E 133 35.14 0.32 2.29
N ALA E 134 35.03 1.59 1.89
CA ALA E 134 35.91 2.25 0.95
C ALA E 134 36.60 3.41 1.70
N HIS E 135 37.49 4.06 0.97
CA HIS E 135 38.24 5.21 1.44
C HIS E 135 37.40 6.49 1.52
N THR E 136 36.36 6.55 0.71
CA THR E 136 35.44 7.68 0.72
C THR E 136 34.02 7.19 0.55
N LEU E 137 33.13 7.55 1.49
CA LEU E 137 31.71 7.29 1.43
C LEU E 137 31.05 8.68 1.52
N ALA E 138 30.52 9.15 0.39
CA ALA E 138 30.21 10.55 0.21
C ALA E 138 29.11 11.21 1.07
N THR E 139 27.87 10.84 0.86
CA THR E 139 26.74 11.43 1.53
C THR E 139 25.50 10.69 1.05
N GLY E 140 24.37 11.00 1.67
CA GLY E 140 23.13 10.32 1.33
C GLY E 140 22.29 11.11 0.35
N LEU E 141 21.52 10.43 -0.50
CA LEU E 141 20.51 11.09 -1.30
C LEU E 141 19.30 10.19 -1.32
N TYR E 142 18.19 10.61 -0.74
CA TYR E 142 16.95 9.86 -0.80
C TYR E 142 15.98 10.69 -1.61
N VAL E 143 15.28 10.05 -2.57
CA VAL E 143 14.24 10.72 -3.33
C VAL E 143 12.92 9.96 -3.17
N SER E 144 11.79 10.67 -3.12
CA SER E 144 10.47 10.08 -3.19
C SER E 144 9.89 10.26 -4.59
N ALA E 145 8.65 9.81 -4.79
CA ALA E 145 8.00 9.82 -6.08
C ALA E 145 7.70 11.21 -6.64
N SER E 146 8.23 12.29 -6.06
CA SER E 146 8.10 13.61 -6.65
C SER E 146 9.19 13.82 -7.68
N ASP E 147 9.05 13.18 -8.83
CA ASP E 147 9.91 13.36 -9.97
C ASP E 147 9.06 13.14 -11.23
N PHE E 148 9.43 13.78 -12.34
CA PHE E 148 8.76 13.54 -13.61
C PHE E 148 9.69 13.78 -14.78
N GLY E 149 9.16 13.53 -15.98
CA GLY E 149 9.87 13.84 -17.23
C GLY E 149 11.00 12.86 -17.51
N PRO E 150 10.70 11.56 -17.72
CA PRO E 150 11.75 10.57 -17.94
C PRO E 150 12.25 10.58 -19.40
N LEU E 153 14.13 15.63 -14.99
CA LEU E 153 14.20 14.22 -14.54
C LEU E 153 13.88 14.07 -13.06
N ALA E 154 13.72 15.18 -12.34
CA ALA E 154 13.57 15.16 -10.90
C ALA E 154 12.83 16.42 -10.47
N SER E 155 12.73 16.66 -9.16
CA SER E 155 12.19 17.88 -8.60
C SER E 155 13.27 18.97 -8.51
N GLU E 156 12.96 20.07 -7.84
CA GLU E 156 13.73 21.31 -7.94
C GLU E 156 15.05 21.16 -7.17
N ALA E 157 14.92 20.80 -5.89
CA ALA E 157 15.99 20.95 -4.90
C ALA E 157 16.72 19.64 -4.62
N ALA E 158 16.38 18.55 -5.32
CA ALA E 158 17.11 17.30 -5.18
C ALA E 158 18.24 17.20 -6.18
N SER E 159 18.20 18.02 -7.24
CA SER E 159 19.32 18.10 -8.18
C SER E 159 20.48 18.88 -7.56
N THR E 160 20.18 19.76 -6.63
CA THR E 160 21.22 20.47 -5.90
C THR E 160 21.86 19.54 -4.87
N ARG E 161 21.06 18.58 -4.35
CA ARG E 161 21.57 17.60 -3.42
C ARG E 161 22.36 16.54 -4.18
N LEU E 162 22.03 16.32 -5.45
CA LEU E 162 22.75 15.36 -6.27
C LEU E 162 24.03 15.97 -6.79
N ASP E 163 24.02 17.28 -7.07
CA ASP E 163 25.24 18.00 -7.42
C ASP E 163 26.17 18.13 -6.25
N ARG E 164 25.63 18.09 -5.01
CA ARG E 164 26.45 18.09 -3.82
C ARG E 164 27.06 16.70 -3.58
N ALA E 165 26.43 15.66 -4.10
CA ALA E 165 26.89 14.30 -3.87
C ALA E 165 27.90 13.91 -4.95
N VAL E 166 27.74 14.46 -6.15
CA VAL E 166 28.64 14.14 -7.25
C VAL E 166 29.92 14.94 -7.08
N ALA E 167 29.86 16.07 -6.33
CA ALA E 167 31.06 16.87 -6.12
C ALA E 167 32.01 16.22 -5.10
N GLN E 168 31.50 15.20 -4.40
CA GLN E 168 32.26 14.51 -3.39
C GLN E 168 32.98 13.30 -3.97
N PHE E 169 32.88 13.13 -5.24
CA PHE E 169 33.63 12.06 -5.80
C PHE E 169 35.04 12.58 -5.98
N ALA E 170 35.15 13.87 -6.18
CA ALA E 170 36.36 14.61 -6.59
C ALA E 170 37.44 14.40 -5.53
N ALA E 171 37.03 14.25 -4.27
CA ALA E 171 37.97 13.97 -3.17
C ALA E 171 38.78 12.74 -3.60
N HIS E 172 38.07 11.65 -3.92
CA HIS E 172 38.72 10.43 -4.46
C HIS E 172 38.96 10.70 -5.94
N LEU E 173 39.99 10.09 -6.53
CA LEU E 173 40.31 10.30 -7.92
C LEU E 173 41.07 11.61 -7.99
N SER E 174 42.01 11.75 -7.05
CA SER E 174 42.84 12.94 -6.93
C SER E 174 43.41 13.37 -8.27
N ALA E 178 44.42 10.05 -9.22
CA ALA E 178 45.73 9.74 -8.68
C ALA E 178 45.61 8.83 -7.46
N ALA E 179 44.44 8.80 -6.86
CA ALA E 179 44.23 7.90 -5.72
C ALA E 179 43.27 6.76 -6.01
N PRO E 180 43.55 6.00 -7.08
CA PRO E 180 42.77 4.86 -7.56
C PRO E 180 42.32 3.98 -6.43
N GLY E 185 45.91 -2.99 6.05
CA GLY E 185 45.71 -4.40 5.79
C GLY E 185 46.21 -5.15 6.98
N LEU E 186 45.33 -5.92 7.61
CA LEU E 186 45.70 -6.69 8.79
C LEU E 186 46.73 -7.80 8.47
N GLU E 187 47.48 -8.22 9.48
CA GLU E 187 48.51 -9.23 9.27
C GLU E 187 48.15 -10.74 9.45
N HIS E 188 47.00 -11.07 10.03
CA HIS E 188 46.57 -12.47 10.21
C HIS E 188 46.61 -13.14 8.82
N HIS E 189 46.05 -12.45 7.84
CA HIS E 189 46.15 -12.74 6.41
C HIS E 189 46.76 -14.08 5.99
N PRO F 2 -6.36 -28.87 20.76
CA PRO F 2 -5.49 -27.98 21.53
C PRO F 2 -4.05 -27.95 21.00
N GLY F 3 -3.74 -27.08 20.05
CA GLY F 3 -2.39 -27.00 19.50
C GLY F 3 -2.15 -25.99 18.41
N PRO F 4 -1.10 -25.19 18.56
CA PRO F 4 -0.68 -24.13 17.66
C PRO F 4 -0.05 -24.54 16.33
N ARG F 5 0.32 -23.56 15.53
CA ARG F 5 0.91 -23.76 14.17
C ARG F 5 2.28 -23.07 14.12
N ILE F 6 3.35 -23.80 14.43
CA ILE F 6 4.69 -23.26 14.41
C ILE F 6 5.29 -23.50 13.03
N VAL F 7 5.90 -22.45 12.45
CA VAL F 7 6.76 -22.62 11.30
C VAL F 7 8.11 -22.01 11.65
N ALA F 8 9.18 -22.55 11.05
CA ALA F 8 10.52 -22.07 11.22
C ALA F 8 11.15 -21.83 9.86
N PHE F 9 11.94 -20.77 9.78
CA PHE F 9 12.64 -20.39 8.58
C PHE F 9 14.08 -19.99 8.91
N ALA F 10 15.00 -20.61 8.18
CA ALA F 10 16.42 -20.33 8.29
C ALA F 10 16.92 -20.00 6.90
N GLY F 11 17.79 -18.98 6.82
CA GLY F 11 18.18 -18.51 5.49
C GLY F 11 19.50 -19.15 5.03
N SER F 12 19.66 -20.46 5.26
CA SER F 12 20.96 -21.11 5.12
C SER F 12 21.29 -21.68 3.76
N TRP F 13 20.38 -22.37 3.08
CA TRP F 13 20.55 -22.97 1.77
C TRP F 13 21.68 -23.96 1.59
N SER F 14 22.04 -24.56 2.72
CA SER F 14 23.18 -25.52 2.75
C SER F 14 22.65 -26.89 3.16
N ARG F 15 23.56 -27.87 3.20
CA ARG F 15 23.18 -29.22 3.57
C ARG F 15 23.68 -29.39 5.02
N PRO F 16 24.95 -29.09 5.37
CA PRO F 16 25.35 -29.12 6.77
C PRO F 16 25.13 -27.77 7.44
N SER F 17 23.90 -27.25 7.37
CA SER F 17 23.64 -25.86 7.84
C SER F 17 23.65 -25.69 9.36
N LYS F 18 24.41 -24.70 9.86
CA LYS F 18 24.37 -24.38 11.29
C LYS F 18 23.17 -23.52 11.64
N THR F 19 22.54 -22.92 10.62
CA THR F 19 21.43 -22.01 10.89
C THR F 19 20.13 -22.81 10.95
N ARG F 20 20.05 -23.87 10.11
CA ARG F 20 18.84 -24.68 10.07
C ARG F 20 18.75 -25.58 11.30
N SER F 21 19.89 -25.90 11.91
CA SER F 21 19.93 -26.70 13.13
C SER F 21 19.49 -25.91 14.34
N LEU F 22 19.48 -24.57 14.26
CA LEU F 22 18.96 -23.73 15.33
C LEU F 22 17.44 -23.65 15.27
N VAL F 23 16.87 -23.62 14.08
CA VAL F 23 15.43 -23.45 13.97
C VAL F 23 14.73 -24.82 14.05
N GLU F 24 15.49 -25.89 13.78
CA GLU F 24 14.99 -27.25 13.97
C GLU F 24 14.88 -27.55 15.48
N GLU F 25 15.80 -27.02 16.27
CA GLU F 25 15.75 -27.22 17.71
C GLU F 25 14.79 -26.25 18.36
N ALA F 26 14.63 -25.06 17.81
CA ALA F 26 13.78 -24.03 18.39
C ALA F 26 12.30 -24.32 18.13
N ALA F 27 12.01 -25.13 17.11
CA ALA F 27 10.68 -25.67 16.90
C ALA F 27 10.37 -26.77 17.92
N ARG F 28 11.37 -27.56 18.30
CA ARG F 28 11.25 -28.61 19.28
C ARG F 28 10.95 -28.04 20.67
N ARG F 29 11.46 -26.87 20.96
CA ARG F 29 11.21 -26.20 22.24
C ARG F 29 9.82 -25.62 22.25
N ALA F 30 9.22 -25.37 21.09
CA ALA F 30 7.87 -24.82 21.02
C ALA F 30 6.84 -25.96 21.13
N VAL F 31 7.21 -27.15 20.62
CA VAL F 31 6.28 -28.25 20.70
C VAL F 31 6.35 -28.88 22.10
N ALA F 32 7.46 -28.67 22.81
CA ALA F 32 7.61 -29.31 24.11
C ALA F 32 6.91 -28.52 25.20
N ARG F 33 6.87 -27.19 25.07
CA ARG F 33 6.25 -26.34 26.05
C ARG F 33 4.76 -26.17 25.76
N PHE F 34 4.38 -26.15 24.47
CA PHE F 34 2.99 -26.02 24.08
C PHE F 34 2.71 -27.03 22.99
N GLY F 35 1.48 -27.04 22.45
CA GLY F 35 1.08 -28.13 21.58
C GLY F 35 1.40 -27.85 20.11
N GLY F 36 0.94 -28.73 19.24
CA GLY F 36 0.89 -28.51 17.80
C GLY F 36 2.24 -28.70 17.15
N SER F 37 2.32 -29.43 16.03
CA SER F 37 3.58 -29.73 15.41
C SER F 37 4.06 -28.56 14.57
N ALA F 38 5.33 -28.62 14.13
CA ALA F 38 6.03 -27.56 13.47
C ALA F 38 6.32 -27.87 11.99
N HIS F 39 6.87 -26.88 11.33
CA HIS F 39 7.28 -26.99 9.93
C HIS F 39 8.59 -26.26 9.75
N VAL F 40 9.65 -26.90 9.29
CA VAL F 40 11.01 -26.40 9.56
C VAL F 40 11.76 -26.00 8.30
N PHE F 41 11.14 -25.38 7.30
CA PHE F 41 11.74 -25.35 5.98
C PHE F 41 12.92 -24.40 5.92
N ASP F 42 13.51 -24.30 4.74
CA ASP F 42 14.77 -23.64 4.46
C ASP F 42 14.68 -23.05 3.04
N ILE F 43 15.70 -22.29 2.64
CA ILE F 43 15.71 -21.71 1.32
C ILE F 43 16.01 -22.78 0.26
N ALA F 44 16.78 -23.80 0.66
CA ALA F 44 17.06 -24.92 -0.24
C ALA F 44 15.81 -25.78 -0.42
N ASP F 45 14.90 -25.75 0.52
CA ASP F 45 13.60 -26.41 0.40
C ASP F 45 12.66 -25.61 -0.48
N LEU F 46 12.96 -24.33 -0.75
CA LEU F 46 12.06 -23.50 -1.53
C LEU F 46 12.28 -23.69 -3.01
N GLY F 47 13.37 -24.31 -3.45
CA GLY F 47 13.56 -24.61 -4.84
C GLY F 47 14.39 -23.52 -5.53
N PRO F 48 14.52 -23.60 -6.86
CA PRO F 48 15.17 -22.53 -7.62
C PRO F 48 14.39 -21.21 -7.66
N ASP F 49 15.12 -20.18 -8.03
CA ASP F 49 14.59 -18.83 -8.10
C ASP F 49 14.09 -18.57 -9.54
N PHE F 50 13.02 -19.25 -9.90
CA PHE F 50 12.26 -18.96 -11.11
C PHE F 50 11.40 -17.70 -11.02
N GLY F 51 11.15 -17.18 -9.82
CA GLY F 51 10.17 -16.13 -9.64
C GLY F 51 10.69 -14.68 -9.68
N SER F 52 10.97 -14.23 -10.90
CA SER F 52 11.27 -12.82 -11.15
C SER F 52 10.02 -12.01 -11.34
N LEU F 53 8.83 -12.55 -11.07
CA LEU F 53 7.53 -11.94 -11.27
C LEU F 53 6.71 -12.22 -10.01
N ARG F 54 5.44 -11.83 -9.98
CA ARG F 54 4.47 -12.14 -8.96
C ARG F 54 4.11 -13.62 -8.79
N GLN F 55 4.66 -14.56 -9.55
CA GLN F 55 4.08 -15.87 -9.66
C GLN F 55 4.42 -16.78 -8.47
N PRO F 56 3.41 -17.35 -7.78
CA PRO F 56 3.61 -18.53 -6.94
C PRO F 56 3.43 -19.80 -7.80
N GLN F 57 4.34 -19.99 -8.73
CA GLN F 57 4.19 -21.02 -9.76
C GLN F 57 4.85 -22.33 -9.40
N ASP F 58 5.88 -22.35 -8.53
CA ASP F 58 6.60 -23.58 -8.28
C ASP F 58 6.04 -24.19 -7.02
N HIS F 61 7.72 -23.74 -3.30
CA HIS F 61 7.80 -22.51 -2.50
C HIS F 61 6.44 -22.08 -2.07
N THR F 62 5.35 -22.55 -2.68
CA THR F 62 4.04 -22.06 -2.33
C THR F 62 3.58 -22.73 -1.03
N ARG F 63 4.03 -23.96 -0.81
CA ARG F 63 3.55 -24.71 0.36
C ARG F 63 4.18 -24.16 1.63
N HIS F 64 5.36 -23.57 1.51
CA HIS F 64 6.02 -22.95 2.65
C HIS F 64 5.60 -21.50 2.82
N LEU F 65 5.13 -20.85 1.73
CA LEU F 65 4.62 -19.51 1.87
C LEU F 65 3.21 -19.52 2.45
N ASP F 66 2.43 -20.57 2.14
CA ASP F 66 1.06 -20.70 2.62
C ASP F 66 1.07 -21.11 4.09
N ALA F 67 2.11 -21.86 4.51
CA ALA F 67 2.21 -22.23 5.91
C ALA F 67 2.78 -21.07 6.72
N PHE F 68 3.50 -20.15 6.06
CA PHE F 68 4.15 -19.10 6.84
C PHE F 68 3.09 -18.06 7.24
N LEU F 69 2.12 -17.83 6.35
CA LEU F 69 1.13 -16.80 6.58
C LEU F 69 0.00 -17.36 7.47
N ALA F 70 -0.15 -18.69 7.51
CA ALA F 70 -1.23 -19.32 8.26
C ALA F 70 -0.76 -19.68 9.66
N ALA F 71 0.47 -19.27 10.05
CA ALA F 71 1.02 -19.69 11.32
C ALA F 71 0.42 -18.85 12.45
N ASP F 72 0.66 -19.33 13.68
CA ASP F 72 0.43 -18.54 14.88
C ASP F 72 1.73 -18.25 15.66
N ALA F 73 2.82 -18.85 15.23
CA ALA F 73 4.15 -18.61 15.76
C ALA F 73 5.14 -18.73 14.61
N LEU F 74 6.11 -17.80 14.59
CA LEU F 74 7.12 -17.76 13.55
C LEU F 74 8.50 -17.80 14.23
N ILE F 75 9.38 -18.58 13.60
CA ILE F 75 10.77 -18.63 14.08
C ILE F 75 11.67 -18.29 12.90
N VAL F 76 12.41 -17.19 13.03
CA VAL F 76 13.09 -16.62 11.87
C VAL F 76 14.55 -16.42 12.23
N ALA F 77 15.38 -16.81 11.28
CA ALA F 77 16.83 -16.77 11.48
C ALA F 77 17.49 -16.55 10.14
N SER F 78 18.70 -15.97 10.21
CA SER F 78 19.49 -15.80 9.00
C SER F 78 20.96 -15.85 9.35
N PRO F 79 21.81 -16.49 8.51
CA PRO F 79 23.25 -16.35 8.70
C PRO F 79 23.72 -14.96 8.28
N VAL F 80 24.64 -14.39 9.06
CA VAL F 80 25.02 -13.01 8.86
C VAL F 80 26.05 -12.93 7.74
N TYR F 81 25.65 -12.22 6.67
CA TYR F 81 26.55 -11.92 5.56
C TYR F 81 26.57 -10.40 5.44
N LYS F 82 27.75 -9.82 5.48
CA LYS F 82 27.99 -8.39 5.22
C LYS F 82 27.22 -7.50 6.18
N GLY F 83 27.29 -7.83 7.47
CA GLY F 83 26.72 -7.01 8.52
C GLY F 83 25.20 -7.06 8.58
N SER F 84 24.60 -8.02 7.87
CA SER F 84 23.16 -8.01 7.60
C SER F 84 22.79 -9.43 7.17
N TYR F 85 21.50 -9.60 6.92
CA TYR F 85 20.99 -10.94 6.57
C TYR F 85 21.29 -11.27 5.12
N THR F 86 20.97 -12.52 4.76
CA THR F 86 21.23 -13.08 3.46
C THR F 86 20.25 -12.49 2.44
N GLY F 87 20.68 -12.47 1.18
CA GLY F 87 19.91 -11.84 0.13
C GLY F 87 18.74 -12.67 -0.35
N LEU F 88 18.87 -13.99 -0.35
CA LEU F 88 17.77 -14.87 -0.75
C LEU F 88 16.74 -14.94 0.39
N PHE F 89 17.19 -14.61 1.61
CA PHE F 89 16.31 -14.59 2.76
C PHE F 89 15.38 -13.40 2.66
N LYS F 90 15.92 -12.26 2.20
CA LYS F 90 15.12 -11.04 2.10
C LYS F 90 14.17 -11.11 0.91
N HIS F 91 14.53 -11.95 -0.10
CA HIS F 91 13.67 -12.07 -1.26
C HIS F 91 12.42 -12.85 -0.91
N PHE F 92 12.49 -13.72 0.10
CA PHE F 92 11.31 -14.41 0.60
C PHE F 92 10.40 -13.44 1.36
N ILE F 93 11.03 -12.48 2.05
CA ILE F 93 10.27 -11.52 2.82
C ILE F 93 9.71 -10.42 1.92
N ASP F 94 10.39 -10.16 0.82
CA ASP F 94 9.88 -9.24 -0.22
C ASP F 94 8.73 -9.67 -1.11
N LEU F 95 8.45 -10.99 -1.04
CA LEU F 95 7.38 -11.71 -1.79
C LEU F 95 6.20 -12.02 -0.87
N ILE F 96 6.40 -11.84 0.45
CA ILE F 96 5.38 -11.96 1.48
C ILE F 96 4.77 -10.55 1.38
N GLU F 97 3.46 -10.47 1.50
CA GLU F 97 2.74 -9.24 1.26
C GLU F 97 3.00 -8.28 2.39
N PRO F 98 3.04 -6.96 2.11
CA PRO F 98 3.26 -5.95 3.14
C PRO F 98 2.28 -6.27 4.28
N VAL F 99 1.01 -6.50 3.91
CA VAL F 99 0.01 -6.86 4.89
C VAL F 99 0.01 -8.40 4.93
N ALA F 100 0.85 -8.92 5.83
CA ALA F 100 0.78 -10.37 6.09
C ALA F 100 0.97 -10.78 7.54
N LEU F 101 1.68 -10.02 8.41
CA LEU F 101 2.24 -10.60 9.62
C LEU F 101 1.89 -9.89 10.92
N VAL F 102 0.82 -9.13 11.01
CA VAL F 102 0.39 -8.53 12.26
C VAL F 102 0.02 -9.57 13.33
N GLY F 103 0.39 -9.32 14.57
CA GLY F 103 -0.10 -10.14 15.67
C GLY F 103 0.74 -11.39 15.90
N LYS F 104 1.41 -11.92 14.89
CA LYS F 104 2.10 -13.17 15.04
C LYS F 104 3.42 -12.94 15.75
N PRO F 105 3.72 -13.74 16.79
CA PRO F 105 5.02 -13.67 17.44
C PRO F 105 6.16 -14.23 16.57
N VAL F 106 7.22 -13.42 16.46
CA VAL F 106 8.40 -13.86 15.76
C VAL F 106 9.61 -13.95 16.69
N LEU F 107 10.13 -15.17 16.75
CA LEU F 107 11.38 -15.39 17.49
C LEU F 107 12.52 -15.13 16.54
N LEU F 108 13.32 -14.07 16.86
CA LEU F 108 14.40 -13.72 15.97
C LEU F 108 15.69 -14.34 16.43
N ALA F 109 16.45 -14.84 15.45
CA ALA F 109 17.74 -15.44 15.69
C ALA F 109 18.65 -15.05 14.54
N ALA F 110 19.96 -15.20 14.80
CA ALA F 110 20.95 -14.99 13.77
C ALA F 110 22.15 -15.88 14.10
N THR F 111 22.63 -16.58 13.07
CA THR F 111 23.71 -17.52 13.29
C THR F 111 24.95 -16.88 12.71
N GLY F 112 25.89 -16.56 13.61
CA GLY F 112 27.01 -15.75 13.16
C GLY F 112 28.31 -16.53 13.29
N GLY F 113 29.28 -16.17 12.43
CA GLY F 113 30.53 -16.91 12.38
C GLY F 113 31.49 -16.51 13.52
N GLY F 114 31.76 -15.19 13.56
CA GLY F 114 32.59 -14.60 14.58
C GLY F 114 31.82 -13.98 15.77
N ASP F 115 32.58 -13.35 16.65
CA ASP F 115 32.08 -13.00 18.00
C ASP F 115 31.43 -11.62 18.07
N ARG F 116 31.92 -10.65 17.30
CA ARG F 116 31.50 -9.23 17.41
C ARG F 116 30.06 -8.80 17.06
N HIS F 117 29.67 -8.85 15.79
CA HIS F 117 28.41 -8.25 15.36
C HIS F 117 27.08 -9.05 15.65
N ALA F 118 26.71 -8.87 16.91
CA ALA F 118 25.58 -9.52 17.50
C ALA F 118 24.48 -8.47 17.39
N LEU F 119 24.72 -7.32 16.74
CA LEU F 119 23.67 -6.32 16.65
C LEU F 119 22.94 -6.37 15.32
N VAL F 120 22.86 -7.55 14.75
CA VAL F 120 22.14 -7.78 13.51
C VAL F 120 20.66 -8.01 13.89
N ILE F 121 20.40 -8.37 15.15
CA ILE F 121 19.03 -8.73 15.49
C ILE F 121 18.28 -7.41 15.75
N GLU F 122 18.95 -6.45 16.34
CA GLU F 122 18.27 -5.23 16.74
C GLU F 122 18.26 -4.18 15.62
N HIS F 123 19.32 -4.18 14.79
CA HIS F 123 19.43 -3.21 13.71
C HIS F 123 19.07 -3.70 12.31
N GLN F 124 18.99 -5.00 12.10
CA GLN F 124 18.67 -5.52 10.78
C GLN F 124 17.45 -6.42 10.75
N LEU F 125 17.21 -7.23 11.81
CA LEU F 125 16.10 -8.19 11.75
C LEU F 125 14.84 -7.59 12.35
N ARG F 126 15.00 -6.79 13.44
CA ARG F 126 13.88 -6.22 14.13
C ARG F 126 13.29 -5.06 13.35
N PRO F 127 14.05 -4.15 12.71
CA PRO F 127 13.38 -3.10 11.94
C PRO F 127 12.70 -3.58 10.65
N VAL F 128 13.26 -4.66 10.08
CA VAL F 128 12.76 -5.14 8.80
C VAL F 128 11.50 -5.96 9.04
N PHE F 129 11.45 -6.52 10.25
CA PHE F 129 10.23 -7.22 10.73
C PHE F 129 9.32 -6.15 11.37
N GLY F 130 9.91 -4.98 11.64
CA GLY F 130 9.26 -3.84 12.21
C GLY F 130 8.48 -3.06 11.13
N PHE F 131 8.67 -3.48 9.86
CA PHE F 131 7.75 -3.15 8.81
C PHE F 131 6.37 -3.80 9.04
N PHE F 132 6.41 -5.02 9.55
CA PHE F 132 5.23 -5.69 10.07
C PHE F 132 5.09 -5.44 11.58
N GLU F 133 6.21 -5.39 12.30
CA GLU F 133 6.33 -4.98 13.69
C GLU F 133 5.56 -5.92 14.61
N ALA F 134 5.81 -7.21 14.46
CA ALA F 134 5.14 -8.29 15.13
C ALA F 134 5.19 -8.27 16.65
N HIS F 135 4.10 -8.74 17.25
CA HIS F 135 3.71 -8.51 18.62
C HIS F 135 4.71 -9.08 19.63
N THR F 136 5.42 -10.15 19.25
CA THR F 136 6.41 -10.80 20.15
C THR F 136 7.82 -10.78 19.56
N LEU F 137 8.16 -9.72 18.83
CA LEU F 137 9.51 -9.59 18.21
C LEU F 137 10.56 -9.23 19.27
N ALA F 138 10.61 -10.00 20.36
CA ALA F 138 11.56 -9.76 21.46
C ALA F 138 12.76 -10.71 21.37
N THR F 139 13.80 -10.40 22.15
CA THR F 139 15.04 -11.21 22.29
C THR F 139 15.78 -11.54 20.98
N GLY F 140 16.09 -12.84 20.85
CA GLY F 140 16.91 -13.45 19.79
C GLY F 140 18.15 -14.23 20.22
N LEU F 141 18.21 -15.53 19.88
CA LEU F 141 19.33 -16.40 20.29
C LEU F 141 20.52 -16.25 19.33
N TYR F 142 21.25 -15.14 19.44
CA TYR F 142 22.46 -14.93 18.59
C TYR F 142 23.46 -16.04 18.93
N VAL F 143 24.08 -16.66 17.94
CA VAL F 143 24.99 -17.76 18.23
C VAL F 143 26.28 -17.54 17.41
N SER F 144 27.41 -17.83 18.04
CA SER F 144 28.71 -17.76 17.39
C SER F 144 29.07 -19.14 16.83
N ALA F 145 30.31 -19.27 16.34
CA ALA F 145 30.87 -20.58 16.02
C ALA F 145 31.11 -21.47 17.24
N SER F 146 30.92 -20.96 18.45
CA SER F 146 30.79 -21.80 19.63
C SER F 146 29.33 -22.29 19.70
N ASP F 147 29.03 -23.35 18.96
CA ASP F 147 27.83 -24.12 19.25
C ASP F 147 27.88 -24.88 20.59
N ASP F 151 29.79 -34.35 17.99
CA ASP F 151 28.99 -33.50 18.87
C ASP F 151 27.56 -33.38 18.36
N GLY F 152 26.84 -32.37 18.85
CA GLY F 152 25.47 -32.15 18.45
C GLY F 152 25.27 -30.78 17.83
N LEU F 153 26.23 -29.89 18.02
CA LEU F 153 26.19 -28.54 17.48
C LEU F 153 24.87 -27.84 17.79
N ALA F 154 24.46 -27.88 19.04
CA ALA F 154 23.22 -27.25 19.48
C ALA F 154 23.28 -26.87 20.95
N SER F 155 24.37 -27.24 21.60
CA SER F 155 24.51 -27.03 23.05
C SER F 155 25.50 -25.91 23.36
N GLU F 156 25.04 -24.92 24.13
CA GLU F 156 25.86 -23.80 24.51
C GLU F 156 25.06 -22.94 25.47
N ALA F 157 25.63 -21.80 25.88
CA ALA F 157 24.98 -20.83 26.73
C ALA F 157 23.80 -20.13 26.07
N ALA F 158 23.52 -20.42 24.79
CA ALA F 158 22.41 -19.84 24.07
C ALA F 158 21.11 -20.59 24.31
N SER F 159 21.19 -21.77 24.94
CA SER F 159 20.01 -22.58 25.19
C SER F 159 19.19 -21.97 26.32
N THR F 160 19.81 -21.23 27.21
CA THR F 160 19.06 -20.58 28.27
C THR F 160 18.35 -19.35 27.71
N ARG F 161 18.97 -18.71 26.70
CA ARG F 161 18.36 -17.53 26.10
C ARG F 161 17.27 -17.96 25.14
N LEU F 162 17.42 -19.16 24.57
CA LEU F 162 16.43 -19.73 23.62
C LEU F 162 15.20 -20.18 24.42
N ASP F 163 15.43 -20.79 25.58
CA ASP F 163 14.32 -21.24 26.47
C ASP F 163 13.57 -19.99 26.96
N ARG F 164 14.32 -18.93 27.28
CA ARG F 164 13.72 -17.65 27.75
C ARG F 164 12.91 -17.06 26.59
N ALA F 165 13.37 -17.27 25.35
CA ALA F 165 12.67 -16.76 24.18
C ALA F 165 11.43 -17.61 23.89
N VAL F 166 11.52 -18.94 24.10
CA VAL F 166 10.40 -19.77 23.65
C VAL F 166 9.33 -19.76 24.74
N ALA F 167 9.72 -19.45 25.97
CA ALA F 167 8.73 -19.37 27.06
C ALA F 167 8.10 -17.99 27.10
N GLN F 168 8.29 -17.17 26.06
CA GLN F 168 8.03 -15.73 26.05
C GLN F 168 7.15 -15.38 24.86
N PHE F 169 7.14 -16.21 23.80
CA PHE F 169 6.21 -15.94 22.71
C PHE F 169 4.90 -16.64 23.01
N ALA F 170 5.02 -17.88 23.50
CA ALA F 170 3.89 -18.74 23.85
C ALA F 170 3.23 -18.29 25.14
N ALA F 171 3.82 -17.32 25.87
CA ALA F 171 3.21 -16.82 27.09
C ALA F 171 2.05 -15.86 26.79
N HIS F 172 2.30 -14.98 25.80
CA HIS F 172 1.35 -13.87 25.62
C HIS F 172 0.66 -14.16 24.30
N LEU F 173 0.43 -15.43 24.00
CA LEU F 173 -0.54 -15.79 22.95
C LEU F 173 -2.10 -15.49 23.12
N SER F 174 -2.34 -14.71 24.18
CA SER F 174 -3.58 -14.53 24.91
C SER F 174 -3.78 -15.85 25.69
N ARG F 175 -2.65 -16.46 26.07
CA ARG F 175 -2.57 -17.72 26.76
C ARG F 175 -3.03 -18.91 25.94
N HIS F 176 -3.68 -18.76 24.78
CA HIS F 176 -4.20 -19.84 23.99
C HIS F 176 -4.11 -19.41 22.54
N ASP F 177 -3.18 -19.99 21.76
CA ASP F 177 -3.26 -20.02 20.31
C ASP F 177 -3.13 -18.64 19.65
N ALA F 179 -2.51 -14.41 20.01
CA ALA F 179 -1.60 -13.41 19.41
C ALA F 179 -1.95 -12.95 18.01
N PRO F 180 -2.10 -13.82 16.98
CA PRO F 180 -2.08 -13.38 15.58
C PRO F 180 -3.10 -12.33 15.16
N LEU F 181 -4.22 -12.25 15.90
CA LEU F 181 -5.09 -11.09 15.88
C LEU F 181 -5.48 -10.82 17.33
N HIS F 188 -9.79 0.92 3.37
CA HIS F 188 -10.56 0.00 4.22
C HIS F 188 -9.77 -1.27 4.61
N HIS F 189 -8.91 -1.77 3.72
CA HIS F 189 -7.99 -2.87 3.86
C HIS F 189 -6.91 -2.98 2.81
N HIS F 190 -6.29 -4.14 2.64
CA HIS F 190 -5.23 -4.31 1.64
C HIS F 190 -4.73 -5.75 1.61
N MET G 1 -3.74 -2.28 45.40
CA MET G 1 -3.15 -1.32 44.52
C MET G 1 -4.03 -1.14 43.27
N PRO G 2 -4.06 0.09 42.68
CA PRO G 2 -4.51 0.28 41.30
C PRO G 2 -3.56 -0.38 40.29
N GLY G 3 -4.09 -1.33 39.50
CA GLY G 3 -3.28 -2.39 38.90
C GLY G 3 -2.24 -1.92 37.88
N PRO G 4 -2.67 -1.42 36.71
CA PRO G 4 -1.75 -0.76 35.77
C PRO G 4 -1.34 0.62 36.29
N ARG G 5 -0.05 0.74 36.59
CA ARG G 5 0.52 1.98 37.06
C ARG G 5 1.38 2.35 35.87
N ILE G 6 0.78 2.95 34.88
CA ILE G 6 1.43 3.16 33.59
C ILE G 6 2.27 4.43 33.69
N VAL G 7 3.53 4.38 33.24
CA VAL G 7 4.37 5.56 33.34
C VAL G 7 4.80 6.02 31.95
N ALA G 8 4.75 7.34 31.75
CA ALA G 8 5.08 7.91 30.46
C ALA G 8 6.22 8.92 30.61
N PHE G 9 7.12 8.87 29.64
CA PHE G 9 8.35 9.63 29.69
C PHE G 9 8.63 10.20 28.30
N ALA G 10 9.00 11.48 28.25
CA ALA G 10 9.23 12.23 27.04
C ALA G 10 10.67 12.79 27.03
N GLY G 11 11.09 13.26 25.86
CA GLY G 11 12.46 13.62 25.62
C GLY G 11 12.67 15.10 25.40
N SER G 12 11.64 15.93 25.46
CA SER G 12 11.86 17.38 25.18
C SER G 12 11.30 18.30 26.26
N TRP G 13 12.19 19.06 26.91
CA TRP G 13 11.85 20.08 27.88
C TRP G 13 11.01 21.29 27.51
N SER G 14 10.73 21.57 26.23
CA SER G 14 10.28 22.87 25.81
C SER G 14 8.83 23.11 26.23
N ARG G 15 8.45 24.38 26.25
CA ARG G 15 7.09 24.86 26.36
C ARG G 15 6.20 24.49 25.16
N PRO G 16 6.63 24.54 23.88
CA PRO G 16 6.03 23.66 22.86
C PRO G 16 6.38 22.23 23.34
N SER G 17 5.35 21.52 23.81
CA SER G 17 5.56 20.21 24.46
C SER G 17 4.84 19.06 23.73
N LYS G 18 4.81 19.17 22.40
CA LYS G 18 4.17 18.16 21.56
C LYS G 18 4.55 16.73 21.94
N THR G 19 5.62 16.54 22.73
CA THR G 19 5.90 15.24 23.31
C THR G 19 5.02 14.97 24.53
N ARG G 20 4.69 16.03 25.28
CA ARG G 20 3.80 15.89 26.43
C ARG G 20 2.36 15.64 25.98
N SER G 21 2.01 16.14 24.79
CA SER G 21 0.67 16.00 24.26
C SER G 21 0.42 14.57 23.76
N LEU G 22 1.48 13.87 23.38
CA LEU G 22 1.35 12.54 22.80
C LEU G 22 1.31 11.52 23.92
N VAL G 23 2.10 11.80 24.97
CA VAL G 23 2.21 10.81 26.04
C VAL G 23 1.08 11.03 27.03
N GLU G 24 0.40 12.18 27.00
CA GLU G 24 -0.78 12.35 27.85
C GLU G 24 -1.96 11.58 27.27
N GLU G 25 -2.03 11.50 25.93
CA GLU G 25 -3.13 10.78 25.31
C GLU G 25 -2.85 9.29 25.28
N ALA G 26 -1.56 8.91 25.32
CA ALA G 26 -1.21 7.50 25.39
C ALA G 26 -1.49 6.93 26.81
N ALA G 27 -1.35 7.82 27.80
CA ALA G 27 -1.56 7.39 29.17
C ALA G 27 -3.04 7.40 29.49
N ARG G 28 -3.76 8.37 28.93
CA ARG G 28 -5.20 8.49 29.19
C ARG G 28 -5.94 7.36 28.49
N ARG G 29 -5.39 6.91 27.33
CA ARG G 29 -6.04 5.82 26.62
C ARG G 29 -5.73 4.50 27.31
N ALA G 30 -4.67 4.45 28.12
CA ALA G 30 -4.32 3.24 28.83
C ALA G 30 -5.14 3.11 30.11
N VAL G 31 -5.47 4.25 30.73
CA VAL G 31 -6.26 4.24 31.95
C VAL G 31 -7.74 3.99 31.61
N ALA G 32 -8.13 4.37 30.38
CA ALA G 32 -9.50 4.14 29.94
C ALA G 32 -9.69 2.67 29.55
N ARG G 33 -8.59 1.95 29.27
CA ARG G 33 -8.69 0.58 28.82
C ARG G 33 -8.20 -0.42 29.85
N PHE G 34 -7.43 -0.02 30.85
CA PHE G 34 -6.87 -0.95 31.79
C PHE G 34 -7.05 -0.47 33.23
N GLY G 35 -7.13 0.84 33.44
CA GLY G 35 -7.35 1.38 34.76
C GLY G 35 -6.05 1.65 35.50
N GLY G 36 -6.20 2.38 36.61
CA GLY G 36 -5.10 2.61 37.54
C GLY G 36 -4.66 4.07 37.58
N SER G 37 -3.36 4.28 37.68
CA SER G 37 -2.76 5.60 37.80
C SER G 37 -1.74 5.81 36.68
N ALA G 38 -1.55 7.09 36.31
CA ALA G 38 -0.53 7.46 35.34
C ALA G 38 0.68 8.26 35.76
N HIS G 39 0.53 9.29 36.58
CA HIS G 39 1.61 10.22 36.92
C HIS G 39 2.79 10.49 35.95
N VAL G 40 2.45 10.85 34.70
CA VAL G 40 3.45 11.13 33.62
C VAL G 40 4.40 12.28 33.97
N PHE G 41 5.64 12.20 33.49
CA PHE G 41 6.68 13.24 33.73
C PHE G 41 7.57 13.47 32.51
N ASP G 42 8.21 14.64 32.44
CA ASP G 42 9.11 15.00 31.30
C ASP G 42 10.49 15.36 31.87
N ILE G 43 11.50 15.46 30.99
CA ILE G 43 12.85 15.79 31.43
C ILE G 43 12.86 17.19 32.05
N ALA G 44 11.92 18.04 31.67
CA ALA G 44 11.77 19.35 32.32
C ALA G 44 11.21 19.18 33.72
N ASP G 45 10.45 18.10 33.96
CA ASP G 45 9.99 17.78 35.30
C ASP G 45 11.09 17.16 36.15
N LEU G 46 12.19 16.71 35.54
CA LEU G 46 13.40 16.44 36.31
C LEU G 46 14.09 17.79 36.57
N GLY G 47 14.93 17.85 37.59
CA GLY G 47 15.83 18.99 37.71
C GLY G 47 16.95 18.85 36.67
N PRO G 48 17.79 19.90 36.61
CA PRO G 48 19.04 19.88 35.84
C PRO G 48 19.88 18.96 36.74
N ASP G 49 20.35 17.84 36.17
CA ASP G 49 21.08 16.74 36.89
C ASP G 49 21.82 17.22 38.14
N PHE G 50 21.56 16.57 39.29
CA PHE G 50 22.19 16.92 40.55
C PHE G 50 23.49 16.18 40.83
N GLY G 51 23.79 15.08 40.10
CA GLY G 51 25.03 14.36 40.36
C GLY G 51 26.06 14.58 39.27
N SER G 52 25.55 14.56 38.01
CA SER G 52 26.35 14.44 36.80
C SER G 52 27.28 13.19 36.75
N LEU G 53 26.79 12.14 37.38
CA LEU G 53 27.62 11.05 37.93
C LEU G 53 26.71 9.83 37.98
N ARG G 54 27.19 8.73 38.56
CA ARG G 54 26.41 7.57 38.94
C ARG G 54 25.82 7.75 40.35
N GLN G 55 24.98 8.80 40.44
CA GLN G 55 24.20 9.07 41.66
C GLN G 55 22.70 8.89 41.45
N PRO G 56 22.13 7.69 41.67
CA PRO G 56 20.74 7.43 41.33
C PRO G 56 19.74 7.90 42.36
N GLN G 57 20.11 8.05 43.64
CA GLN G 57 19.12 8.29 44.68
C GLN G 57 19.24 9.76 45.07
N ASP G 58 18.50 10.65 44.39
CA ASP G 58 18.46 12.04 44.82
C ASP G 58 17.07 12.62 44.60
N GLY G 59 16.92 13.92 44.84
CA GLY G 59 15.65 14.58 45.02
C GLY G 59 14.78 14.74 43.79
N PRO G 60 15.22 15.38 42.69
CA PRO G 60 14.47 15.36 41.43
C PRO G 60 14.28 14.03 40.71
N HIS G 61 14.88 12.95 41.22
CA HIS G 61 14.79 11.65 40.62
C HIS G 61 14.24 10.61 41.59
N THR G 62 13.65 11.01 42.71
CA THR G 62 13.28 10.07 43.74
C THR G 62 12.00 9.33 43.36
N ARG G 63 11.17 9.94 42.50
CA ARG G 63 9.94 9.32 42.07
C ARG G 63 9.89 9.19 40.56
N HIS G 64 10.77 9.88 39.82
CA HIS G 64 10.70 9.84 38.37
C HIS G 64 11.51 8.70 37.77
N LEU G 65 12.34 8.08 38.60
CA LEU G 65 13.19 6.94 38.19
C LEU G 65 12.89 5.72 39.08
N ASP G 66 12.19 5.94 40.21
CA ASP G 66 11.86 4.83 41.10
C ASP G 66 10.55 4.19 40.68
N ALA G 67 9.64 5.04 40.19
CA ALA G 67 8.34 4.52 39.73
C ALA G 67 8.46 3.95 38.33
N PHE G 68 9.52 4.34 37.59
CA PHE G 68 9.73 3.82 36.25
C PHE G 68 10.12 2.33 36.31
N LEU G 69 10.92 1.99 37.31
CA LEU G 69 11.38 0.63 37.53
C LEU G 69 10.32 -0.22 38.20
N ALA G 70 9.35 0.44 38.85
CA ALA G 70 8.20 -0.27 39.47
C ALA G 70 7.33 -0.81 38.35
N ALA G 71 7.45 -2.11 38.20
CA ALA G 71 6.82 -2.93 37.16
C ALA G 71 5.45 -2.47 36.66
N ASP G 72 5.33 -2.33 35.34
CA ASP G 72 4.13 -1.66 34.87
C ASP G 72 4.24 -1.67 33.37
N ALA G 73 3.38 -0.90 32.69
CA ALA G 73 3.50 -0.52 31.30
C ALA G 73 4.38 0.72 31.19
N LEU G 74 5.10 0.83 30.07
CA LEU G 74 5.96 1.98 29.81
C LEU G 74 5.60 2.65 28.51
N ILE G 75 5.57 3.98 28.48
CA ILE G 75 5.43 4.75 27.26
C ILE G 75 6.63 5.68 27.17
N VAL G 76 7.32 5.62 26.01
CA VAL G 76 8.46 6.46 25.78
C VAL G 76 8.29 7.27 24.51
N ALA G 77 8.77 8.52 24.50
CA ALA G 77 8.85 9.34 23.32
C ALA G 77 10.07 10.24 23.37
N SER G 78 10.46 10.76 22.21
CA SER G 78 11.54 11.72 22.11
C SER G 78 11.39 12.49 20.81
N PRO G 79 11.73 13.78 20.73
CA PRO G 79 11.86 14.47 19.47
C PRO G 79 13.12 14.05 18.73
N VAL G 80 13.24 14.61 17.54
CA VAL G 80 14.33 14.36 16.59
C VAL G 80 15.00 15.74 16.48
N TYR G 81 15.92 16.02 17.36
CA TYR G 81 16.53 17.34 17.50
C TYR G 81 17.97 17.18 17.01
N LYS G 82 18.34 15.92 16.75
CA LYS G 82 19.49 15.57 15.90
C LYS G 82 19.18 14.26 15.22
N GLY G 83 20.24 13.54 14.80
CA GLY G 83 20.12 12.36 13.98
C GLY G 83 19.48 11.15 14.68
N SER G 84 19.02 11.37 15.92
CA SER G 84 18.36 10.38 16.74
C SER G 84 17.60 11.08 17.86
N TYR G 85 17.37 10.42 18.99
CA TYR G 85 16.78 11.00 20.16
C TYR G 85 17.67 12.07 20.80
N THR G 86 17.12 12.73 21.82
CA THR G 86 17.86 13.76 22.51
C THR G 86 18.86 13.14 23.49
N GLY G 87 19.75 14.01 23.97
CA GLY G 87 20.88 13.59 24.79
C GLY G 87 20.47 13.32 26.22
N LEU G 88 19.57 14.14 26.76
CA LEU G 88 19.16 14.01 28.14
C LEU G 88 18.15 12.87 28.28
N PHE G 89 17.57 12.44 27.16
CA PHE G 89 16.71 11.27 27.14
C PHE G 89 17.57 10.03 27.34
N LYS G 90 18.74 9.99 26.69
CA LYS G 90 19.60 8.82 26.80
C LYS G 90 20.35 8.85 28.13
N HIS G 91 20.53 10.03 28.72
CA HIS G 91 21.20 10.08 30.02
C HIS G 91 20.30 9.55 31.12
N PHE G 92 18.98 9.62 30.91
CA PHE G 92 18.04 9.02 31.84
C PHE G 92 18.04 7.50 31.66
N ILE G 93 18.24 7.06 30.43
CA ILE G 93 18.25 5.64 30.10
C ILE G 93 19.59 5.03 30.51
N ASP G 94 20.66 5.83 30.54
CA ASP G 94 21.96 5.39 31.00
C ASP G 94 21.99 5.17 32.51
N LEU G 95 20.97 5.53 33.23
CA LEU G 95 20.77 5.30 34.64
C LEU G 95 19.97 4.03 34.89
N ILE G 96 19.61 3.25 33.87
CA ILE G 96 18.94 2.00 34.09
C ILE G 96 19.98 0.89 34.09
N GLU G 97 19.85 -0.02 35.06
CA GLU G 97 20.66 -1.22 35.12
C GLU G 97 20.26 -2.16 34.00
N PRO G 98 21.18 -2.87 33.36
CA PRO G 98 20.87 -3.64 32.16
C PRO G 98 19.78 -4.69 32.29
N VAL G 99 19.54 -5.16 33.53
CA VAL G 99 18.55 -6.23 33.67
C VAL G 99 17.43 -5.75 34.60
N ALA G 100 17.30 -4.43 34.69
CA ALA G 100 16.30 -3.81 35.53
C ALA G 100 14.95 -3.95 34.85
N LEU G 101 14.98 -4.06 33.54
CA LEU G 101 13.76 -4.22 32.75
C LEU G 101 13.31 -5.65 32.49
N VAL G 102 14.21 -6.60 32.76
CA VAL G 102 14.03 -8.00 32.38
C VAL G 102 12.52 -8.17 32.44
N GLY G 103 11.92 -8.43 31.27
CA GLY G 103 10.47 -8.63 31.20
C GLY G 103 9.52 -7.48 31.40
N LYS G 104 9.80 -6.34 30.75
CA LYS G 104 8.92 -5.18 30.86
C LYS G 104 8.57 -4.62 29.50
N PRO G 105 7.26 -4.62 29.16
CA PRO G 105 6.77 -4.10 27.88
C PRO G 105 6.88 -2.58 27.83
N VAL G 106 7.11 -2.04 26.62
CA VAL G 106 7.24 -0.60 26.45
C VAL G 106 6.77 -0.16 25.07
N LEU G 107 5.98 0.91 25.04
CA LEU G 107 5.46 1.45 23.80
C LEU G 107 6.29 2.66 23.44
N LEU G 108 6.95 2.61 22.31
CA LEU G 108 7.82 3.65 21.76
C LEU G 108 7.03 4.69 20.97
N ALA G 109 7.51 5.89 20.86
CA ALA G 109 6.92 6.98 20.12
C ALA G 109 8.02 7.96 19.75
N ALA G 110 7.73 8.87 18.82
CA ALA G 110 8.65 9.90 18.41
C ALA G 110 7.88 11.06 17.79
N THR G 111 8.35 12.29 18.02
CA THR G 111 7.74 13.46 17.44
C THR G 111 8.72 14.13 16.49
N GLY G 112 8.22 14.51 15.33
CA GLY G 112 9.04 15.23 14.41
C GLY G 112 8.21 16.29 13.68
N GLY G 113 8.95 17.11 12.94
CA GLY G 113 8.32 18.14 12.12
C GLY G 113 8.36 17.71 10.67
N GLY G 114 9.45 17.09 10.21
CA GLY G 114 9.52 16.66 8.83
C GLY G 114 9.57 15.14 8.70
N ASP G 115 8.87 14.60 7.70
CA ASP G 115 8.56 13.20 7.58
C ASP G 115 9.76 12.32 7.20
N ARG G 116 10.95 12.89 7.09
CA ARG G 116 12.13 12.18 6.70
C ARG G 116 12.70 11.34 7.84
N HIS G 117 12.39 11.69 9.10
CA HIS G 117 12.97 11.00 10.22
C HIS G 117 12.03 9.97 10.83
N ALA G 118 11.17 9.35 10.02
CA ALA G 118 10.17 8.45 10.55
C ALA G 118 10.70 7.07 10.93
N LEU G 119 11.97 6.77 10.60
CA LEU G 119 12.53 5.49 10.97
C LEU G 119 13.43 5.59 12.20
N VAL G 120 13.04 6.49 13.10
CA VAL G 120 13.77 6.67 14.39
C VAL G 120 13.16 5.70 15.40
N ILE G 121 12.05 5.04 15.03
CA ILE G 121 11.40 4.10 15.91
C ILE G 121 12.05 2.73 15.77
N GLU G 122 12.31 2.29 14.55
CA GLU G 122 12.75 0.92 14.33
C GLU G 122 14.28 0.81 14.34
N HIS G 123 15.00 1.88 13.95
CA HIS G 123 16.45 1.77 13.97
C HIS G 123 17.10 2.49 15.14
N GLN G 124 16.35 3.36 15.81
CA GLN G 124 16.74 3.96 17.09
C GLN G 124 15.57 3.69 18.00
N LEU G 125 15.82 3.68 19.31
CA LEU G 125 14.75 3.47 20.32
C LEU G 125 14.12 2.07 20.32
N ARG G 126 14.40 1.33 19.24
CA ARG G 126 13.96 -0.09 19.14
C ARG G 126 15.13 -0.86 19.74
N PRO G 127 16.37 -0.61 19.28
CA PRO G 127 17.54 -1.24 19.87
C PRO G 127 17.88 -0.85 21.30
N VAL G 128 17.38 0.31 21.75
CA VAL G 128 17.74 0.74 23.10
C VAL G 128 16.87 -0.01 24.10
N PHE G 129 15.60 -0.29 23.70
CA PHE G 129 14.77 -1.09 24.58
C PHE G 129 14.83 -2.58 24.25
N GLY G 130 15.64 -2.92 23.27
CA GLY G 130 15.90 -4.32 22.95
C GLY G 130 17.15 -4.80 23.69
N PHE G 131 18.02 -3.80 23.95
CA PHE G 131 19.22 -4.09 24.71
C PHE G 131 18.85 -4.33 26.17
N PHE G 132 17.85 -3.57 26.64
CA PHE G 132 17.34 -3.72 27.98
C PHE G 132 16.37 -4.89 28.13
N GLU G 133 16.30 -5.79 27.14
CA GLU G 133 15.77 -7.14 27.30
C GLU G 133 14.28 -7.11 27.67
N ALA G 134 13.52 -6.38 26.86
CA ALA G 134 12.06 -6.36 26.97
C ALA G 134 11.40 -7.74 26.77
N HIS G 135 10.55 -8.13 27.72
CA HIS G 135 9.52 -9.15 27.49
C HIS G 135 8.50 -8.70 26.44
N THR G 136 8.29 -7.38 26.33
CA THR G 136 7.43 -6.83 25.31
C THR G 136 8.03 -5.55 24.79
N LEU G 137 8.32 -5.50 23.48
CA LEU G 137 8.68 -4.26 22.81
C LEU G 137 7.56 -3.93 21.86
N ALA G 138 6.58 -3.18 22.37
CA ALA G 138 5.33 -2.92 21.66
C ALA G 138 5.54 -1.87 20.56
N THR G 139 4.76 -2.00 19.48
CA THR G 139 5.05 -1.26 18.26
C THR G 139 4.73 0.23 18.44
N GLY G 140 5.65 1.12 18.06
CA GLY G 140 5.39 2.51 18.22
C GLY G 140 5.23 3.26 16.92
N LEU G 141 5.05 4.56 17.03
CA LEU G 141 4.59 5.42 15.95
C LEU G 141 5.39 6.72 16.00
N TYR G 142 5.53 7.34 14.83
CA TYR G 142 6.12 8.64 14.63
C TYR G 142 5.01 9.67 14.38
N VAL G 143 5.12 10.81 15.05
CA VAL G 143 4.21 11.91 14.83
C VAL G 143 4.92 13.05 14.12
N SER G 144 4.33 13.47 12.99
CA SER G 144 4.88 14.51 12.14
C SER G 144 4.27 15.84 12.53
N ALA G 145 4.35 16.87 11.67
CA ALA G 145 3.71 18.15 11.88
C ALA G 145 2.19 18.05 11.75
N SER G 146 1.44 19.11 12.01
CA SER G 146 0.04 19.12 12.38
C SER G 146 -0.40 18.27 13.58
N ASP G 147 0.17 18.59 14.76
CA ASP G 147 -0.15 17.87 16.01
C ASP G 147 -1.41 18.44 16.66
N GLY G 152 -0.36 25.21 20.22
CA GLY G 152 -1.21 24.70 19.13
C GLY G 152 -2.46 24.04 19.69
N LEU G 153 -2.99 23.06 18.95
CA LEU G 153 -4.15 22.30 19.37
C LEU G 153 -3.73 20.91 19.89
N ALA G 154 -4.73 20.08 20.18
CA ALA G 154 -4.47 18.80 20.84
C ALA G 154 -3.78 17.78 19.91
N SER G 155 -4.52 17.29 18.93
CA SER G 155 -4.04 16.26 18.02
C SER G 155 -4.82 16.31 16.73
N GLU G 156 -4.50 15.40 15.82
CA GLU G 156 -4.99 15.41 14.45
C GLU G 156 -5.11 13.96 13.99
N ALA G 157 -5.03 13.69 12.68
CA ALA G 157 -5.44 12.41 12.12
C ALA G 157 -4.41 11.32 12.41
N ALA G 158 -4.78 10.06 12.14
CA ALA G 158 -3.87 8.92 12.41
C ALA G 158 -3.88 8.57 13.91
N SER G 159 -4.97 8.92 14.59
CA SER G 159 -5.21 8.67 16.01
C SER G 159 -5.48 7.19 16.26
N THR G 160 -5.87 6.44 15.22
CA THR G 160 -6.07 5.02 15.36
C THR G 160 -4.75 4.29 15.47
N ARG G 161 -3.62 4.91 15.15
CA ARG G 161 -2.35 4.28 15.37
C ARG G 161 -1.97 4.29 16.87
N LEU G 162 -2.47 5.29 17.59
CA LEU G 162 -2.25 5.34 19.02
C LEU G 162 -3.27 4.46 19.72
N ASP G 163 -4.50 4.46 19.18
CA ASP G 163 -5.59 3.72 19.82
C ASP G 163 -5.35 2.19 19.67
N ARG G 164 -4.70 1.81 18.57
CA ARG G 164 -4.54 0.40 18.31
C ARG G 164 -3.22 -0.08 18.87
N ALA G 165 -2.38 0.82 19.42
CA ALA G 165 -1.11 0.38 19.97
C ALA G 165 -1.25 0.06 21.45
N VAL G 166 -2.27 0.61 22.11
CA VAL G 166 -2.41 0.40 23.54
C VAL G 166 -3.02 -0.98 23.80
N ALA G 167 -3.70 -1.56 22.81
CA ALA G 167 -4.29 -2.87 22.89
C ALA G 167 -3.22 -3.97 22.79
N GLN G 168 -1.97 -3.61 22.50
CA GLN G 168 -0.87 -4.55 22.52
C GLN G 168 -0.24 -4.65 23.91
N PHE G 169 -0.76 -3.90 24.88
CA PHE G 169 -0.34 -4.09 26.26
C PHE G 169 -1.13 -5.23 26.90
N ALA G 170 -2.28 -5.62 26.34
CA ALA G 170 -3.21 -6.43 27.10
C ALA G 170 -2.79 -7.90 27.21
N ALA G 171 -1.77 -8.31 26.42
CA ALA G 171 -1.20 -9.63 26.65
C ALA G 171 -0.09 -9.56 27.67
N HIS G 172 0.55 -8.39 27.84
CA HIS G 172 1.73 -8.25 28.75
C HIS G 172 1.55 -7.65 30.16
N LEU G 173 0.35 -7.76 30.70
CA LEU G 173 0.10 -7.31 32.07
C LEU G 173 0.03 -8.59 32.99
N ASP G 177 -0.03 -6.22 37.13
CA ASP G 177 1.31 -5.77 37.49
C ASP G 177 1.92 -6.62 38.60
N ALA G 178 2.66 -7.67 38.22
CA ALA G 178 3.26 -8.55 39.18
C ALA G 178 4.66 -8.01 39.53
N ALA G 179 5.35 -8.77 40.38
CA ALA G 179 6.75 -8.55 40.71
C ALA G 179 7.63 -9.69 40.20
N LEU G 181 10.73 -11.36 40.30
CA LEU G 181 12.05 -10.74 40.28
C LEU G 181 13.08 -11.67 39.62
N LEU G 182 12.85 -12.02 38.37
CA LEU G 182 13.75 -12.92 37.66
C LEU G 182 14.67 -12.32 36.60
N ALA G 183 15.72 -11.69 37.07
CA ALA G 183 16.77 -11.11 36.22
C ALA G 183 17.61 -12.22 35.58
N VAL G 184 17.00 -12.92 34.62
CA VAL G 184 17.57 -14.07 33.96
C VAL G 184 18.39 -13.63 32.75
N HIS G 188 21.94 -17.18 35.98
CA HIS G 188 20.69 -16.56 36.45
C HIS G 188 20.72 -15.98 37.87
N HIS G 189 20.71 -14.63 37.94
CA HIS G 189 20.81 -13.91 39.20
C HIS G 189 19.51 -13.13 39.44
N HIS G 190 18.59 -13.71 40.22
CA HIS G 190 17.22 -13.23 40.30
C HIS G 190 17.09 -12.17 41.40
N HIS G 191 17.24 -10.90 41.03
CA HIS G 191 16.92 -9.78 41.91
C HIS G 191 16.46 -8.60 41.06
N HIS G 192 16.31 -7.45 41.71
CA HIS G 192 15.93 -6.18 41.09
C HIS G 192 16.47 -5.93 39.67
N MET H 1 54.30 28.63 8.37
CA MET H 1 53.31 27.89 7.54
C MET H 1 52.07 27.60 8.40
N PRO H 2 50.85 27.77 7.85
CA PRO H 2 49.64 27.38 8.57
C PRO H 2 49.43 25.87 8.65
N GLY H 3 49.79 25.31 9.81
CA GLY H 3 49.46 23.94 10.19
C GLY H 3 47.97 23.70 10.38
N PRO H 4 47.41 22.61 9.82
CA PRO H 4 45.96 22.40 9.86
C PRO H 4 45.44 22.06 11.25
N ARG H 5 44.29 22.59 11.62
CA ARG H 5 43.65 22.34 12.90
C ARG H 5 42.95 20.98 12.92
N ILE H 6 43.50 20.01 13.69
CA ILE H 6 42.76 18.80 13.98
C ILE H 6 42.18 18.93 15.39
N VAL H 7 40.93 18.52 15.58
CA VAL H 7 40.31 18.52 16.88
C VAL H 7 39.78 17.11 17.19
N ALA H 8 39.73 16.76 18.47
CA ALA H 8 39.36 15.45 18.94
C ALA H 8 38.39 15.57 20.10
N PHE H 9 37.49 14.60 20.25
CA PHE H 9 36.39 14.64 21.20
C PHE H 9 36.14 13.23 21.71
N ALA H 10 35.96 13.07 23.04
CA ALA H 10 35.60 11.84 23.69
C ALA H 10 34.26 11.95 24.41
N GLY H 11 33.56 10.82 24.52
CA GLY H 11 32.24 10.82 25.12
C GLY H 11 32.19 10.25 26.52
N SER H 12 33.31 10.22 27.25
CA SER H 12 33.41 9.70 28.60
C SER H 12 33.78 10.79 29.60
N TRP H 13 33.21 10.74 30.82
CA TRP H 13 33.65 11.67 31.85
C TRP H 13 34.67 11.07 32.77
N SER H 14 35.14 9.84 32.61
CA SER H 14 36.15 9.29 33.50
C SER H 14 37.51 9.95 33.31
N ARG H 15 38.27 10.07 34.39
CA ARG H 15 39.54 10.81 34.35
C ARG H 15 40.64 9.96 33.71
N PRO H 16 40.88 8.69 34.11
CA PRO H 16 41.76 7.81 33.35
C PRO H 16 40.99 7.08 32.25
N SER H 17 40.50 7.86 31.28
CA SER H 17 39.57 7.34 30.26
C SER H 17 40.27 6.55 29.16
N LYS H 18 39.68 5.39 28.82
CA LYS H 18 40.17 4.64 27.67
C LYS H 18 39.56 5.13 26.37
N THR H 19 38.59 6.04 26.44
CA THR H 19 38.10 6.76 25.27
C THR H 19 39.01 7.94 24.95
N ARG H 20 39.55 8.56 26.00
CA ARG H 20 40.52 9.64 25.85
C ARG H 20 41.86 9.08 25.38
N SER H 21 42.15 7.82 25.69
CA SER H 21 43.43 7.20 25.37
C SER H 21 43.56 6.89 23.87
N LEU H 22 42.40 6.59 23.28
CA LEU H 22 42.35 6.23 21.86
C LEU H 22 42.30 7.49 21.01
N VAL H 23 41.69 8.55 21.55
CA VAL H 23 41.54 9.79 20.83
C VAL H 23 42.83 10.60 20.89
N GLU H 24 43.60 10.41 21.95
CA GLU H 24 44.85 11.15 22.10
C GLU H 24 45.96 10.63 21.21
N GLU H 25 45.97 9.31 21.01
CA GLU H 25 46.97 8.63 20.15
C GLU H 25 46.56 8.80 18.68
N ALA H 26 45.25 8.95 18.41
CA ALA H 26 44.78 9.11 17.05
C ALA H 26 45.10 10.56 16.62
N ALA H 27 45.11 11.45 17.60
CA ALA H 27 45.39 12.85 17.29
C ALA H 27 46.89 13.05 17.18
N ARG H 28 47.66 12.34 18.01
CA ARG H 28 49.12 12.48 17.97
C ARG H 28 49.66 11.83 16.71
N ARG H 29 48.98 10.79 16.21
CA ARG H 29 49.45 10.16 14.98
C ARG H 29 49.09 11.02 13.77
N ALA H 30 48.07 11.90 13.92
CA ALA H 30 47.71 12.78 12.83
C ALA H 30 48.60 14.02 12.78
N VAL H 31 49.13 14.42 13.93
CA VAL H 31 50.16 15.43 14.03
C VAL H 31 51.50 14.90 13.51
N ALA H 32 51.71 13.60 13.62
CA ALA H 32 52.86 12.90 13.11
C ALA H 32 52.81 12.80 11.60
N ARG H 33 51.63 12.92 10.99
CA ARG H 33 51.57 12.98 9.53
C ARG H 33 51.83 14.42 9.02
N PHE H 34 50.99 15.37 9.45
CA PHE H 34 51.36 16.77 9.25
C PHE H 34 51.08 17.54 10.53
N GLY H 35 49.80 17.75 10.78
CA GLY H 35 49.26 18.24 12.04
C GLY H 35 49.85 19.40 12.85
N GLY H 36 49.92 20.61 12.29
CA GLY H 36 50.26 21.75 13.11
C GLY H 36 49.04 22.21 13.90
N SER H 37 48.64 21.39 14.90
CA SER H 37 47.32 21.51 15.50
C SER H 37 47.41 21.46 17.01
N ALA H 38 46.22 21.45 17.66
CA ALA H 38 46.07 21.66 19.09
C ALA H 38 45.38 20.46 19.75
N HIS H 39 45.12 20.60 21.03
CA HIS H 39 44.79 19.50 21.93
C HIS H 39 43.37 18.98 21.80
N VAL H 40 43.06 17.96 22.59
CA VAL H 40 41.79 17.28 22.55
C VAL H 40 40.96 17.67 23.81
N PHE H 41 39.66 17.38 23.72
CA PHE H 41 38.77 17.65 24.81
C PHE H 41 37.77 16.54 25.02
N ASP H 42 37.10 16.59 26.17
CA ASP H 42 36.37 15.49 26.77
C ASP H 42 35.13 16.04 27.45
N ILE H 43 34.27 15.15 27.94
CA ILE H 43 33.04 15.65 28.56
C ILE H 43 33.35 16.20 29.96
N ALA H 44 34.33 15.57 30.59
CA ALA H 44 34.72 15.97 31.95
C ALA H 44 35.53 17.26 31.86
N ASP H 45 36.20 17.51 30.70
CA ASP H 45 37.17 18.58 30.65
C ASP H 45 36.53 19.98 30.60
N LEU H 46 35.27 20.02 30.15
CA LEU H 46 34.60 21.31 30.12
C LEU H 46 33.12 21.13 29.88
N GLY H 47 32.34 21.44 30.88
CA GLY H 47 30.91 21.73 30.72
C GLY H 47 30.02 20.79 31.53
N PRO H 48 29.10 21.33 32.37
CA PRO H 48 28.01 20.53 32.89
C PRO H 48 26.95 20.25 31.84
N ASP H 49 25.87 19.58 32.30
CA ASP H 49 24.72 19.20 31.52
C ASP H 49 23.53 20.13 31.77
N PHE H 50 23.61 21.18 32.60
CA PHE H 50 22.44 21.82 33.14
C PHE H 50 21.60 22.60 32.11
N GLY H 51 22.23 23.06 31.02
CA GLY H 51 21.59 24.10 30.24
C GLY H 51 21.42 23.70 28.78
N SER H 52 20.18 23.61 28.29
CA SER H 52 19.88 23.73 26.87
C SER H 52 18.77 24.77 26.74
N LEU H 53 19.04 25.89 26.08
CA LEU H 53 18.07 26.95 25.87
C LEU H 53 18.53 27.74 24.65
N ARG H 54 17.86 28.84 24.30
CA ARG H 54 18.19 29.66 23.15
C ARG H 54 19.60 30.22 23.11
N GLN H 55 20.27 30.40 24.24
CA GLN H 55 21.55 31.08 24.25
C GLN H 55 22.60 30.13 23.69
N PRO H 56 23.68 30.61 23.07
CA PRO H 56 24.91 29.83 22.95
C PRO H 56 25.72 29.64 24.22
N GLN H 57 25.40 30.38 25.31
CA GLN H 57 26.11 30.25 26.56
C GLN H 57 25.28 29.53 27.64
N ASP H 58 24.27 28.75 27.29
CA ASP H 58 23.79 27.69 28.16
C ASP H 58 24.42 26.39 27.72
N GLY H 59 24.74 26.29 26.43
CA GLY H 59 25.54 25.18 25.91
C GLY H 59 27.02 25.41 26.21
N PRO H 60 27.62 24.67 27.17
CA PRO H 60 28.95 25.02 27.68
C PRO H 60 30.00 24.44 26.75
N HIS H 61 31.28 24.62 27.06
CA HIS H 61 32.35 24.20 26.16
C HIS H 61 32.36 25.05 24.88
N THR H 62 32.18 26.35 25.09
CA THR H 62 32.12 27.29 23.97
C THR H 62 33.51 27.54 23.38
N ARG H 63 34.57 27.32 24.15
CA ARG H 63 35.92 27.26 23.61
C ARG H 63 36.09 26.03 22.73
N HIS H 64 35.40 24.96 23.07
CA HIS H 64 35.46 23.70 22.35
C HIS H 64 34.39 23.64 21.27
N LEU H 65 33.35 24.46 21.37
CA LEU H 65 32.38 24.57 20.27
C LEU H 65 32.95 25.45 19.16
N ASP H 66 33.74 26.45 19.52
CA ASP H 66 34.35 27.36 18.59
C ASP H 66 35.53 26.70 17.90
N ALA H 67 36.18 25.75 18.57
CA ALA H 67 37.25 24.97 17.96
C ALA H 67 36.69 23.85 17.11
N PHE H 68 35.37 23.71 16.97
CA PHE H 68 34.72 22.61 16.32
C PHE H 68 34.24 22.94 14.91
N LEU H 69 34.11 24.24 14.62
CA LEU H 69 33.59 24.73 13.35
C LEU H 69 34.76 25.17 12.48
N ALA H 70 35.81 25.77 13.08
CA ALA H 70 36.94 26.25 12.31
C ALA H 70 37.97 25.15 12.10
N ALA H 71 37.70 23.95 12.62
CA ALA H 71 38.57 22.81 12.45
C ALA H 71 38.50 22.28 11.02
N ASP H 72 39.48 21.44 10.72
CA ASP H 72 39.61 20.83 9.40
C ASP H 72 39.68 19.31 9.53
N ALA H 73 39.99 18.80 10.73
CA ALA H 73 40.01 17.36 10.91
C ALA H 73 39.36 16.95 12.23
N LEU H 74 38.44 15.97 12.20
CA LEU H 74 37.66 15.65 13.37
C LEU H 74 37.83 14.19 13.78
N ILE H 75 38.04 13.99 15.09
CA ILE H 75 38.09 12.63 15.63
C ILE H 75 37.08 12.58 16.76
N VAL H 76 36.18 11.61 16.72
CA VAL H 76 35.09 11.48 17.66
C VAL H 76 35.04 10.02 18.13
N ALA H 77 34.74 9.86 19.43
CA ALA H 77 34.60 8.54 19.99
C ALA H 77 33.57 8.56 21.11
N SER H 78 33.08 7.37 21.50
CA SER H 78 32.11 7.26 22.56
C SER H 78 32.25 5.90 23.23
N PRO H 79 32.04 5.79 24.55
CA PRO H 79 31.75 4.51 25.19
C PRO H 79 30.40 3.95 24.76
N VAL H 80 30.29 2.65 24.68
CA VAL H 80 29.05 1.95 24.36
C VAL H 80 28.43 1.13 25.51
N TYR H 81 28.50 1.62 26.71
CA TYR H 81 27.78 1.09 27.85
C TYR H 81 26.35 1.65 27.92
N LYS H 82 25.43 0.82 28.41
CA LYS H 82 24.03 1.18 28.62
C LYS H 82 23.36 1.59 27.30
N GLY H 83 23.54 0.74 26.30
CA GLY H 83 23.04 1.00 24.97
C GLY H 83 24.20 1.63 24.24
N SER H 84 23.97 2.10 23.01
CA SER H 84 25.05 2.31 22.04
C SER H 84 25.37 3.79 21.84
N TYR H 85 25.31 4.56 22.92
CA TYR H 85 25.77 5.93 22.94
C TYR H 85 26.16 6.31 24.37
N THR H 86 26.62 7.56 24.61
CA THR H 86 26.39 8.18 25.93
C THR H 86 25.52 9.41 25.76
N GLY H 87 24.63 9.63 26.73
CA GLY H 87 23.68 10.76 26.70
C GLY H 87 24.36 12.13 26.69
N LEU H 88 25.23 12.39 27.68
CA LEU H 88 25.94 13.69 27.81
C LEU H 88 26.62 13.87 26.45
N PHE H 89 27.37 12.86 26.00
CA PHE H 89 28.05 12.92 24.67
C PHE H 89 27.24 13.57 23.50
N LYS H 90 26.09 12.96 23.21
CA LYS H 90 25.11 13.50 22.23
C LYS H 90 24.61 14.92 22.47
N HIS H 91 24.26 15.23 23.72
CA HIS H 91 23.82 16.58 24.08
C HIS H 91 24.75 17.64 23.48
N PHE H 92 26.01 17.24 23.26
CA PHE H 92 26.98 18.07 22.59
C PHE H 92 26.69 18.18 21.11
N ILE H 93 26.05 17.18 20.53
CA ILE H 93 25.68 17.20 19.14
C ILE H 93 24.48 18.11 18.80
N ASP H 94 23.59 18.29 19.79
CA ASP H 94 22.40 19.16 19.63
C ASP H 94 22.83 20.64 19.64
N LEU H 95 24.04 20.95 20.13
CA LEU H 95 24.48 22.33 20.16
C LEU H 95 25.04 22.72 18.80
N ILE H 96 25.17 21.76 17.87
CA ILE H 96 25.80 22.04 16.61
C ILE H 96 24.70 22.27 15.60
N GLU H 97 24.88 23.31 14.77
CA GLU H 97 23.92 23.57 13.70
C GLU H 97 24.17 22.54 12.62
N PRO H 98 23.13 21.99 11.95
CA PRO H 98 23.33 20.92 10.98
C PRO H 98 24.13 21.31 9.74
N VAL H 99 24.46 22.57 9.55
CA VAL H 99 25.25 22.94 8.38
C VAL H 99 26.71 23.21 8.75
N ALA H 100 27.01 23.22 10.04
CA ALA H 100 28.33 23.54 10.54
C ALA H 100 29.37 22.43 10.32
N LEU H 101 28.91 21.23 9.94
CA LEU H 101 29.82 20.10 9.81
C LEU H 101 29.74 19.50 8.40
N VAL H 102 29.36 20.29 7.41
CA VAL H 102 29.53 19.91 6.02
C VAL H 102 30.99 20.14 5.65
N GLY H 103 31.53 19.27 4.83
CA GLY H 103 32.84 19.40 4.24
C GLY H 103 33.99 19.07 5.19
N LYS H 104 33.73 18.30 6.27
CA LYS H 104 34.76 18.07 7.27
C LYS H 104 34.98 16.58 7.41
N PRO H 105 36.23 16.07 7.31
CA PRO H 105 36.47 14.65 7.57
C PRO H 105 36.41 14.32 9.06
N VAL H 106 35.62 13.30 9.40
CA VAL H 106 35.35 12.93 10.77
C VAL H 106 35.68 11.44 10.92
N LEU H 107 36.61 11.19 11.86
CA LEU H 107 37.12 9.84 12.19
C LEU H 107 36.25 9.32 13.34
N LEU H 108 35.70 8.12 13.17
CA LEU H 108 34.80 7.59 14.18
C LEU H 108 35.50 6.48 14.94
N ALA H 109 35.24 6.41 16.24
CA ALA H 109 35.79 5.35 17.07
C ALA H 109 34.78 5.01 18.16
N ALA H 110 35.00 3.89 18.84
CA ALA H 110 34.21 3.53 20.01
C ALA H 110 35.04 2.62 20.92
N THR H 111 34.97 2.92 22.23
CA THR H 111 35.67 2.13 23.21
C THR H 111 34.64 1.52 24.15
N GLY H 112 34.46 0.20 24.03
CA GLY H 112 33.69 -0.54 25.01
C GLY H 112 34.48 -1.68 25.64
N GLY H 113 33.81 -2.70 26.11
CA GLY H 113 34.48 -3.81 26.74
C GLY H 113 33.98 -5.07 26.10
N GLY H 114 32.76 -5.04 25.55
CA GLY H 114 32.18 -6.25 24.97
C GLY H 114 32.14 -6.18 23.44
N ASP H 115 32.42 -7.32 22.81
CA ASP H 115 32.54 -7.40 21.37
C ASP H 115 31.18 -7.36 20.67
N ARG H 116 30.07 -7.42 21.41
CA ARG H 116 28.76 -7.54 20.82
C ARG H 116 28.28 -6.23 20.17
N HIS H 117 28.88 -5.11 20.59
CA HIS H 117 28.53 -3.79 20.12
C HIS H 117 29.50 -3.28 19.07
N ALA H 118 30.07 -4.16 18.24
CA ALA H 118 30.91 -3.70 17.15
C ALA H 118 30.18 -2.97 16.01
N LEU H 119 28.86 -3.04 16.01
CA LEU H 119 28.06 -2.40 14.98
C LEU H 119 27.48 -1.09 15.48
N VAL H 120 28.16 -0.46 16.45
CA VAL H 120 27.68 0.85 16.90
C VAL H 120 28.28 1.89 15.97
N ILE H 121 29.39 1.52 15.28
CA ILE H 121 30.01 2.55 14.44
C ILE H 121 29.18 2.75 13.17
N GLU H 122 28.63 1.65 12.61
CA GLU H 122 27.99 1.74 11.31
C GLU H 122 26.50 2.05 11.44
N HIS H 123 25.87 1.60 12.56
CA HIS H 123 24.45 1.71 12.70
C HIS H 123 24.05 2.85 13.63
N GLN H 124 24.99 3.34 14.46
CA GLN H 124 24.62 4.40 15.40
C GLN H 124 25.47 5.66 15.21
N LEU H 125 26.78 5.51 14.92
CA LEU H 125 27.67 6.66 14.91
C LEU H 125 27.82 7.24 13.51
N ARG H 126 27.78 6.40 12.48
CA ARG H 126 27.92 6.82 11.11
C ARG H 126 26.65 7.50 10.61
N PRO H 127 25.42 7.08 10.97
CA PRO H 127 24.25 7.87 10.59
C PRO H 127 24.12 9.26 11.17
N VAL H 128 24.82 9.55 12.28
CA VAL H 128 24.69 10.87 12.86
C VAL H 128 25.57 11.85 12.09
N PHE H 129 26.72 11.36 11.63
CA PHE H 129 27.63 12.27 10.94
C PHE H 129 27.47 12.25 9.43
N GLY H 130 26.50 11.44 8.97
CA GLY H 130 26.09 11.52 7.57
C GLY H 130 24.82 12.37 7.47
N PHE H 131 24.20 12.65 8.61
CA PHE H 131 23.17 13.68 8.70
C PHE H 131 23.82 15.05 8.51
N PHE H 132 25.02 15.22 9.03
CA PHE H 132 25.81 16.40 8.83
C PHE H 132 26.52 16.48 7.48
N GLU H 133 26.51 15.40 6.72
CA GLU H 133 26.99 15.37 5.34
C GLU H 133 28.50 15.65 5.28
N ALA H 134 29.24 14.87 6.07
CA ALA H 134 30.71 14.91 6.04
C ALA H 134 31.36 14.62 4.69
N HIS H 135 32.22 15.54 4.21
CA HIS H 135 33.17 15.22 3.15
C HIS H 135 34.15 14.15 3.60
N LEU H 137 33.49 10.90 4.81
CA LEU H 137 33.07 10.43 6.12
C LEU H 137 33.81 9.12 6.36
N ALA H 138 34.93 9.23 7.07
CA ALA H 138 35.87 8.13 7.19
C ALA H 138 35.41 7.20 8.30
N THR H 139 36.00 6.02 8.30
CA THR H 139 35.54 4.94 9.17
C THR H 139 36.72 4.59 10.07
N GLY H 140 36.45 3.85 11.14
CA GLY H 140 37.46 3.69 12.17
C GLY H 140 37.29 2.37 12.89
N LEU H 141 37.47 2.35 14.23
CA LEU H 141 37.67 1.13 14.94
C LEU H 141 36.77 1.09 16.18
N TYR H 142 36.32 -0.13 16.48
CA TYR H 142 35.76 -0.46 17.77
C TYR H 142 36.81 -1.25 18.56
N VAL H 143 37.01 -0.85 19.82
CA VAL H 143 38.04 -1.46 20.61
C VAL H 143 37.71 -2.92 20.96
N SER H 144 38.76 -3.67 21.24
CA SER H 144 38.67 -5.06 21.66
C SER H 144 38.68 -5.13 23.18
N ALA H 145 38.75 -6.35 23.71
CA ALA H 145 38.99 -6.57 25.13
C ALA H 145 40.49 -6.50 25.42
N SER H 146 41.11 -5.44 24.94
CA SER H 146 42.57 -5.24 24.96
C SER H 146 42.85 -3.80 25.38
N ASP H 147 43.09 -3.59 26.70
CA ASP H 147 43.04 -2.23 27.20
C ASP H 147 44.15 -1.91 28.18
N PHE H 148 45.10 -1.03 27.80
CA PHE H 148 46.21 -0.67 28.67
C PHE H 148 46.63 0.75 28.29
N GLY H 149 47.04 1.53 29.29
CA GLY H 149 47.43 2.91 29.08
C GLY H 149 48.78 3.03 28.42
N LEU H 153 49.72 0.92 24.32
CA LEU H 153 48.57 1.86 24.49
C LEU H 153 47.27 1.24 23.96
N ALA H 154 46.86 0.19 24.66
CA ALA H 154 45.59 -0.51 24.43
C ALA H 154 45.48 -1.17 23.07
N SER H 155 46.61 -1.49 22.43
CA SER H 155 46.58 -1.81 20.99
C SER H 155 47.63 -2.82 20.57
N GLU H 156 47.23 -3.96 19.95
CA GLU H 156 48.21 -4.92 19.48
C GLU H 156 48.36 -4.89 17.96
N ALA H 157 47.20 -4.99 17.30
CA ALA H 157 47.08 -5.01 15.84
C ALA H 157 45.96 -4.08 15.39
N ALA H 158 45.25 -3.41 16.31
CA ALA H 158 44.35 -2.32 16.03
C ALA H 158 45.07 -0.99 15.83
N SER H 159 46.37 -0.96 16.08
CA SER H 159 47.23 0.15 15.68
C SER H 159 47.45 0.16 14.18
N THR H 160 47.36 -0.99 13.55
CA THR H 160 47.47 -1.07 12.11
C THR H 160 46.17 -0.56 11.46
N ARG H 161 45.05 -0.76 12.16
CA ARG H 161 43.77 -0.29 11.67
C ARG H 161 43.63 1.20 11.95
N LEU H 162 44.34 1.69 12.94
CA LEU H 162 44.28 3.09 13.34
C LEU H 162 45.11 3.95 12.38
N ASP H 163 46.23 3.38 11.93
CA ASP H 163 47.18 4.09 11.10
C ASP H 163 46.59 4.32 9.70
N ARG H 164 45.68 3.48 9.27
CA ARG H 164 45.01 3.69 8.01
C ARG H 164 43.81 4.60 8.15
N ALA H 165 43.38 4.93 9.36
CA ALA H 165 42.33 5.91 9.57
C ALA H 165 42.86 7.35 9.47
N VAL H 166 44.14 7.53 9.77
CA VAL H 166 44.75 8.83 9.62
C VAL H 166 45.06 9.06 8.12
N ALA H 167 45.31 7.97 7.40
CA ALA H 167 45.66 8.02 5.96
C ALA H 167 44.68 8.71 5.01
N GLN H 168 43.42 8.25 5.08
CA GLN H 168 42.24 8.75 4.32
C GLN H 168 41.85 10.24 4.71
N PHE H 169 42.72 10.84 5.50
CA PHE H 169 42.54 12.30 5.66
C PHE H 169 42.97 12.88 4.31
N ALA H 170 44.01 12.28 3.73
CA ALA H 170 44.36 12.65 2.37
C ALA H 170 43.14 12.27 1.49
N ALA H 171 43.18 12.62 0.21
CA ALA H 171 42.05 12.29 -0.68
C ALA H 171 40.78 13.08 -0.33
N HIS H 172 40.92 13.96 0.65
CA HIS H 172 39.86 14.83 1.15
C HIS H 172 40.43 16.02 1.95
N LEU H 173 40.64 15.81 3.24
CA LEU H 173 41.17 16.85 4.15
C LEU H 173 40.52 18.21 3.96
N ARG H 175 43.46 20.27 0.05
CA ARG H 175 44.72 20.00 -0.59
C ARG H 175 45.71 20.28 0.53
N HIS H 176 45.52 21.36 1.26
CA HIS H 176 46.32 21.72 2.41
C HIS H 176 45.31 22.09 3.45
N ASP H 177 44.40 22.99 3.09
CA ASP H 177 43.31 23.44 3.97
C ASP H 177 42.19 24.21 3.25
N ALA H 179 38.68 25.65 1.00
CA ALA H 179 37.43 26.08 1.63
C ALA H 179 36.57 24.86 1.94
N PRO H 180 36.25 24.54 3.22
CA PRO H 180 35.38 23.41 3.50
C PRO H 180 33.91 23.68 3.42
N LEU H 181 33.42 24.91 3.49
CA LEU H 181 31.99 25.16 3.70
C LEU H 181 31.24 25.20 2.38
N LEU H 182 30.15 24.41 2.29
CA LEU H 182 29.41 24.26 1.04
C LEU H 182 27.92 24.40 1.27
N ALA H 183 27.52 25.44 2.03
CA ALA H 183 26.11 25.63 2.39
C ALA H 183 25.31 26.26 1.24
N VAL H 184 25.21 25.52 0.13
CA VAL H 184 24.45 25.89 -1.05
C VAL H 184 23.52 24.75 -1.48
N GLY H 185 23.13 23.93 -0.50
CA GLY H 185 22.31 22.74 -0.72
C GLY H 185 20.96 22.90 -1.42
N LEU H 186 20.41 24.12 -1.42
CA LEU H 186 19.21 24.42 -2.18
C LEU H 186 19.38 25.81 -2.77
N GLU H 187 18.51 26.19 -3.72
CA GLU H 187 18.86 27.25 -4.68
C GLU H 187 18.25 28.61 -4.35
N HIS H 188 17.05 28.63 -3.74
CA HIS H 188 16.24 29.85 -3.76
C HIS H 188 16.63 30.83 -2.65
N HIS H 189 16.35 30.40 -1.41
CA HIS H 189 16.56 31.19 -0.22
C HIS H 189 17.52 30.53 0.74
N HIS H 190 18.13 29.39 0.37
CA HIS H 190 18.98 28.62 1.25
C HIS H 190 20.41 28.91 0.83
N PRO I 4 43.03 -4.57 -17.90
CA PRO I 4 43.15 -3.76 -19.13
C PRO I 4 44.31 -2.77 -19.03
N ARG I 5 44.88 -2.64 -17.83
CA ARG I 5 46.01 -1.70 -17.61
C ARG I 5 47.25 -2.47 -17.12
N ILE I 6 48.18 -2.74 -18.03
CA ILE I 6 49.44 -3.47 -17.68
C ILE I 6 50.56 -2.44 -17.49
N VAL I 7 50.88 -2.11 -16.24
CA VAL I 7 51.94 -1.09 -15.94
C VAL I 7 53.25 -1.81 -15.56
N ALA I 8 54.37 -1.34 -16.13
CA ALA I 8 55.68 -1.89 -15.86
C ALA I 8 56.50 -0.94 -15.02
N PHE I 9 57.22 -1.51 -14.04
CA PHE I 9 58.04 -0.67 -13.15
C PHE I 9 59.42 -1.29 -12.98
N ALA I 10 60.44 -0.46 -13.18
CA ALA I 10 61.83 -0.91 -13.06
C ALA I 10 62.53 -0.02 -12.05
N GLY I 11 63.34 -0.66 -11.19
CA GLY I 11 64.02 0.07 -10.15
C GLY I 11 65.42 0.54 -10.54
N SER I 12 65.58 0.89 -11.82
CA SER I 12 66.88 1.22 -12.38
C SER I 12 66.70 2.57 -13.07
N TRP I 13 67.42 3.57 -12.63
CA TRP I 13 67.41 4.90 -13.22
C TRP I 13 68.44 5.03 -14.33
N SER I 14 69.00 3.95 -14.84
CA SER I 14 70.14 4.03 -15.74
C SER I 14 69.69 4.44 -17.13
N ARG I 15 70.61 5.09 -17.86
CA ARG I 15 70.34 5.56 -19.21
C ARG I 15 70.34 4.41 -20.22
N PRO I 16 71.33 3.49 -20.16
CA PRO I 16 71.39 2.35 -21.11
C PRO I 16 70.23 1.36 -20.95
N SER I 17 69.47 1.46 -19.85
CA SER I 17 68.36 0.57 -19.57
C SER I 17 68.50 -0.94 -19.49
N LYS I 18 69.34 -1.45 -18.58
CA LYS I 18 69.57 -2.89 -18.56
C LYS I 18 68.31 -3.60 -18.05
N THR I 19 67.64 -2.95 -17.10
CA THR I 19 66.45 -3.54 -16.49
C THR I 19 65.23 -3.17 -17.32
N ARG I 20 65.23 -1.96 -17.85
CA ARG I 20 64.06 -1.40 -18.52
C ARG I 20 63.82 -2.04 -19.89
N SER I 21 64.84 -2.64 -20.48
CA SER I 21 64.80 -3.44 -21.67
C SER I 21 64.04 -4.77 -21.47
N LEU I 22 63.86 -5.19 -20.23
CA LEU I 22 63.17 -6.43 -19.94
C LEU I 22 61.71 -6.12 -19.71
N VAL I 23 61.41 -5.01 -19.04
CA VAL I 23 60.03 -4.75 -18.67
C VAL I 23 59.27 -4.11 -19.82
N GLU I 24 60.00 -3.53 -20.79
CA GLU I 24 59.36 -3.00 -21.99
C GLU I 24 58.89 -4.14 -22.89
N GLU I 25 59.74 -5.18 -22.97
CA GLU I 25 59.46 -6.38 -23.79
C GLU I 25 58.35 -7.18 -23.10
N ALA I 26 58.48 -7.39 -21.79
CA ALA I 26 57.44 -8.09 -21.04
C ALA I 26 56.08 -7.42 -21.02
N ALA I 27 56.03 -6.11 -21.24
CA ALA I 27 54.74 -5.43 -21.32
C ALA I 27 54.10 -5.66 -22.68
N ARG I 28 54.93 -5.68 -23.73
CA ARG I 28 54.43 -5.96 -25.07
C ARG I 28 54.02 -7.43 -25.20
N ARG I 29 54.70 -8.29 -24.46
CA ARG I 29 54.39 -9.72 -24.45
C ARG I 29 53.15 -9.97 -23.61
N ALA I 30 52.75 -9.04 -22.74
CA ALA I 30 51.49 -9.14 -22.02
C ALA I 30 50.31 -8.68 -22.86
N VAL I 31 50.52 -8.29 -24.10
CA VAL I 31 49.51 -8.07 -25.11
C VAL I 31 49.42 -9.35 -25.98
N ALA I 32 49.78 -10.51 -25.45
CA ALA I 32 49.39 -11.79 -25.96
C ALA I 32 48.08 -12.15 -25.25
N ARG I 33 47.11 -12.51 -26.08
CA ARG I 33 45.77 -12.92 -25.73
C ARG I 33 44.92 -11.80 -25.13
N PHE I 34 45.52 -10.64 -24.84
CA PHE I 34 44.88 -9.54 -24.18
C PHE I 34 45.34 -8.27 -24.87
N GLY I 35 44.63 -7.17 -24.64
CA GLY I 35 44.88 -5.93 -25.35
C GLY I 35 45.01 -4.76 -24.41
N GLY I 36 44.83 -3.55 -24.96
CA GLY I 36 44.91 -2.33 -24.19
C GLY I 36 46.32 -1.74 -24.15
N SER I 37 46.44 -0.54 -23.59
CA SER I 37 47.74 0.16 -23.51
C SER I 37 48.56 -0.31 -22.31
N ALA I 38 49.85 -0.62 -22.54
CA ALA I 38 50.77 -1.04 -21.49
C ALA I 38 51.62 0.19 -21.16
N HIS I 39 51.54 0.62 -19.91
CA HIS I 39 52.20 1.85 -19.48
C HIS I 39 53.50 1.42 -18.84
N VAL I 40 54.61 1.80 -19.50
CA VAL I 40 55.92 1.46 -18.96
C VAL I 40 56.56 2.76 -18.49
N PHE I 41 56.99 2.74 -17.22
CA PHE I 41 57.61 3.89 -16.62
C PHE I 41 58.82 3.45 -15.80
N ASP I 42 59.51 4.49 -15.26
CA ASP I 42 60.80 4.26 -14.64
C ASP I 42 60.96 5.08 -13.37
N ILE I 43 62.04 4.81 -12.64
CA ILE I 43 62.45 5.73 -11.58
C ILE I 43 62.93 7.07 -12.18
N ALA I 44 63.61 6.96 -13.30
CA ALA I 44 64.07 8.11 -14.06
C ALA I 44 62.95 8.89 -14.73
N ASP I 45 61.79 8.28 -14.96
CA ASP I 45 60.60 8.93 -15.45
C ASP I 45 59.90 9.72 -14.34
N LEU I 46 60.32 9.61 -13.07
CA LEU I 46 60.00 10.64 -12.09
C LEU I 46 61.00 11.80 -12.21
N GLY I 47 60.98 12.72 -11.25
CA GLY I 47 62.10 13.62 -11.02
C GLY I 47 62.85 13.19 -9.76
N PRO I 48 63.53 14.16 -9.12
CA PRO I 48 64.32 13.90 -7.91
C PRO I 48 63.50 14.05 -6.63
N ASP I 49 64.15 13.85 -5.49
CA ASP I 49 63.49 13.96 -4.20
C ASP I 49 62.97 15.37 -3.98
N PHE I 50 61.64 15.51 -3.96
CA PHE I 50 61.01 16.79 -3.77
C PHE I 50 60.11 16.77 -2.52
N GLY I 51 59.11 15.90 -2.56
CA GLY I 51 58.17 15.74 -1.48
C GLY I 51 58.64 14.83 -0.35
N SER I 52 59.82 15.11 0.19
CA SER I 52 60.35 14.31 1.29
C SER I 52 59.70 14.70 2.60
N LEU I 53 59.60 16.01 2.84
CA LEU I 53 58.98 16.53 4.08
C LEU I 53 57.50 16.97 4.10
N ARG I 54 57.04 17.77 3.13
CA ARG I 54 55.65 18.29 3.31
C ARG I 54 54.75 18.21 2.07
N GLN I 55 55.14 17.69 0.90
CA GLN I 55 54.13 17.77 -0.17
C GLN I 55 54.03 16.50 -1.02
N PRO I 56 52.88 15.81 -1.01
CA PRO I 56 52.63 14.76 -1.99
C PRO I 56 52.00 15.30 -3.26
N GLN I 57 52.35 16.50 -3.71
CA GLN I 57 51.81 17.10 -4.94
C GLN I 57 52.86 17.27 -6.02
N ASP I 58 53.77 16.32 -6.13
CA ASP I 58 54.90 16.42 -7.05
C ASP I 58 54.47 15.85 -8.39
N GLY I 59 54.92 16.44 -9.51
CA GLY I 59 54.20 16.28 -10.77
C GLY I 59 54.35 14.92 -11.45
N PRO I 60 55.58 14.48 -11.80
CA PRO I 60 55.78 13.08 -12.23
C PRO I 60 55.59 11.99 -11.17
N HIS I 61 55.43 12.35 -9.91
CA HIS I 61 55.40 11.37 -8.85
C HIS I 61 54.02 10.65 -8.82
N THR I 62 52.98 11.44 -9.06
CA THR I 62 51.64 10.93 -8.78
C THR I 62 51.15 10.15 -9.98
N ARG I 63 51.65 10.50 -11.17
CA ARG I 63 51.05 10.01 -12.42
C ARG I 63 51.38 8.52 -12.58
N HIS I 64 52.57 8.13 -12.11
CA HIS I 64 52.96 6.73 -12.23
C HIS I 64 52.53 5.93 -11.03
N LEU I 65 52.32 6.60 -9.89
CA LEU I 65 51.83 5.90 -8.71
C LEU I 65 50.34 5.59 -8.80
N ASP I 66 49.60 6.37 -9.49
CA ASP I 66 48.20 6.16 -9.84
C ASP I 66 48.05 4.96 -10.77
N ALA I 67 48.99 4.95 -11.76
CA ALA I 67 49.07 3.89 -12.78
C ALA I 67 49.43 2.57 -12.07
N PHE I 68 50.16 2.63 -10.95
CA PHE I 68 50.54 1.40 -10.21
C PHE I 68 49.26 0.65 -9.79
N LEU I 69 48.30 1.39 -9.23
CA LEU I 69 47.00 0.86 -8.75
C LEU I 69 46.06 1.04 -9.94
N ALA I 70 45.95 0.01 -10.80
CA ALA I 70 45.22 0.13 -12.09
C ALA I 70 44.36 -1.13 -12.25
N ALA I 71 44.00 -1.47 -13.49
CA ALA I 71 43.17 -2.67 -13.77
C ALA I 71 44.22 -3.80 -13.83
N ASP I 72 44.90 -4.03 -12.70
CA ASP I 72 45.93 -5.06 -12.42
C ASP I 72 47.18 -5.20 -13.30
N ALA I 73 47.49 -6.45 -13.65
CA ALA I 73 48.63 -6.84 -14.52
C ALA I 73 49.92 -6.04 -14.27
N LEU I 74 50.29 -5.77 -13.01
CA LEU I 74 51.56 -5.06 -12.81
C LEU I 74 52.75 -5.97 -12.90
N ILE I 75 53.77 -5.50 -13.63
CA ILE I 75 55.01 -6.26 -13.74
C ILE I 75 56.15 -5.39 -13.18
N VAL I 76 56.87 -6.03 -12.24
CA VAL I 76 57.84 -5.31 -11.46
C VAL I 76 59.19 -5.98 -11.55
N ALA I 77 60.22 -5.15 -11.71
CA ALA I 77 61.61 -5.63 -11.86
C ALA I 77 62.57 -4.63 -11.21
N SER I 78 63.67 -5.14 -10.64
CA SER I 78 64.66 -4.33 -9.98
C SER I 78 66.03 -4.93 -10.27
N PRO I 79 67.08 -4.09 -10.44
CA PRO I 79 68.44 -4.63 -10.47
C PRO I 79 68.88 -5.07 -9.08
N VAL I 80 69.50 -6.29 -8.99
CA VAL I 80 69.85 -6.73 -7.64
C VAL I 80 71.22 -6.15 -7.35
N TYR I 81 71.29 -5.09 -6.53
CA TYR I 81 72.48 -4.31 -6.33
C TYR I 81 73.07 -4.49 -4.93
N LYS I 82 72.40 -5.28 -4.10
CA LYS I 82 72.89 -5.50 -2.71
C LYS I 82 72.13 -6.70 -2.15
N GLY I 83 72.17 -7.82 -2.88
CA GLY I 83 71.45 -9.00 -2.43
C GLY I 83 69.97 -8.79 -2.09
N SER I 84 69.42 -7.69 -2.57
CA SER I 84 68.01 -7.38 -2.56
C SER I 84 67.81 -6.20 -3.54
N TYR I 85 66.56 -5.80 -3.67
CA TYR I 85 66.20 -4.73 -4.59
C TYR I 85 66.70 -3.36 -4.14
N THR I 86 66.64 -2.42 -5.09
CA THR I 86 67.29 -1.14 -4.90
C THR I 86 66.50 -0.05 -4.18
N GLY I 87 67.17 0.75 -3.39
CA GLY I 87 66.51 1.62 -2.42
C GLY I 87 65.33 2.51 -2.83
N LEU I 88 65.46 3.13 -4.00
CA LEU I 88 64.40 3.99 -4.48
C LEU I 88 63.33 3.13 -5.15
N PHE I 89 63.59 1.84 -5.38
CA PHE I 89 62.56 0.92 -5.81
C PHE I 89 61.58 0.68 -4.66
N LYS I 90 62.16 0.51 -3.45
CA LYS I 90 61.36 0.18 -2.29
C LYS I 90 60.70 1.46 -1.77
N HIS I 91 61.25 2.64 -2.07
CA HIS I 91 60.62 3.87 -1.62
C HIS I 91 59.31 4.13 -2.38
N PHE I 92 59.23 3.61 -3.61
CA PHE I 92 58.00 3.70 -4.37
C PHE I 92 56.96 2.71 -3.81
N ILE I 93 57.43 1.59 -3.30
CA ILE I 93 56.54 0.59 -2.74
C ILE I 93 56.11 1.00 -1.33
N ASP I 94 56.98 1.76 -0.64
CA ASP I 94 56.68 2.24 0.74
C ASP I 94 55.83 3.50 0.81
N LEU I 95 55.26 3.93 -0.31
CA LEU I 95 54.38 5.12 -0.38
C LEU I 95 52.99 4.68 -0.91
N ILE I 96 52.66 3.41 -0.62
CA ILE I 96 51.42 2.81 -1.03
C ILE I 96 50.84 2.19 0.25
N GLU I 97 49.51 2.40 0.42
CA GLU I 97 48.84 1.88 1.58
C GLU I 97 48.72 0.37 1.46
N PRO I 98 48.85 -0.38 2.58
CA PRO I 98 49.01 -1.82 2.51
C PRO I 98 47.81 -2.58 2.00
N VAL I 99 46.67 -1.91 1.74
CA VAL I 99 45.49 -2.64 1.31
C VAL I 99 45.21 -2.40 -0.17
N ALA I 100 46.09 -1.65 -0.83
CA ALA I 100 45.84 -1.17 -2.19
C ALA I 100 46.19 -2.24 -3.24
N LEU I 101 47.21 -3.05 -2.97
CA LEU I 101 47.64 -4.02 -3.98
C LEU I 101 47.07 -5.38 -3.70
N VAL I 102 45.93 -5.46 -3.00
CA VAL I 102 45.33 -6.76 -2.71
C VAL I 102 44.51 -7.22 -3.92
N GLY I 103 44.73 -8.48 -4.33
CA GLY I 103 44.03 -9.02 -5.46
C GLY I 103 44.53 -8.57 -6.83
N LYS I 104 45.77 -8.11 -6.92
CA LYS I 104 46.33 -7.67 -8.20
C LYS I 104 47.36 -8.70 -8.62
N PRO I 105 47.31 -9.24 -9.84
CA PRO I 105 48.35 -10.15 -10.32
C PRO I 105 49.69 -9.46 -10.58
N VAL I 106 50.75 -10.06 -10.04
CA VAL I 106 52.08 -9.48 -10.14
C VAL I 106 53.02 -10.52 -10.71
N LEU I 107 53.78 -10.17 -11.73
CA LEU I 107 54.92 -10.94 -12.20
C LEU I 107 56.19 -10.18 -11.79
N LEU I 108 57.01 -10.82 -10.98
CA LEU I 108 58.24 -10.19 -10.54
C LEU I 108 59.42 -10.71 -11.33
N ALA I 109 60.41 -9.84 -11.57
CA ALA I 109 61.63 -10.15 -12.26
C ALA I 109 62.80 -9.42 -11.58
N ALA I 110 64.01 -9.83 -11.96
CA ALA I 110 65.22 -9.22 -11.44
C ALA I 110 66.34 -9.34 -12.49
N THR I 111 67.10 -8.25 -12.61
CA THR I 111 68.24 -8.25 -13.50
C THR I 111 69.54 -8.16 -12.70
N GLY I 112 70.38 -9.22 -12.85
CA GLY I 112 71.43 -9.40 -11.88
C GLY I 112 72.84 -9.26 -12.46
N GLY I 113 73.77 -9.01 -11.56
CA GLY I 113 75.16 -8.84 -11.93
C GLY I 113 75.88 -10.18 -11.81
N GLY I 114 75.46 -11.12 -12.64
CA GLY I 114 76.09 -12.42 -12.68
C GLY I 114 75.07 -13.52 -12.41
N ASP I 115 75.57 -14.75 -12.49
CA ASP I 115 74.71 -15.92 -12.27
C ASP I 115 74.44 -16.15 -10.78
N ARG I 116 75.10 -15.41 -9.87
CA ARG I 116 75.18 -15.90 -8.50
C ARG I 116 73.93 -15.50 -7.70
N HIS I 117 73.29 -14.40 -8.09
CA HIS I 117 72.44 -13.67 -7.18
C HIS I 117 70.94 -13.91 -7.38
N ALA I 118 70.58 -15.12 -7.78
CA ALA I 118 69.19 -15.55 -7.74
C ALA I 118 68.72 -15.84 -6.33
N LEU I 119 67.45 -16.23 -6.13
CA LEU I 119 66.81 -16.45 -4.86
C LEU I 119 66.34 -15.15 -4.19
N VAL I 120 66.51 -13.99 -4.86
CA VAL I 120 65.96 -12.78 -4.32
C VAL I 120 64.55 -12.64 -4.84
N ILE I 121 64.14 -13.44 -5.78
CA ILE I 121 62.75 -13.42 -6.27
C ILE I 121 61.84 -14.05 -5.21
N GLU I 122 62.31 -15.12 -4.56
CA GLU I 122 61.47 -15.82 -3.62
C GLU I 122 61.67 -15.30 -2.19
N HIS I 123 62.88 -14.80 -1.85
CA HIS I 123 63.15 -14.37 -0.51
C HIS I 123 63.02 -12.86 -0.27
N GLN I 124 63.12 -12.08 -1.35
CA GLN I 124 63.05 -10.62 -1.21
C GLN I 124 61.90 -9.97 -1.97
N LEU I 125 61.58 -10.50 -3.17
CA LEU I 125 60.61 -9.87 -4.04
C LEU I 125 59.22 -10.43 -3.84
N ARG I 126 59.11 -11.73 -3.51
CA ARG I 126 57.82 -12.33 -3.21
C ARG I 126 57.31 -11.87 -1.84
N PRO I 127 58.15 -11.77 -0.79
CA PRO I 127 57.63 -11.34 0.50
C PRO I 127 57.17 -9.89 0.60
N VAL I 128 57.62 -9.03 -0.32
CA VAL I 128 57.21 -7.64 -0.22
C VAL I 128 55.81 -7.47 -0.78
N PHE I 129 55.48 -8.31 -1.79
CA PHE I 129 54.14 -8.29 -2.34
C PHE I 129 53.26 -9.35 -1.68
N GLY I 130 53.76 -9.99 -0.63
CA GLY I 130 52.93 -10.81 0.23
C GLY I 130 52.46 -10.01 1.42
N PHE I 131 53.17 -8.90 1.70
CA PHE I 131 52.70 -7.94 2.68
C PHE I 131 51.42 -7.26 2.16
N PHE I 132 51.46 -6.96 0.86
CA PHE I 132 50.22 -6.53 0.17
C PHE I 132 49.34 -7.73 -0.15
N GLU I 133 49.95 -8.92 -0.20
CA GLU I 133 49.35 -10.19 -0.59
C GLU I 133 48.63 -10.12 -1.93
N ALA I 134 49.35 -9.60 -2.91
CA ALA I 134 48.90 -9.47 -4.28
C ALA I 134 48.90 -10.83 -4.98
N HIS I 135 47.93 -11.01 -5.87
CA HIS I 135 47.63 -12.24 -6.56
C HIS I 135 48.81 -12.84 -7.34
N THR I 136 49.06 -14.12 -7.10
CA THR I 136 49.75 -15.03 -8.02
C THR I 136 51.17 -14.63 -8.35
N LEU I 137 51.99 -14.58 -7.31
CA LEU I 137 53.43 -14.50 -7.41
C LEU I 137 53.70 -15.70 -8.29
N ALA I 138 54.17 -15.42 -9.51
CA ALA I 138 54.20 -16.41 -10.58
C ALA I 138 55.59 -17.03 -10.56
N THR I 139 55.94 -17.75 -11.63
CA THR I 139 57.29 -18.20 -11.90
C THR I 139 58.28 -17.04 -11.80
N GLY I 140 59.44 -17.27 -11.17
CA GLY I 140 60.40 -16.22 -11.03
C GLY I 140 61.22 -15.98 -12.29
N LEU I 141 61.72 -14.75 -12.43
CA LEU I 141 62.49 -14.45 -13.63
C LEU I 141 63.80 -13.78 -13.29
N TYR I 142 64.93 -14.48 -13.39
CA TYR I 142 66.20 -13.86 -13.10
C TYR I 142 66.97 -13.80 -14.41
N VAL I 143 67.38 -12.59 -14.76
CA VAL I 143 68.18 -12.40 -15.98
C VAL I 143 69.56 -11.94 -15.53
N SER I 144 70.59 -12.65 -16.01
CA SER I 144 71.96 -12.28 -15.69
C SER I 144 72.54 -11.43 -16.83
N ALA I 145 73.81 -11.07 -16.68
CA ALA I 145 74.53 -10.48 -17.81
C ALA I 145 75.03 -11.59 -18.74
N SER I 146 74.74 -12.85 -18.41
CA SER I 146 75.16 -14.01 -19.26
C SER I 146 74.08 -14.30 -20.30
N ASP I 147 72.99 -13.53 -20.30
CA ASP I 147 71.96 -13.68 -21.19
C ASP I 147 71.32 -12.32 -21.25
N PHE I 148 71.41 -11.68 -22.43
CA PHE I 148 71.02 -10.25 -22.59
C PHE I 148 69.49 -10.37 -23.00
N GLY I 149 68.87 -9.19 -23.11
CA GLY I 149 67.53 -9.11 -23.66
C GLY I 149 67.56 -9.04 -25.19
N PRO I 150 66.55 -8.43 -25.82
CA PRO I 150 66.51 -8.34 -27.29
C PRO I 150 67.45 -7.31 -27.89
N ASP I 151 68.14 -6.51 -27.08
CA ASP I 151 69.10 -5.55 -27.59
C ASP I 151 70.41 -6.27 -27.88
N GLY I 152 70.84 -7.06 -26.90
CA GLY I 152 72.09 -7.80 -27.00
C GLY I 152 72.05 -9.04 -27.89
N LEU I 153 71.30 -10.07 -27.47
CA LEU I 153 71.36 -11.35 -28.15
C LEU I 153 70.02 -12.02 -28.29
N ALA I 154 69.00 -11.62 -27.51
CA ALA I 154 67.70 -12.27 -27.50
C ALA I 154 67.64 -13.74 -27.07
N SER I 155 68.11 -14.01 -25.85
CA SER I 155 68.33 -15.37 -25.39
C SER I 155 67.04 -16.21 -25.41
N GLU I 156 67.26 -17.51 -25.27
CA GLU I 156 66.24 -18.51 -25.61
C GLU I 156 65.66 -19.10 -24.34
N ALA I 157 66.55 -19.48 -23.43
CA ALA I 157 66.14 -20.08 -22.16
C ALA I 157 65.43 -19.10 -21.22
N ALA I 158 65.48 -17.80 -21.52
CA ALA I 158 64.84 -16.85 -20.61
C ALA I 158 63.60 -16.29 -21.26
N SER I 159 63.57 -16.18 -22.60
CA SER I 159 62.39 -15.68 -23.29
C SER I 159 61.28 -16.73 -23.27
N THR I 160 61.67 -18.00 -23.19
CA THR I 160 60.68 -19.05 -23.15
C THR I 160 60.08 -19.14 -21.76
N ARG I 161 60.86 -18.77 -20.74
CA ARG I 161 60.34 -18.73 -19.38
C ARG I 161 59.48 -17.50 -19.18
N LEU I 162 59.73 -16.44 -19.96
CA LEU I 162 59.03 -15.19 -19.81
C LEU I 162 57.65 -15.29 -20.47
N ASP I 163 57.60 -15.99 -21.61
CA ASP I 163 56.32 -16.21 -22.34
C ASP I 163 55.43 -17.09 -21.47
N ARG I 164 56.05 -18.01 -20.72
CA ARG I 164 55.33 -18.90 -19.82
C ARG I 164 54.80 -18.15 -18.60
N ALA I 165 55.42 -17.01 -18.25
CA ALA I 165 55.06 -16.24 -17.09
C ALA I 165 53.91 -15.28 -17.36
N VAL I 166 53.63 -15.01 -18.61
CA VAL I 166 52.46 -14.26 -19.04
C VAL I 166 51.23 -15.15 -18.96
N ALA I 167 51.39 -16.48 -18.98
CA ALA I 167 50.27 -17.38 -18.92
C ALA I 167 49.71 -17.49 -17.51
N GLN I 168 50.44 -16.94 -16.50
CA GLN I 168 49.79 -16.81 -15.20
C GLN I 168 49.02 -15.51 -15.03
N PHE I 169 49.14 -14.62 -16.02
CA PHE I 169 48.28 -13.44 -16.00
C PHE I 169 46.97 -13.78 -16.71
N ALA I 170 47.12 -14.46 -17.86
CA ALA I 170 45.98 -14.71 -18.73
C ALA I 170 45.05 -15.80 -18.21
N ALA I 171 45.49 -16.55 -17.18
CA ALA I 171 44.64 -17.46 -16.44
C ALA I 171 44.17 -16.84 -15.14
N HIS I 172 44.37 -15.55 -14.92
CA HIS I 172 44.06 -14.87 -13.66
C HIS I 172 43.10 -13.72 -13.89
N LEU I 173 43.11 -13.12 -15.07
CA LEU I 173 42.17 -12.10 -15.50
C LEU I 173 41.43 -12.54 -16.77
N SER I 174 41.21 -13.85 -16.95
CA SER I 174 40.83 -14.49 -18.20
C SER I 174 39.46 -14.04 -18.69
N ARG I 175 38.48 -14.20 -17.81
CA ARG I 175 37.09 -13.78 -18.03
C ARG I 175 37.07 -12.30 -17.65
N HIS I 176 37.75 -11.47 -18.44
CA HIS I 176 37.75 -10.01 -18.34
C HIS I 176 37.97 -9.47 -16.93
N ASP I 177 39.11 -9.83 -16.37
CA ASP I 177 39.64 -9.32 -15.11
C ASP I 177 38.79 -9.66 -13.90
N ALA I 178 38.54 -10.96 -13.72
CA ALA I 178 37.93 -11.49 -12.51
C ALA I 178 38.75 -11.17 -11.27
N PRO I 180 39.70 -7.84 -9.95
CA PRO I 180 40.85 -6.97 -10.26
C PRO I 180 41.43 -6.22 -9.07
N LEU I 181 40.56 -5.65 -8.24
CA LEU I 181 40.97 -4.77 -7.14
C LEU I 181 40.25 -5.21 -5.86
N LEU I 182 40.95 -5.25 -4.73
CA LEU I 182 40.46 -5.87 -3.50
C LEU I 182 40.97 -5.04 -2.32
N ALA I 183 40.17 -4.94 -1.24
CA ALA I 183 40.63 -4.52 0.08
C ALA I 183 39.52 -4.69 1.11
N GLU I 187 37.87 -8.03 11.10
CA GLU I 187 36.66 -8.16 10.33
C GLU I 187 35.45 -7.40 10.77
N HIS I 188 34.91 -7.90 11.86
CA HIS I 188 33.58 -7.50 12.31
C HIS I 188 33.63 -5.95 12.33
N HIS I 189 34.83 -5.41 12.59
CA HIS I 189 35.11 -4.00 12.41
C HIS I 189 36.59 -3.85 12.14
N HIS I 190 37.06 -2.61 12.05
CA HIS I 190 38.35 -2.24 11.49
C HIS I 190 38.36 -2.50 9.98
N HIS I 193 38.77 2.78 6.37
CA HIS I 193 39.07 3.96 7.16
C HIS I 193 39.12 5.21 6.31
N PRO J 4 87.20 4.38 19.80
CA PRO J 4 87.00 3.16 19.02
C PRO J 4 86.13 3.42 17.78
N ARG J 5 85.47 4.58 17.74
CA ARG J 5 84.61 4.94 16.61
C ARG J 5 83.30 4.17 16.38
N ILE J 6 82.51 4.09 17.46
CA ILE J 6 81.15 3.60 17.29
C ILE J 6 80.27 4.59 16.54
N VAL J 7 79.73 4.09 15.42
CA VAL J 7 78.85 4.92 14.60
C VAL J 7 77.52 4.19 14.45
N ALA J 8 76.44 4.96 14.40
CA ALA J 8 75.10 4.47 14.53
C ALA J 8 74.28 4.97 13.34
N PHE J 9 73.47 4.03 12.83
CA PHE J 9 72.58 4.38 11.74
C PHE J 9 71.16 3.89 12.00
N ALA J 10 70.21 4.79 11.85
CA ALA J 10 68.80 4.45 12.00
C ALA J 10 68.10 4.96 10.75
N GLY J 11 67.08 4.19 10.30
CA GLY J 11 66.27 4.69 9.20
C GLY J 11 65.03 5.46 9.70
N SER J 12 65.24 6.42 10.62
CA SER J 12 64.15 6.97 11.38
C SER J 12 63.36 8.04 10.67
N TRP J 13 64.01 9.01 10.02
CA TRP J 13 63.53 10.06 9.22
C TRP J 13 62.62 11.10 9.90
N SER J 14 62.44 11.01 11.21
CA SER J 14 61.36 11.63 11.95
C SER J 14 61.92 12.63 12.97
N ARG J 15 61.11 13.61 13.35
CA ARG J 15 61.54 14.72 14.20
C ARG J 15 61.67 14.28 15.67
N PRO J 16 60.67 13.63 16.31
CA PRO J 16 60.87 13.05 17.62
C PRO J 16 61.55 11.71 17.61
N SER J 17 61.34 10.96 16.53
CA SER J 17 62.02 9.68 16.19
C SER J 17 62.33 8.65 17.28
N LYS J 18 61.30 7.95 17.75
CA LYS J 18 61.39 6.76 18.56
C LYS J 18 62.28 5.58 18.14
N THR J 19 62.71 5.58 16.87
CA THR J 19 63.68 4.59 16.43
C THR J 19 65.09 5.07 16.73
N ARG J 20 65.32 6.40 16.69
CA ARG J 20 66.63 6.94 16.98
C ARG J 20 66.95 6.86 18.48
N SER J 21 65.91 6.84 19.32
CA SER J 21 66.11 6.71 20.76
C SER J 21 66.50 5.29 21.16
N LEU J 22 66.14 4.30 20.31
CA LEU J 22 66.47 2.92 20.59
C LEU J 22 67.91 2.60 20.23
N VAL J 23 68.48 3.35 19.31
CA VAL J 23 69.80 3.08 18.81
C VAL J 23 70.81 3.92 19.57
N GLU J 24 70.37 5.06 20.14
CA GLU J 24 71.22 5.95 20.91
C GLU J 24 71.57 5.31 22.25
N GLU J 25 70.69 4.47 22.79
CA GLU J 25 70.97 3.87 24.09
C GLU J 25 72.00 2.74 24.03
N ALA J 26 71.93 1.99 22.93
CA ALA J 26 72.88 0.88 22.76
C ALA J 26 74.21 1.38 22.24
N ALA J 27 74.25 2.61 21.66
CA ALA J 27 75.52 3.23 21.34
C ALA J 27 76.15 3.80 22.63
N ARG J 28 75.31 4.37 23.49
CA ARG J 28 75.81 4.95 24.73
C ARG J 28 76.23 3.85 25.70
N ARG J 29 75.55 2.70 25.63
CA ARG J 29 75.88 1.58 26.50
C ARG J 29 77.13 0.89 26.01
N ALA J 30 77.51 1.10 24.73
CA ALA J 30 78.74 0.50 24.24
C ALA J 30 79.93 1.38 24.62
N VAL J 31 79.72 2.70 24.54
CA VAL J 31 80.84 3.60 24.73
C VAL J 31 81.17 3.76 26.22
N ALA J 32 80.13 3.63 27.04
CA ALA J 32 80.32 3.75 28.49
C ALA J 32 80.84 2.43 29.04
N ARG J 33 80.71 1.33 28.27
CA ARG J 33 81.32 0.07 28.69
C ARG J 33 82.83 0.05 28.35
N PHE J 34 83.17 0.17 27.07
CA PHE J 34 84.56 0.16 26.64
C PHE J 34 84.75 0.91 25.33
N GLY J 35 83.99 1.99 25.17
CA GLY J 35 84.07 2.79 23.97
C GLY J 35 84.58 4.20 24.24
N GLY J 36 84.94 4.91 23.19
CA GLY J 36 85.45 6.26 23.31
C GLY J 36 84.97 7.19 22.21
N SER J 37 84.00 6.71 21.44
CA SER J 37 83.44 7.49 20.35
C SER J 37 82.06 7.01 19.94
N ALA J 38 81.08 7.90 19.99
CA ALA J 38 79.72 7.58 19.63
C ALA J 38 79.16 8.63 18.68
N HIS J 39 78.71 8.19 17.50
CA HIS J 39 78.17 9.10 16.51
C HIS J 39 76.86 8.55 16.01
N VAL J 40 75.76 9.28 16.17
CA VAL J 40 74.46 8.75 15.82
C VAL J 40 73.87 9.66 14.75
N PHE J 41 73.44 9.11 13.62
CA PHE J 41 72.75 9.89 12.62
C PHE J 41 71.60 9.07 12.01
N ASP J 42 70.76 9.79 11.24
CA ASP J 42 69.58 9.19 10.63
C ASP J 42 69.33 9.85 9.28
N ILE J 43 68.18 9.60 8.67
CA ILE J 43 67.95 9.96 7.29
C ILE J 43 67.72 11.47 7.18
N ALA J 44 67.20 12.10 8.25
CA ALA J 44 67.05 13.53 8.24
C ALA J 44 68.42 14.23 8.36
N ASP J 45 69.37 13.55 8.98
CA ASP J 45 70.67 14.14 9.25
C ASP J 45 71.55 14.16 7.98
N LEU J 46 71.28 13.23 7.08
CA LEU J 46 72.16 13.05 5.94
C LEU J 46 71.59 13.83 4.78
N GLY J 47 70.92 14.96 5.04
CA GLY J 47 70.43 15.81 3.97
C GLY J 47 68.92 15.88 3.98
N PRO J 48 68.32 17.05 3.68
CA PRO J 48 66.87 17.19 3.63
C PRO J 48 66.23 16.45 2.46
N ASP J 49 66.98 16.31 1.36
CA ASP J 49 66.39 15.73 0.14
C ASP J 49 66.95 14.36 -0.15
N PHE J 50 68.23 14.33 -0.57
CA PHE J 50 68.94 13.12 -0.97
C PHE J 50 68.23 12.27 -2.05
N GLY J 51 67.94 12.92 -3.18
CA GLY J 51 67.06 12.29 -4.17
C GLY J 51 67.80 12.17 -5.49
N SER J 52 68.19 10.96 -5.86
CA SER J 52 68.50 10.75 -7.27
C SER J 52 69.71 11.43 -7.96
N LEU J 53 70.83 11.37 -7.26
CA LEU J 53 72.12 11.67 -7.92
C LEU J 53 73.15 10.60 -7.60
N ARG J 54 74.30 10.65 -8.27
CA ARG J 54 75.24 9.54 -8.26
C ARG J 54 76.45 9.76 -7.37
N GLN J 55 76.95 10.99 -7.22
CA GLN J 55 78.24 11.24 -6.61
C GLN J 55 78.03 11.73 -5.19
N PRO J 56 78.99 11.57 -4.27
CA PRO J 56 78.95 12.30 -3.00
C PRO J 56 79.44 13.75 -3.08
N GLN J 57 78.48 14.70 -3.08
CA GLN J 57 78.79 16.11 -2.94
C GLN J 57 77.80 16.69 -1.94
N ASP J 58 78.06 16.41 -0.67
CA ASP J 58 77.25 16.84 0.50
C ASP J 58 78.25 16.64 1.64
N GLY J 59 78.39 17.62 2.52
CA GLY J 59 79.48 17.49 3.50
C GLY J 59 78.89 16.95 4.78
N PRO J 60 77.72 17.47 5.25
CA PRO J 60 77.08 16.95 6.46
C PRO J 60 76.48 15.55 6.24
N HIS J 61 76.30 15.16 4.97
CA HIS J 61 75.76 13.84 4.61
C HIS J 61 77.00 12.94 4.44
N THR J 62 77.90 13.32 3.53
CA THR J 62 79.12 12.55 3.31
C THR J 62 79.98 12.58 4.56
N ARG J 63 79.70 13.45 5.53
CA ARG J 63 80.36 13.43 6.83
C ARG J 63 79.85 12.18 7.56
N HIS J 64 78.58 11.82 7.29
CA HIS J 64 77.99 10.67 7.95
C HIS J 64 78.28 9.37 7.20
N LEU J 65 78.58 9.47 5.89
CA LEU J 65 78.96 8.29 5.14
C LEU J 65 80.43 7.96 5.41
N ASP J 66 81.25 8.99 5.56
CA ASP J 66 82.69 8.80 5.64
C ASP J 66 83.08 8.37 7.03
N ALA J 67 82.28 8.74 8.04
CA ALA J 67 82.53 8.22 9.39
C ALA J 67 81.98 6.80 9.53
N PHE J 68 81.03 6.43 8.68
CA PHE J 68 80.46 5.11 8.72
C PHE J 68 81.48 4.11 8.14
N LEU J 69 82.24 4.53 7.12
CA LEU J 69 83.19 3.65 6.48
C LEU J 69 84.49 3.55 7.28
N ALA J 70 84.78 4.58 8.07
CA ALA J 70 86.00 4.59 8.87
C ALA J 70 85.75 4.02 10.25
N ALA J 71 84.50 3.60 10.52
CA ALA J 71 84.12 3.12 11.83
C ALA J 71 84.69 1.73 12.06
N ASP J 72 85.11 1.48 13.30
CA ASP J 72 85.57 0.15 13.66
C ASP J 72 84.44 -0.71 14.18
N ALA J 73 83.33 -0.11 14.59
CA ALA J 73 82.18 -0.84 15.09
C ALA J 73 80.92 -0.08 14.69
N LEU J 74 79.86 -0.80 14.36
CA LEU J 74 78.68 -0.25 13.72
C LEU J 74 77.44 -0.74 14.47
N ILE J 75 76.47 0.17 14.65
CA ILE J 75 75.17 -0.22 15.15
C ILE J 75 74.12 0.22 14.14
N VAL J 76 73.28 -0.72 13.71
CA VAL J 76 72.44 -0.48 12.53
C VAL J 76 71.02 -0.92 12.86
N ALA J 77 70.06 -0.11 12.45
CA ALA J 77 68.66 -0.37 12.78
C ALA J 77 67.79 0.24 11.71
N SER J 78 66.55 -0.24 11.63
CA SER J 78 65.56 0.37 10.72
C SER J 78 64.17 0.12 11.26
N PRO J 79 63.20 1.02 11.07
CA PRO J 79 61.79 0.67 11.31
C PRO J 79 61.26 -0.29 10.24
N VAL J 80 60.49 -1.28 10.67
CA VAL J 80 60.01 -2.32 9.80
C VAL J 80 58.82 -1.79 8.99
N TYR J 81 58.98 -1.73 7.69
CA TYR J 81 58.04 -1.15 6.76
C TYR J 81 57.92 -2.13 5.61
N LYS J 82 56.69 -2.51 5.31
CA LYS J 82 56.30 -3.49 4.29
C LYS J 82 57.05 -4.82 4.43
N GLY J 83 57.11 -5.35 5.65
CA GLY J 83 57.70 -6.65 5.88
C GLY J 83 59.22 -6.69 5.77
N SER J 84 59.84 -5.52 5.74
CA SER J 84 61.32 -5.40 5.63
C SER J 84 61.78 -4.06 6.23
N TYR J 85 62.96 -3.59 5.81
CA TYR J 85 63.51 -2.31 6.31
C TYR J 85 63.06 -1.16 5.40
N THR J 86 63.51 0.06 5.69
CA THR J 86 63.08 1.27 4.94
C THR J 86 63.87 1.37 3.64
N GLY J 87 63.24 1.93 2.58
CA GLY J 87 63.89 2.08 1.29
C GLY J 87 65.06 3.04 1.37
N LEU J 88 64.93 4.09 2.18
CA LEU J 88 65.96 5.10 2.30
C LEU J 88 67.12 4.61 3.13
N PHE J 89 66.88 3.55 3.91
CA PHE J 89 67.90 2.88 4.68
C PHE J 89 68.85 2.19 3.68
N LYS J 90 68.27 1.51 2.69
CA LYS J 90 69.11 0.73 1.80
C LYS J 90 69.63 1.59 0.69
N HIS J 91 69.10 2.82 0.50
CA HIS J 91 69.73 3.74 -0.45
C HIS J 91 71.07 4.25 0.10
N PHE J 92 71.19 4.27 1.44
CA PHE J 92 72.45 4.60 2.08
C PHE J 92 73.42 3.43 1.94
N ILE J 93 72.90 2.21 1.94
CA ILE J 93 73.71 1.02 1.82
C ILE J 93 74.13 0.80 0.38
N ASP J 94 73.34 1.31 -0.57
CA ASP J 94 73.64 1.20 -1.99
C ASP J 94 74.81 2.10 -2.39
N LEU J 95 75.21 3.04 -1.54
CA LEU J 95 76.33 3.92 -1.81
C LEU J 95 77.62 3.40 -1.18
N ILE J 96 77.61 2.26 -0.51
CA ILE J 96 78.81 1.71 0.06
C ILE J 96 79.46 0.82 -0.99
N GLU J 97 80.80 0.81 -1.06
CA GLU J 97 81.48 -0.13 -1.92
C GLU J 97 81.34 -1.55 -1.38
N PRO J 98 81.04 -2.57 -2.24
CA PRO J 98 80.75 -3.90 -1.72
C PRO J 98 81.97 -4.57 -1.10
N VAL J 99 83.18 -4.03 -1.29
CA VAL J 99 84.35 -4.67 -0.75
C VAL J 99 84.74 -4.05 0.59
N ALA J 100 84.12 -2.92 0.94
CA ALA J 100 84.22 -2.34 2.26
C ALA J 100 83.23 -3.08 3.18
N LEU J 101 83.24 -2.70 4.47
CA LEU J 101 82.41 -3.31 5.49
C LEU J 101 82.72 -4.78 5.77
N VAL J 102 83.93 -5.20 5.50
CA VAL J 102 84.42 -6.50 5.87
C VAL J 102 84.92 -6.46 7.30
N GLY J 103 84.63 -7.49 8.07
CA GLY J 103 85.18 -7.70 9.39
C GLY J 103 84.62 -6.78 10.47
N LYS J 104 83.60 -5.97 10.17
CA LYS J 104 83.08 -4.99 11.05
C LYS J 104 82.00 -5.64 11.91
N PRO J 105 81.94 -5.32 13.20
CA PRO J 105 80.76 -5.67 14.00
C PRO J 105 79.56 -4.79 13.65
N VAL J 106 78.41 -5.42 13.45
CA VAL J 106 77.14 -4.77 13.41
C VAL J 106 76.21 -5.35 14.47
N LEU J 107 75.24 -4.54 14.89
CA LEU J 107 74.27 -4.97 15.95
C LEU J 107 73.03 -5.61 15.32
N LEU J 108 72.45 -4.96 14.30
CA LEU J 108 71.25 -5.44 13.65
C LEU J 108 69.92 -5.33 14.38
N ALA J 109 69.51 -4.15 14.77
CA ALA J 109 68.26 -3.96 15.47
C ALA J 109 67.18 -3.68 14.44
N ALA J 110 65.94 -3.74 14.90
CA ALA J 110 64.78 -3.30 14.12
C ALA J 110 63.66 -2.97 15.09
N THR J 111 62.93 -1.87 14.81
CA THR J 111 61.87 -1.44 15.71
C THR J 111 60.57 -1.44 14.92
N GLY J 112 59.73 -2.41 15.27
CA GLY J 112 58.48 -2.59 14.56
C GLY J 112 57.27 -2.35 15.47
N GLY J 113 56.09 -2.51 14.90
CA GLY J 113 54.86 -2.36 15.67
C GLY J 113 54.54 -3.62 16.48
N GLY J 114 54.37 -4.72 15.77
CA GLY J 114 53.95 -5.96 16.38
C GLY J 114 55.03 -7.03 16.26
N ASP J 115 54.83 -8.11 17.03
CA ASP J 115 55.76 -9.23 17.02
C ASP J 115 55.52 -10.16 15.85
N ARG J 116 54.67 -9.83 14.88
CA ARG J 116 54.52 -10.63 13.68
C ARG J 116 55.68 -10.44 12.70
N HIS J 117 56.36 -9.28 12.79
CA HIS J 117 57.44 -8.96 11.90
C HIS J 117 58.81 -9.27 12.50
N ALA J 118 58.93 -10.29 13.38
CA ALA J 118 60.13 -10.47 14.15
C ALA J 118 61.20 -11.24 13.40
N LEU J 119 60.92 -11.67 12.18
CA LEU J 119 61.88 -12.37 11.36
C LEU J 119 62.60 -11.41 10.39
N VAL J 120 62.56 -10.09 10.66
CA VAL J 120 63.17 -9.18 9.70
C VAL J 120 64.68 -9.09 9.96
N ILE J 121 65.06 -9.47 11.18
CA ILE J 121 66.48 -9.35 11.54
C ILE J 121 67.30 -10.46 10.86
N GLU J 122 66.69 -11.65 10.78
CA GLU J 122 67.43 -12.80 10.28
C GLU J 122 67.22 -12.98 8.79
N HIS J 123 66.07 -12.56 8.23
CA HIS J 123 65.79 -12.81 6.83
C HIS J 123 65.96 -11.57 5.96
N GLN J 124 66.00 -10.38 6.55
CA GLN J 124 66.16 -9.17 5.73
C GLN J 124 67.42 -8.36 6.07
N LEU J 125 67.78 -8.27 7.36
CA LEU J 125 68.89 -7.36 7.72
C LEU J 125 70.22 -8.11 7.82
N ARG J 126 70.18 -9.41 8.24
CA ARG J 126 71.37 -10.20 8.32
C ARG J 126 71.88 -10.62 6.94
N PRO J 127 71.02 -10.94 5.94
CA PRO J 127 71.52 -11.19 4.59
C PRO J 127 72.17 -10.00 3.87
N VAL J 128 71.89 -8.77 4.28
CA VAL J 128 72.40 -7.64 3.54
C VAL J 128 73.86 -7.40 3.96
N PHE J 129 74.10 -7.64 5.26
CA PHE J 129 75.42 -7.33 5.79
C PHE J 129 76.27 -8.61 5.83
N GLY J 130 75.77 -9.69 5.22
CA GLY J 130 76.59 -10.85 4.93
C GLY J 130 77.04 -10.79 3.49
N PHE J 131 76.44 -9.90 2.69
CA PHE J 131 76.96 -9.57 1.37
C PHE J 131 78.30 -8.84 1.54
N PHE J 132 78.35 -7.97 2.57
CA PHE J 132 79.57 -7.25 2.88
C PHE J 132 80.57 -8.07 3.66
N GLU J 133 80.16 -9.26 4.12
CA GLU J 133 80.90 -10.16 4.98
C GLU J 133 81.37 -9.49 6.26
N ALA J 134 80.49 -8.72 6.89
CA ALA J 134 80.73 -8.11 8.19
C ALA J 134 80.53 -9.21 9.24
N HIS J 135 81.57 -10.01 9.41
CA HIS J 135 81.50 -11.36 9.97
C HIS J 135 81.07 -11.37 11.43
N THR J 136 81.20 -10.26 12.11
CA THR J 136 80.66 -10.08 13.44
C THR J 136 79.26 -9.46 13.42
N LEU J 137 78.42 -9.93 12.49
CA LEU J 137 77.00 -9.68 12.55
C LEU J 137 76.45 -10.55 13.66
N ALA J 138 76.36 -9.97 14.85
CA ALA J 138 75.99 -10.68 16.05
C ALA J 138 74.47 -10.84 16.11
N THR J 139 73.99 -11.37 17.25
CA THR J 139 72.55 -11.48 17.43
C THR J 139 71.92 -10.11 17.65
N GLY J 140 70.89 -9.79 16.83
CA GLY J 140 70.21 -8.54 16.98
C GLY J 140 68.90 -8.73 17.75
N LEU J 141 68.22 -7.60 17.94
CA LEU J 141 66.96 -7.60 18.65
C LEU J 141 65.86 -6.89 17.85
N TYR J 142 64.67 -7.48 17.94
CA TYR J 142 63.49 -6.90 17.35
C TYR J 142 62.63 -6.33 18.49
N VAL J 143 62.22 -5.08 18.28
CA VAL J 143 61.38 -4.41 19.26
C VAL J 143 60.01 -4.17 18.64
N SER J 144 58.96 -4.60 19.35
CA SER J 144 57.58 -4.25 19.02
C SER J 144 57.16 -3.04 19.85
N ALA J 145 55.86 -2.85 20.08
CA ALA J 145 55.32 -1.82 20.93
C ALA J 145 55.43 -2.31 22.37
N SER J 146 56.67 -2.42 22.82
CA SER J 146 57.02 -2.81 24.19
C SER J 146 58.02 -1.85 24.79
N ASP J 147 57.97 -0.56 24.41
CA ASP J 147 58.94 0.40 24.87
C ASP J 147 58.36 1.38 25.90
N PHE J 148 59.16 2.39 26.22
CA PHE J 148 58.83 3.43 27.19
C PHE J 148 58.50 2.91 28.61
N ASP J 151 61.27 0.01 27.40
CA ASP J 151 62.57 0.09 26.70
C ASP J 151 63.02 1.53 26.56
N GLY J 152 62.16 2.53 26.84
CA GLY J 152 62.60 3.90 26.96
C GLY J 152 63.47 4.09 28.21
N LEU J 153 63.25 3.25 29.23
CA LEU J 153 64.14 3.14 30.37
C LEU J 153 64.42 1.65 30.67
N SER J 155 62.09 -2.86 31.73
CA SER J 155 62.07 -3.80 30.58
C SER J 155 63.10 -4.91 30.78
N GLU J 156 62.62 -6.10 31.15
CA GLU J 156 63.46 -7.29 31.18
C GLU J 156 63.43 -8.04 29.86
N ALA J 157 62.98 -7.41 28.77
CA ALA J 157 62.95 -8.06 27.46
C ALA J 157 63.96 -7.36 26.55
N ALA J 158 64.03 -6.01 26.61
CA ALA J 158 64.71 -5.29 25.53
C ALA J 158 66.04 -4.70 26.01
N SER J 159 66.08 -4.23 27.28
CA SER J 159 67.33 -3.64 27.76
C SER J 159 68.23 -4.75 28.26
N THR J 160 67.63 -5.79 28.89
CA THR J 160 68.38 -6.99 29.21
C THR J 160 68.23 -7.75 27.89
N ARG J 161 69.24 -8.49 27.49
CA ARG J 161 69.35 -9.00 26.14
C ARG J 161 69.93 -7.93 25.21
N LEU J 162 70.29 -6.78 25.69
CA LEU J 162 70.93 -5.76 24.91
C LEU J 162 72.28 -5.66 25.60
N ASP J 163 72.33 -5.88 26.89
CA ASP J 163 73.59 -6.00 27.65
C ASP J 163 74.39 -7.23 27.20
N ARG J 164 73.71 -8.27 26.74
CA ARG J 164 74.40 -9.41 26.18
C ARG J 164 74.80 -9.15 24.72
N ALA J 165 74.13 -8.23 24.07
CA ALA J 165 74.40 -7.88 22.68
C ALA J 165 75.55 -6.89 22.56
N VAL J 166 75.77 -6.07 23.59
CA VAL J 166 76.96 -5.23 23.59
C VAL J 166 78.16 -6.06 24.04
N ALA J 167 77.91 -7.14 24.78
CA ALA J 167 78.96 -8.02 25.27
C ALA J 167 79.41 -8.96 24.14
N GLN J 168 78.69 -8.99 23.03
CA GLN J 168 79.12 -9.74 21.87
C GLN J 168 80.01 -8.94 20.95
N PHE J 169 80.21 -7.68 21.23
CA PHE J 169 81.16 -6.92 20.44
C PHE J 169 82.51 -7.12 21.03
N ALA J 170 82.53 -7.14 22.35
CA ALA J 170 83.73 -7.36 23.10
C ALA J 170 84.39 -8.65 22.61
N ALA J 171 83.63 -9.75 22.67
CA ALA J 171 84.06 -11.09 22.23
C ALA J 171 84.80 -11.01 20.93
N HIS J 172 84.59 -9.93 20.22
CA HIS J 172 85.42 -9.80 19.04
C HIS J 172 86.62 -8.89 19.32
N LEU J 173 86.36 -7.77 19.98
CA LEU J 173 87.43 -6.85 20.36
C LEU J 173 87.79 -7.14 21.80
N SER J 174 89.05 -7.52 22.07
CA SER J 174 89.55 -7.74 23.43
C SER J 174 89.57 -6.39 24.18
N ARG J 175 90.41 -5.49 23.68
CA ARG J 175 90.32 -4.05 23.96
C ARG J 175 90.40 -3.23 22.69
N HIS J 176 90.93 -3.74 21.56
CA HIS J 176 91.01 -3.04 20.32
C HIS J 176 90.91 -4.07 19.20
N ASP J 177 91.11 -3.61 17.97
CA ASP J 177 90.98 -4.41 16.76
C ASP J 177 92.05 -5.50 16.67
N ALA J 178 92.03 -6.44 17.63
CA ALA J 178 92.97 -7.56 17.65
C ALA J 178 92.59 -8.66 16.66
N ALA J 179 91.38 -8.58 16.11
CA ALA J 179 90.80 -9.60 15.25
C ALA J 179 90.47 -8.94 13.92
N PRO J 180 91.44 -8.76 13.00
CA PRO J 180 91.18 -8.00 11.78
C PRO J 180 90.39 -8.76 10.71
N LEU J 181 90.33 -8.18 9.53
CA LEU J 181 89.73 -8.75 8.34
C LEU J 181 90.80 -9.36 7.44
N LEU J 182 90.38 -9.83 6.27
CA LEU J 182 91.26 -10.55 5.36
C LEU J 182 91.21 -9.95 3.95
N ALA J 183 92.24 -10.20 3.13
CA ALA J 183 92.25 -9.95 1.70
C ALA J 183 91.14 -10.66 0.91
N VAL J 184 90.84 -10.17 -0.29
CA VAL J 184 89.56 -10.45 -0.95
C VAL J 184 89.58 -11.53 -2.02
N GLY J 185 90.48 -11.46 -3.01
CA GLY J 185 90.32 -12.16 -4.27
C GLY J 185 91.54 -13.04 -4.54
N LEU J 186 91.97 -13.81 -3.55
CA LEU J 186 93.31 -14.39 -3.54
C LEU J 186 93.41 -15.56 -4.52
N GLU J 187 94.17 -15.33 -5.60
CA GLU J 187 94.41 -16.34 -6.62
C GLU J 187 95.52 -15.87 -7.56
N MET K 1 91.50 -27.84 28.66
CA MET K 1 92.72 -28.68 28.48
C MET K 1 92.60 -29.69 27.33
N PRO K 2 91.53 -30.51 27.24
CA PRO K 2 91.53 -31.64 26.32
C PRO K 2 91.22 -31.25 24.87
N GLY K 3 91.15 -29.94 24.61
CA GLY K 3 90.75 -29.42 23.33
C GLY K 3 89.45 -28.62 23.44
N PRO K 4 89.31 -27.53 22.64
CA PRO K 4 88.06 -26.79 22.56
C PRO K 4 86.95 -27.55 21.87
N ARG K 5 87.27 -28.74 21.33
CA ARG K 5 86.29 -29.67 20.81
C ARG K 5 85.55 -29.30 19.52
N ILE K 6 86.32 -28.95 18.50
CA ILE K 6 85.76 -28.54 17.22
C ILE K 6 85.02 -29.67 16.50
N VAL K 7 83.80 -29.37 16.06
CA VAL K 7 82.87 -30.42 15.66
C VAL K 7 82.35 -30.07 14.28
N ALA K 8 82.15 -31.10 13.45
CA ALA K 8 81.64 -30.91 12.10
C ALA K 8 80.35 -31.68 11.88
N ALA K 10 77.92 -32.86 8.47
CA ALA K 10 77.55 -32.90 7.05
C ALA K 10 76.29 -33.75 6.84
N GLY K 11 75.31 -33.17 6.15
CA GLY K 11 74.07 -33.88 5.88
C GLY K 11 74.14 -34.74 4.58
N SER K 12 74.92 -35.80 4.72
CA SER K 12 75.47 -36.56 3.60
C SER K 12 74.51 -37.64 3.10
N TRP K 13 74.40 -37.78 1.76
CA TRP K 13 73.51 -38.76 1.17
C TRP K 13 74.12 -40.16 1.09
N SER K 14 75.27 -40.21 0.44
CA SER K 14 75.88 -41.48 0.03
C SER K 14 77.40 -41.39 0.15
N ARG K 15 78.05 -42.41 -0.39
CA ARG K 15 79.49 -42.58 -0.36
C ARG K 15 80.20 -41.65 -1.33
N PRO K 16 79.82 -41.53 -2.64
CA PRO K 16 80.39 -40.50 -3.50
C PRO K 16 79.75 -39.12 -3.30
N SER K 17 80.00 -38.59 -2.11
CA SER K 17 79.38 -37.38 -1.59
C SER K 17 80.16 -36.13 -2.01
N LYS K 18 79.40 -35.04 -2.23
CA LYS K 18 80.04 -33.74 -2.41
C LYS K 18 80.05 -33.01 -1.08
N THR K 19 79.14 -33.32 -0.15
CA THR K 19 79.07 -32.57 1.10
C THR K 19 80.06 -33.12 2.12
N ARG K 20 80.31 -34.42 2.09
CA ARG K 20 81.55 -35.01 2.64
C ARG K 20 82.57 -34.84 1.51
N SER K 21 83.85 -34.64 1.84
CA SER K 21 84.85 -34.15 0.93
C SER K 21 84.71 -32.66 0.67
N LEU K 22 83.78 -31.95 1.29
CA LEU K 22 83.76 -30.52 1.53
C LEU K 22 84.05 -30.30 3.02
N VAL K 23 83.54 -31.17 3.86
CA VAL K 23 83.72 -31.03 5.29
C VAL K 23 84.92 -31.86 5.72
N GLU K 24 85.40 -32.77 4.89
CA GLU K 24 86.69 -33.44 5.11
C GLU K 24 87.84 -32.45 4.84
N GLU K 25 87.64 -31.60 3.83
CA GLU K 25 88.60 -30.60 3.43
C GLU K 25 88.53 -29.40 4.37
N ALA K 26 87.40 -29.16 5.01
CA ALA K 26 87.26 -28.07 5.95
C ALA K 26 87.90 -28.47 7.29
N ALA K 27 87.93 -29.78 7.59
CA ALA K 27 88.33 -30.20 8.92
C ALA K 27 89.84 -30.09 9.15
N ARG K 28 90.58 -30.40 8.10
CA ARG K 28 92.02 -30.37 8.07
C ARG K 28 92.54 -28.95 8.24
N ARG K 29 91.78 -27.94 7.81
CA ARG K 29 92.16 -26.56 7.98
C ARG K 29 92.05 -26.12 9.44
N ALA K 30 91.20 -26.80 10.20
CA ALA K 30 90.87 -26.34 11.53
C ALA K 30 91.77 -27.05 12.52
N VAL K 31 91.98 -28.34 12.33
CA VAL K 31 92.74 -29.13 13.28
C VAL K 31 94.23 -28.89 13.05
N ALA K 32 94.61 -28.34 11.89
CA ALA K 32 96.04 -28.08 11.59
C ALA K 32 96.42 -26.65 12.01
N ARG K 33 95.57 -25.68 11.70
CA ARG K 33 95.83 -24.26 12.05
C ARG K 33 95.65 -24.04 13.55
N PHE K 34 94.67 -24.74 14.16
CA PHE K 34 94.39 -24.61 15.56
C PHE K 34 94.14 -26.00 16.15
N GLY K 35 93.95 -26.05 17.46
CA GLY K 35 93.87 -27.33 18.16
C GLY K 35 92.44 -27.64 18.58
N GLY K 36 92.15 -28.93 18.79
CA GLY K 36 90.83 -29.37 19.11
C GLY K 36 90.65 -30.85 18.82
N SER K 37 89.42 -31.32 19.00
CA SER K 37 89.04 -32.72 18.77
C SER K 37 88.08 -32.83 17.59
N ALA K 38 88.62 -32.80 16.40
CA ALA K 38 87.80 -32.89 15.23
C ALA K 38 86.97 -34.16 15.24
N HIS K 39 85.69 -34.03 14.92
CA HIS K 39 84.81 -35.17 14.79
C HIS K 39 83.81 -34.77 13.74
N VAL K 40 83.95 -35.41 12.57
CA VAL K 40 83.03 -35.26 11.41
C VAL K 40 82.10 -36.46 11.55
N PHE K 41 80.79 -36.31 11.36
CA PHE K 41 79.99 -37.53 11.69
C PHE K 41 78.96 -37.94 10.65
N ASP K 42 78.87 -37.15 9.59
CA ASP K 42 78.02 -37.42 8.42
C ASP K 42 76.52 -37.50 8.70
N ALA K 44 75.12 -41.96 4.69
CA ALA K 44 75.12 -41.33 6.02
C ALA K 44 75.28 -42.41 7.10
N ASP K 45 76.25 -42.16 7.99
CA ASP K 45 76.55 -43.03 9.11
C ASP K 45 75.83 -42.28 10.22
N LEU K 46 74.54 -42.53 10.30
CA LEU K 46 73.62 -41.89 11.22
C LEU K 46 72.60 -42.99 11.52
N GLY K 47 71.61 -42.71 12.39
CA GLY K 47 70.41 -43.53 12.46
C GLY K 47 69.46 -43.25 11.31
N PRO K 48 68.74 -44.28 10.78
CA PRO K 48 67.90 -44.08 9.61
C PRO K 48 66.63 -43.32 9.90
N ASP K 49 66.79 -42.02 10.16
CA ASP K 49 65.75 -41.08 10.57
C ASP K 49 64.91 -41.56 11.77
N PHE K 50 65.61 -41.76 12.88
CA PHE K 50 65.10 -42.50 14.02
C PHE K 50 64.04 -41.70 14.79
N GLY K 51 62.79 -41.81 14.28
CA GLY K 51 61.63 -41.29 14.96
C GLY K 51 60.93 -42.45 15.67
N LEU K 53 62.22 -43.20 18.59
CA LEU K 53 62.18 -42.46 19.85
C LEU K 53 62.11 -40.93 19.61
N ARG K 54 61.55 -40.21 20.58
CA ARG K 54 61.59 -38.76 20.57
C ARG K 54 62.71 -38.22 21.43
N GLN K 55 63.38 -39.04 22.26
CA GLN K 55 64.38 -38.62 23.20
C GLN K 55 65.67 -39.40 22.89
N PRO K 56 66.87 -38.79 22.98
CA PRO K 56 68.10 -39.51 22.69
C PRO K 56 68.57 -40.52 23.73
N GLN K 57 68.65 -41.78 23.31
CA GLN K 57 69.14 -42.87 24.14
C GLN K 57 70.65 -43.05 23.88
N ASP K 58 71.26 -43.85 24.73
CA ASP K 58 72.67 -44.21 24.64
C ASP K 58 72.84 -45.31 23.58
N GLY K 59 73.23 -44.85 22.38
CA GLY K 59 73.36 -45.73 21.24
C GLY K 59 73.74 -44.93 20.01
N PRO K 60 72.99 -44.99 18.90
CA PRO K 60 73.44 -44.37 17.65
C PRO K 60 73.47 -42.84 17.57
N HIS K 61 73.05 -42.16 18.64
CA HIS K 61 72.88 -40.72 18.62
C HIS K 61 73.78 -40.03 19.63
N THR K 62 74.34 -40.75 20.59
CA THR K 62 75.10 -40.12 21.64
C THR K 62 76.52 -39.79 21.15
N ARG K 63 76.95 -40.47 20.07
CA ARG K 63 78.26 -40.20 19.45
C ARG K 63 78.03 -39.24 18.26
N HIS K 64 76.84 -38.64 18.17
CA HIS K 64 76.56 -37.73 17.08
C HIS K 64 75.97 -36.43 17.55
N LEU K 65 75.37 -36.40 18.74
CA LEU K 65 74.64 -35.21 19.20
C LEU K 65 75.23 -34.66 20.50
N ASP K 66 75.84 -35.51 21.29
CA ASP K 66 76.46 -35.11 22.54
C ASP K 66 77.79 -34.41 22.28
N ALA K 67 78.46 -34.74 21.19
CA ALA K 67 79.64 -33.96 20.82
C ALA K 67 79.26 -32.63 20.18
N PHE K 68 78.09 -32.59 19.58
CA PHE K 68 77.56 -31.36 19.00
C PHE K 68 77.11 -30.43 20.12
N LEU K 69 76.59 -31.00 21.20
CA LEU K 69 75.96 -30.25 22.27
C LEU K 69 77.00 -29.67 23.23
N ALA K 70 78.23 -30.21 23.20
CA ALA K 70 79.28 -29.79 24.11
C ALA K 70 79.86 -28.42 23.72
N ALA K 71 80.76 -27.92 24.54
CA ALA K 71 81.29 -26.57 24.41
C ALA K 71 82.23 -26.49 23.18
N ASP K 72 81.62 -26.31 22.00
CA ASP K 72 82.21 -26.75 20.75
C ASP K 72 82.42 -25.58 19.79
N ALA K 73 82.95 -25.90 18.60
CA ALA K 73 82.92 -24.97 17.48
C ALA K 73 82.51 -25.76 16.23
N LEU K 74 81.61 -25.20 15.42
CA LEU K 74 80.72 -25.96 14.57
C LEU K 74 81.03 -25.70 13.10
N ILE K 75 80.98 -26.77 12.34
CA ILE K 75 81.06 -26.69 10.89
C ILE K 75 79.86 -27.43 10.34
N VAL K 76 79.01 -26.74 9.59
CA VAL K 76 77.75 -27.32 9.15
C VAL K 76 77.62 -27.17 7.65
N ALA K 77 77.13 -28.23 6.99
CA ALA K 77 76.96 -28.13 5.54
C ALA K 77 75.79 -29.02 5.14
N SER K 78 75.19 -28.68 4.00
CA SER K 78 74.01 -29.37 3.54
C SER K 78 73.93 -29.26 2.03
N PRO K 79 73.46 -30.30 1.31
CA PRO K 79 73.14 -30.13 -0.10
C PRO K 79 71.83 -29.37 -0.25
N VAL K 80 71.79 -28.42 -1.19
CA VAL K 80 70.60 -27.60 -1.33
C VAL K 80 69.61 -28.37 -2.22
N TYR K 81 68.43 -28.65 -1.65
CA TYR K 81 67.39 -29.24 -2.52
C TYR K 81 66.14 -28.40 -2.45
N LYS K 82 65.76 -27.75 -3.54
CA LYS K 82 64.62 -26.83 -3.59
C LYS K 82 64.76 -25.69 -2.57
N GLY K 83 65.89 -25.01 -2.68
CA GLY K 83 65.96 -23.64 -2.15
C GLY K 83 66.29 -23.62 -0.68
N SER K 84 66.43 -24.78 -0.03
CA SER K 84 66.97 -24.84 1.32
C SER K 84 67.66 -26.19 1.51
N TYR K 85 67.96 -26.48 2.77
CA TYR K 85 68.62 -27.69 3.19
C TYR K 85 67.77 -28.93 2.98
N THR K 86 68.35 -30.10 3.26
CA THR K 86 67.62 -31.34 3.14
C THR K 86 66.68 -31.52 4.31
N GLY K 87 65.80 -32.52 4.19
CA GLY K 87 64.85 -32.86 5.23
C GLY K 87 65.48 -33.56 6.42
N LEU K 88 66.50 -34.43 6.13
CA LEU K 88 67.15 -35.16 7.19
C LEU K 88 68.11 -34.25 7.94
N PHE K 89 68.49 -33.11 7.33
CA PHE K 89 69.34 -32.15 8.00
C PHE K 89 68.53 -31.47 9.10
N LYS K 90 67.30 -31.05 8.77
CA LYS K 90 66.41 -30.37 9.73
C LYS K 90 65.82 -31.40 10.70
N HIS K 91 65.88 -32.68 10.34
CA HIS K 91 65.33 -33.76 11.21
C HIS K 91 66.27 -34.00 12.40
N PHE K 92 67.56 -33.67 12.23
CA PHE K 92 68.57 -33.85 13.31
C PHE K 92 68.75 -32.53 14.06
N ILE K 93 68.33 -31.42 13.45
CA ILE K 93 68.45 -30.07 14.08
C ILE K 93 67.24 -29.83 14.98
N ASP K 94 66.06 -30.33 14.57
CA ASP K 94 64.83 -30.16 15.34
C ASP K 94 64.91 -30.82 16.74
N LEU K 95 65.95 -31.64 16.96
CA LEU K 95 66.13 -32.26 18.26
C LEU K 95 67.19 -31.52 19.08
N ILE K 96 67.49 -30.25 18.74
CA ILE K 96 68.37 -29.46 19.57
C ILE K 96 67.55 -28.67 20.58
N GLU K 97 68.03 -28.64 21.83
CA GLU K 97 67.40 -27.82 22.87
C GLU K 97 67.75 -26.37 22.60
N PRO K 98 66.81 -25.42 22.76
CA PRO K 98 67.05 -24.05 22.30
C PRO K 98 68.12 -23.30 23.07
N VAL K 99 68.58 -23.82 24.19
CA VAL K 99 69.60 -23.14 24.97
C VAL K 99 70.87 -23.98 24.86
N ALA K 100 72.00 -23.43 25.30
CA ALA K 100 73.22 -24.20 25.34
C ALA K 100 73.78 -24.45 23.95
N LEU K 101 73.38 -23.66 22.97
CA LEU K 101 74.04 -23.64 21.66
C LEU K 101 74.37 -22.13 21.47
N VAL K 102 74.54 -21.41 22.59
CA VAL K 102 74.67 -19.96 22.59
C VAL K 102 76.10 -19.66 23.02
N GLY K 103 76.75 -18.74 22.28
CA GLY K 103 78.12 -18.34 22.60
C GLY K 103 79.16 -19.35 22.09
N LYS K 104 78.95 -19.85 20.87
CA LYS K 104 79.84 -20.81 20.26
C LYS K 104 79.94 -20.56 18.76
N PRO K 105 81.15 -20.62 18.16
CA PRO K 105 81.29 -20.31 16.74
C PRO K 105 80.75 -21.38 15.81
N VAL K 106 79.97 -20.99 14.83
CA VAL K 106 79.55 -21.91 13.76
C VAL K 106 79.79 -21.22 12.42
N LEU K 107 80.38 -21.93 11.46
CA LEU K 107 80.37 -21.49 10.07
C LEU K 107 79.52 -22.41 9.21
N LEU K 108 79.12 -21.90 8.04
CA LEU K 108 78.16 -22.51 7.13
C LEU K 108 78.85 -22.94 5.84
N ALA K 109 78.36 -23.99 5.20
CA ALA K 109 78.69 -24.33 3.84
C ALA K 109 77.48 -24.96 3.17
N ALA K 110 77.53 -25.02 1.83
CA ALA K 110 76.44 -25.62 1.06
C ALA K 110 76.96 -26.09 -0.29
N THR K 111 76.46 -27.23 -0.77
CA THR K 111 76.72 -27.66 -2.13
C THR K 111 75.41 -27.76 -2.91
N GLY K 112 75.46 -27.62 -4.23
CA GLY K 112 74.21 -27.75 -4.96
C GLY K 112 74.44 -27.86 -6.44
N GLY K 113 73.35 -27.74 -7.18
CA GLY K 113 73.34 -27.97 -8.61
C GLY K 113 73.91 -26.84 -9.45
N GLY K 114 74.39 -25.74 -8.86
CA GLY K 114 75.30 -24.88 -9.59
C GLY K 114 74.75 -23.48 -9.83
N ASP K 115 75.14 -22.56 -8.96
CA ASP K 115 75.10 -21.13 -9.18
C ASP K 115 73.71 -20.51 -9.30
N ARG K 116 72.72 -21.24 -8.80
CA ARG K 116 71.37 -20.65 -8.73
C ARG K 116 71.09 -20.28 -7.27
N HIS K 117 71.36 -21.23 -6.38
CA HIS K 117 71.07 -21.06 -4.97
C HIS K 117 72.40 -20.88 -4.30
N ALA K 118 72.90 -19.66 -4.36
CA ALA K 118 74.23 -19.42 -3.77
C ALA K 118 73.97 -18.81 -2.38
N LEU K 119 72.85 -18.10 -2.25
CA LEU K 119 72.54 -17.46 -1.00
C LEU K 119 71.34 -18.25 -0.46
N VAL K 120 71.59 -19.53 -0.25
CA VAL K 120 70.81 -20.29 0.73
C VAL K 120 71.43 -20.08 2.11
N ILE K 121 72.64 -19.57 2.14
CA ILE K 121 73.35 -19.40 3.40
C ILE K 121 72.75 -18.27 4.20
N GLU K 122 72.36 -17.16 3.54
CA GLU K 122 71.93 -15.99 4.30
C GLU K 122 70.43 -16.01 4.59
N HIS K 123 69.65 -16.64 3.73
CA HIS K 123 68.20 -16.57 3.86
C HIS K 123 67.60 -17.81 4.49
N GLN K 124 68.29 -18.98 4.39
CA GLN K 124 67.74 -20.17 5.01
C GLN K 124 68.65 -20.84 6.02
N LEU K 125 69.98 -20.69 5.88
CA LEU K 125 70.91 -21.42 6.75
C LEU K 125 71.30 -20.59 7.96
N ARG K 126 71.42 -19.27 7.78
CA ARG K 126 71.80 -18.35 8.83
C ARG K 126 70.68 -18.15 9.83
N PRO K 127 69.40 -18.03 9.43
CA PRO K 127 68.33 -17.89 10.42
C PRO K 127 68.09 -19.06 11.35
N VAL K 128 68.62 -20.24 11.06
CA VAL K 128 68.42 -21.35 11.98
C VAL K 128 69.38 -21.21 13.18
N PHE K 129 70.57 -20.72 12.90
CA PHE K 129 71.52 -20.50 13.98
C PHE K 129 71.50 -19.05 14.43
N GLY K 130 70.59 -18.26 13.86
CA GLY K 130 70.30 -16.92 14.37
C GLY K 130 69.05 -17.01 15.21
N PHE K 131 68.30 -18.11 15.13
CA PHE K 131 67.25 -18.38 16.07
C PHE K 131 67.87 -18.69 17.44
N PHE K 132 69.02 -19.36 17.37
CA PHE K 132 69.85 -19.66 18.58
C PHE K 132 70.75 -18.43 18.74
N GLU K 133 70.79 -17.84 19.94
CA GLU K 133 71.54 -16.60 20.10
C GLU K 133 73.03 -16.87 20.04
N ALA K 134 73.50 -17.63 19.06
CA ALA K 134 74.87 -18.07 18.97
C ALA K 134 75.80 -16.93 18.59
N HIS K 135 75.28 -15.93 17.88
CA HIS K 135 75.90 -14.66 17.60
C HIS K 135 77.24 -14.77 16.88
N THR K 136 77.56 -15.92 16.30
CA THR K 136 78.91 -16.25 15.86
C THR K 136 78.78 -16.86 14.47
N LEU K 137 78.52 -15.93 13.53
CA LEU K 137 78.02 -16.29 12.21
C LEU K 137 79.11 -15.94 11.22
N ALA K 138 80.02 -16.89 11.06
CA ALA K 138 81.20 -16.72 10.21
C ALA K 138 80.75 -16.94 8.75
N THR K 139 81.30 -16.13 7.82
CA THR K 139 80.61 -15.98 6.54
C THR K 139 80.89 -17.21 5.70
N GLY K 140 79.83 -17.87 5.19
CA GLY K 140 80.02 -19.18 4.62
C GLY K 140 80.26 -19.09 3.12
N LEU K 141 80.40 -20.27 2.50
CA LEU K 141 80.54 -20.40 1.07
C LEU K 141 79.52 -21.42 0.55
N TYR K 142 79.07 -21.16 -0.68
CA TYR K 142 78.37 -22.12 -1.51
C TYR K 142 79.37 -22.74 -2.50
N VAL K 143 79.33 -24.06 -2.58
CA VAL K 143 80.19 -24.85 -3.51
C VAL K 143 79.34 -25.27 -4.71
N SER K 144 79.79 -24.97 -5.93
CA SER K 144 79.01 -25.30 -7.11
C SER K 144 79.54 -26.64 -7.61
N ALA K 145 79.40 -26.95 -8.92
CA ALA K 145 79.83 -28.20 -9.47
C ALA K 145 81.35 -28.36 -9.58
N SER K 146 82.14 -27.48 -8.97
CA SER K 146 83.58 -27.56 -9.04
C SER K 146 84.15 -28.29 -7.83
N ASP K 147 84.28 -29.62 -7.93
CA ASP K 147 84.75 -30.39 -6.79
C ASP K 147 85.41 -31.66 -7.29
N PHE K 148 86.48 -32.11 -6.60
CA PHE K 148 87.33 -33.20 -7.08
C PHE K 148 87.96 -33.91 -5.89
N GLY K 149 89.16 -34.51 -6.06
CA GLY K 149 89.74 -35.42 -5.09
C GLY K 149 90.19 -35.03 -3.69
N ASP K 151 93.02 -34.63 -1.17
CA ASP K 151 93.91 -33.60 -0.66
C ASP K 151 94.33 -32.61 -1.76
N GLY K 152 94.02 -31.33 -1.55
CA GLY K 152 93.91 -30.39 -2.66
C GLY K 152 92.68 -30.75 -3.48
N LEU K 153 92.68 -30.34 -4.73
CA LEU K 153 91.85 -30.88 -5.82
C LEU K 153 90.36 -30.54 -5.74
N ALA K 154 90.05 -29.30 -5.34
CA ALA K 154 88.67 -28.82 -5.35
C ALA K 154 88.34 -28.04 -6.62
N SER K 155 88.87 -26.82 -6.74
CA SER K 155 88.91 -26.08 -7.98
C SER K 155 90.04 -25.02 -7.92
N GLU K 156 89.93 -23.93 -8.69
CA GLU K 156 90.52 -22.66 -8.31
C GLU K 156 89.51 -21.91 -7.42
N ALA K 157 90.01 -21.18 -6.42
CA ALA K 157 89.22 -20.20 -5.69
C ALA K 157 88.15 -20.84 -4.79
N ALA K 158 88.13 -22.16 -4.68
CA ALA K 158 87.35 -22.84 -3.65
C ALA K 158 88.06 -22.80 -2.27
N SER K 159 89.39 -22.74 -2.33
CA SER K 159 90.18 -22.35 -1.14
C SER K 159 90.25 -20.85 -1.25
N THR K 160 90.79 -20.13 -0.25
CA THR K 160 90.81 -18.71 -0.21
C THR K 160 89.44 -18.12 -0.03
N ARG K 161 88.38 -18.94 -0.05
CA ARG K 161 87.05 -18.62 0.44
C ARG K 161 86.67 -19.61 1.54
N LEU K 162 87.16 -20.86 1.47
CA LEU K 162 87.03 -21.77 2.61
C LEU K 162 88.10 -21.44 3.63
N ASP K 163 89.30 -21.10 3.15
CA ASP K 163 90.41 -20.74 4.00
C ASP K 163 90.19 -19.35 4.59
N ARG K 164 89.32 -18.55 4.00
CA ARG K 164 88.98 -17.22 4.47
C ARG K 164 88.07 -17.31 5.71
N ALA K 165 87.34 -18.43 5.87
CA ALA K 165 86.27 -18.49 6.84
C ALA K 165 86.67 -19.36 8.02
N VAL K 166 87.60 -20.28 7.82
CA VAL K 166 88.07 -21.12 8.91
C VAL K 166 89.07 -20.34 9.76
N ALA K 167 89.64 -19.24 9.21
CA ALA K 167 90.55 -18.42 9.97
C ALA K 167 89.79 -17.46 10.91
N GLN K 168 88.46 -17.56 10.98
CA GLN K 168 87.65 -16.59 11.66
C GLN K 168 87.43 -16.96 13.13
N PHE K 169 87.78 -18.15 13.56
CA PHE K 169 87.47 -18.54 14.92
C PHE K 169 88.28 -17.91 15.99
N ALA K 170 89.54 -18.30 16.06
CA ALA K 170 90.45 -17.78 17.08
C ALA K 170 90.79 -16.30 16.86
N ALA K 171 90.31 -15.76 15.74
CA ALA K 171 90.54 -14.37 15.38
C ALA K 171 89.55 -13.75 16.33
N HIS K 172 89.73 -14.10 17.61
CA HIS K 172 88.94 -13.63 18.73
C HIS K 172 87.43 -13.90 18.65
N LEU K 173 87.11 -15.16 18.41
CA LEU K 173 85.73 -15.64 18.36
C LEU K 173 85.65 -17.03 18.96
N ARG K 175 91.14 -16.47 21.98
CA ARG K 175 90.87 -17.91 22.18
C ARG K 175 89.82 -18.41 21.20
N HIS K 176 89.69 -19.73 21.08
CA HIS K 176 88.57 -20.39 20.38
C HIS K 176 87.25 -20.07 21.10
N ASP K 177 87.20 -20.46 22.37
CA ASP K 177 86.18 -20.15 23.33
C ASP K 177 86.67 -20.75 24.64
N ALA K 178 86.93 -19.90 25.64
CA ALA K 178 87.32 -20.35 26.97
C ALA K 178 86.34 -19.77 27.98
N ALA K 179 86.11 -20.49 29.09
CA ALA K 179 85.00 -20.27 30.02
C ALA K 179 83.60 -20.26 29.34
N PRO K 180 83.16 -21.36 28.70
CA PRO K 180 82.24 -21.29 27.57
C PRO K 180 80.84 -20.75 27.79
N LEU K 181 80.54 -20.13 28.93
CA LEU K 181 79.43 -19.21 29.02
C LEU K 181 79.73 -17.94 28.22
N LEU K 182 78.69 -17.24 27.81
CA LEU K 182 78.86 -15.93 27.17
C LEU K 182 79.09 -14.82 28.21
N LEU K 186 72.25 -15.61 29.56
CA LEU K 186 71.48 -16.10 28.43
C LEU K 186 70.12 -15.43 28.35
N GLU K 187 69.57 -15.27 29.55
CA GLU K 187 68.27 -14.68 29.71
C GLU K 187 67.08 -15.46 29.14
N HIS K 190 68.93 -21.88 35.12
CA HIS K 190 69.76 -22.97 34.66
C HIS K 190 71.05 -22.46 34.01
N HIS K 191 72.15 -22.56 34.73
CA HIS K 191 73.44 -22.12 34.23
C HIS K 191 74.27 -23.29 33.72
N PRO L 2 33.81 -30.67 -12.61
CA PRO L 2 34.00 -30.14 -11.26
C PRO L 2 34.40 -31.24 -10.28
N GLY L 3 35.22 -32.17 -10.73
CA GLY L 3 35.68 -33.28 -9.87
C GLY L 3 37.04 -32.93 -9.27
N PRO L 4 37.10 -32.30 -8.07
CA PRO L 4 38.34 -31.88 -7.46
C PRO L 4 39.11 -32.84 -6.55
N ARG L 5 40.39 -33.10 -6.83
CA ARG L 5 41.18 -33.95 -5.93
C ARG L 5 41.89 -33.07 -4.90
N ILE L 6 41.29 -32.88 -3.72
CA ILE L 6 41.89 -32.04 -2.70
C ILE L 6 42.61 -32.95 -1.71
N VAL L 7 43.89 -32.67 -1.47
CA VAL L 7 44.70 -33.47 -0.55
C VAL L 7 44.76 -32.85 0.84
N ALA L 10 50.29 -33.04 6.07
CA ALA L 10 50.83 -32.10 7.05
C ALA L 10 52.15 -32.61 7.63
N GLY L 11 52.05 -33.45 8.66
CA GLY L 11 53.23 -34.00 9.31
C GLY L 11 53.50 -33.37 10.65
N SER L 12 52.97 -33.97 11.71
CA SER L 12 53.15 -33.47 13.05
C SER L 12 53.36 -34.59 14.06
N TRP L 13 53.88 -34.23 15.23
CA TRP L 13 54.17 -35.20 16.27
C TRP L 13 53.12 -35.40 17.35
N SER L 14 52.10 -34.53 17.46
CA SER L 14 51.14 -34.76 18.54
C SER L 14 49.90 -35.51 18.06
N ARG L 15 49.40 -36.41 18.92
CA ARG L 15 48.14 -37.12 18.65
C ARG L 15 46.94 -36.20 18.92
N PRO L 16 46.84 -35.44 20.04
CA PRO L 16 46.04 -34.20 20.04
C PRO L 16 46.72 -33.04 19.29
N SER L 17 46.57 -33.11 17.97
CA SER L 17 47.36 -32.29 17.04
C SER L 17 46.80 -30.87 16.96
N LYS L 18 47.66 -29.88 17.04
CA LYS L 18 47.32 -28.49 16.75
C LYS L 18 47.34 -28.23 15.25
N THR L 19 47.89 -29.15 14.47
CA THR L 19 47.98 -28.99 13.02
C THR L 19 46.69 -29.47 12.38
N ARG L 20 46.14 -30.56 12.95
CA ARG L 20 44.94 -31.18 12.43
C ARG L 20 43.71 -30.35 12.73
N SER L 21 43.78 -29.47 13.76
CA SER L 21 42.71 -28.57 14.09
C SER L 21 42.54 -27.44 13.06
N LEU L 22 43.55 -27.20 12.23
CA LEU L 22 43.39 -26.26 11.14
C LEU L 22 42.90 -27.01 9.88
N VAL L 23 43.54 -28.14 9.59
CA VAL L 23 43.48 -28.69 8.25
C VAL L 23 42.24 -29.55 8.07
N GLU L 24 41.61 -29.96 9.17
CA GLU L 24 40.34 -30.66 9.11
C GLU L 24 39.22 -29.68 8.72
N GLU L 25 39.31 -28.43 9.16
CA GLU L 25 38.31 -27.44 8.78
C GLU L 25 38.62 -26.88 7.39
N ALA L 26 39.90 -26.81 7.06
CA ALA L 26 40.33 -26.19 5.82
C ALA L 26 40.06 -27.09 4.61
N ALA L 27 39.93 -28.41 4.85
CA ALA L 27 39.60 -29.34 3.80
C ALA L 27 38.10 -29.25 3.46
N ARG L 28 37.26 -29.01 4.50
CA ARG L 28 35.84 -29.02 4.27
C ARG L 28 35.44 -27.73 3.54
N ARG L 29 36.21 -26.63 3.67
CA ARG L 29 35.66 -25.38 3.18
C ARG L 29 35.77 -25.26 1.65
N ALA L 30 36.73 -25.99 1.09
CA ALA L 30 36.91 -26.01 -0.36
C ALA L 30 35.93 -26.95 -1.07
N VAL L 31 35.38 -27.88 -0.33
CA VAL L 31 34.28 -28.74 -0.73
C VAL L 31 32.98 -27.95 -0.75
N ALA L 32 32.88 -26.88 0.06
CA ALA L 32 31.74 -25.98 0.02
C ALA L 32 31.72 -25.11 -1.24
N ARG L 33 32.88 -24.93 -1.87
CA ARG L 33 32.95 -24.08 -3.04
C ARG L 33 32.64 -24.83 -4.32
N GLY L 35 33.50 -28.79 -4.46
CA GLY L 35 33.23 -30.10 -3.89
C GLY L 35 33.78 -31.28 -4.68
N GLY L 36 34.30 -32.29 -4.00
CA GLY L 36 35.08 -33.31 -4.67
C GLY L 36 35.62 -34.28 -3.62
N SER L 37 36.81 -34.82 -3.91
CA SER L 37 37.36 -35.91 -3.14
C SER L 37 38.50 -35.31 -2.32
N ALA L 38 38.29 -35.23 -1.00
CA ALA L 38 39.23 -34.57 -0.10
C ALA L 38 39.90 -35.58 0.82
N HIS L 39 41.21 -35.46 1.03
CA HIS L 39 41.89 -36.42 1.87
C HIS L 39 43.04 -35.84 2.71
N VAL L 40 42.93 -36.02 4.02
CA VAL L 40 43.95 -35.58 4.95
C VAL L 40 44.65 -36.72 5.65
N PHE L 41 45.96 -36.57 5.90
CA PHE L 41 46.72 -37.35 6.83
C PHE L 41 47.86 -36.53 7.38
N ASP L 42 48.74 -37.15 8.18
CA ASP L 42 49.85 -36.52 8.82
C ASP L 42 50.95 -37.54 9.02
N ILE L 43 52.10 -37.10 9.58
CA ILE L 43 53.17 -38.07 9.82
C ILE L 43 52.85 -38.89 11.06
N ALA L 44 52.05 -38.36 11.97
CA ALA L 44 51.57 -39.19 13.09
C ALA L 44 50.55 -40.23 12.60
N ASP L 45 49.84 -39.90 11.54
CA ASP L 45 48.95 -40.81 10.84
C ASP L 45 49.73 -41.65 9.84
N LEU L 46 51.03 -41.50 9.69
CA LEU L 46 51.81 -42.27 8.76
C LEU L 46 52.39 -43.45 9.52
N GLY L 47 52.96 -43.18 10.70
CA GLY L 47 53.49 -44.24 11.53
C GLY L 47 54.84 -43.85 12.13
N PRO L 48 55.50 -44.80 12.79
CA PRO L 48 56.80 -44.51 13.41
C PRO L 48 57.95 -44.38 12.44
N ASP L 49 57.88 -43.45 11.48
CA ASP L 49 58.95 -43.12 10.57
C ASP L 49 59.56 -44.26 9.78
N PHE L 50 58.77 -45.26 9.40
CA PHE L 50 59.28 -46.48 8.81
C PHE L 50 59.16 -46.29 7.30
N GLY L 51 60.11 -45.53 6.78
CA GLY L 51 60.07 -45.22 5.34
C GLY L 51 61.46 -45.04 4.77
N SER L 52 62.48 -45.59 5.45
CA SER L 52 63.87 -45.31 5.07
C SER L 52 64.38 -46.31 4.04
N LEU L 53 64.60 -45.83 2.81
CA LEU L 53 65.17 -46.58 1.68
C LEU L 53 65.27 -45.67 0.45
N ARG L 54 66.44 -45.66 -0.16
CA ARG L 54 66.71 -44.86 -1.31
C ARG L 54 65.91 -45.35 -2.48
N GLN L 55 64.62 -45.46 -2.31
CA GLN L 55 63.84 -45.93 -3.43
C GLN L 55 62.43 -45.40 -3.42
N PRO L 56 61.66 -45.72 -4.46
CA PRO L 56 60.29 -45.23 -4.50
C PRO L 56 59.30 -46.29 -4.06
N GLN L 57 59.76 -47.37 -3.44
CA GLN L 57 58.83 -48.38 -3.02
C GLN L 57 59.07 -48.73 -1.59
N ASP L 58 58.32 -48.08 -0.72
CA ASP L 58 58.45 -48.25 0.73
C ASP L 58 57.06 -48.32 1.35
N GLY L 59 56.97 -47.97 2.64
CA GLY L 59 55.71 -47.97 3.36
C GLY L 59 54.52 -47.19 2.84
N PRO L 60 54.74 -45.91 2.52
CA PRO L 60 53.77 -45.12 1.76
C PRO L 60 54.01 -45.47 0.31
N HIS L 61 53.35 -46.50 -0.18
CA HIS L 61 53.57 -46.96 -1.55
C HIS L 61 52.95 -46.05 -2.63
N THR L 62 51.63 -45.87 -2.54
CA THR L 62 50.83 -45.43 -3.68
C THR L 62 49.81 -44.38 -3.20
N ARG L 63 49.50 -44.38 -1.91
CA ARG L 63 48.48 -43.48 -1.39
C ARG L 63 48.98 -42.04 -1.40
N HIS L 64 50.30 -41.85 -1.26
CA HIS L 64 50.86 -40.51 -1.33
C HIS L 64 51.42 -40.20 -2.69
N LEU L 65 51.48 -41.16 -3.61
CA LEU L 65 52.11 -40.97 -4.89
C LEU L 65 51.17 -40.18 -5.83
N ASP L 66 49.89 -40.53 -5.76
CA ASP L 66 48.94 -39.88 -6.67
C ASP L 66 48.43 -38.63 -6.01
N ALA L 67 48.63 -38.40 -4.73
CA ALA L 67 47.88 -37.41 -3.97
C ALA L 67 48.36 -36.02 -4.35
N PHE L 68 49.67 -35.87 -4.60
CA PHE L 68 50.21 -34.59 -4.99
C PHE L 68 50.26 -34.44 -6.52
N LEU L 69 50.75 -35.49 -7.16
CA LEU L 69 51.01 -35.48 -8.61
C LEU L 69 49.68 -35.49 -9.37
N ALA L 70 48.64 -36.03 -8.74
CA ALA L 70 47.37 -36.35 -9.43
C ALA L 70 46.26 -35.44 -8.91
N ALA L 71 46.62 -34.52 -8.03
CA ALA L 71 45.62 -33.63 -7.40
C ALA L 71 45.42 -32.37 -8.22
N ASP L 72 44.30 -31.73 -7.92
CA ASP L 72 43.78 -30.48 -8.46
C ASP L 72 43.93 -29.33 -7.45
N ALA L 73 44.05 -29.68 -6.17
CA ALA L 73 44.20 -28.68 -5.08
C ALA L 73 45.00 -29.37 -3.96
N LEU L 74 46.06 -28.71 -3.47
CA LEU L 74 46.88 -29.26 -2.36
C LEU L 74 46.93 -28.09 -1.38
N ILE L 75 46.87 -28.38 -0.07
CA ILE L 75 47.05 -27.34 0.99
C ILE L 75 48.07 -28.01 1.91
N VAL L 76 49.34 -27.61 1.80
CA VAL L 76 50.39 -28.18 2.61
C VAL L 76 50.44 -27.41 3.92
N ALA L 77 50.82 -28.09 5.00
CA ALA L 77 50.79 -27.58 6.35
C ALA L 77 51.92 -28.19 7.18
N SER L 78 52.29 -27.49 8.24
CA SER L 78 53.59 -27.69 8.86
C SER L 78 53.53 -27.17 10.28
N PRO L 79 54.19 -27.83 11.27
CA PRO L 79 54.50 -27.18 12.54
C PRO L 79 55.59 -26.13 12.36
N VAL L 80 55.61 -25.11 13.18
CA VAL L 80 56.58 -24.03 13.08
C VAL L 80 57.54 -24.01 14.26
N TYR L 81 58.75 -24.53 14.09
CA TYR L 81 59.83 -24.46 15.02
C TYR L 81 61.05 -23.87 14.33
N LYS L 82 61.86 -23.20 15.16
CA LYS L 82 63.12 -22.57 14.80
C LYS L 82 62.99 -21.63 13.63
N GLY L 83 61.93 -20.80 13.59
CA GLY L 83 61.72 -19.82 12.56
C GLY L 83 61.47 -20.40 11.15
N SER L 84 61.10 -21.68 11.11
CA SER L 84 60.92 -22.40 9.87
C SER L 84 60.04 -23.61 10.12
N TYR L 85 59.83 -24.41 9.08
CA TYR L 85 59.08 -25.64 9.19
C TYR L 85 59.91 -26.73 9.89
N THR L 86 59.34 -27.92 10.04
CA THR L 86 59.96 -29.07 10.60
C THR L 86 60.73 -29.84 9.53
N GLY L 87 61.52 -30.80 10.04
CA GLY L 87 62.41 -31.59 9.21
C GLY L 87 61.68 -32.67 8.44
N LEU L 88 60.70 -33.29 9.08
CA LEU L 88 60.00 -34.43 8.53
C LEU L 88 59.00 -33.96 7.46
N PHE L 89 58.63 -32.66 7.53
CA PHE L 89 57.76 -32.09 6.55
C PHE L 89 58.51 -31.93 5.23
N LYS L 90 59.76 -31.48 5.35
CA LYS L 90 60.58 -31.22 4.17
C LYS L 90 61.08 -32.55 3.58
N HIS L 91 61.16 -33.61 4.41
CA HIS L 91 61.64 -34.88 3.90
C HIS L 91 60.65 -35.58 2.97
N PHE L 92 59.37 -35.22 3.08
CA PHE L 92 58.32 -35.79 2.19
C PHE L 92 58.25 -34.86 0.96
N ILE L 93 58.85 -33.68 1.07
CA ILE L 93 58.88 -32.71 0.00
C ILE L 93 60.18 -32.78 -0.80
N ASP L 94 61.13 -33.64 -0.39
CA ASP L 94 62.54 -33.40 -0.75
C ASP L 94 62.84 -34.16 -2.04
N LEU L 95 62.16 -35.29 -2.23
CA LEU L 95 62.52 -36.13 -3.40
C LEU L 95 61.30 -36.20 -4.32
N ILE L 96 60.54 -35.10 -4.36
CA ILE L 96 59.35 -35.00 -5.19
C ILE L 96 59.70 -35.01 -6.67
N GLU L 97 58.70 -34.80 -7.51
CA GLU L 97 58.90 -34.78 -8.95
C GLU L 97 60.11 -34.01 -9.45
N PRO L 98 60.74 -34.52 -10.54
CA PRO L 98 61.93 -33.90 -11.14
C PRO L 98 61.63 -32.53 -11.74
N VAL L 99 60.65 -32.47 -12.64
CA VAL L 99 60.28 -31.19 -13.30
C VAL L 99 58.80 -31.00 -13.05
N ALA L 100 58.16 -31.99 -12.41
CA ALA L 100 56.67 -32.06 -12.41
C ALA L 100 55.90 -31.78 -11.11
N LEU L 101 55.64 -30.50 -10.82
CA LEU L 101 54.58 -30.08 -9.94
C LEU L 101 54.58 -28.59 -10.28
N VAL L 102 54.00 -28.31 -11.45
CA VAL L 102 54.14 -27.01 -12.11
C VAL L 102 52.85 -26.22 -12.02
N GLY L 103 51.67 -26.85 -12.23
CA GLY L 103 50.45 -26.08 -12.26
C GLY L 103 49.56 -26.35 -11.05
N LYS L 104 50.16 -26.61 -9.87
CA LYS L 104 49.37 -27.09 -8.73
C LYS L 104 49.17 -26.05 -7.62
N PRO L 105 48.00 -25.41 -7.48
CA PRO L 105 47.81 -24.44 -6.42
C PRO L 105 47.66 -25.09 -5.05
N VAL L 106 48.40 -24.55 -4.06
CA VAL L 106 48.31 -25.02 -2.70
C VAL L 106 47.92 -23.88 -1.75
N LEU L 107 47.59 -24.26 -0.54
CA LEU L 107 47.57 -23.40 0.63
C LEU L 107 48.80 -23.68 1.51
N LEU L 108 48.81 -23.01 2.66
CA LEU L 108 49.97 -22.92 3.53
C LEU L 108 49.65 -23.46 4.90
N ALA L 109 50.64 -23.38 5.79
CA ALA L 109 50.49 -23.88 7.18
C ALA L 109 50.32 -22.71 8.16
N ALA L 110 49.85 -23.00 9.38
CA ALA L 110 49.65 -21.98 10.40
C ALA L 110 49.57 -22.55 11.83
N THR L 111 50.75 -22.85 12.38
CA THR L 111 50.86 -23.62 13.59
C THR L 111 51.57 -22.88 14.72
N GLY L 112 52.40 -21.86 14.46
CA GLY L 112 53.42 -21.51 15.43
C GLY L 112 52.84 -20.76 16.62
N GLY L 113 53.36 -21.00 17.83
CA GLY L 113 52.60 -20.63 19.02
C GLY L 113 52.75 -19.16 19.40
N GLY L 114 54.01 -18.73 19.57
CA GLY L 114 54.26 -17.49 20.31
C GLY L 114 54.00 -16.18 19.59
N ASP L 115 53.53 -16.29 18.34
CA ASP L 115 53.24 -15.15 17.50
C ASP L 115 54.49 -14.43 16.97
N ARG L 116 55.65 -15.07 17.15
CA ARG L 116 56.92 -14.42 16.80
C ARG L 116 57.53 -14.99 15.53
N HIS L 117 57.23 -16.25 15.23
CA HIS L 117 57.67 -16.90 14.01
C HIS L 117 56.62 -16.77 12.87
N ALA L 118 56.33 -15.50 12.58
CA ALA L 118 55.12 -15.16 11.86
C ALA L 118 55.40 -14.94 10.41
N LEU L 119 56.65 -14.66 10.03
CA LEU L 119 56.98 -14.46 8.62
C LEU L 119 57.53 -15.72 7.98
N VAL L 120 57.02 -16.84 8.41
CA VAL L 120 57.50 -18.14 7.95
C VAL L 120 56.70 -18.51 6.71
N ILE L 121 55.63 -17.78 6.37
CA ILE L 121 55.02 -18.06 5.08
C ILE L 121 55.84 -17.45 3.96
N GLU L 122 56.38 -16.26 4.17
CA GLU L 122 57.02 -15.52 3.09
C GLU L 122 58.49 -15.84 2.95
N HIS L 123 59.17 -16.16 4.06
CA HIS L 123 60.59 -16.38 4.08
C HIS L 123 60.93 -17.85 4.24
N GLN L 124 59.96 -18.70 4.63
CA GLN L 124 60.26 -20.12 4.73
C GLN L 124 59.43 -20.99 3.77
N LEU L 125 58.15 -20.68 3.63
CA LEU L 125 57.21 -21.57 2.95
C LEU L 125 57.08 -21.23 1.47
N ARG L 126 57.14 -19.94 1.15
CA ARG L 126 56.97 -19.47 -0.22
C ARG L 126 58.21 -19.75 -1.06
N PRO L 127 59.46 -19.59 -0.53
CA PRO L 127 60.63 -19.95 -1.33
C PRO L 127 60.79 -21.42 -1.66
N VAL L 128 60.13 -22.32 -0.92
CA VAL L 128 60.28 -23.73 -1.21
C VAL L 128 59.43 -24.09 -2.43
N PHE L 129 58.27 -23.44 -2.53
CA PHE L 129 57.35 -23.71 -3.60
C PHE L 129 57.52 -22.71 -4.73
N GLY L 130 58.58 -21.86 -4.65
CA GLY L 130 58.87 -21.02 -5.79
C GLY L 130 59.89 -21.66 -6.73
N PHE L 131 60.70 -22.51 -6.09
CA PHE L 131 61.64 -23.30 -6.87
C PHE L 131 60.93 -24.43 -7.58
N PHE L 132 59.84 -24.91 -6.99
CA PHE L 132 58.93 -25.88 -7.55
C PHE L 132 57.99 -25.29 -8.61
N GLU L 133 58.06 -23.96 -8.83
CA GLU L 133 57.37 -23.25 -9.90
C GLU L 133 55.87 -23.52 -9.94
N ALA L 134 55.24 -23.83 -8.80
CA ALA L 134 53.85 -24.23 -8.75
C ALA L 134 52.99 -22.97 -8.85
N HIS L 135 51.84 -23.10 -9.52
CA HIS L 135 50.87 -22.04 -9.69
C HIS L 135 50.12 -21.90 -8.37
N THR L 136 50.79 -21.26 -7.42
CA THR L 136 50.37 -21.16 -6.03
C THR L 136 51.10 -19.95 -5.45
N LEU L 137 51.18 -19.97 -4.12
CA LEU L 137 51.71 -18.91 -3.28
C LEU L 137 50.70 -17.75 -3.26
N ALA L 138 49.48 -18.15 -2.98
CA ALA L 138 48.29 -17.32 -3.03
C ALA L 138 48.23 -16.34 -1.86
N THR L 139 48.25 -16.87 -0.62
CA THR L 139 47.82 -16.12 0.54
C THR L 139 48.71 -16.46 1.75
N GLY L 140 48.35 -15.93 2.91
CA GLY L 140 49.31 -15.84 4.00
C GLY L 140 48.81 -16.21 5.37
N LEU L 141 48.20 -17.40 5.52
CA LEU L 141 47.62 -17.74 6.81
C LEU L 141 48.63 -18.29 7.83
N TYR L 142 49.05 -17.44 8.75
CA TYR L 142 49.73 -17.86 9.96
C TYR L 142 48.80 -17.50 11.10
N VAL L 143 48.61 -18.45 12.04
CA VAL L 143 47.97 -18.20 13.31
C VAL L 143 48.99 -18.28 14.44
N SER L 144 48.62 -17.75 15.59
CA SER L 144 49.44 -17.75 16.80
C SER L 144 49.16 -18.98 17.65
N ALA L 145 49.43 -18.92 18.94
CA ALA L 145 48.87 -19.83 19.94
C ALA L 145 47.42 -19.41 20.26
N SER L 146 46.61 -19.40 19.22
CA SER L 146 45.15 -19.37 19.33
C SER L 146 44.62 -20.79 19.42
N ASP L 147 44.96 -21.47 20.50
CA ASP L 147 44.82 -22.92 20.58
C ASP L 147 43.38 -23.26 21.00
N PHE L 148 42.55 -23.59 20.02
CA PHE L 148 41.16 -23.93 20.29
C PHE L 148 40.88 -25.25 21.00
N GLY L 149 41.13 -26.35 20.32
CA GLY L 149 40.91 -27.67 20.89
C GLY L 149 40.26 -28.68 19.96
N ASP L 151 37.09 -29.39 20.02
CA ASP L 151 35.75 -28.92 19.72
C ASP L 151 35.78 -27.76 18.73
N GLY L 152 36.46 -26.68 19.12
CA GLY L 152 36.57 -25.51 18.27
C GLY L 152 37.07 -25.85 16.88
N LEU L 153 36.42 -25.26 15.87
CA LEU L 153 36.80 -25.51 14.48
C LEU L 153 37.58 -24.33 13.90
N ALA L 154 37.57 -23.20 14.60
CA ALA L 154 38.27 -22.02 14.15
C ALA L 154 38.55 -21.06 15.31
N SER L 155 39.26 -19.98 15.00
CA SER L 155 39.69 -19.02 16.00
C SER L 155 38.63 -17.95 16.17
N GLU L 156 38.98 -16.91 16.91
CA GLU L 156 38.09 -15.82 17.24
C GLU L 156 37.81 -14.94 16.03
N ALA L 157 38.91 -14.51 15.37
CA ALA L 157 38.80 -13.52 14.29
C ALA L 157 39.44 -13.99 12.99
N ALA L 158 40.36 -14.97 13.11
CA ALA L 158 41.18 -15.46 11.98
C ALA L 158 40.51 -16.60 11.20
N SER L 159 39.19 -16.60 11.12
CA SER L 159 38.48 -17.59 10.34
C SER L 159 38.18 -17.02 8.97
N THR L 160 37.86 -15.72 8.90
CA THR L 160 37.50 -15.11 7.65
C THR L 160 38.73 -14.82 6.81
N ARG L 161 39.91 -14.75 7.40
CA ARG L 161 41.16 -14.73 6.66
C ARG L 161 41.48 -16.10 6.06
N LEU L 162 40.98 -17.15 6.67
CA LEU L 162 41.05 -18.50 6.14
C LEU L 162 39.96 -18.68 5.09
N ASP L 163 38.79 -18.08 5.30
CA ASP L 163 37.68 -18.21 4.36
C ASP L 163 37.97 -17.50 3.04
N ARG L 164 38.78 -16.42 3.12
CA ARG L 164 39.18 -15.73 1.91
C ARG L 164 40.32 -16.47 1.20
N ALA L 165 41.08 -17.24 1.99
CA ALA L 165 42.25 -17.94 1.48
C ALA L 165 41.88 -19.26 0.82
N VAL L 166 40.70 -19.82 1.16
CA VAL L 166 40.25 -21.00 0.47
C VAL L 166 39.64 -20.59 -0.89
N ALA L 167 39.26 -19.31 -1.05
CA ALA L 167 38.41 -18.90 -2.12
C ALA L 167 39.21 -18.64 -3.40
N GLN L 168 40.40 -19.28 -3.56
CA GLN L 168 41.37 -18.79 -4.52
C GLN L 168 41.74 -19.85 -5.58
N PHE L 169 41.05 -20.98 -5.58
CA PHE L 169 41.57 -22.15 -6.28
C PHE L 169 41.35 -22.24 -7.80
N ALA L 170 40.11 -22.15 -8.30
CA ALA L 170 39.81 -22.76 -9.59
C ALA L 170 40.10 -21.78 -10.73
N ALA L 171 40.85 -20.69 -10.49
CA ALA L 171 41.13 -19.72 -11.52
C ALA L 171 42.34 -20.14 -12.32
N HIS L 172 43.30 -20.91 -11.76
CA HIS L 172 44.63 -20.92 -12.39
C HIS L 172 44.70 -21.92 -13.55
N LEU L 173 44.21 -23.13 -13.25
CA LEU L 173 44.32 -24.22 -14.23
C LEU L 173 43.09 -24.15 -15.14
N SER L 174 41.92 -24.18 -14.50
CA SER L 174 40.61 -24.15 -15.12
C SER L 174 39.63 -24.22 -13.94
N ARG L 175 38.33 -24.29 -14.27
CA ARG L 175 37.28 -24.73 -13.37
C ARG L 175 37.62 -25.97 -12.55
N HIS L 176 38.34 -26.93 -13.15
CA HIS L 176 38.95 -28.02 -12.44
C HIS L 176 40.47 -28.02 -12.65
N ASP L 177 40.86 -28.40 -13.86
CA ASP L 177 42.24 -28.58 -14.20
C ASP L 177 42.35 -28.24 -15.68
N ALA L 178 43.54 -28.36 -16.22
CA ALA L 178 43.68 -27.98 -17.61
C ALA L 178 44.09 -29.29 -18.19
N ALA L 179 44.96 -29.11 -19.18
CA ALA L 179 45.65 -30.16 -19.92
C ALA L 179 47.19 -29.96 -19.91
N PRO L 180 47.84 -30.24 -18.78
CA PRO L 180 49.28 -30.06 -18.74
C PRO L 180 50.03 -30.87 -19.80
N LEU L 181 49.75 -30.66 -21.08
CA LEU L 181 50.45 -31.38 -22.13
C LEU L 181 50.84 -30.42 -23.24
N LEU L 182 49.86 -30.01 -24.04
CA LEU L 182 50.10 -29.08 -25.13
C LEU L 182 51.12 -28.03 -24.67
N ALA L 183 51.02 -27.63 -23.40
CA ALA L 183 51.89 -26.64 -22.81
C ALA L 183 53.20 -27.30 -22.41
N VAL L 184 54.31 -26.76 -22.91
CA VAL L 184 55.65 -27.23 -22.56
C VAL L 184 56.07 -26.54 -21.27
N GLY L 185 57.13 -27.06 -20.63
CA GLY L 185 57.72 -26.43 -19.45
C GLY L 185 59.25 -26.35 -19.52
N LEU L 186 59.90 -26.75 -18.43
CA LEU L 186 61.35 -26.81 -18.34
C LEU L 186 61.82 -28.06 -19.11
N GLU L 187 62.34 -27.90 -20.31
CA GLU L 187 62.58 -29.20 -20.96
C GLU L 187 63.58 -29.02 -22.09
N HIS L 188 64.32 -30.09 -22.41
CA HIS L 188 65.14 -30.17 -23.64
C HIS L 188 64.78 -31.60 -24.24
N HIS L 189 63.48 -31.64 -24.60
CA HIS L 189 62.74 -32.77 -25.21
C HIS L 189 62.26 -33.91 -24.25
N HIS L 190 62.29 -33.66 -22.94
CA HIS L 190 61.86 -34.60 -21.89
C HIS L 190 60.39 -34.47 -21.35
N HIS L 191 59.54 -33.97 -22.25
CA HIS L 191 58.07 -33.72 -22.24
C HIS L 191 57.40 -35.10 -22.25
N HIS L 192 57.46 -35.81 -23.38
CA HIS L 192 56.85 -37.13 -23.49
C HIS L 192 57.71 -38.19 -22.80
N HIS L 193 59.00 -37.90 -22.66
CA HIS L 193 59.93 -38.82 -22.02
C HIS L 193 60.50 -38.22 -20.74
N PRO M 2 -8.29 61.95 35.77
CA PRO M 2 -9.19 61.12 34.99
C PRO M 2 -10.58 60.95 35.61
N GLY M 3 -11.21 59.81 35.31
CA GLY M 3 -12.50 59.44 35.86
C GLY M 3 -13.74 59.95 35.11
N PRO M 4 -13.92 59.61 33.82
CA PRO M 4 -15.23 59.82 33.18
C PRO M 4 -16.27 58.77 33.61
N ARG M 5 -17.41 58.83 32.94
CA ARG M 5 -18.41 57.78 32.93
C ARG M 5 -18.25 56.92 31.68
N ILE M 6 -17.92 55.66 31.88
CA ILE M 6 -17.80 54.71 30.77
C ILE M 6 -19.13 53.97 30.62
N VAL M 7 -19.60 53.84 29.38
CA VAL M 7 -20.80 53.06 29.09
C VAL M 7 -20.44 52.00 28.06
N ALA M 8 -21.03 50.81 28.19
CA ALA M 8 -20.68 49.68 27.33
C ALA M 8 -21.98 49.08 26.77
N PHE M 9 -21.89 48.63 25.53
CA PHE M 9 -23.03 48.11 24.80
C PHE M 9 -22.61 46.90 24.00
N ALA M 10 -23.38 45.80 24.14
CA ALA M 10 -22.99 44.51 23.62
C ALA M 10 -23.74 44.03 22.39
N GLY M 11 -25.00 44.43 22.22
CA GLY M 11 -25.71 44.12 20.99
C GLY M 11 -26.07 42.64 20.82
N SER M 12 -26.13 41.90 21.94
CA SER M 12 -26.39 40.48 21.95
C SER M 12 -27.57 40.23 22.88
N TRP M 13 -28.66 39.61 22.37
CA TRP M 13 -29.76 39.26 23.26
C TRP M 13 -29.58 37.88 23.88
N SER M 14 -28.46 37.23 23.68
CA SER M 14 -28.18 35.90 24.20
C SER M 14 -28.06 35.94 25.72
N ARG M 15 -28.35 34.83 26.38
CA ARG M 15 -28.50 34.79 27.82
C ARG M 15 -27.15 34.80 28.52
N PRO M 16 -26.15 33.93 28.19
CA PRO M 16 -24.81 34.07 28.73
C PRO M 16 -24.10 35.23 28.03
N SER M 17 -24.07 35.13 26.70
CA SER M 17 -23.62 36.19 25.77
C SER M 17 -22.15 36.56 25.97
N LYS M 18 -21.26 35.65 25.56
CA LYS M 18 -19.83 35.92 25.49
C LYS M 18 -19.29 37.27 24.97
N THR M 19 -19.93 37.78 23.93
CA THR M 19 -19.77 39.15 23.49
C THR M 19 -19.96 40.20 24.58
N ARG M 20 -20.96 40.06 25.43
CA ARG M 20 -21.11 40.86 26.62
C ARG M 20 -20.03 40.58 27.66
N SER M 21 -19.34 39.46 27.60
CA SER M 21 -18.19 39.16 28.44
C SER M 21 -16.99 40.05 28.09
N LEU M 22 -16.95 40.55 26.85
CA LEU M 22 -15.82 41.32 26.36
C LEU M 22 -15.97 42.77 26.77
N VAL M 23 -17.21 43.26 26.85
CA VAL M 23 -17.39 44.68 27.07
C VAL M 23 -17.31 44.99 28.57
N GLU M 24 -17.55 44.01 29.41
CA GLU M 24 -17.43 44.18 30.85
C GLU M 24 -16.01 43.93 31.31
N GLU M 25 -15.24 43.15 30.56
CA GLU M 25 -13.80 42.99 30.86
C GLU M 25 -13.01 44.21 30.36
N ALA M 26 -13.52 44.85 29.30
CA ALA M 26 -12.94 46.07 28.78
C ALA M 26 -13.33 47.25 29.64
N ALA M 27 -14.44 47.15 30.36
CA ALA M 27 -14.88 48.20 31.26
C ALA M 27 -14.09 48.13 32.55
N ARG M 28 -13.71 46.92 33.01
CA ARG M 28 -12.93 46.87 34.23
C ARG M 28 -11.49 47.39 34.01
N ARG M 29 -11.00 47.18 32.80
CA ARG M 29 -9.67 47.63 32.42
C ARG M 29 -9.69 49.13 32.18
N ALA M 30 -10.86 49.71 31.90
CA ALA M 30 -10.98 51.12 31.60
C ALA M 30 -11.08 51.91 32.91
N VAL M 31 -11.77 51.30 33.90
CA VAL M 31 -11.99 52.02 35.15
C VAL M 31 -10.76 51.88 36.02
N ALA M 32 -9.87 50.89 35.74
CA ALA M 32 -8.66 50.77 36.52
C ALA M 32 -7.63 51.85 36.15
N ARG M 33 -7.75 52.44 34.96
CA ARG M 33 -6.89 53.52 34.56
C ARG M 33 -7.56 54.84 34.95
N PHE M 34 -8.89 54.95 34.87
CA PHE M 34 -9.55 56.22 34.91
C PHE M 34 -10.40 56.57 36.11
N GLY M 35 -10.96 55.56 36.77
CA GLY M 35 -11.64 55.80 38.03
C GLY M 35 -12.98 56.57 38.04
N GLY M 36 -13.94 56.07 37.27
CA GLY M 36 -15.32 56.48 37.36
C GLY M 36 -16.20 55.31 36.90
N SER M 37 -17.48 55.33 37.29
CA SER M 37 -18.25 54.10 37.27
C SER M 37 -18.70 53.73 35.87
N ALA M 38 -18.78 52.41 35.65
CA ALA M 38 -19.01 51.92 34.28
C ALA M 38 -20.36 51.24 34.18
N HIS M 39 -21.13 51.61 33.13
CA HIS M 39 -22.49 51.14 33.01
C HIS M 39 -22.54 50.16 31.84
N VAL M 40 -22.86 48.89 32.14
CA VAL M 40 -22.78 47.86 31.12
C VAL M 40 -24.19 47.33 30.90
N PHE M 41 -24.64 47.35 29.63
CA PHE M 41 -26.01 46.87 29.28
C PHE M 41 -26.01 46.23 27.88
N ASP M 42 -26.88 45.22 27.71
CA ASP M 42 -27.04 44.51 26.46
C ASP M 42 -28.54 44.43 26.16
N ILE M 43 -28.90 43.73 25.09
CA ILE M 43 -30.25 43.81 24.57
C ILE M 43 -31.18 42.99 25.45
N ALA M 44 -30.67 41.95 26.14
CA ALA M 44 -31.52 41.23 27.07
C ALA M 44 -31.78 42.04 28.34
N ASP M 45 -30.84 42.96 28.65
CA ASP M 45 -31.07 43.88 29.76
C ASP M 45 -31.96 45.04 29.35
N LEU M 46 -32.25 45.20 28.06
CA LEU M 46 -33.29 46.13 27.63
C LEU M 46 -34.64 45.44 27.75
N GLY M 47 -35.70 46.05 27.21
CA GLY M 47 -36.99 45.42 27.15
C GLY M 47 -37.08 44.48 25.94
N PRO M 48 -38.18 43.72 25.83
CA PRO M 48 -38.55 43.08 24.56
C PRO M 48 -39.04 44.07 23.51
N ASP M 49 -38.20 44.96 23.00
CA ASP M 49 -38.53 45.91 21.97
C ASP M 49 -39.64 46.89 22.40
N PHE M 50 -39.37 47.61 23.47
CA PHE M 50 -40.30 48.53 24.09
C PHE M 50 -40.46 49.87 23.35
N GLY M 51 -40.11 49.97 22.07
CA GLY M 51 -40.50 51.12 21.29
C GLY M 51 -40.39 50.89 19.80
N SER M 52 -41.53 51.00 19.09
CA SER M 52 -41.47 50.92 17.63
C SER M 52 -41.71 52.30 16.99
N LEU M 53 -42.85 52.93 17.29
CA LEU M 53 -43.40 53.97 16.43
C LEU M 53 -43.45 55.31 17.18
N ARG M 54 -44.10 55.29 18.35
CA ARG M 54 -44.29 56.50 19.13
C ARG M 54 -43.97 56.36 20.60
N GLN M 55 -43.54 55.20 21.11
CA GLN M 55 -43.41 54.95 22.53
C GLN M 55 -41.96 54.95 23.01
N PRO M 56 -41.37 56.13 23.33
CA PRO M 56 -40.11 56.19 24.08
C PRO M 56 -40.53 56.51 25.53
N GLN M 57 -39.56 56.96 26.33
CA GLN M 57 -39.74 57.67 27.59
C GLN M 57 -40.24 56.84 28.77
N ASP M 58 -40.32 55.53 28.62
CA ASP M 58 -40.55 54.65 29.75
C ASP M 58 -39.22 54.17 30.32
N GLY M 59 -39.32 53.38 31.37
CA GLY M 59 -38.19 53.05 32.23
C GLY M 59 -37.11 52.14 31.62
N PRO M 60 -37.42 50.86 31.30
CA PRO M 60 -36.36 49.87 31.13
C PRO M 60 -35.45 49.97 29.93
N HIS M 61 -35.71 50.94 29.01
CA HIS M 61 -34.75 51.15 27.94
C HIS M 61 -34.18 52.56 27.95
N THR M 62 -34.82 53.53 28.59
CA THR M 62 -34.35 54.90 28.44
C THR M 62 -33.20 55.15 29.39
N ARG M 63 -33.17 54.43 30.52
CA ARG M 63 -32.10 54.67 31.49
C ARG M 63 -30.81 54.04 31.01
N HIS M 64 -30.83 53.13 30.04
CA HIS M 64 -29.60 52.73 29.36
C HIS M 64 -29.29 53.67 28.18
N LEU M 65 -30.35 54.21 27.56
CA LEU M 65 -30.13 54.98 26.34
C LEU M 65 -29.75 56.41 26.70
N ASP M 66 -30.26 56.91 27.82
CA ASP M 66 -29.94 58.27 28.25
C ASP M 66 -28.55 58.32 28.86
N ALA M 67 -28.09 57.21 29.43
CA ALA M 67 -26.71 57.11 29.89
C ALA M 67 -25.76 56.87 28.72
N PHE M 68 -26.27 56.32 27.62
CA PHE M 68 -25.46 56.13 26.42
C PHE M 68 -25.20 57.49 25.75
N LEU M 69 -26.19 58.39 25.81
CA LEU M 69 -26.04 59.68 25.17
C LEU M 69 -25.20 60.66 26.03
N ALA M 70 -25.18 60.41 27.34
CA ALA M 70 -24.43 61.26 28.26
C ALA M 70 -23.02 60.72 28.47
N ALA M 71 -22.65 59.69 27.73
CA ALA M 71 -21.35 59.05 27.88
C ALA M 71 -20.29 59.92 27.20
N ASP M 72 -19.09 59.80 27.70
CA ASP M 72 -17.90 60.45 27.14
C ASP M 72 -16.80 59.43 26.84
N ALA M 73 -17.04 58.15 27.11
CA ALA M 73 -16.33 57.01 26.57
C ALA M 73 -17.33 55.90 26.25
N LEU M 74 -17.07 55.16 25.15
CA LEU M 74 -17.99 54.13 24.68
C LEU M 74 -17.24 52.82 24.50
N ILE M 75 -17.90 51.71 24.84
CA ILE M 75 -17.42 50.40 24.38
C ILE M 75 -18.54 49.72 23.61
N VAL M 76 -18.34 49.42 22.36
CA VAL M 76 -19.42 49.04 21.45
C VAL M 76 -19.01 47.77 20.72
N ALA M 77 -19.95 46.83 20.65
CA ALA M 77 -19.63 45.49 20.16
C ALA M 77 -20.86 44.86 19.55
N SER M 78 -20.66 43.83 18.73
CA SER M 78 -21.76 43.11 18.13
C SER M 78 -21.31 41.69 17.82
N PRO M 79 -22.17 40.67 17.98
CA PRO M 79 -21.93 39.37 17.37
C PRO M 79 -22.04 39.42 15.85
N VAL M 80 -21.19 38.63 15.20
CA VAL M 80 -21.18 38.54 13.76
C VAL M 80 -22.17 37.51 13.28
N TYR M 81 -23.31 38.00 12.77
CA TYR M 81 -24.29 37.12 12.13
C TYR M 81 -24.35 37.19 10.60
N LYS M 82 -24.59 38.37 10.01
CA LYS M 82 -24.62 38.46 8.56
C LYS M 82 -23.60 39.52 8.11
N GLY M 83 -23.77 40.68 8.75
CA GLY M 83 -22.94 41.89 8.56
C GLY M 83 -22.50 42.47 9.90
N SER M 84 -22.52 41.65 10.95
CA SER M 84 -22.14 42.11 12.28
C SER M 84 -23.19 43.09 12.78
N TYR M 85 -24.45 42.76 12.48
CA TYR M 85 -25.57 43.61 12.87
C TYR M 85 -26.75 42.85 13.42
N THR M 86 -27.01 43.06 14.70
CA THR M 86 -28.18 42.43 15.31
C THR M 86 -29.41 43.30 15.08
N GLY M 87 -30.56 42.67 14.92
CA GLY M 87 -31.80 43.39 14.69
C GLY M 87 -32.05 44.48 15.71
N LEU M 88 -31.84 44.14 16.98
CA LEU M 88 -32.04 45.07 18.08
C LEU M 88 -30.88 46.07 18.18
N PHE M 89 -29.70 45.65 17.74
CA PHE M 89 -28.52 46.51 17.78
C PHE M 89 -28.70 47.74 16.91
N LYS M 90 -28.87 47.53 15.61
CA LYS M 90 -29.04 48.62 14.68
C LYS M 90 -30.25 49.47 15.02
N HIS M 91 -31.25 48.86 15.63
CA HIS M 91 -32.46 49.56 16.03
C HIS M 91 -32.16 50.50 17.19
N PHE M 92 -31.11 50.19 17.96
CA PHE M 92 -30.67 51.04 19.09
C PHE M 92 -29.89 52.23 18.52
N ILE M 93 -29.26 52.03 17.35
CA ILE M 93 -28.51 53.10 16.72
C ILE M 93 -29.45 53.95 15.86
N ASP M 94 -30.51 53.35 15.34
CA ASP M 94 -31.47 54.07 14.52
C ASP M 94 -32.36 54.98 15.35
N LEU M 95 -32.44 54.70 16.67
CA LEU M 95 -33.29 55.45 17.56
C LEU M 95 -32.49 56.48 18.35
N ILE M 96 -31.33 56.87 17.86
CA ILE M 96 -30.41 57.81 18.46
C ILE M 96 -30.47 59.10 17.63
N GLU M 97 -29.99 60.17 18.22
CA GLU M 97 -29.98 61.47 17.54
C GLU M 97 -28.82 61.49 16.55
N PRO M 98 -29.04 61.92 15.28
CA PRO M 98 -27.97 61.82 14.29
C PRO M 98 -26.80 62.75 14.56
N VAL M 99 -27.00 63.76 15.40
CA VAL M 99 -26.00 64.79 15.59
C VAL M 99 -25.36 64.60 16.96
N ALA M 100 -25.87 63.67 17.77
CA ALA M 100 -25.20 63.19 18.97
C ALA M 100 -24.11 62.19 18.57
N LEU M 101 -23.34 61.74 19.55
CA LEU M 101 -22.14 60.93 19.36
C LEU M 101 -21.00 61.65 18.63
N VAL M 102 -21.00 62.96 18.71
CA VAL M 102 -19.92 63.79 18.20
C VAL M 102 -18.99 64.11 19.36
N GLY M 103 -17.69 63.98 19.10
CA GLY M 103 -16.65 64.14 20.10
C GLY M 103 -16.57 63.00 21.11
N LYS M 104 -17.32 61.88 20.91
CA LYS M 104 -17.17 60.80 21.85
C LYS M 104 -16.17 59.81 21.30
N PRO M 105 -15.17 59.38 22.09
CA PRO M 105 -14.41 58.18 21.75
C PRO M 105 -15.22 56.90 21.94
N VAL M 106 -15.18 56.05 20.91
CA VAL M 106 -15.86 54.77 20.92
C VAL M 106 -14.84 53.69 20.63
N LEU M 107 -14.88 52.60 21.39
CA LEU M 107 -14.03 51.44 21.18
C LEU M 107 -14.84 50.33 20.51
N LEU M 108 -14.45 49.98 19.27
CA LEU M 108 -15.26 49.10 18.47
C LEU M 108 -14.70 47.69 18.60
N ALA M 109 -15.61 46.71 18.75
CA ALA M 109 -15.22 45.34 18.93
C ALA M 109 -16.28 44.46 18.28
N ALA M 110 -15.94 43.17 18.11
CA ALA M 110 -16.85 42.21 17.50
C ALA M 110 -16.45 40.81 17.96
N THR M 111 -17.42 39.95 18.20
CA THR M 111 -17.17 38.52 18.33
C THR M 111 -17.86 37.75 17.21
N GLY M 112 -17.30 36.63 16.81
CA GLY M 112 -17.87 35.85 15.74
C GLY M 112 -17.51 34.38 15.86
N GLY M 113 -17.99 33.62 14.90
CA GLY M 113 -17.60 32.24 14.77
C GLY M 113 -16.60 32.11 13.63
N GLY M 114 -15.34 31.84 13.99
CA GLY M 114 -14.26 31.75 13.05
C GLY M 114 -13.53 33.09 12.90
N ASP M 115 -12.36 33.02 12.26
CA ASP M 115 -11.60 34.23 11.95
C ASP M 115 -12.13 34.88 10.66
N ARG M 116 -13.22 34.37 10.04
CA ARG M 116 -13.47 34.71 8.64
C ARG M 116 -14.20 36.06 8.51
N HIS M 117 -14.96 36.43 9.53
CA HIS M 117 -15.70 37.68 9.51
C HIS M 117 -15.00 38.77 10.29
N ALA M 118 -13.67 38.80 10.28
CA ALA M 118 -12.96 39.74 11.14
C ALA M 118 -12.81 41.10 10.48
N LEU M 119 -13.15 41.21 9.18
CA LEU M 119 -13.10 42.53 8.55
C LEU M 119 -14.46 43.19 8.51
N VAL M 120 -15.37 42.76 9.40
CA VAL M 120 -16.62 43.47 9.54
C VAL M 120 -16.44 44.45 10.69
N ILE M 121 -15.19 44.70 11.15
CA ILE M 121 -14.88 45.87 11.94
C ILE M 121 -14.54 46.96 10.94
N GLU M 122 -13.97 46.63 9.75
CA GLU M 122 -13.49 47.64 8.85
C GLU M 122 -14.63 48.26 7.99
N HIS M 123 -15.50 47.39 7.48
CA HIS M 123 -16.61 47.84 6.64
C HIS M 123 -18.01 47.71 7.24
N GLN M 124 -18.07 47.61 8.56
CA GLN M 124 -19.33 47.57 9.27
C GLN M 124 -19.24 48.02 10.72
N LEU M 125 -20.08 48.97 11.09
CA LEU M 125 -20.10 49.54 12.43
C LEU M 125 -19.02 50.59 12.70
N ARG M 126 -18.02 50.71 11.82
CA ARG M 126 -17.00 51.69 12.08
C ARG M 126 -17.45 52.84 11.26
N PRO M 127 -18.34 52.57 10.32
CA PRO M 127 -18.61 53.68 9.40
C PRO M 127 -19.84 54.33 10.04
N VAL M 128 -20.68 53.50 10.69
CA VAL M 128 -21.86 53.98 11.36
C VAL M 128 -21.50 54.93 12.49
N PHE M 129 -20.33 54.79 13.07
CA PHE M 129 -19.78 55.84 13.93
C PHE M 129 -18.93 56.84 13.14
N GLY M 130 -18.87 56.69 11.82
CA GLY M 130 -18.36 57.69 10.93
C GLY M 130 -19.48 58.57 10.38
N PHE M 131 -20.70 58.10 10.55
CA PHE M 131 -21.88 58.92 10.34
C PHE M 131 -21.99 59.99 11.39
N PHE M 132 -21.62 59.62 12.61
CA PHE M 132 -21.41 60.58 13.71
C PHE M 132 -19.90 60.83 13.69
N GLU M 133 -19.27 61.30 14.77
CA GLU M 133 -17.86 61.69 14.74
C GLU M 133 -17.18 61.26 16.02
N ALA M 134 -16.28 60.24 16.01
CA ALA M 134 -15.50 59.90 17.16
C ALA M 134 -14.28 60.79 17.25
N HIS M 135 -13.66 60.73 18.44
CA HIS M 135 -12.42 61.49 18.75
C HIS M 135 -11.32 60.44 18.87
N THR M 136 -11.69 59.21 19.24
CA THR M 136 -10.84 58.02 19.30
C THR M 136 -11.31 56.66 18.70
N LEU M 137 -11.71 56.76 17.42
CA LEU M 137 -12.04 55.59 16.57
C LEU M 137 -10.69 54.90 16.59
N ALA M 138 -10.58 53.78 17.29
CA ALA M 138 -9.23 53.34 17.60
C ALA M 138 -8.94 52.09 16.77
N THR M 139 -7.96 51.28 17.20
CA THR M 139 -7.69 49.99 16.64
C THR M 139 -8.84 49.05 16.96
N GLY M 140 -9.46 48.53 15.89
CA GLY M 140 -10.65 47.70 16.07
C GLY M 140 -10.25 46.24 16.30
N LEU M 141 -10.98 45.53 17.18
CA LEU M 141 -10.54 44.21 17.56
C LEU M 141 -11.65 43.17 17.45
N TYR M 142 -11.28 42.00 16.97
CA TYR M 142 -12.15 40.89 16.69
C TYR M 142 -11.78 39.77 17.63
N VAL M 143 -12.77 39.12 18.26
CA VAL M 143 -12.55 37.88 18.98
C VAL M 143 -13.15 36.69 18.23
N SER M 144 -12.31 35.67 18.03
CA SER M 144 -12.75 34.42 17.43
C SER M 144 -13.12 33.42 18.52
N ALA M 145 -13.13 32.12 18.18
CA ALA M 145 -13.28 31.05 19.15
C ALA M 145 -12.09 30.89 20.11
N SER M 146 -11.08 31.76 20.05
CA SER M 146 -10.18 32.05 21.15
C SER M 146 -10.92 32.77 22.29
N ASP M 147 -11.54 31.96 23.15
CA ASP M 147 -12.56 32.44 24.07
C ASP M 147 -12.66 31.52 25.26
N PHE M 148 -13.77 31.58 26.00
CA PHE M 148 -14.20 30.57 26.97
C PHE M 148 -13.35 30.47 28.23
N GLY M 149 -13.04 31.60 28.89
CA GLY M 149 -12.64 31.52 30.30
C GLY M 149 -11.26 31.91 30.75
N PRO M 150 -10.24 32.09 29.87
CA PRO M 150 -8.99 32.74 30.28
C PRO M 150 -8.94 34.08 31.03
N ASP M 151 -9.59 35.11 30.48
CA ASP M 151 -9.41 36.43 31.09
C ASP M 151 -10.41 36.55 32.23
N GLY M 152 -11.66 36.79 31.87
CA GLY M 152 -12.78 36.62 32.79
C GLY M 152 -13.73 35.54 32.24
N LEU M 153 -14.07 35.68 30.97
CA LEU M 153 -14.69 34.63 30.22
C LEU M 153 -14.01 34.32 28.88
N ALA M 154 -12.91 35.03 28.63
CA ALA M 154 -12.24 35.16 27.35
C ALA M 154 -10.80 34.78 27.47
N ALA M 157 -4.91 34.26 24.01
CA ALA M 157 -3.71 33.88 23.23
C ALA M 157 -2.76 35.08 23.21
N ALA M 158 -3.31 36.26 22.91
CA ALA M 158 -2.50 37.50 22.99
C ALA M 158 -2.86 38.49 24.12
N SER M 159 -4.17 38.72 24.25
CA SER M 159 -4.78 39.72 25.10
C SER M 159 -4.13 41.10 25.09
N THR M 160 -3.53 41.45 23.93
CA THR M 160 -2.60 42.58 23.89
C THR M 160 -3.28 43.71 23.12
N ARG M 161 -4.06 43.36 22.10
CA ARG M 161 -4.73 44.34 21.28
C ARG M 161 -5.94 44.93 22.00
N LEU M 162 -6.47 44.19 22.98
CA LEU M 162 -7.53 44.67 23.84
C LEU M 162 -6.96 45.64 24.88
N ASP M 163 -5.73 45.40 25.33
CA ASP M 163 -5.11 46.30 26.29
C ASP M 163 -4.62 47.55 25.57
N ARG M 164 -4.16 47.38 24.33
CA ARG M 164 -3.57 48.50 23.61
C ARG M 164 -4.61 49.41 22.99
N ALA M 165 -5.88 49.01 22.96
CA ALA M 165 -7.05 49.85 22.74
C ALA M 165 -7.39 50.73 23.96
N VAL M 166 -6.90 50.37 25.12
CA VAL M 166 -7.03 51.15 26.31
C VAL M 166 -5.89 52.17 26.33
N ALA M 167 -4.89 52.11 25.46
CA ALA M 167 -3.90 53.18 25.35
C ALA M 167 -4.48 54.39 24.63
N GLN M 168 -5.62 54.21 23.93
CA GLN M 168 -6.41 55.37 23.52
C GLN M 168 -7.41 55.81 24.59
N PHE M 169 -7.49 55.05 25.69
CA PHE M 169 -8.20 55.45 26.88
C PHE M 169 -7.20 55.57 28.03
N ALA M 170 -5.92 55.86 27.74
CA ALA M 170 -4.94 56.23 28.75
C ALA M 170 -4.32 57.59 28.46
N ALA M 171 -4.39 58.03 27.18
CA ALA M 171 -3.72 59.25 26.74
C ALA M 171 -4.74 60.20 26.12
N HIS M 172 -5.99 59.79 25.83
CA HIS M 172 -6.80 60.49 24.87
C HIS M 172 -8.18 60.85 25.37
N LEU M 173 -8.52 60.60 26.64
CA LEU M 173 -9.83 61.00 27.13
C LEU M 173 -9.81 62.38 27.80
N SER M 174 -8.93 63.24 27.34
CA SER M 174 -8.77 64.62 27.78
C SER M 174 -8.18 64.72 29.18
N ARG M 175 -7.55 63.65 29.69
CA ARG M 175 -6.86 63.64 30.96
C ARG M 175 -7.76 63.76 32.18
N HIS M 176 -9.04 64.11 32.05
CA HIS M 176 -9.98 64.17 33.14
C HIS M 176 -11.33 63.58 32.71
N ASP M 177 -11.90 64.20 31.69
CA ASP M 177 -13.17 63.83 31.09
C ASP M 177 -13.27 64.49 29.72
N LEU M 186 -23.33 74.74 8.52
CA LEU M 186 -23.25 75.90 7.59
C LEU M 186 -23.09 77.19 8.42
N GLU M 187 -23.18 78.35 7.80
CA GLU M 187 -23.04 79.57 8.56
C GLU M 187 -24.32 80.32 8.48
N HIS M 188 -25.00 80.51 9.59
CA HIS M 188 -26.28 81.23 9.63
C HIS M 188 -27.28 80.85 8.54
N HIS M 189 -27.76 79.62 8.62
CA HIS M 189 -28.72 79.08 7.67
C HIS M 189 -29.27 77.83 8.31
N HIS M 190 -30.56 77.88 8.59
CA HIS M 190 -31.34 76.82 9.22
C HIS M 190 -30.53 76.02 10.23
N MET N 1 -51.52 29.52 -16.11
CA MET N 1 -50.90 30.73 -16.73
C MET N 1 -50.19 31.63 -15.71
N PRO N 2 -50.73 31.89 -14.50
CA PRO N 2 -49.96 32.59 -13.48
C PRO N 2 -48.81 31.75 -12.91
N GLY N 3 -47.58 32.23 -13.07
CA GLY N 3 -46.41 31.39 -12.97
C GLY N 3 -45.50 31.87 -11.84
N PRO N 4 -44.48 32.72 -12.12
CA PRO N 4 -43.45 33.00 -11.12
C PRO N 4 -43.98 33.93 -10.04
N ARG N 5 -43.96 33.47 -8.83
CA ARG N 5 -44.41 34.22 -7.65
C ARG N 5 -43.32 35.18 -7.23
N ILE N 6 -43.52 36.50 -7.43
CA ILE N 6 -42.60 37.47 -6.94
C ILE N 6 -43.07 37.91 -5.56
N VAL N 7 -42.11 38.13 -4.65
CA VAL N 7 -42.42 38.75 -3.37
C VAL N 7 -41.56 40.00 -3.23
N ALA N 8 -42.15 41.06 -2.67
CA ALA N 8 -41.51 42.36 -2.63
C ALA N 8 -41.54 42.89 -1.20
N PHE N 9 -40.46 43.62 -0.84
CA PHE N 9 -40.21 43.92 0.56
C PHE N 9 -39.71 45.34 0.69
N ALA N 10 -40.30 46.06 1.66
CA ALA N 10 -39.88 47.40 2.05
C ALA N 10 -39.54 47.40 3.54
N GLY N 11 -38.67 48.31 3.95
CA GLY N 11 -38.18 48.32 5.32
C GLY N 11 -38.63 49.57 6.05
N SER N 12 -39.88 50.03 5.86
CA SER N 12 -40.33 51.29 6.42
C SER N 12 -41.48 51.06 7.42
N TRP N 13 -41.30 51.56 8.62
CA TRP N 13 -42.27 51.39 9.69
C TRP N 13 -43.24 52.55 9.74
N SER N 14 -43.53 53.18 8.60
CA SER N 14 -44.55 54.21 8.49
C SER N 14 -45.43 53.97 7.27
N ARG N 15 -46.71 54.31 7.40
CA ARG N 15 -47.70 53.96 6.37
C ARG N 15 -47.60 54.88 5.16
N PRO N 16 -47.57 56.22 5.29
CA PRO N 16 -47.29 57.08 4.13
C PRO N 16 -45.78 57.29 3.94
N SER N 17 -45.05 56.20 3.73
CA SER N 17 -43.64 56.19 3.42
C SER N 17 -43.41 56.02 1.92
N LYS N 18 -42.21 56.46 1.50
CA LYS N 18 -41.80 56.52 0.11
C LYS N 18 -41.25 55.17 -0.35
N THR N 19 -41.02 54.22 0.55
CA THR N 19 -40.18 53.08 0.22
C THR N 19 -41.02 51.98 -0.42
N ARG N 20 -42.30 51.87 0.00
CA ARG N 20 -43.21 50.92 -0.58
C ARG N 20 -43.60 51.32 -2.01
N SER N 21 -43.56 52.62 -2.34
CA SER N 21 -44.16 53.06 -3.59
C SER N 21 -43.29 52.69 -4.81
N LEU N 22 -41.99 52.48 -4.57
CA LEU N 22 -41.14 51.98 -5.63
C LEU N 22 -41.12 50.49 -5.61
N VAL N 23 -41.45 49.82 -4.51
CA VAL N 23 -41.50 48.38 -4.44
C VAL N 23 -42.80 47.85 -5.11
N GLU N 24 -43.84 48.69 -5.05
CA GLU N 24 -45.12 48.31 -5.63
C GLU N 24 -45.06 48.46 -7.14
N GLU N 25 -44.35 49.51 -7.57
CA GLU N 25 -44.19 49.84 -9.01
C GLU N 25 -43.23 48.83 -9.66
N ALA N 26 -42.21 48.38 -8.90
CA ALA N 26 -41.25 47.41 -9.46
C ALA N 26 -41.84 46.01 -9.48
N ALA N 27 -42.87 45.76 -8.68
CA ALA N 27 -43.67 44.54 -8.80
C ALA N 27 -44.59 44.63 -10.03
N ARG N 28 -45.13 45.82 -10.33
CA ARG N 28 -45.98 45.93 -11.52
C ARG N 28 -45.17 45.81 -12.81
N ARG N 29 -43.93 46.26 -12.75
CA ARG N 29 -43.03 46.16 -13.90
C ARG N 29 -42.51 44.74 -14.03
N ALA N 30 -42.55 43.95 -12.96
CA ALA N 30 -42.11 42.56 -13.00
C ALA N 30 -43.21 41.66 -13.54
N VAL N 31 -44.48 42.04 -13.28
CA VAL N 31 -45.58 41.26 -13.84
C VAL N 31 -45.77 41.62 -15.31
N ALA N 32 -45.35 42.81 -15.70
CA ALA N 32 -45.35 43.25 -17.10
C ALA N 32 -44.18 42.59 -17.81
N ARG N 33 -44.50 41.96 -18.95
CA ARG N 33 -43.46 41.24 -19.75
C ARG N 33 -43.04 39.97 -19.00
N PHE N 34 -43.54 39.80 -17.78
CA PHE N 34 -43.25 38.62 -16.94
C PHE N 34 -44.52 38.31 -16.12
N GLY N 35 -45.60 37.96 -16.83
CA GLY N 35 -46.90 37.65 -16.20
C GLY N 35 -46.77 36.65 -15.07
N GLY N 36 -47.38 36.94 -13.92
CA GLY N 36 -47.33 36.05 -12.75
C GLY N 36 -48.23 36.54 -11.62
N SER N 37 -47.68 36.65 -10.41
CA SER N 37 -48.42 37.11 -9.24
C SER N 37 -47.64 38.26 -8.61
N ALA N 38 -48.22 38.93 -7.62
CA ALA N 38 -47.44 39.85 -6.79
C ALA N 38 -47.83 39.72 -5.33
N HIS N 39 -46.84 39.59 -4.43
CA HIS N 39 -47.05 39.78 -3.01
C HIS N 39 -46.17 40.95 -2.57
N VAL N 40 -46.80 41.97 -2.02
CA VAL N 40 -46.10 43.16 -1.58
C VAL N 40 -46.40 43.31 -0.09
N PHE N 41 -45.35 43.43 0.73
CA PHE N 41 -45.57 43.77 2.14
C PHE N 41 -44.48 44.71 2.61
N ASP N 42 -44.59 45.10 3.89
CA ASP N 42 -43.73 46.07 4.52
C ASP N 42 -43.76 45.72 6.01
N ILE N 43 -42.80 46.32 6.75
CA ILE N 43 -42.75 46.02 8.17
C ILE N 43 -43.83 46.79 8.91
N ALA N 44 -44.30 47.91 8.34
CA ALA N 44 -45.58 48.51 8.76
C ALA N 44 -46.71 47.57 8.33
N ASP N 45 -47.49 47.17 9.32
CA ASP N 45 -48.54 46.18 9.23
C ASP N 45 -48.04 44.76 8.99
N LEU N 46 -46.76 44.50 9.29
CA LEU N 46 -46.33 43.10 9.38
C LEU N 46 -46.49 42.66 10.83
N GLY N 47 -46.09 43.51 11.75
CA GLY N 47 -46.06 43.19 13.15
C GLY N 47 -45.30 44.25 13.93
N PRO N 48 -45.56 44.33 15.24
CA PRO N 48 -44.75 45.11 16.12
C PRO N 48 -43.55 44.25 16.57
N ASP N 49 -43.14 43.30 15.71
CA ASP N 49 -42.06 42.34 16.06
C ASP N 49 -42.41 41.70 17.41
N PHE N 50 -43.71 41.69 17.71
CA PHE N 50 -44.33 41.16 18.97
C PHE N 50 -43.59 39.92 19.48
N GLY N 51 -43.44 38.89 18.64
CA GLY N 51 -42.73 37.66 19.03
C GLY N 51 -41.23 37.78 18.80
N SER N 52 -40.59 38.73 19.48
CA SER N 52 -39.12 38.95 19.35
C SER N 52 -38.38 37.82 20.09
N LEU N 53 -38.95 37.36 21.20
CA LEU N 53 -38.32 36.28 21.94
C LEU N 53 -38.85 35.05 21.19
N ARG N 54 -38.46 34.85 19.93
CA ARG N 54 -38.53 33.57 19.26
C ARG N 54 -39.79 32.72 19.16
N GLN N 55 -40.94 33.39 18.93
CA GLN N 55 -42.16 32.68 18.54
C GLN N 55 -42.56 32.88 17.09
N PRO N 56 -42.73 31.81 16.28
CA PRO N 56 -43.31 31.96 14.96
C PRO N 56 -44.83 31.95 14.94
N GLN N 57 -45.51 32.03 16.09
CA GLN N 57 -46.96 32.00 16.13
C GLN N 57 -47.57 33.40 16.01
N ASP N 58 -47.40 33.97 14.80
CA ASP N 58 -48.05 35.22 14.42
C ASP N 58 -48.87 35.01 13.17
N GLY N 59 -49.97 35.77 12.99
CA GLY N 59 -50.85 35.49 11.86
C GLY N 59 -50.30 36.04 10.52
N PRO N 60 -50.23 37.37 10.37
CA PRO N 60 -49.64 37.94 9.16
C PRO N 60 -48.11 37.85 9.07
N HIS N 61 -47.38 37.78 10.18
CA HIS N 61 -45.96 38.09 10.13
C HIS N 61 -45.15 36.95 9.51
N THR N 62 -45.55 35.73 9.86
CA THR N 62 -44.92 34.56 9.24
C THR N 62 -45.54 34.30 7.90
N ARG N 63 -46.70 34.84 7.59
CA ARG N 63 -47.32 34.71 6.27
C ARG N 63 -46.52 35.46 5.21
N HIS N 64 -45.86 36.53 5.61
CA HIS N 64 -44.98 37.25 4.70
C HIS N 64 -43.56 36.67 4.71
N LEU N 65 -43.17 35.99 5.79
CA LEU N 65 -41.91 35.29 5.82
C LEU N 65 -41.88 33.99 5.03
N ASP N 66 -43.00 33.28 4.96
CA ASP N 66 -43.17 32.10 4.14
C ASP N 66 -43.39 32.45 2.68
N ALA N 67 -43.84 33.66 2.41
CA ALA N 67 -43.92 34.18 1.05
C ALA N 67 -42.46 34.50 0.58
N PHE N 68 -41.65 34.93 1.55
CA PHE N 68 -40.34 35.40 1.20
C PHE N 68 -39.39 34.22 0.98
N LEU N 69 -39.62 33.12 1.69
CA LEU N 69 -38.81 31.92 1.54
C LEU N 69 -39.19 31.11 0.31
N ALA N 70 -40.38 31.34 -0.25
CA ALA N 70 -40.86 30.58 -1.38
C ALA N 70 -40.68 31.35 -2.68
N ALA N 71 -40.06 32.54 -2.63
CA ALA N 71 -40.12 33.45 -3.77
C ALA N 71 -39.22 32.99 -4.92
N ASP N 72 -39.71 33.11 -6.14
CA ASP N 72 -38.88 32.82 -7.28
C ASP N 72 -38.00 34.00 -7.71
N ALA N 73 -38.53 35.20 -7.46
CA ALA N 73 -37.79 36.44 -7.67
C ALA N 73 -38.22 37.44 -6.61
N LEU N 74 -37.29 38.21 -6.07
CA LEU N 74 -37.55 39.04 -4.90
C LEU N 74 -37.00 40.42 -5.16
N ILE N 75 -37.74 41.44 -4.67
CA ILE N 75 -37.26 42.80 -4.71
C ILE N 75 -37.22 43.32 -3.27
N VAL N 76 -36.03 43.85 -2.91
CA VAL N 76 -35.81 44.23 -1.53
C VAL N 76 -35.34 45.68 -1.50
N ALA N 77 -35.84 46.40 -0.49
CA ALA N 77 -35.47 47.81 -0.38
C ALA N 77 -35.35 48.21 1.09
N SER N 78 -34.55 49.27 1.28
CA SER N 78 -34.34 49.76 2.64
C SER N 78 -34.24 51.27 2.65
N PRO N 79 -34.87 51.95 3.62
CA PRO N 79 -34.57 53.37 3.80
C PRO N 79 -33.21 53.57 4.42
N VAL N 80 -32.48 54.58 3.94
CA VAL N 80 -31.12 54.92 4.46
C VAL N 80 -31.27 55.91 5.61
N TYR N 81 -31.45 55.39 6.84
CA TYR N 81 -31.61 56.26 8.04
C TYR N 81 -30.29 56.73 8.65
N LYS N 82 -29.49 55.78 9.14
CA LYS N 82 -28.18 56.09 9.78
C LYS N 82 -26.91 56.10 8.94
N GLY N 83 -26.33 54.92 8.70
CA GLY N 83 -25.11 54.79 7.92
C GLY N 83 -25.49 53.80 6.83
N SER N 84 -26.55 52.99 7.06
CA SER N 84 -26.79 51.76 6.33
C SER N 84 -28.24 51.39 6.58
N TYR N 85 -28.63 50.22 6.09
CA TYR N 85 -29.97 49.73 6.18
C TYR N 85 -30.52 49.77 7.61
N THR N 86 -31.87 49.73 7.70
CA THR N 86 -32.48 49.98 9.00
C THR N 86 -32.40 48.74 9.87
N GLY N 87 -32.71 48.92 11.14
CA GLY N 87 -32.58 47.89 12.16
C GLY N 87 -33.68 46.86 12.09
N LEU N 88 -34.90 47.28 11.81
CA LEU N 88 -36.03 46.37 11.79
C LEU N 88 -36.04 45.62 10.46
N PHE N 89 -35.40 46.22 9.45
CA PHE N 89 -35.26 45.57 8.15
C PHE N 89 -34.24 44.46 8.28
N LYS N 90 -33.17 44.71 9.03
CA LYS N 90 -32.09 43.75 9.19
C LYS N 90 -32.53 42.62 10.14
N HIS N 91 -33.49 42.91 11.03
CA HIS N 91 -33.97 41.85 11.91
C HIS N 91 -34.81 40.83 11.15
N PHE N 92 -35.44 41.27 10.08
CA PHE N 92 -36.17 40.36 9.21
C PHE N 92 -35.20 39.53 8.38
N ILE N 93 -34.04 40.09 8.06
CA ILE N 93 -33.00 39.34 7.36
C ILE N 93 -32.26 38.42 8.34
N ASP N 94 -32.24 38.77 9.60
CA ASP N 94 -31.63 37.99 10.67
C ASP N 94 -32.55 36.86 11.04
N LEU N 95 -33.87 36.96 10.84
CA LEU N 95 -34.77 35.89 11.27
C LEU N 95 -34.65 34.55 10.48
N ILE N 96 -34.35 34.72 9.19
CA ILE N 96 -33.82 33.60 8.36
C ILE N 96 -32.30 33.76 8.60
N GLU N 97 -31.72 32.96 9.52
CA GLU N 97 -30.36 33.23 10.04
C GLU N 97 -29.34 32.70 9.07
N VAL N 99 -27.85 30.46 6.97
CA VAL N 99 -28.51 29.21 6.63
C VAL N 99 -28.95 29.39 5.10
N ALA N 100 -29.54 28.35 4.51
CA ALA N 100 -29.81 28.29 3.13
C ALA N 100 -30.99 29.26 2.73
N LEU N 101 -30.64 30.31 1.99
CA LEU N 101 -31.54 31.32 1.44
C LEU N 101 -31.38 31.16 -0.06
N VAL N 102 -32.38 30.54 -0.68
CA VAL N 102 -32.40 30.19 -2.11
C VAL N 102 -31.71 31.15 -3.09
N GLY N 103 -30.80 30.60 -3.90
CA GLY N 103 -30.05 31.37 -4.86
C GLY N 103 -31.04 31.77 -5.94
N LYS N 104 -31.59 32.98 -5.81
CA LYS N 104 -32.55 33.49 -6.78
C LYS N 104 -32.18 34.95 -7.03
N PRO N 105 -32.80 35.56 -8.04
CA PRO N 105 -32.54 36.96 -8.37
C PRO N 105 -32.98 37.92 -7.27
N VAL N 106 -32.14 38.90 -6.99
CA VAL N 106 -32.50 40.00 -6.09
C VAL N 106 -32.41 41.33 -6.84
N LEU N 107 -33.43 42.17 -6.64
CA LEU N 107 -33.33 43.57 -7.06
C LEU N 107 -33.20 44.43 -5.81
N LEU N 108 -32.03 45.06 -5.63
CA LEU N 108 -31.77 45.83 -4.44
C LEU N 108 -32.11 47.29 -4.70
N ALA N 109 -32.72 47.91 -3.70
CA ALA N 109 -33.15 49.31 -3.85
C ALA N 109 -32.97 50.04 -2.53
N ALA N 110 -32.89 51.37 -2.63
CA ALA N 110 -32.63 52.17 -1.44
C ALA N 110 -33.22 53.56 -1.60
N THR N 111 -33.80 54.08 -0.52
CA THR N 111 -34.35 55.42 -0.53
C THR N 111 -33.59 56.30 0.46
N GLY N 112 -33.36 57.53 0.08
CA GLY N 112 -32.69 58.43 1.00
C GLY N 112 -33.06 59.87 0.69
N GLY N 113 -32.41 60.76 1.44
CA GLY N 113 -32.82 62.16 1.43
C GLY N 113 -31.93 62.99 0.54
N GLY N 114 -31.80 62.59 -0.72
CA GLY N 114 -30.95 63.27 -1.66
C GLY N 114 -29.88 62.33 -2.18
N ASP N 115 -29.04 62.87 -3.08
CA ASP N 115 -28.07 62.06 -3.80
C ASP N 115 -26.81 61.83 -2.99
N ARG N 116 -26.78 62.14 -1.69
CA ARG N 116 -25.54 62.19 -0.94
C ARG N 116 -25.21 60.80 -0.37
N HIS N 117 -26.25 60.02 -0.04
CA HIS N 117 -26.06 58.79 0.70
C HIS N 117 -26.14 57.55 -0.18
N ALA N 118 -25.68 57.65 -1.43
CA ALA N 118 -25.67 56.51 -2.33
C ALA N 118 -24.49 55.60 -2.05
N LEU N 119 -24.33 54.47 -2.76
CA LEU N 119 -23.29 53.49 -2.49
C LEU N 119 -23.57 52.56 -1.31
N VAL N 120 -24.82 52.61 -0.84
CA VAL N 120 -25.20 51.75 0.26
C VAL N 120 -25.62 50.41 -0.32
N ILE N 121 -25.91 50.37 -1.63
CA ILE N 121 -26.36 49.11 -2.21
C ILE N 121 -25.17 48.18 -2.41
N GLU N 122 -24.01 48.72 -2.74
CA GLU N 122 -22.87 47.88 -3.05
C GLU N 122 -22.04 47.50 -1.81
N HIS N 123 -22.03 48.41 -0.80
CA HIS N 123 -21.21 48.13 0.38
C HIS N 123 -22.02 47.64 1.57
N GLN N 124 -23.36 47.84 1.55
CA GLN N 124 -24.16 47.43 2.70
C GLN N 124 -25.25 46.45 2.32
N LEU N 125 -25.86 46.57 1.13
CA LEU N 125 -26.99 45.70 0.80
C LEU N 125 -26.62 44.40 0.08
N ARG N 126 -25.64 44.54 -0.82
CA ARG N 126 -25.08 43.41 -1.59
C ARG N 126 -24.34 42.44 -0.67
N PRO N 127 -23.47 42.92 0.24
CA PRO N 127 -22.72 42.06 1.14
C PRO N 127 -23.61 41.21 2.06
N VAL N 128 -24.84 41.65 2.32
CA VAL N 128 -25.71 40.89 3.20
C VAL N 128 -26.51 39.91 2.36
N PHE N 129 -26.78 40.20 1.11
CA PHE N 129 -27.37 39.20 0.24
C PHE N 129 -26.34 38.41 -0.54
N GLY N 130 -25.05 38.77 -0.38
CA GLY N 130 -23.96 37.97 -0.89
C GLY N 130 -23.48 37.00 0.19
N PHE N 131 -23.98 37.18 1.40
CA PHE N 131 -23.81 36.19 2.45
C PHE N 131 -24.66 34.96 2.13
N PHE N 132 -25.86 35.23 1.66
CA PHE N 132 -26.74 34.14 1.24
C PHE N 132 -26.24 33.75 -0.14
N GLU N 133 -25.76 34.73 -0.90
CA GLU N 133 -25.33 34.64 -2.29
C GLU N 133 -26.49 34.18 -3.20
N ALA N 134 -27.53 35.02 -3.17
CA ALA N 134 -28.67 35.01 -4.12
C ALA N 134 -27.95 35.23 -5.44
N HIS N 135 -28.21 34.42 -6.45
CA HIS N 135 -27.17 34.34 -7.46
C HIS N 135 -27.11 35.57 -8.37
N THR N 136 -28.20 36.32 -8.42
CA THR N 136 -28.17 37.60 -9.12
C THR N 136 -28.14 38.77 -8.16
N LEU N 137 -27.04 39.54 -8.22
CA LEU N 137 -26.97 40.81 -7.51
C LEU N 137 -26.81 41.86 -8.61
N ALA N 138 -27.94 42.23 -9.21
CA ALA N 138 -27.96 42.97 -10.45
C ALA N 138 -27.81 44.45 -10.13
N THR N 139 -27.90 45.30 -11.16
CA THR N 139 -27.61 46.71 -11.00
C THR N 139 -28.77 47.34 -10.24
N GLY N 140 -28.48 47.83 -9.05
CA GLY N 140 -29.48 48.35 -8.14
C GLY N 140 -29.79 49.81 -8.47
N LEU N 141 -30.83 50.32 -7.78
CA LEU N 141 -31.13 51.73 -7.87
C LEU N 141 -31.20 52.36 -6.47
N TYR N 142 -30.61 53.54 -6.40
CA TYR N 142 -30.77 54.42 -5.25
C TYR N 142 -31.66 55.58 -5.69
N VAL N 143 -32.68 55.82 -4.89
CA VAL N 143 -33.77 56.71 -5.27
C VAL N 143 -33.79 57.87 -4.29
N SER N 144 -33.65 59.10 -4.79
CA SER N 144 -33.43 60.25 -3.93
C SER N 144 -34.76 60.95 -3.65
N ALA N 145 -34.76 61.78 -2.60
CA ALA N 145 -36.01 62.37 -2.13
C ALA N 145 -36.49 63.50 -3.05
N SER N 146 -37.03 63.10 -4.21
CA SER N 146 -37.56 64.08 -5.16
C SER N 146 -38.91 63.70 -5.72
N ASP N 147 -39.54 62.58 -5.37
CA ASP N 147 -40.45 61.91 -6.30
C ASP N 147 -41.89 62.36 -6.06
N PHE N 148 -42.64 62.55 -7.15
CA PHE N 148 -44.06 62.99 -7.08
C PHE N 148 -44.60 62.98 -8.50
N GLY N 149 -45.61 62.13 -8.76
CA GLY N 149 -46.22 62.02 -10.10
C GLY N 149 -47.60 61.39 -9.98
N ASP N 151 -49.73 57.65 -12.08
CA ASP N 151 -49.13 56.33 -12.23
C ASP N 151 -48.92 55.99 -10.76
N GLY N 152 -47.70 56.22 -10.27
CA GLY N 152 -47.37 55.95 -8.89
C GLY N 152 -46.60 57.04 -8.17
N LEU N 153 -46.12 58.01 -8.92
CA LEU N 153 -45.30 59.10 -8.35
C LEU N 153 -43.92 58.85 -7.72
N ALA N 154 -42.93 58.67 -8.60
CA ALA N 154 -41.50 58.51 -8.23
C ALA N 154 -40.72 59.26 -9.32
N SER N 155 -39.45 59.55 -9.04
CA SER N 155 -38.56 60.27 -9.99
C SER N 155 -38.40 59.47 -11.29
N GLU N 156 -38.34 60.16 -12.43
CA GLU N 156 -38.23 59.52 -13.71
C GLU N 156 -36.79 59.48 -14.20
N ALA N 157 -35.81 59.70 -13.32
CA ALA N 157 -34.41 59.56 -13.75
C ALA N 157 -34.03 58.07 -13.86
N ALA N 158 -34.53 57.28 -12.91
CA ALA N 158 -34.16 55.88 -12.79
C ALA N 158 -35.34 55.03 -13.25
N SER N 159 -36.24 55.56 -14.08
CA SER N 159 -37.27 54.76 -14.71
C SER N 159 -36.69 53.87 -15.81
N THR N 160 -35.60 54.35 -16.42
CA THR N 160 -34.92 53.49 -17.40
C THR N 160 -34.09 52.45 -16.64
N ARG N 161 -33.59 52.83 -15.48
CA ARG N 161 -32.69 52.00 -14.70
C ARG N 161 -33.49 50.91 -13.99
N LEU N 162 -34.77 51.20 -13.68
CA LEU N 162 -35.57 50.17 -13.02
C LEU N 162 -36.12 49.20 -14.05
N ASP N 163 -36.42 49.73 -15.28
CA ASP N 163 -36.81 48.84 -16.36
C ASP N 163 -35.61 47.99 -16.82
N ARG N 164 -34.39 48.46 -16.61
CA ARG N 164 -33.22 47.71 -16.97
C ARG N 164 -32.93 46.61 -15.94
N ALA N 165 -33.42 46.82 -14.67
CA ALA N 165 -33.10 45.81 -13.66
C ALA N 165 -34.08 44.63 -13.70
N VAL N 166 -35.26 44.86 -14.26
CA VAL N 166 -36.18 43.75 -14.51
C VAL N 166 -35.76 43.06 -15.81
N ALA N 167 -35.06 43.74 -16.70
CA ALA N 167 -34.56 43.08 -17.90
C ALA N 167 -33.30 42.27 -17.59
N GLN N 168 -32.69 42.54 -16.46
CA GLN N 168 -31.57 41.73 -15.98
C GLN N 168 -32.07 40.61 -15.08
N PHE N 169 -33.38 40.58 -14.77
CA PHE N 169 -33.94 39.35 -14.20
C PHE N 169 -34.24 38.36 -15.34
N ALA N 170 -34.47 38.85 -16.54
CA ALA N 170 -35.05 38.04 -17.60
C ALA N 170 -34.02 37.11 -18.23
N ALA N 171 -32.74 37.48 -18.14
CA ALA N 171 -31.69 36.66 -18.74
C ALA N 171 -31.28 35.49 -17.85
N HIS N 172 -31.81 35.40 -16.65
CA HIS N 172 -31.69 34.21 -15.81
C HIS N 172 -32.68 33.12 -16.25
N LEU N 173 -33.91 33.54 -16.56
CA LEU N 173 -34.96 32.56 -16.81
C LEU N 173 -34.93 32.02 -18.25
N SER N 174 -35.29 30.74 -18.39
CA SER N 174 -35.81 30.20 -19.65
C SER N 174 -37.31 30.47 -19.55
N LEU N 181 -31.71 27.92 -8.28
CA LEU N 181 -30.66 26.95 -8.61
C LEU N 181 -29.72 26.64 -7.44
N LEU N 182 -29.70 27.55 -6.47
CA LEU N 182 -28.83 27.38 -5.29
C LEU N 182 -29.57 27.83 -4.03
N MET O 1 -18.28 22.72 -31.36
CA MET O 1 -17.85 23.95 -32.07
C MET O 1 -18.04 25.13 -31.10
N PRO O 2 -17.01 25.44 -30.29
CA PRO O 2 -17.20 26.28 -29.10
C PRO O 2 -17.37 27.77 -29.37
N GLY O 3 -17.88 28.44 -28.36
CA GLY O 3 -18.26 29.85 -28.43
C GLY O 3 -17.63 30.83 -27.45
N PRO O 4 -17.46 30.48 -26.15
CA PRO O 4 -16.97 31.43 -25.17
C PRO O 4 -15.50 31.83 -25.38
N ARG O 5 -15.25 33.13 -25.37
CA ARG O 5 -13.90 33.64 -25.12
C ARG O 5 -13.83 33.99 -23.65
N ILE O 6 -13.11 33.18 -22.86
CA ILE O 6 -12.84 33.50 -21.47
C ILE O 6 -11.60 34.38 -21.32
N VAL O 7 -11.55 35.13 -20.27
CA VAL O 7 -10.33 35.82 -19.83
C VAL O 7 -10.22 35.56 -18.34
N ALA O 8 -8.98 35.47 -17.84
CA ALA O 8 -8.68 35.34 -16.42
C ALA O 8 -7.63 36.39 -16.07
N PHE O 9 -7.72 36.89 -14.86
CA PHE O 9 -6.92 37.99 -14.38
C PHE O 9 -6.55 37.77 -12.93
N ALA O 10 -5.28 37.98 -12.60
CA ALA O 10 -4.76 37.85 -11.25
C ALA O 10 -3.99 39.13 -10.95
N GLY O 11 -3.90 39.48 -9.67
CA GLY O 11 -3.02 40.53 -9.21
C GLY O 11 -1.69 39.94 -8.73
N SER O 12 -1.12 39.07 -9.57
CA SER O 12 0.14 38.34 -9.25
C SER O 12 1.42 39.16 -9.40
N TRP O 13 1.82 39.87 -8.34
CA TRP O 13 3.11 40.56 -8.24
C TRP O 13 4.30 39.60 -8.41
N SER O 14 4.06 38.29 -8.25
CA SER O 14 5.15 37.34 -8.20
C SER O 14 4.83 36.14 -9.11
N ARG O 15 5.89 35.52 -9.66
CA ARG O 15 5.72 34.47 -10.64
C ARG O 15 5.34 33.15 -9.95
N PRO O 16 6.06 32.64 -8.93
CA PRO O 16 5.68 31.36 -8.34
C PRO O 16 4.65 31.50 -7.24
N SER O 17 3.93 32.63 -7.12
CA SER O 17 3.02 32.84 -6.03
C SER O 17 1.70 32.10 -6.25
N LYS O 18 0.89 32.02 -5.20
CA LYS O 18 -0.22 31.10 -5.11
C LYS O 18 -1.45 31.65 -5.81
N THR O 19 -1.46 32.95 -6.19
CA THR O 19 -2.65 33.54 -6.74
C THR O 19 -2.75 33.30 -8.24
N ARG O 20 -1.69 32.84 -8.89
CA ARG O 20 -1.77 32.44 -10.28
C ARG O 20 -2.48 31.10 -10.42
N SER O 21 -2.24 30.21 -9.46
CA SER O 21 -2.61 28.79 -9.65
C SER O 21 -4.09 28.57 -9.38
N LEU O 22 -4.74 29.50 -8.67
CA LEU O 22 -6.18 29.45 -8.42
C LEU O 22 -6.93 29.97 -9.66
N VAL O 23 -6.34 30.89 -10.39
CA VAL O 23 -6.99 31.52 -11.51
C VAL O 23 -6.88 30.59 -12.74
N GLU O 24 -5.79 29.81 -12.77
CA GLU O 24 -5.53 29.00 -13.94
C GLU O 24 -6.42 27.75 -13.94
N GLU O 25 -6.67 27.24 -12.74
CA GLU O 25 -7.50 26.05 -12.59
C GLU O 25 -8.98 26.41 -12.67
N ALA O 26 -9.30 27.66 -12.27
CA ALA O 26 -10.68 28.12 -12.34
C ALA O 26 -11.08 28.47 -13.78
N ALA O 27 -10.06 28.76 -14.63
CA ALA O 27 -10.34 29.03 -16.02
C ALA O 27 -10.66 27.74 -16.78
N ARG O 28 -9.94 26.66 -16.42
CA ARG O 28 -10.11 25.39 -17.07
C ARG O 28 -11.48 24.78 -16.74
N ARG O 29 -12.02 25.09 -15.57
CA ARG O 29 -13.32 24.61 -15.18
C ARG O 29 -14.45 25.31 -15.94
N ALA O 30 -14.16 26.51 -16.48
CA ALA O 30 -15.11 27.19 -17.36
C ALA O 30 -14.96 26.64 -18.79
N VAL O 31 -13.74 26.25 -19.16
CA VAL O 31 -13.46 25.74 -20.47
C VAL O 31 -13.81 24.28 -20.54
N ALA O 32 -14.18 23.59 -19.45
CA ALA O 32 -14.47 22.19 -19.47
C ALA O 32 -15.78 21.86 -20.23
N ARG O 33 -16.66 22.84 -20.37
CA ARG O 33 -17.86 22.63 -21.14
C ARG O 33 -17.62 23.02 -22.59
N PHE O 34 -17.21 24.28 -22.79
CA PHE O 34 -17.17 24.89 -24.11
C PHE O 34 -15.89 25.70 -24.24
N GLY O 35 -15.84 26.68 -25.16
CA GLY O 35 -14.85 27.74 -25.07
C GLY O 35 -13.41 27.37 -25.42
N GLY O 36 -13.18 27.10 -26.70
CA GLY O 36 -11.87 26.72 -27.17
C GLY O 36 -10.87 27.87 -27.28
N SER O 37 -11.27 29.04 -26.74
CA SER O 37 -10.33 30.13 -26.55
C SER O 37 -10.13 30.42 -25.06
N ALA O 38 -8.90 30.74 -24.69
CA ALA O 38 -8.50 30.94 -23.30
C ALA O 38 -7.48 32.05 -23.23
N HIS O 39 -7.50 32.84 -22.17
CA HIS O 39 -6.49 33.87 -21.93
C HIS O 39 -6.32 33.97 -20.43
N VAL O 40 -5.12 33.64 -19.92
CA VAL O 40 -4.83 33.89 -18.51
C VAL O 40 -3.63 34.83 -18.46
N PHE O 41 -3.75 35.98 -17.77
CA PHE O 41 -2.62 36.82 -17.51
C PHE O 41 -2.68 37.39 -16.11
N ASP O 42 -1.63 38.16 -15.74
CA ASP O 42 -1.52 38.80 -14.46
C ASP O 42 -0.78 40.13 -14.61
N ILE O 43 -0.48 40.77 -13.48
CA ILE O 43 0.15 42.07 -13.50
C ILE O 43 1.59 41.97 -13.97
N ALA O 44 2.23 40.83 -13.69
CA ALA O 44 3.65 40.71 -14.00
C ALA O 44 3.88 40.58 -15.50
N ASP O 45 2.87 40.09 -16.23
CA ASP O 45 2.95 39.93 -17.66
C ASP O 45 2.59 41.16 -18.46
N LEU O 46 2.76 42.34 -17.88
CA LEU O 46 2.48 43.60 -18.54
C LEU O 46 3.68 44.54 -18.72
N GLY O 47 3.47 45.56 -19.54
CA GLY O 47 4.28 46.79 -19.43
C GLY O 47 3.86 47.59 -18.18
N PRO O 48 4.79 48.35 -17.59
CA PRO O 48 4.65 48.79 -16.21
C PRO O 48 3.57 49.84 -15.96
N ASP O 49 3.43 50.25 -14.71
CA ASP O 49 2.61 51.37 -14.28
C ASP O 49 3.16 52.70 -14.78
N PHE O 50 3.42 52.82 -16.08
CA PHE O 50 3.79 54.07 -16.73
C PHE O 50 2.53 54.78 -17.25
N GLY O 51 1.41 54.58 -16.56
CA GLY O 51 0.10 54.80 -17.14
C GLY O 51 -0.59 56.13 -16.82
N SER O 52 0.20 57.21 -16.65
CA SER O 52 -0.32 58.54 -16.63
C SER O 52 -0.47 59.11 -18.04
N LEU O 53 -0.39 58.32 -19.09
CA LEU O 53 -0.28 58.82 -20.45
C LEU O 53 -1.66 58.83 -21.11
N ARG O 54 -2.40 57.74 -20.91
CA ARG O 54 -3.80 57.63 -21.33
C ARG O 54 -3.95 57.55 -22.85
N GLN O 55 -3.19 56.63 -23.42
CA GLN O 55 -3.08 56.38 -24.85
C GLN O 55 -2.86 54.88 -24.92
N PRO O 56 -3.42 54.14 -25.89
CA PRO O 56 -3.01 52.76 -26.16
C PRO O 56 -1.66 52.66 -26.91
N GLN O 57 -0.58 52.90 -26.13
CA GLN O 57 0.71 53.18 -26.72
C GLN O 57 1.51 51.93 -27.10
N ASP O 58 1.19 50.75 -26.58
CA ASP O 58 2.10 49.63 -26.73
C ASP O 58 1.26 48.38 -26.96
N GLY O 59 1.90 47.36 -27.57
CA GLY O 59 1.39 46.02 -27.63
C GLY O 59 1.15 45.28 -26.33
N PRO O 60 2.05 45.26 -25.34
CA PRO O 60 1.79 44.71 -24.03
C PRO O 60 0.58 45.10 -23.20
N HIS O 61 -0.20 46.12 -23.59
CA HIS O 61 -1.56 46.18 -23.06
C HIS O 61 -2.57 46.46 -24.14
N THR O 62 -2.21 46.35 -25.44
CA THR O 62 -3.27 46.51 -26.45
C THR O 62 -4.24 45.31 -26.53
N ARG O 63 -3.68 44.20 -26.96
CA ARG O 63 -4.40 42.94 -27.06
C ARG O 63 -4.57 42.35 -25.69
N HIS O 64 -3.83 42.79 -24.67
CA HIS O 64 -3.79 42.20 -23.35
C HIS O 64 -4.93 42.66 -22.46
N LEU O 65 -5.55 43.82 -22.76
CA LEU O 65 -6.81 44.19 -22.15
C LEU O 65 -7.89 44.39 -23.20
N ASP O 66 -7.65 44.16 -24.49
CA ASP O 66 -8.74 43.89 -25.42
C ASP O 66 -9.27 42.48 -25.24
N ALA O 67 -8.45 41.56 -24.74
CA ALA O 67 -8.91 40.24 -24.36
C ALA O 67 -9.65 40.26 -23.03
N PHE O 68 -9.44 41.30 -22.21
CA PHE O 68 -10.35 41.58 -21.10
C PHE O 68 -11.66 42.11 -21.64
N LEU O 69 -11.60 42.89 -22.72
CA LEU O 69 -12.77 43.62 -23.20
C LEU O 69 -13.56 42.72 -24.17
N ALA O 70 -12.82 42.10 -25.11
CA ALA O 70 -13.46 41.22 -26.08
C ALA O 70 -13.41 39.84 -25.45
N ALA O 71 -14.36 39.63 -24.57
CA ALA O 71 -14.51 38.44 -23.73
C ALA O 71 -15.97 38.29 -23.31
N ASP O 72 -16.31 37.08 -22.90
CA ASP O 72 -17.67 36.67 -22.65
C ASP O 72 -17.84 36.12 -21.23
N ALA O 73 -16.73 35.82 -20.55
CA ALA O 73 -16.73 35.39 -19.17
C ALA O 73 -15.50 35.96 -18.48
N LEU O 74 -15.65 36.39 -17.21
CA LEU O 74 -14.53 37.05 -16.55
C LEU O 74 -14.17 36.34 -15.26
N ILE O 75 -12.88 36.12 -15.04
CA ILE O 75 -12.42 35.68 -13.73
C ILE O 75 -11.40 36.68 -13.22
N VAL O 76 -11.69 37.29 -12.07
CA VAL O 76 -10.79 38.32 -11.56
C VAL O 76 -10.45 37.99 -10.11
N ALA O 77 -9.17 38.20 -9.77
CA ALA O 77 -8.67 37.83 -8.46
C ALA O 77 -7.53 38.75 -8.10
N SER O 78 -7.23 38.83 -6.81
CA SER O 78 -6.18 39.69 -6.31
C SER O 78 -5.75 39.17 -4.95
N PRO O 79 -4.45 39.22 -4.59
CA PRO O 79 -4.05 39.04 -3.21
C PRO O 79 -4.48 40.22 -2.33
N VAL O 80 -4.86 39.93 -1.10
CA VAL O 80 -5.13 40.95 -0.12
C VAL O 80 -3.85 41.64 0.35
N TYR O 81 -3.70 42.91 -0.04
CA TYR O 81 -2.71 43.81 0.51
C TYR O 81 -3.46 44.97 1.16
N LYS O 82 -3.13 45.20 2.43
CA LYS O 82 -3.65 46.31 3.23
C LYS O 82 -5.16 46.31 3.31
N GLY O 83 -5.74 45.13 3.58
CA GLY O 83 -7.15 44.99 3.82
C GLY O 83 -8.01 45.17 2.57
N SER O 84 -7.37 45.13 1.39
CA SER O 84 -8.04 45.30 0.12
C SER O 84 -7.18 44.64 -0.95
N TYR O 85 -7.55 44.84 -2.21
CA TYR O 85 -6.74 44.35 -3.33
C TYR O 85 -5.45 45.16 -3.46
N THR O 86 -4.59 44.72 -4.37
CA THR O 86 -3.33 45.40 -4.60
C THR O 86 -3.55 46.66 -5.42
N GLY O 87 -2.51 47.49 -5.46
CA GLY O 87 -2.59 48.80 -6.10
C GLY O 87 -2.55 48.70 -7.63
N LEU O 88 -1.71 47.80 -8.13
CA LEU O 88 -1.51 47.67 -9.56
C LEU O 88 -2.66 46.93 -10.22
N PHE O 89 -3.41 46.20 -9.40
CA PHE O 89 -4.63 45.53 -9.82
C PHE O 89 -5.68 46.57 -10.20
N LYS O 90 -5.77 47.66 -9.40
CA LYS O 90 -6.79 48.64 -9.63
C LYS O 90 -6.40 49.54 -10.81
N HIS O 91 -5.09 49.74 -11.05
CA HIS O 91 -4.78 50.74 -12.10
C HIS O 91 -4.98 50.14 -13.49
N PHE O 92 -5.03 48.80 -13.59
CA PHE O 92 -5.50 48.10 -14.77
C PHE O 92 -6.99 48.33 -15.01
N ILE O 93 -7.74 48.42 -13.91
CA ILE O 93 -9.17 48.59 -13.97
C ILE O 93 -9.56 50.06 -14.24
N ASP O 94 -8.83 50.99 -13.64
CA ASP O 94 -9.14 52.45 -13.69
C ASP O 94 -9.15 53.02 -15.12
N LEU O 95 -8.35 52.38 -16.01
CA LEU O 95 -8.17 52.84 -17.37
C LEU O 95 -9.30 52.30 -18.24
N ILE O 96 -10.21 51.52 -17.67
CA ILE O 96 -11.33 50.97 -18.43
C ILE O 96 -12.59 51.79 -18.23
N GLU O 97 -13.09 52.41 -19.29
CA GLU O 97 -14.29 53.23 -19.18
C GLU O 97 -15.51 52.53 -18.63
N PRO O 98 -16.31 53.19 -17.76
CA PRO O 98 -17.30 52.49 -16.95
C PRO O 98 -18.46 51.88 -17.71
N VAL O 99 -18.53 52.05 -19.03
CA VAL O 99 -19.70 51.50 -19.73
C VAL O 99 -19.33 50.21 -20.48
N ALA O 100 -18.06 49.85 -20.46
CA ALA O 100 -17.56 48.78 -21.31
C ALA O 100 -17.86 47.38 -20.78
N LEU O 101 -18.42 47.27 -19.55
CA LEU O 101 -18.54 45.99 -18.88
C LEU O 101 -20.00 45.66 -18.56
N VAL O 102 -20.91 46.07 -19.44
CA VAL O 102 -22.32 45.79 -19.24
C VAL O 102 -22.60 44.36 -19.75
N GLY O 103 -23.35 43.61 -18.93
CA GLY O 103 -23.87 42.33 -19.34
C GLY O 103 -22.87 41.19 -19.25
N LYS O 104 -21.81 41.30 -18.43
CA LYS O 104 -20.79 40.28 -18.38
C LYS O 104 -20.84 39.56 -17.04
N PRO O 105 -20.79 38.22 -16.99
CA PRO O 105 -20.51 37.51 -15.76
C PRO O 105 -19.07 37.67 -15.30
N VAL O 106 -18.89 37.95 -14.01
CA VAL O 106 -17.58 37.98 -13.38
C VAL O 106 -17.58 36.99 -12.21
N LEU O 107 -16.48 36.26 -12.08
CA LEU O 107 -16.20 35.43 -10.92
C LEU O 107 -15.09 36.11 -10.11
N LEU O 108 -15.46 36.50 -8.90
CA LEU O 108 -14.53 37.18 -8.00
C LEU O 108 -13.75 36.18 -7.16
N ALA O 109 -12.48 36.49 -6.93
CA ALA O 109 -11.64 35.64 -6.11
C ALA O 109 -10.68 36.50 -5.32
N ALA O 110 -10.04 35.89 -4.32
CA ALA O 110 -9.08 36.59 -3.49
C ALA O 110 -8.19 35.57 -2.80
N THR O 111 -6.89 35.89 -2.71
CA THR O 111 -5.96 35.12 -1.92
C THR O 111 -5.40 35.95 -0.77
N GLY O 112 -5.08 35.28 0.31
CA GLY O 112 -4.52 35.94 1.46
C GLY O 112 -3.86 34.93 2.37
N GLY O 113 -3.37 35.43 3.52
CA GLY O 113 -2.62 34.59 4.44
C GLY O 113 -3.56 33.71 5.31
N GLY O 114 -4.43 34.37 6.06
CA GLY O 114 -4.89 33.71 7.28
C GLY O 114 -6.37 33.81 7.53
N ASP O 115 -7.19 34.04 6.51
CA ASP O 115 -8.62 33.91 6.62
C ASP O 115 -9.28 35.09 7.32
N ARG O 116 -8.52 36.12 7.68
CA ARG O 116 -9.09 37.28 8.37
C ARG O 116 -9.82 38.21 7.40
N HIS O 117 -9.31 38.25 6.17
CA HIS O 117 -9.87 39.13 5.15
C HIS O 117 -10.85 38.48 4.20
N ALA O 118 -11.62 37.53 4.73
CA ALA O 118 -12.60 36.82 3.94
C ALA O 118 -13.78 37.62 3.44
N LEU O 119 -13.73 38.96 3.53
CA LEU O 119 -14.88 39.71 3.05
C LEU O 119 -14.55 40.90 2.16
N VAL O 120 -13.33 40.92 1.67
CA VAL O 120 -12.95 41.77 0.55
C VAL O 120 -13.57 41.32 -0.74
N ILE O 121 -14.25 40.20 -0.80
CA ILE O 121 -15.01 39.80 -1.97
C ILE O 121 -16.27 40.66 -2.08
N GLU O 122 -16.94 40.89 -0.95
CA GLU O 122 -18.21 41.61 -1.00
C GLU O 122 -18.00 43.11 -0.79
N HIS O 123 -16.99 43.48 0.01
CA HIS O 123 -16.85 44.88 0.41
C HIS O 123 -15.80 45.65 -0.41
N GLN O 124 -14.86 44.93 -1.02
CA GLN O 124 -14.04 45.32 -2.14
C GLN O 124 -14.40 44.33 -3.27
N LEU O 125 -13.98 44.68 -4.50
CA LEU O 125 -14.13 43.83 -5.71
C LEU O 125 -15.57 43.46 -6.11
N ARG O 126 -16.52 43.79 -5.24
CA ARG O 126 -17.96 43.60 -5.52
C ARG O 126 -18.40 44.99 -5.98
N PRO O 127 -18.14 46.02 -5.15
CA PRO O 127 -18.39 47.40 -5.56
C PRO O 127 -17.58 47.92 -6.74
N VAL O 128 -16.50 47.29 -7.10
CA VAL O 128 -15.72 47.70 -8.24
C VAL O 128 -16.42 47.27 -9.54
N PHE O 129 -17.04 46.11 -9.50
CA PHE O 129 -17.82 45.62 -10.61
C PHE O 129 -19.29 45.91 -10.42
N GLY O 130 -19.63 46.71 -9.42
CA GLY O 130 -20.95 47.35 -9.33
C GLY O 130 -20.88 48.74 -9.95
N PHE O 131 -19.66 49.26 -10.01
CA PHE O 131 -19.38 50.50 -10.72
C PHE O 131 -19.53 50.28 -12.22
N PHE O 132 -19.10 49.11 -12.67
CA PHE O 132 -19.15 48.72 -14.05
C PHE O 132 -20.50 48.15 -14.46
N GLU O 133 -21.37 47.86 -13.49
CA GLU O 133 -22.74 47.40 -13.75
C GLU O 133 -22.75 46.03 -14.47
N ALA O 134 -22.02 45.09 -13.89
CA ALA O 134 -22.05 43.70 -14.32
C ALA O 134 -23.36 42.99 -13.96
N HIS O 135 -23.75 42.04 -14.81
CA HIS O 135 -25.11 41.54 -14.89
C HIS O 135 -25.54 40.74 -13.67
N THR O 136 -24.59 40.11 -13.00
CA THR O 136 -24.88 39.26 -11.85
C THR O 136 -24.03 39.61 -10.65
N LEU O 137 -22.70 39.55 -10.85
CA LEU O 137 -21.76 39.70 -9.72
C LEU O 137 -21.84 38.35 -8.98
N ALA O 138 -21.30 37.31 -9.63
CA ALA O 138 -21.52 35.97 -9.19
C ALA O 138 -20.58 35.58 -8.05
N THR O 139 -20.84 34.40 -7.51
CA THR O 139 -20.35 33.97 -6.21
C THR O 139 -18.83 33.93 -6.10
N GLY O 140 -18.29 34.61 -5.08
CA GLY O 140 -16.86 34.75 -4.97
C GLY O 140 -16.27 33.71 -4.03
N LEU O 141 -14.96 33.55 -4.14
CA LEU O 141 -14.24 32.60 -3.30
C LEU O 141 -13.02 33.27 -2.67
N TYR O 142 -12.80 33.02 -1.39
CA TYR O 142 -11.56 33.38 -0.74
C TYR O 142 -10.77 32.12 -0.49
N VAL O 143 -9.50 32.14 -0.91
CA VAL O 143 -8.59 31.04 -0.65
C VAL O 143 -7.47 31.53 0.26
N SER O 144 -7.14 30.79 1.31
CA SER O 144 -6.02 31.11 2.18
C SER O 144 -4.76 30.40 1.70
N ALA O 145 -3.71 30.50 2.50
CA ALA O 145 -2.45 29.80 2.25
C ALA O 145 -2.57 28.29 2.43
N SER O 146 -3.77 27.75 2.78
CA SER O 146 -3.92 26.31 2.73
C SER O 146 -4.44 25.89 1.35
N ASP O 147 -3.55 25.91 0.35
CA ASP O 147 -3.87 25.31 -0.93
C ASP O 147 -2.75 24.44 -1.52
N PHE O 148 -1.69 24.18 -0.75
CA PHE O 148 -0.53 23.48 -1.25
C PHE O 148 -0.66 22.03 -0.78
N GLY O 149 -1.40 21.23 -1.56
CA GLY O 149 -1.67 19.85 -1.18
C GLY O 149 -3.14 19.54 -0.96
N LEU O 153 -2.97 20.99 -6.98
CA LEU O 153 -2.76 21.45 -5.56
C LEU O 153 -3.82 22.48 -5.21
N ALA O 154 -4.73 22.12 -4.33
CA ALA O 154 -5.78 23.01 -3.86
C ALA O 154 -6.24 22.54 -2.48
N SER O 155 -7.27 23.19 -1.93
CA SER O 155 -7.94 22.74 -0.73
C SER O 155 -9.07 21.78 -1.09
N GLU O 156 -9.91 21.47 -0.09
CA GLU O 156 -11.00 20.52 -0.21
C GLU O 156 -12.33 21.27 -0.36
N ALA O 157 -12.52 22.36 0.40
CA ALA O 157 -13.81 23.05 0.42
C ALA O 157 -13.82 24.24 -0.52
N ALA O 158 -12.66 24.75 -0.96
CA ALA O 158 -12.64 25.86 -1.90
C ALA O 158 -12.85 25.40 -3.34
N SER O 159 -12.54 24.12 -3.59
CA SER O 159 -12.75 23.56 -4.92
C SER O 159 -14.23 23.27 -5.13
N THR O 160 -14.95 23.00 -4.05
CA THR O 160 -16.36 22.67 -4.20
C THR O 160 -17.17 23.95 -4.41
N ARG O 161 -16.69 25.05 -3.80
CA ARG O 161 -17.38 26.31 -3.99
C ARG O 161 -16.98 26.93 -5.32
N LEU O 162 -15.84 26.52 -5.87
CA LEU O 162 -15.41 26.97 -7.18
C LEU O 162 -16.17 26.24 -8.28
N ASP O 163 -16.47 24.96 -8.05
CA ASP O 163 -17.13 24.16 -9.04
C ASP O 163 -18.59 24.61 -9.25
N ARG O 164 -19.18 25.06 -8.15
CA ARG O 164 -20.57 25.50 -8.31
C ARG O 164 -20.59 27.00 -8.39
N ALA O 165 -19.48 27.69 -8.53
CA ALA O 165 -19.53 29.12 -8.90
C ALA O 165 -19.41 29.24 -10.41
N VAL O 166 -18.74 28.26 -11.06
CA VAL O 166 -18.61 28.33 -12.51
C VAL O 166 -19.89 27.82 -13.13
N ALA O 167 -20.69 27.06 -12.39
CA ALA O 167 -21.99 26.57 -12.87
C ALA O 167 -23.04 27.69 -12.83
N GLN O 168 -22.72 28.82 -12.25
CA GLN O 168 -23.54 30.02 -12.28
C GLN O 168 -23.20 30.87 -13.50
N PHE O 169 -22.23 30.45 -14.32
CA PHE O 169 -21.95 31.12 -15.57
C PHE O 169 -22.86 30.55 -16.64
N ALA O 170 -23.13 29.22 -16.60
CA ALA O 170 -23.67 28.59 -17.82
C ALA O 170 -25.18 28.87 -17.97
N ALA O 171 -25.85 28.99 -16.83
CA ALA O 171 -27.28 29.24 -16.82
C ALA O 171 -27.56 30.75 -16.93
N HIS O 172 -26.55 31.63 -16.98
CA HIS O 172 -26.83 33.01 -16.64
C HIS O 172 -26.81 33.94 -17.86
N LEU O 173 -25.74 33.91 -18.62
CA LEU O 173 -25.37 35.01 -19.51
C LEU O 173 -26.57 35.24 -20.44
N SER O 174 -26.87 34.23 -21.24
CA SER O 174 -27.90 34.12 -22.24
C SER O 174 -28.00 32.61 -22.55
N ARG O 175 -28.77 32.25 -23.57
CA ARG O 175 -28.56 30.98 -24.29
C ARG O 175 -27.16 30.89 -24.92
N HIS O 176 -26.64 32.00 -25.41
CA HIS O 176 -25.21 32.24 -25.64
C HIS O 176 -25.09 33.73 -25.80
N ASP O 177 -23.93 34.30 -25.44
CA ASP O 177 -23.62 35.71 -25.47
C ASP O 177 -23.67 36.29 -26.89
N LEU O 181 -17.87 46.68 -31.67
CA LEU O 181 -19.20 46.98 -31.17
C LEU O 181 -19.67 45.88 -30.24
N LEU O 182 -20.48 46.25 -29.26
CA LEU O 182 -21.06 45.33 -28.30
C LEU O 182 -22.13 46.07 -27.56
N VAL O 184 -24.57 50.70 -25.78
CA VAL O 184 -25.62 50.62 -24.77
C VAL O 184 -25.68 51.96 -24.04
N GLY O 185 -26.89 52.41 -23.73
CA GLY O 185 -27.08 53.67 -23.03
C GLY O 185 -27.88 53.49 -21.76
N HIS O 188 -28.51 59.19 -21.13
CA HIS O 188 -28.56 60.29 -22.07
C HIS O 188 -28.36 59.95 -23.52
N HIS O 189 -28.35 61.02 -24.28
CA HIS O 189 -28.33 61.03 -25.74
C HIS O 189 -27.33 60.06 -26.38
N HIS O 190 -26.28 59.70 -25.65
CA HIS O 190 -25.22 58.86 -26.14
C HIS O 190 -25.56 57.42 -25.76
N HIS O 191 -26.49 56.87 -26.54
CA HIS O 191 -26.99 55.53 -26.37
C HIS O 191 -26.15 54.67 -27.31
N HIS O 192 -25.84 55.17 -28.50
CA HIS O 192 -25.03 54.42 -29.45
C HIS O 192 -23.64 55.04 -29.61
N HIS O 193 -22.84 54.44 -30.49
CA HIS O 193 -21.48 54.92 -30.74
C HIS O 193 -21.13 54.85 -32.21
N MET P 1 13.14 70.98 18.06
CA MET P 1 11.75 70.65 18.48
C MET P 1 10.67 71.37 17.67
N PRO P 2 10.77 72.69 17.41
CA PRO P 2 9.71 73.43 16.76
C PRO P 2 9.53 73.11 15.28
N GLY P 3 8.30 72.71 14.92
CA GLY P 3 7.96 72.29 13.59
C GLY P 3 7.38 70.88 13.69
N PRO P 4 6.05 70.72 13.80
CA PRO P 4 5.42 69.40 13.64
C PRO P 4 5.51 68.90 12.21
N ARG P 5 5.94 67.63 12.04
CA ARG P 5 6.07 67.05 10.71
C ARG P 5 4.68 66.77 10.13
N ILE P 6 4.23 67.68 9.28
CA ILE P 6 2.87 67.64 8.76
C ILE P 6 3.04 67.20 7.31
N VAL P 7 2.23 66.23 6.90
CA VAL P 7 2.38 65.66 5.56
C VAL P 7 1.05 65.73 4.84
N ALA P 8 1.08 66.08 3.55
CA ALA P 8 -0.12 66.04 2.73
C ALA P 8 0.11 65.16 1.52
N PHE P 9 -0.90 64.41 1.07
CA PHE P 9 -0.70 63.48 -0.07
C PHE P 9 -1.99 63.25 -0.86
N ALA P 10 -2.15 63.95 -1.99
CA ALA P 10 -3.30 63.80 -2.90
C ALA P 10 -2.88 62.80 -3.96
N GLY P 11 -2.11 63.26 -4.95
CA GLY P 11 -1.49 62.39 -5.98
C GLY P 11 -2.23 62.30 -7.31
N SER P 12 -2.85 63.37 -7.78
CA SER P 12 -3.59 63.14 -9.04
C SER P 12 -2.47 63.47 -10.02
N TRP P 13 -2.47 62.77 -11.13
CA TRP P 13 -1.44 63.00 -12.13
C TRP P 13 -1.74 64.25 -12.94
N SER P 14 -2.33 65.28 -12.33
CA SER P 14 -2.54 66.57 -12.98
C SER P 14 -2.16 67.71 -12.06
N ARG P 15 -1.66 68.81 -12.63
CA ARG P 15 -1.24 69.96 -11.83
C ARG P 15 -2.44 70.77 -11.37
N PRO P 16 -3.40 71.17 -12.23
CA PRO P 16 -4.62 71.82 -11.76
C PRO P 16 -5.70 70.81 -11.43
N SER P 17 -5.39 69.83 -10.59
CA SER P 17 -6.35 68.87 -10.06
C SER P 17 -6.96 69.48 -8.78
N LYS P 18 -8.22 69.11 -8.55
CA LYS P 18 -8.99 69.65 -7.44
C LYS P 18 -8.67 68.94 -6.13
N THR P 19 -7.90 67.87 -6.17
CA THR P 19 -7.46 67.18 -4.97
C THR P 19 -6.19 67.85 -4.43
N ARG P 20 -5.33 68.31 -5.35
CA ARG P 20 -4.07 68.92 -4.94
C ARG P 20 -4.30 70.31 -4.37
N SER P 21 -5.38 70.98 -4.86
CA SER P 21 -5.72 72.29 -4.29
C SER P 21 -6.40 72.11 -2.93
N LEU P 22 -6.96 70.93 -2.68
CA LEU P 22 -7.72 70.69 -1.46
C LEU P 22 -6.74 70.34 -0.32
N VAL P 23 -5.67 69.62 -0.69
CA VAL P 23 -4.83 69.10 0.37
C VAL P 23 -3.79 70.15 0.75
N GLU P 24 -3.52 71.14 -0.16
CA GLU P 24 -2.48 72.08 0.20
C GLU P 24 -3.01 73.11 1.23
N GLU P 25 -4.27 73.46 1.03
CA GLU P 25 -4.91 74.46 1.89
C GLU P 25 -5.46 73.77 3.12
N ALA P 26 -5.71 72.45 3.08
CA ALA P 26 -6.11 71.77 4.33
C ALA P 26 -4.91 71.55 5.25
N ALA P 27 -3.72 71.45 4.62
CA ALA P 27 -2.51 71.30 5.42
C ALA P 27 -2.06 72.66 5.91
N ARG P 28 -2.32 73.74 5.13
CA ARG P 28 -1.99 75.08 5.53
C ARG P 28 -2.86 75.52 6.71
N ARG P 29 -4.08 75.00 6.83
CA ARG P 29 -4.92 75.35 7.96
C ARG P 29 -4.47 74.64 9.24
N ALA P 30 -3.71 73.53 9.09
CA ALA P 30 -3.09 72.92 10.27
C ALA P 30 -1.79 73.62 10.64
N VAL P 31 -1.15 74.24 9.64
CA VAL P 31 0.08 74.99 9.86
C VAL P 31 -0.30 76.36 10.44
N ALA P 32 -1.42 76.94 10.02
CA ALA P 32 -1.54 78.40 10.21
C ALA P 32 -2.01 78.73 11.62
N ARG P 33 -2.65 77.73 12.27
CA ARG P 33 -3.06 77.95 13.66
C ARG P 33 -1.93 77.51 14.59
N PHE P 34 -1.47 76.26 14.41
CA PHE P 34 -0.66 75.62 15.45
C PHE P 34 0.54 74.86 14.88
N GLY P 35 0.99 75.16 13.68
CA GLY P 35 1.74 74.20 12.88
C GLY P 35 3.23 74.48 12.89
N GLY P 36 3.90 74.39 11.74
CA GLY P 36 5.34 74.55 11.72
C GLY P 36 5.85 74.35 10.30
N SER P 37 6.69 73.33 10.11
CA SER P 37 7.17 72.93 8.75
C SER P 37 6.30 71.77 8.23
N ALA P 38 5.78 71.89 7.01
CA ALA P 38 4.93 70.90 6.38
C ALA P 38 5.58 70.43 5.09
N HIS P 39 5.02 69.36 4.55
CA HIS P 39 5.44 68.82 3.26
C HIS P 39 4.17 68.41 2.53
N VAL P 40 3.99 68.99 1.34
CA VAL P 40 2.90 68.56 0.49
C VAL P 40 3.52 67.95 -0.76
N PHE P 41 3.13 66.73 -1.10
CA PHE P 41 3.57 66.16 -2.36
C PHE P 41 2.40 65.45 -3.07
N ASP P 42 2.54 65.37 -4.39
CA ASP P 42 1.53 64.77 -5.23
C ASP P 42 2.09 63.37 -5.42
N ILE P 43 1.33 62.51 -6.12
CA ILE P 43 1.86 61.19 -6.41
C ILE P 43 2.79 61.19 -7.66
N ALA P 44 2.65 62.29 -8.43
CA ALA P 44 3.27 62.30 -9.74
C ALA P 44 4.76 62.58 -9.46
N ASP P 45 5.07 63.29 -8.36
CA ASP P 45 6.40 63.87 -8.29
C ASP P 45 7.30 62.94 -7.50
N LEU P 46 7.00 61.65 -7.35
CA LEU P 46 7.94 60.71 -6.79
C LEU P 46 8.94 60.26 -7.86
N GLY P 47 8.40 59.92 -9.03
CA GLY P 47 9.31 59.61 -10.14
C GLY P 47 8.64 58.79 -11.19
N PRO P 48 9.33 57.81 -11.82
CA PRO P 48 8.67 56.92 -12.78
C PRO P 48 7.72 55.93 -12.11
N ASP P 49 7.89 55.72 -10.80
CA ASP P 49 7.15 54.77 -10.01
C ASP P 49 7.38 53.32 -10.50
N PHE P 50 8.65 52.91 -10.48
CA PHE P 50 9.04 51.61 -11.00
C PHE P 50 8.92 50.48 -10.01
N GLY P 51 7.99 50.58 -9.06
CA GLY P 51 7.70 49.53 -8.11
C GLY P 51 6.75 48.44 -8.65
N SER P 52 6.74 48.28 -9.95
CA SER P 52 6.14 47.14 -10.63
C SER P 52 6.87 45.81 -10.37
N LEU P 53 8.15 45.90 -9.98
CA LEU P 53 8.87 44.82 -9.32
C LEU P 53 8.89 45.12 -7.83
N ARG P 54 9.62 44.36 -7.02
CA ARG P 54 9.76 44.65 -5.60
C ARG P 54 10.28 46.05 -5.26
N GLN P 55 11.45 46.36 -5.84
CA GLN P 55 12.25 47.55 -5.53
C GLN P 55 12.44 48.12 -4.11
N PRO P 56 12.82 47.32 -3.10
CA PRO P 56 13.12 47.85 -1.77
C PRO P 56 14.46 48.59 -1.66
N GLN P 57 15.32 48.44 -2.67
CA GLN P 57 16.59 49.15 -2.66
C GLN P 57 16.62 50.46 -3.44
N ASP P 58 15.48 51.16 -3.45
CA ASP P 58 15.40 52.55 -3.93
C ASP P 58 15.77 53.70 -2.98
N GLY P 59 16.90 54.32 -3.24
CA GLY P 59 17.41 55.35 -2.37
C GLY P 59 16.85 56.73 -2.72
N PRO P 60 17.17 57.29 -3.90
CA PRO P 60 16.72 58.64 -4.26
C PRO P 60 15.23 58.84 -4.48
N HIS P 61 14.45 57.74 -4.58
CA HIS P 61 13.02 57.83 -4.73
C HIS P 61 12.29 57.55 -3.42
N THR P 62 12.87 57.99 -2.33
CA THR P 62 12.46 57.58 -0.98
C THR P 62 12.06 58.80 -0.13
N ARG P 63 12.13 60.00 -0.70
CA ARG P 63 12.07 61.23 0.07
C ARG P 63 10.65 61.46 0.56
N HIS P 64 9.64 60.97 -0.21
CA HIS P 64 8.28 61.21 0.22
C HIS P 64 7.76 60.12 1.16
N LEU P 65 8.36 58.94 1.09
CA LEU P 65 7.99 57.89 2.04
C LEU P 65 8.72 58.07 3.34
N ASP P 66 9.90 58.69 3.34
CA ASP P 66 10.64 59.01 4.54
C ASP P 66 9.99 60.15 5.31
N ALA P 67 9.32 61.06 4.59
CA ALA P 67 8.51 62.06 5.27
C ALA P 67 7.18 61.46 5.75
N PHE P 68 6.73 60.43 5.09
CA PHE P 68 5.44 59.84 5.39
C PHE P 68 5.51 59.01 6.66
N LEU P 69 6.69 58.41 6.94
CA LEU P 69 6.82 57.61 8.15
C LEU P 69 7.15 58.49 9.36
N ALA P 70 8.04 59.47 9.12
CA ALA P 70 8.47 60.37 10.20
C ALA P 70 7.56 61.58 10.10
N ALA P 71 6.39 61.39 10.68
CA ALA P 71 5.32 62.41 10.61
C ALA P 71 4.66 62.58 11.98
N ASP P 72 4.43 63.82 12.38
CA ASP P 72 3.63 64.14 13.52
C ASP P 72 2.17 64.39 13.16
N ALA P 73 1.90 64.55 11.86
CA ALA P 73 0.56 64.70 11.32
C ALA P 73 0.51 64.05 9.94
N LEU P 74 -0.63 63.42 9.59
CA LEU P 74 -0.79 62.84 8.26
C LEU P 74 -2.07 63.32 7.63
N ILE P 75 -2.06 63.66 6.36
CA ILE P 75 -3.21 64.08 5.58
C ILE P 75 -3.16 63.24 4.31
N VAL P 76 -4.31 62.62 3.97
CA VAL P 76 -4.44 61.86 2.75
C VAL P 76 -5.74 62.29 2.07
N ALA P 77 -5.73 62.29 0.74
CA ALA P 77 -6.94 62.46 -0.06
C ALA P 77 -6.77 61.70 -1.37
N SER P 78 -7.87 61.40 -2.06
CA SER P 78 -7.78 60.78 -3.37
C SER P 78 -9.01 61.15 -4.19
N PRO P 79 -8.89 61.34 -5.51
CA PRO P 79 -10.08 61.48 -6.34
C PRO P 79 -10.75 60.13 -6.56
N VAL P 80 -12.07 60.13 -6.52
CA VAL P 80 -12.85 58.94 -6.77
C VAL P 80 -12.91 58.65 -8.26
N TYR P 81 -12.23 57.61 -8.71
CA TYR P 81 -12.26 57.21 -10.11
C TYR P 81 -13.31 56.12 -10.25
N LYS P 82 -12.94 54.88 -9.94
CA LYS P 82 -13.88 53.74 -9.99
C LYS P 82 -14.47 53.48 -8.60
N GLY P 83 -13.96 52.82 -7.71
CA GLY P 83 -14.58 52.52 -6.40
C GLY P 83 -14.41 53.66 -5.41
N SER P 84 -13.17 53.93 -4.98
CA SER P 84 -12.90 55.02 -4.01
C SER P 84 -11.61 55.75 -4.41
N TYR P 85 -10.53 55.00 -4.66
CA TYR P 85 -9.25 55.57 -5.05
C TYR P 85 -8.76 54.98 -6.37
N THR P 86 -7.55 55.33 -6.81
CA THR P 86 -7.14 55.15 -8.19
C THR P 86 -5.94 54.20 -8.38
N GLY P 87 -5.65 53.38 -7.40
CA GLY P 87 -4.76 52.25 -7.60
C GLY P 87 -3.32 52.66 -7.41
N LEU P 88 -2.88 53.75 -8.00
CA LEU P 88 -1.50 54.19 -7.81
C LEU P 88 -1.35 54.91 -6.47
N PHE P 89 -2.50 55.34 -5.90
CA PHE P 89 -2.53 55.88 -4.56
C PHE P 89 -2.27 54.75 -3.55
N LYS P 90 -2.87 53.61 -3.80
CA LYS P 90 -2.70 52.49 -2.87
C LYS P 90 -1.43 51.75 -3.15
N HIS P 91 -0.81 51.93 -4.30
CA HIS P 91 0.53 51.39 -4.58
C HIS P 91 1.57 52.12 -3.75
N PHE P 92 1.31 53.37 -3.39
CA PHE P 92 2.19 54.08 -2.47
C PHE P 92 2.01 53.55 -1.05
N ILE P 93 0.79 53.12 -0.72
CA ILE P 93 0.49 52.60 0.60
C ILE P 93 0.96 51.15 0.71
N ASP P 94 1.04 50.43 -0.43
CA ASP P 94 1.48 49.05 -0.47
C ASP P 94 3.00 48.94 -0.24
N LEU P 95 3.72 50.06 -0.14
CA LEU P 95 5.13 50.05 0.19
C LEU P 95 5.37 50.24 1.69
N ILE P 96 4.32 50.36 2.50
CA ILE P 96 4.50 50.72 3.89
C ILE P 96 4.38 49.44 4.72
N GLU P 97 5.27 49.27 5.70
CA GLU P 97 5.20 48.14 6.61
C GLU P 97 4.04 48.36 7.57
N PRO P 98 3.27 47.30 7.93
CA PRO P 98 2.15 47.47 8.84
C PRO P 98 2.49 47.96 10.25
N VAL P 99 3.77 48.00 10.61
CA VAL P 99 4.12 48.44 11.95
C VAL P 99 4.59 49.89 11.96
N ALA P 100 4.66 50.49 10.77
CA ALA P 100 5.26 51.80 10.60
C ALA P 100 4.32 52.94 10.98
N LEU P 101 3.14 52.64 11.51
CA LEU P 101 2.16 53.68 11.85
C LEU P 101 1.66 53.38 13.24
N VAL P 102 2.43 53.73 14.27
CA VAL P 102 1.90 53.79 15.64
C VAL P 102 2.08 55.23 16.08
N GLY P 103 1.00 55.85 16.58
CA GLY P 103 1.01 57.24 16.98
C GLY P 103 0.93 58.22 15.82
N LYS P 104 0.13 57.87 14.81
CA LYS P 104 0.04 58.67 13.58
C LYS P 104 -1.39 59.13 13.35
N PRO P 105 -1.74 60.37 13.76
CA PRO P 105 -3.05 60.92 13.47
C PRO P 105 -3.22 61.31 12.00
N VAL P 106 -4.33 60.87 11.40
CA VAL P 106 -4.49 60.95 9.96
C VAL P 106 -5.81 61.63 9.62
N LEU P 107 -5.78 62.60 8.70
CA LEU P 107 -6.93 63.31 8.22
C LEU P 107 -7.23 62.82 6.80
N LEU P 108 -8.44 62.29 6.61
CA LEU P 108 -8.91 61.87 5.32
C LEU P 108 -9.70 62.99 4.61
N ALA P 109 -9.57 62.99 3.27
CA ALA P 109 -10.53 63.68 2.42
C ALA P 109 -10.76 62.85 1.16
N ALA P 110 -11.73 63.27 0.34
CA ALA P 110 -11.97 62.64 -0.95
C ALA P 110 -12.68 63.61 -1.89
N THR P 111 -12.28 63.61 -3.15
CA THR P 111 -12.86 64.48 -4.16
C THR P 111 -13.50 63.66 -5.27
N GLY P 112 -14.54 64.21 -5.87
CA GLY P 112 -15.28 63.52 -6.91
C GLY P 112 -16.04 64.50 -7.76
N GLY P 113 -16.92 63.98 -8.60
CA GLY P 113 -17.78 64.77 -9.46
C GLY P 113 -19.29 64.73 -9.25
N GLY P 114 -19.69 64.63 -8.00
CA GLY P 114 -21.08 64.57 -7.62
C GLY P 114 -21.14 63.89 -6.26
N ASP P 115 -22.25 64.10 -5.56
CA ASP P 115 -22.37 63.75 -4.16
C ASP P 115 -22.69 62.28 -3.96
N ARG P 116 -22.72 61.46 -5.01
CA ARG P 116 -23.09 60.07 -4.91
C ARG P 116 -21.99 59.20 -4.29
N HIS P 117 -20.77 59.70 -4.28
CA HIS P 117 -19.63 58.94 -3.82
C HIS P 117 -19.23 59.36 -2.40
N ALA P 118 -20.18 59.73 -1.52
CA ALA P 118 -19.80 60.38 -0.29
C ALA P 118 -19.40 59.39 0.81
N LEU P 119 -19.72 58.11 0.59
CA LEU P 119 -19.40 57.11 1.61
C LEU P 119 -18.13 56.36 1.26
N VAL P 120 -17.25 56.98 0.47
CA VAL P 120 -16.00 56.31 0.15
C VAL P 120 -14.97 56.67 1.21
N ILE P 121 -15.28 57.60 2.10
CA ILE P 121 -14.36 57.86 3.21
C ILE P 121 -14.47 56.74 4.25
N GLU P 122 -15.65 56.20 4.44
CA GLU P 122 -15.92 55.20 5.45
C GLU P 122 -15.72 53.80 4.94
N HIS P 123 -15.91 53.54 3.66
CA HIS P 123 -15.69 52.24 3.06
C HIS P 123 -14.57 52.46 2.06
N GLN P 124 -13.45 51.79 2.32
CA GLN P 124 -12.28 51.82 1.40
C GLN P 124 -11.25 52.94 1.60
N LEU P 125 -11.29 53.72 2.68
CA LEU P 125 -10.29 54.82 2.83
C LEU P 125 -10.04 54.82 4.33
N ARG P 126 -11.06 54.57 5.14
CA ARG P 126 -10.93 54.57 6.59
C ARG P 126 -10.41 53.17 6.94
N PRO P 127 -10.93 52.06 6.38
CA PRO P 127 -10.37 50.75 6.69
C PRO P 127 -8.95 50.49 6.19
N VAL P 128 -8.50 51.25 5.16
CA VAL P 128 -7.15 50.97 4.70
C VAL P 128 -6.14 51.66 5.60
N PHE P 129 -6.51 52.74 6.25
CA PHE P 129 -5.71 53.27 7.36
C PHE P 129 -6.28 52.76 8.68
N GLY P 130 -7.12 51.76 8.65
CA GLY P 130 -7.59 51.00 9.79
C GLY P 130 -6.74 49.76 9.95
N PHE P 131 -6.06 49.38 8.85
CA PHE P 131 -5.20 48.21 8.88
C PHE P 131 -3.96 48.66 9.63
N PHE P 132 -3.58 49.90 9.36
CA PHE P 132 -2.60 50.68 10.10
C PHE P 132 -3.13 51.84 11.00
N GLU P 133 -4.00 51.42 11.91
CA GLU P 133 -4.82 52.33 12.69
C GLU P 133 -4.02 52.70 13.93
N ALA P 134 -3.06 53.60 13.73
CA ALA P 134 -2.12 54.07 14.76
C ALA P 134 -2.64 54.53 16.13
N HIS P 135 -3.36 55.66 16.09
CA HIS P 135 -4.01 56.35 17.19
C HIS P 135 -5.28 56.98 16.70
N THR P 136 -5.34 57.46 15.46
CA THR P 136 -6.59 58.09 15.04
C THR P 136 -7.10 57.99 13.60
N LEU P 137 -8.29 58.54 13.43
CA LEU P 137 -9.00 58.54 12.17
C LEU P 137 -9.34 59.96 11.77
N ALA P 138 -9.81 60.75 12.74
CA ALA P 138 -10.18 62.15 12.51
C ALA P 138 -11.13 62.24 11.34
N THR P 139 -12.35 61.81 11.58
CA THR P 139 -13.27 61.72 10.46
C THR P 139 -13.27 62.91 9.52
N GLY P 140 -13.21 62.66 8.21
CA GLY P 140 -13.03 63.74 7.27
C GLY P 140 -14.23 63.87 6.35
N LEU P 141 -14.04 64.42 5.16
CA LEU P 141 -15.11 65.00 4.35
C LEU P 141 -14.91 64.55 2.91
N TYR P 142 -16.04 64.33 2.21
CA TYR P 142 -16.08 64.23 0.78
C TYR P 142 -16.60 65.56 0.19
N VAL P 143 -15.84 66.04 -0.79
CA VAL P 143 -16.13 67.28 -1.46
C VAL P 143 -16.43 66.96 -2.93
N SER P 144 -17.42 67.61 -3.53
CA SER P 144 -17.65 67.53 -4.95
C SER P 144 -17.75 68.93 -5.55
N ALA P 145 -16.71 69.39 -6.26
CA ALA P 145 -16.77 70.51 -7.19
C ALA P 145 -17.28 71.84 -6.60
N SER P 146 -17.11 71.95 -5.29
CA SER P 146 -17.38 73.20 -4.56
C SER P 146 -16.14 73.54 -3.72
N ASP P 147 -15.14 74.12 -4.38
CA ASP P 147 -13.73 73.94 -3.96
C ASP P 147 -12.95 75.15 -4.45
N PHE P 148 -11.64 74.96 -4.69
CA PHE P 148 -10.76 75.84 -5.44
C PHE P 148 -10.48 77.19 -4.78
N GLY P 149 -10.08 77.16 -3.50
CA GLY P 149 -9.46 78.31 -2.88
C GLY P 149 -7.95 78.28 -3.08
N ASP P 151 -5.00 80.43 -2.41
CA ASP P 151 -3.94 80.84 -1.51
C ASP P 151 -4.48 81.20 -0.14
N GLY P 152 -5.70 80.78 0.20
CA GLY P 152 -6.31 81.08 1.47
C GLY P 152 -7.75 81.54 1.30
N SER P 155 -11.88 77.25 -0.29
CA SER P 155 -13.06 76.50 -0.77
C SER P 155 -14.33 77.27 -0.45
N GLU P 156 -15.46 76.65 -0.75
CA GLU P 156 -16.77 77.27 -0.58
C GLU P 156 -17.45 76.80 0.70
N ALA P 157 -18.70 77.18 0.96
CA ALA P 157 -19.21 77.23 2.33
C ALA P 157 -19.26 75.93 3.11
N ALA P 158 -18.95 74.81 2.44
CA ALA P 158 -18.86 73.50 3.12
C ALA P 158 -17.40 73.21 3.52
N SER P 159 -16.62 74.25 3.84
CA SER P 159 -15.24 74.09 4.21
C SER P 159 -14.93 74.44 5.66
N THR P 160 -15.91 74.95 6.40
CA THR P 160 -15.77 75.08 7.85
C THR P 160 -15.74 73.72 8.56
N ARG P 161 -16.13 72.69 7.86
CA ARG P 161 -16.06 71.30 8.28
C ARG P 161 -14.63 70.79 8.20
N LEU P 162 -13.82 71.38 7.34
CA LEU P 162 -12.40 71.04 7.25
C LEU P 162 -11.62 71.78 8.32
N ASP P 163 -12.07 72.95 8.71
CA ASP P 163 -11.45 73.76 9.75
C ASP P 163 -11.59 73.08 11.12
N ARG P 164 -12.67 72.31 11.30
CA ARG P 164 -12.90 71.56 12.50
C ARG P 164 -12.08 70.27 12.51
N ALA P 165 -11.64 69.81 11.35
CA ALA P 165 -10.92 68.56 11.23
C ALA P 165 -9.43 68.72 11.60
N VAL P 166 -8.90 69.95 11.47
CA VAL P 166 -7.54 70.16 11.92
C VAL P 166 -7.54 70.38 13.44
N ALA P 167 -8.69 70.73 14.00
CA ALA P 167 -8.80 70.94 15.44
C ALA P 167 -8.87 69.60 16.18
N GLN P 168 -8.98 68.51 15.45
CA GLN P 168 -8.91 67.19 16.07
C GLN P 168 -7.47 66.66 16.11
N PHE P 169 -6.53 67.43 15.56
CA PHE P 169 -5.12 67.14 15.74
C PHE P 169 -4.66 67.84 17.03
N ALA P 170 -5.09 69.10 17.21
CA ALA P 170 -4.31 70.06 17.99
C ALA P 170 -4.46 69.87 19.49
N ALA P 171 -3.33 69.71 20.18
CA ALA P 171 -3.30 69.66 21.63
C ALA P 171 -3.65 68.28 22.18
N HIS P 172 -4.10 67.34 21.35
CA HIS P 172 -4.80 66.16 21.78
C HIS P 172 -4.41 64.96 20.97
N LEU P 173 -3.70 65.09 19.86
CA LEU P 173 -3.03 64.02 19.16
C LEU P 173 -2.36 62.99 20.09
N SER P 174 -1.77 63.50 21.19
CA SER P 174 -1.34 62.68 22.31
C SER P 174 -1.28 63.56 23.55
N ARG P 175 -0.62 63.10 24.61
CA ARG P 175 -0.44 63.81 25.85
C ARG P 175 0.71 64.77 25.56
N HIS P 176 0.40 65.82 24.82
CA HIS P 176 1.30 66.93 24.49
C HIS P 176 2.47 66.46 23.63
N ASP P 177 2.12 65.85 22.49
CA ASP P 177 3.02 65.60 21.36
C ASP P 177 4.05 64.52 21.67
N ALA P 178 3.59 63.44 22.31
CA ALA P 178 4.58 62.43 22.72
C ALA P 178 4.08 61.00 22.91
N ALA P 179 4.09 60.20 21.85
CA ALA P 179 4.06 58.74 22.03
C ALA P 179 4.78 57.94 20.92
N PRO P 180 6.11 58.05 20.76
CA PRO P 180 6.82 57.27 19.74
C PRO P 180 7.21 55.86 20.21
N LEU P 181 7.73 55.05 19.28
CA LEU P 181 8.53 53.86 19.55
C LEU P 181 8.02 52.81 20.55
N ALA P 183 5.98 50.57 19.31
CA ALA P 183 5.49 49.80 18.19
C ALA P 183 5.78 48.34 18.35
N VAL P 184 5.14 47.70 19.32
CA VAL P 184 5.30 46.27 19.57
C VAL P 184 4.10 45.51 18.99
N GLY P 185 3.22 46.25 18.31
CA GLY P 185 2.03 45.76 17.63
C GLY P 185 1.32 44.69 18.44
N HIS P 188 3.51 38.50 18.96
CA HIS P 188 4.10 37.26 18.45
C HIS P 188 5.17 36.73 19.40
N HIS P 189 5.06 37.11 20.67
CA HIS P 189 6.00 36.68 21.66
C HIS P 189 7.44 37.10 21.38
N HIS P 190 7.65 38.07 20.48
CA HIS P 190 8.93 38.76 20.36
C HIS P 190 8.67 40.18 19.91
N HIS P 191 8.70 41.14 20.84
CA HIS P 191 8.38 42.52 20.53
C HIS P 191 9.67 43.25 20.19
N HIS P 192 10.24 42.97 19.02
CA HIS P 192 11.48 43.62 18.60
C HIS P 192 11.50 43.74 17.08
N HIS P 193 10.34 44.04 16.50
CA HIS P 193 10.23 44.20 15.05
C HIS P 193 10.17 45.67 14.66
N MET Q 1 -15.67 -13.65 -33.09
CA MET Q 1 -15.18 -12.31 -32.73
C MET Q 1 -16.27 -11.31 -32.33
N PRO Q 2 -17.25 -11.07 -33.23
CA PRO Q 2 -18.24 -10.00 -33.05
C PRO Q 2 -19.43 -10.21 -32.10
N GLY Q 3 -20.14 -9.11 -31.87
CA GLY Q 3 -21.33 -9.03 -31.04
C GLY Q 3 -22.30 -10.22 -31.02
N PRO Q 4 -22.78 -10.74 -32.16
CA PRO Q 4 -23.78 -11.79 -32.17
C PRO Q 4 -23.37 -13.12 -31.52
N ARG Q 5 -23.69 -13.21 -30.23
CA ARG Q 5 -23.27 -14.28 -29.35
C ARG Q 5 -24.02 -15.59 -29.59
N ILE Q 6 -23.31 -16.66 -29.93
CA ILE Q 6 -23.88 -17.99 -30.12
C ILE Q 6 -23.00 -19.01 -29.39
N VAL Q 7 -23.60 -19.93 -28.65
CA VAL Q 7 -22.85 -21.00 -27.99
C VAL Q 7 -23.52 -22.32 -28.32
N ALA Q 8 -22.73 -23.43 -28.40
CA ALA Q 8 -23.27 -24.72 -28.81
C ALA Q 8 -22.83 -25.78 -27.83
N PHE Q 9 -23.60 -26.85 -27.67
CA PHE Q 9 -23.35 -27.92 -26.73
C PHE Q 9 -23.97 -29.19 -27.27
N ALA Q 10 -23.29 -30.34 -27.19
CA ALA Q 10 -23.82 -31.67 -27.49
C ALA Q 10 -23.53 -32.59 -26.33
N GLY Q 11 -24.37 -33.61 -26.14
CA GLY Q 11 -24.09 -34.61 -25.10
C GLY Q 11 -23.41 -35.90 -25.50
N SER Q 12 -22.12 -35.89 -25.95
CA SER Q 12 -21.54 -37.09 -26.53
C SER Q 12 -20.30 -37.56 -25.74
N TRP Q 13 -20.33 -38.78 -25.25
CA TRP Q 13 -19.16 -39.34 -24.59
C TRP Q 13 -18.39 -40.23 -25.56
N SER Q 14 -18.39 -39.91 -26.86
CA SER Q 14 -17.57 -40.63 -27.81
C SER Q 14 -16.67 -39.69 -28.61
N ARG Q 15 -15.46 -40.16 -28.94
CA ARG Q 15 -14.50 -39.35 -29.69
C ARG Q 15 -14.88 -39.27 -31.17
N PRO Q 16 -15.16 -40.38 -31.89
CA PRO Q 16 -15.81 -40.28 -33.19
C PRO Q 16 -17.33 -40.15 -33.07
N SER Q 17 -17.75 -38.93 -32.68
CA SER Q 17 -19.12 -38.60 -32.35
C SER Q 17 -19.96 -38.31 -33.57
N LYS Q 18 -21.28 -38.39 -33.37
CA LYS Q 18 -22.30 -38.07 -34.37
C LYS Q 18 -23.15 -36.88 -33.89
N THR Q 19 -23.17 -36.61 -32.57
CA THR Q 19 -23.97 -35.49 -32.09
C THR Q 19 -23.17 -34.18 -32.23
N ARG Q 20 -21.86 -34.26 -32.04
CA ARG Q 20 -20.96 -33.16 -32.44
C ARG Q 20 -20.63 -33.41 -33.91
N SER Q 21 -20.41 -32.39 -34.74
CA SER Q 21 -20.55 -32.41 -36.17
C SER Q 21 -21.99 -32.27 -36.59
N LEU Q 22 -22.97 -32.28 -35.67
CA LEU Q 22 -24.36 -31.98 -35.94
C LEU Q 22 -24.71 -30.64 -35.29
N VAL Q 23 -24.20 -30.41 -34.10
CA VAL Q 23 -24.29 -29.08 -33.48
C VAL Q 23 -23.09 -28.25 -33.96
N GLU Q 24 -22.01 -28.90 -34.40
CA GLU Q 24 -20.86 -28.25 -34.98
C GLU Q 24 -21.18 -27.78 -36.38
N GLU Q 25 -22.07 -28.48 -37.10
CA GLU Q 25 -22.51 -28.08 -38.43
C GLU Q 25 -23.49 -26.91 -38.36
N ALA Q 26 -24.29 -26.89 -37.29
CA ALA Q 26 -25.26 -25.82 -37.09
C ALA Q 26 -24.57 -24.60 -36.50
N ALA Q 27 -23.32 -24.68 -36.03
CA ALA Q 27 -22.55 -23.53 -35.67
C ALA Q 27 -22.18 -22.65 -36.89
N ARG Q 28 -21.80 -23.29 -37.99
CA ARG Q 28 -21.43 -22.51 -39.17
C ARG Q 28 -22.66 -21.87 -39.82
N ARG Q 29 -23.79 -22.53 -39.68
CA ARG Q 29 -25.06 -22.06 -40.21
C ARG Q 29 -25.59 -20.93 -39.33
N ALA Q 30 -25.14 -20.86 -38.07
CA ALA Q 30 -25.59 -19.82 -37.15
C ALA Q 30 -24.75 -18.56 -37.34
N VAL Q 31 -23.47 -18.75 -37.70
CA VAL Q 31 -22.62 -17.58 -37.87
C VAL Q 31 -22.87 -16.99 -39.24
N ALA Q 32 -23.45 -17.76 -40.19
CA ALA Q 32 -23.52 -17.24 -41.55
C ALA Q 32 -24.69 -16.28 -41.71
N ARG Q 33 -25.74 -16.51 -40.94
CA ARG Q 33 -26.95 -15.71 -41.02
C ARG Q 33 -26.78 -14.58 -40.02
N PHE Q 34 -25.86 -13.68 -40.40
CA PHE Q 34 -25.48 -12.52 -39.58
C PHE Q 34 -25.10 -12.87 -38.13
N GLY Q 35 -24.06 -13.69 -38.05
CA GLY Q 35 -23.56 -14.13 -36.76
C GLY Q 35 -22.04 -14.21 -36.76
N GLY Q 36 -21.52 -14.77 -35.69
CA GLY Q 36 -20.12 -14.97 -35.45
C GLY Q 36 -19.93 -15.48 -34.03
N SER Q 37 -18.74 -16.01 -33.79
CA SER Q 37 -18.25 -16.39 -32.46
C SER Q 37 -18.96 -17.53 -31.71
N ALA Q 38 -19.07 -18.67 -32.43
CA ALA Q 38 -19.71 -19.85 -31.86
C ALA Q 38 -18.72 -20.88 -31.32
N HIS Q 39 -18.99 -21.33 -30.08
CA HIS Q 39 -18.09 -22.22 -29.39
C HIS Q 39 -18.79 -23.56 -29.27
N VAL Q 40 -18.13 -24.62 -29.79
CA VAL Q 40 -18.73 -25.93 -29.81
C VAL Q 40 -17.89 -26.84 -28.93
N PHE Q 41 -18.56 -27.49 -27.98
CA PHE Q 41 -17.94 -28.52 -27.16
C PHE Q 41 -18.98 -29.59 -26.90
N ASP Q 42 -18.51 -30.73 -26.39
CA ASP Q 42 -19.34 -31.84 -25.92
C ASP Q 42 -18.85 -32.21 -24.53
N ILE Q 43 -19.41 -33.23 -23.93
CA ILE Q 43 -19.02 -33.66 -22.60
C ILE Q 43 -17.66 -34.35 -22.64
N ALA Q 44 -17.31 -34.93 -23.78
CA ALA Q 44 -15.98 -35.49 -23.96
C ALA Q 44 -14.92 -34.40 -24.04
N ASP Q 45 -15.29 -33.17 -24.41
CA ASP Q 45 -14.38 -32.04 -24.33
C ASP Q 45 -14.10 -31.57 -22.90
N LEU Q 46 -15.02 -31.90 -21.98
CA LEU Q 46 -14.70 -31.75 -20.56
C LEU Q 46 -13.89 -32.97 -20.11
N GLY Q 47 -13.27 -32.87 -18.95
CA GLY Q 47 -12.26 -33.84 -18.55
C GLY Q 47 -12.88 -35.11 -17.97
N PRO Q 48 -12.36 -35.66 -16.86
CA PRO Q 48 -13.09 -36.70 -16.13
C PRO Q 48 -14.34 -36.17 -15.39
N ASP Q 49 -14.92 -37.05 -14.59
CA ASP Q 49 -16.10 -36.74 -13.79
C ASP Q 49 -15.64 -36.03 -12.53
N PHE Q 50 -15.16 -34.79 -12.70
CA PHE Q 50 -14.55 -34.03 -11.61
C PHE Q 50 -15.49 -32.93 -11.12
N GLY Q 51 -16.79 -33.16 -11.16
CA GLY Q 51 -17.76 -32.38 -10.41
C GLY Q 51 -18.49 -33.20 -9.34
N SER Q 52 -18.44 -34.52 -9.47
CA SER Q 52 -19.35 -35.42 -8.80
C SER Q 52 -19.05 -35.60 -7.32
N LEU Q 53 -17.90 -35.10 -6.85
CA LEU Q 53 -17.64 -35.06 -5.43
C LEU Q 53 -18.15 -33.81 -4.71
N PRO Q 56 -16.01 -28.36 -9.37
CA PRO Q 56 -15.10 -28.54 -10.52
C PRO Q 56 -13.62 -28.47 -10.16
N GLN Q 57 -13.15 -29.60 -9.65
CA GLN Q 57 -11.78 -29.74 -9.16
C GLN Q 57 -10.71 -29.87 -10.24
N ASP Q 58 -11.09 -30.22 -11.48
CA ASP Q 58 -10.12 -30.12 -12.57
C ASP Q 58 -9.97 -28.67 -13.00
N HIS Q 61 -11.34 -27.63 -16.69
CA HIS Q 61 -12.61 -28.30 -16.93
C HIS Q 61 -13.75 -27.30 -17.24
N THR Q 62 -13.70 -26.16 -16.56
CA THR Q 62 -14.83 -25.26 -16.55
C THR Q 62 -14.61 -24.15 -17.56
N ARG Q 63 -13.67 -24.26 -18.49
CA ARG Q 63 -13.48 -23.34 -19.57
C ARG Q 63 -14.66 -23.37 -20.54
N HIS Q 64 -15.30 -24.52 -20.67
CA HIS Q 64 -16.49 -24.66 -21.48
C HIS Q 64 -17.76 -24.34 -20.68
N LEU Q 65 -17.71 -24.47 -19.37
CA LEU Q 65 -18.84 -24.14 -18.52
C LEU Q 65 -18.97 -22.63 -18.36
N ASP Q 66 -17.90 -21.84 -18.64
CA ASP Q 66 -17.95 -20.42 -18.46
C ASP Q 66 -18.81 -19.74 -19.55
N ALA Q 67 -18.92 -20.37 -20.73
CA ALA Q 67 -19.78 -19.88 -21.75
C ALA Q 67 -21.25 -20.21 -21.48
N PHE Q 68 -21.51 -21.20 -20.61
CA PHE Q 68 -22.86 -21.55 -20.25
C PHE Q 68 -23.31 -20.82 -18.99
N LEU Q 69 -22.67 -19.73 -18.56
CA LEU Q 69 -23.12 -19.00 -17.40
C LEU Q 69 -24.19 -17.98 -17.78
N ALA Q 70 -23.85 -17.11 -18.73
CA ALA Q 70 -24.72 -16.03 -19.20
C ALA Q 70 -24.34 -15.66 -20.64
N ALA Q 71 -23.32 -16.31 -21.22
CA ALA Q 71 -22.57 -15.67 -22.29
C ALA Q 71 -23.33 -15.45 -23.59
N ASP Q 72 -23.81 -16.54 -24.22
CA ASP Q 72 -24.18 -16.49 -25.62
C ASP Q 72 -25.54 -17.18 -25.74
N ALA Q 73 -26.12 -17.18 -26.95
CA ALA Q 73 -27.43 -17.75 -27.23
C ALA Q 73 -27.22 -19.24 -27.47
N LEU Q 74 -28.22 -20.07 -27.14
CA LEU Q 74 -28.02 -21.50 -27.03
C LEU Q 74 -28.53 -22.30 -28.22
N ILE Q 75 -27.64 -23.22 -28.66
CA ILE Q 75 -28.06 -24.36 -29.46
C ILE Q 75 -27.59 -25.60 -28.72
N VAL Q 76 -28.50 -26.55 -28.55
CA VAL Q 76 -28.31 -27.71 -27.72
C VAL Q 76 -28.69 -28.95 -28.49
N ALA Q 77 -27.95 -30.06 -28.25
CA ALA Q 77 -28.26 -31.33 -28.87
C ALA Q 77 -27.90 -32.47 -27.92
N SER Q 78 -28.50 -33.63 -28.19
CA SER Q 78 -28.47 -34.74 -27.25
C SER Q 78 -28.79 -36.06 -27.94
N PRO Q 79 -28.10 -37.17 -27.62
CA PRO Q 79 -28.50 -38.46 -28.17
C PRO Q 79 -29.72 -38.98 -27.39
N VAL Q 80 -30.59 -39.70 -28.06
CA VAL Q 80 -31.62 -40.48 -27.39
C VAL Q 80 -31.07 -41.74 -26.71
N TYR Q 81 -31.24 -41.78 -25.41
CA TYR Q 81 -30.83 -42.96 -24.64
C TYR Q 81 -31.91 -43.14 -23.60
N LYS Q 82 -32.46 -44.35 -23.52
CA LYS Q 82 -33.45 -44.76 -22.53
C LYS Q 82 -34.68 -43.85 -22.49
N GLY Q 83 -35.21 -43.54 -23.67
CA GLY Q 83 -36.45 -42.80 -23.77
C GLY Q 83 -36.28 -41.32 -23.51
N SER Q 84 -35.07 -40.83 -23.28
CA SER Q 84 -34.80 -39.46 -22.93
C SER Q 84 -33.35 -39.14 -23.26
N TYR Q 85 -32.87 -37.99 -22.84
CA TYR Q 85 -31.46 -37.61 -22.98
C TYR Q 85 -30.58 -38.46 -22.06
N THR Q 86 -29.27 -38.27 -22.21
CA THR Q 86 -28.30 -38.96 -21.38
C THR Q 86 -28.23 -38.33 -20.00
N GLY Q 87 -27.52 -39.00 -19.10
CA GLY Q 87 -27.32 -38.57 -17.73
C GLY Q 87 -26.36 -37.39 -17.61
N LEU Q 88 -25.30 -37.40 -18.40
CA LEU Q 88 -24.22 -36.42 -18.21
C LEU Q 88 -24.61 -35.11 -18.89
N PHE Q 89 -25.61 -35.16 -19.78
CA PHE Q 89 -26.22 -33.96 -20.32
C PHE Q 89 -27.03 -33.28 -19.23
N LYS Q 90 -27.73 -34.08 -18.43
CA LYS Q 90 -28.54 -33.61 -17.33
C LYS Q 90 -27.69 -33.14 -16.17
N HIS Q 91 -26.47 -33.63 -16.03
CA HIS Q 91 -25.56 -33.18 -15.00
C HIS Q 91 -25.11 -31.74 -15.30
N PHE Q 92 -24.99 -31.43 -16.57
CA PHE Q 92 -24.43 -30.16 -16.99
C PHE Q 92 -25.48 -29.06 -16.78
N ILE Q 93 -26.74 -29.42 -17.02
CA ILE Q 93 -27.82 -28.44 -16.97
C ILE Q 93 -28.22 -28.19 -15.52
N ASP Q 94 -27.94 -29.18 -14.63
CA ASP Q 94 -28.35 -29.08 -13.24
C ASP Q 94 -27.40 -28.17 -12.48
N LEU Q 95 -26.36 -27.56 -13.12
CA LEU Q 95 -25.43 -26.72 -12.40
C LEU Q 95 -25.64 -25.22 -12.69
N ILE Q 96 -26.84 -24.85 -13.12
CA ILE Q 96 -27.07 -23.50 -13.60
C ILE Q 96 -27.76 -22.68 -12.49
N GLU Q 97 -27.64 -21.37 -12.62
CA GLU Q 97 -28.09 -20.37 -11.70
C GLU Q 97 -29.62 -20.35 -11.59
N PRO Q 98 -30.16 -20.16 -10.38
CA PRO Q 98 -31.60 -19.91 -10.22
C PRO Q 98 -32.22 -18.55 -10.70
N LEU Q 101 -31.97 -15.69 -16.88
CA LEU Q 101 -33.14 -16.46 -17.26
C LEU Q 101 -33.80 -15.88 -18.50
N VAL Q 102 -33.67 -14.58 -18.69
CA VAL Q 102 -34.26 -13.90 -19.85
C VAL Q 102 -33.22 -13.56 -20.93
N LYS Q 104 -32.80 -15.70 -23.45
CA LYS Q 104 -32.24 -17.03 -23.80
C LYS Q 104 -32.88 -17.59 -25.07
N PRO Q 105 -32.32 -17.36 -26.26
CA PRO Q 105 -32.77 -18.10 -27.44
C PRO Q 105 -32.26 -19.54 -27.45
N VAL Q 106 -33.16 -20.51 -27.56
CA VAL Q 106 -32.75 -21.92 -27.48
C VAL Q 106 -33.54 -22.61 -28.57
N LEU Q 107 -32.84 -23.33 -29.45
CA LEU Q 107 -33.43 -24.22 -30.42
C LEU Q 107 -32.99 -25.61 -30.00
N LEU Q 108 -33.97 -26.52 -29.88
CA LEU Q 108 -33.70 -27.87 -29.45
C LEU Q 108 -33.37 -28.79 -30.64
N ALA Q 109 -32.36 -29.65 -30.42
CA ALA Q 109 -32.12 -30.69 -31.41
C ALA Q 109 -31.75 -31.99 -30.69
N ALA Q 110 -31.90 -33.09 -31.42
CA ALA Q 110 -31.72 -34.41 -30.85
C ALA Q 110 -31.33 -35.40 -31.93
N THR Q 111 -30.40 -36.31 -31.57
CA THR Q 111 -29.84 -37.23 -32.54
C THR Q 111 -30.17 -38.66 -32.12
N GLY Q 112 -31.15 -39.23 -32.81
CA GLY Q 112 -31.67 -40.53 -32.43
C GLY Q 112 -30.95 -41.61 -33.21
N GLY Q 113 -31.20 -42.87 -32.81
CA GLY Q 113 -30.69 -44.01 -33.56
C GLY Q 113 -31.49 -44.30 -34.85
N GLY Q 114 -32.77 -44.53 -34.63
CA GLY Q 114 -33.76 -44.55 -35.69
C GLY Q 114 -34.73 -43.37 -35.57
N ASP Q 115 -35.75 -43.37 -36.41
CA ASP Q 115 -36.79 -42.34 -36.34
C ASP Q 115 -37.79 -42.62 -35.21
N ARG Q 116 -37.66 -43.74 -34.47
CA ARG Q 116 -38.76 -44.15 -33.62
C ARG Q 116 -38.73 -43.46 -32.27
N HIS Q 117 -37.53 -43.10 -31.81
CA HIS Q 117 -37.38 -42.46 -30.52
C HIS Q 117 -37.30 -40.94 -30.61
N ALA Q 118 -37.86 -40.31 -31.67
CA ALA Q 118 -37.49 -38.95 -31.98
C ALA Q 118 -38.52 -37.99 -31.36
N LEU Q 119 -39.27 -38.41 -30.37
CA LEU Q 119 -40.15 -37.50 -29.65
C LEU Q 119 -39.53 -37.05 -28.35
N VAL Q 120 -38.20 -37.23 -28.16
CA VAL Q 120 -37.62 -36.84 -26.88
C VAL Q 120 -37.32 -35.35 -26.91
N ILE Q 121 -37.33 -34.73 -28.09
CA ILE Q 121 -37.07 -33.33 -28.20
C ILE Q 121 -38.27 -32.51 -27.69
N GLU Q 122 -39.47 -32.99 -27.98
CA GLU Q 122 -40.66 -32.22 -27.63
C GLU Q 122 -41.19 -32.61 -26.24
N HIS Q 123 -41.02 -33.88 -25.85
CA HIS Q 123 -41.64 -34.40 -24.65
C HIS Q 123 -40.67 -34.54 -23.48
N GLN Q 124 -39.37 -34.52 -23.73
CA GLN Q 124 -38.39 -34.62 -22.67
C GLN Q 124 -37.31 -33.54 -22.62
N LEU Q 125 -37.11 -32.82 -23.73
CA LEU Q 125 -36.02 -31.87 -23.87
C LEU Q 125 -36.63 -30.48 -23.84
N ARG Q 126 -37.80 -30.30 -24.44
CA ARG Q 126 -38.48 -29.02 -24.43
C ARG Q 126 -39.10 -28.74 -23.07
N PRO Q 127 -39.69 -29.70 -22.35
CA PRO Q 127 -40.13 -29.46 -20.98
C PRO Q 127 -39.07 -29.13 -19.94
N VAL Q 128 -37.80 -29.43 -20.21
CA VAL Q 128 -36.78 -29.07 -19.25
C VAL Q 128 -36.42 -27.60 -19.35
N PHE Q 129 -36.57 -27.00 -20.52
CA PHE Q 129 -36.48 -25.57 -20.65
C PHE Q 129 -37.85 -24.91 -20.61
N GLY Q 130 -38.86 -25.62 -20.11
CA GLY Q 130 -40.15 -25.02 -19.86
C GLY Q 130 -40.27 -24.05 -18.66
N PHE Q 131 -39.83 -24.57 -17.52
CA PHE Q 131 -39.80 -23.80 -16.24
C PHE Q 131 -38.71 -22.74 -16.37
N PHE Q 132 -37.70 -23.01 -17.20
CA PHE Q 132 -36.60 -22.05 -17.44
C PHE Q 132 -37.17 -20.74 -18.02
N GLU Q 133 -38.39 -20.82 -18.54
CA GLU Q 133 -39.06 -19.63 -19.07
C GLU Q 133 -38.35 -18.90 -20.21
N ALA Q 134 -38.02 -19.67 -21.24
CA ALA Q 134 -37.32 -19.16 -22.43
C ALA Q 134 -38.16 -18.16 -23.22
N HIS Q 135 -37.57 -16.98 -23.49
CA HIS Q 135 -38.28 -15.94 -24.20
C HIS Q 135 -38.51 -16.30 -25.66
N THR Q 136 -37.60 -17.10 -26.24
CA THR Q 136 -37.78 -17.58 -27.59
C THR Q 136 -37.36 -19.04 -27.61
N LEU Q 137 -38.35 -19.95 -27.59
CA LEU Q 137 -38.11 -21.37 -27.56
C LEU Q 137 -38.62 -21.94 -28.88
N ALA Q 138 -37.72 -22.06 -29.84
CA ALA Q 138 -38.08 -22.23 -31.25
C ALA Q 138 -38.42 -23.68 -31.55
N THR Q 139 -38.74 -23.94 -32.81
CA THR Q 139 -39.11 -25.28 -33.25
C THR Q 139 -37.86 -26.15 -33.34
N GLY Q 140 -37.97 -27.43 -32.91
CA GLY Q 140 -36.88 -28.35 -33.22
C GLY Q 140 -37.35 -29.70 -33.67
N LEU Q 141 -36.68 -30.30 -34.64
CA LEU Q 141 -37.05 -31.62 -35.14
C LEU Q 141 -35.77 -32.47 -35.26
N TYR Q 142 -35.91 -33.77 -35.02
CA TYR Q 142 -34.80 -34.67 -34.79
C TYR Q 142 -34.35 -35.42 -36.06
N VAL Q 143 -33.19 -36.00 -35.99
CA VAL Q 143 -32.50 -36.54 -37.15
C VAL Q 143 -31.73 -37.76 -36.71
N SER Q 144 -31.80 -38.81 -37.53
CA SER Q 144 -31.10 -40.06 -37.24
C SER Q 144 -29.76 -40.02 -37.97
N ALA Q 145 -29.23 -41.20 -38.27
CA ALA Q 145 -27.96 -41.31 -38.97
C ALA Q 145 -27.75 -40.39 -40.16
N SER Q 146 -26.69 -39.60 -40.10
CA SER Q 146 -26.33 -38.65 -41.16
C SER Q 146 -24.83 -38.79 -41.11
N ASP Q 147 -24.27 -39.56 -42.04
CA ASP Q 147 -22.82 -39.79 -42.09
C ASP Q 147 -22.27 -39.13 -43.34
N PHE Q 148 -21.72 -37.94 -43.17
CA PHE Q 148 -21.09 -37.21 -44.26
C PHE Q 148 -20.03 -36.22 -43.85
N GLY Q 149 -19.54 -35.52 -44.84
CA GLY Q 149 -18.51 -34.52 -44.61
C GLY Q 149 -18.87 -33.52 -43.52
N LEU Q 153 -24.94 -35.51 -41.63
CA LEU Q 153 -24.98 -34.23 -42.27
C LEU Q 153 -25.26 -34.47 -43.78
N ALA Q 154 -26.06 -35.48 -44.12
CA ALA Q 154 -26.26 -35.81 -45.52
C ALA Q 154 -27.63 -35.60 -46.04
N SER Q 155 -28.60 -36.21 -45.36
CA SER Q 155 -30.00 -36.12 -45.69
C SER Q 155 -30.44 -34.68 -45.83
N GLU Q 156 -31.20 -34.39 -46.86
CA GLU Q 156 -31.60 -33.04 -47.19
C GLU Q 156 -32.93 -32.70 -46.58
N ALA Q 157 -33.62 -33.62 -45.93
CA ALA Q 157 -34.89 -33.21 -45.37
C ALA Q 157 -34.77 -32.63 -43.95
N ALA Q 158 -33.87 -33.20 -43.13
CA ALA Q 158 -33.68 -32.68 -41.78
C ALA Q 158 -32.64 -31.56 -41.73
N SER Q 159 -31.86 -31.42 -42.81
CA SER Q 159 -31.02 -30.23 -42.97
C SER Q 159 -31.86 -29.01 -43.32
N THR Q 160 -32.98 -29.25 -43.98
CA THR Q 160 -33.92 -28.19 -44.32
C THR Q 160 -34.73 -27.83 -43.07
N ARG Q 161 -34.91 -28.77 -42.15
CA ARG Q 161 -35.59 -28.50 -40.90
C ARG Q 161 -34.66 -27.73 -39.96
N LEU Q 162 -33.31 -27.82 -40.16
CA LEU Q 162 -32.40 -27.01 -39.39
C LEU Q 162 -32.36 -25.57 -39.95
N ASP Q 163 -32.51 -25.44 -41.28
CA ASP Q 163 -32.65 -24.12 -41.88
C ASP Q 163 -33.98 -23.50 -41.53
N ARG Q 164 -34.98 -24.28 -41.22
CA ARG Q 164 -36.25 -23.78 -40.73
C ARG Q 164 -36.17 -23.44 -39.23
N ALA Q 165 -35.26 -24.12 -38.53
CA ALA Q 165 -35.10 -23.95 -37.08
C ALA Q 165 -34.20 -22.76 -36.76
N VAL Q 166 -33.36 -22.37 -37.72
CA VAL Q 166 -32.51 -21.21 -37.58
C VAL Q 166 -33.30 -19.97 -37.94
N ALA Q 167 -34.56 -20.04 -38.36
CA ALA Q 167 -35.39 -18.92 -38.67
C ALA Q 167 -35.74 -18.07 -37.44
N GLN Q 168 -35.44 -18.59 -36.22
CA GLN Q 168 -35.41 -17.74 -35.05
C GLN Q 168 -34.01 -17.21 -34.78
N PHE Q 169 -33.10 -17.33 -35.71
CA PHE Q 169 -31.78 -16.75 -35.65
C PHE Q 169 -31.45 -15.98 -36.92
N HIS Q 172 -33.22 -13.16 -36.12
CA HIS Q 172 -33.86 -12.49 -35.02
C HIS Q 172 -33.69 -13.24 -33.70
N LEU Q 173 -32.88 -12.70 -32.81
CA LEU Q 173 -32.71 -13.28 -31.51
C LEU Q 173 -33.58 -12.45 -30.64
N SER Q 174 -33.27 -11.16 -30.60
CA SER Q 174 -33.95 -10.17 -29.80
C SER Q 174 -33.25 -8.88 -30.05
N ARG Q 175 -33.62 -7.96 -29.18
CA ARG Q 175 -32.88 -6.73 -29.18
C ARG Q 175 -31.50 -7.15 -28.61
N HIS Q 176 -30.77 -7.94 -29.40
CA HIS Q 176 -29.48 -8.45 -29.01
C HIS Q 176 -29.15 -8.44 -27.52
N ALA Q 183 -37.23 -10.91 -14.23
CA ALA Q 183 -37.03 -12.20 -14.92
C ALA Q 183 -37.97 -13.34 -14.47
N VAL Q 184 -38.15 -13.52 -13.16
CA VAL Q 184 -38.58 -14.79 -12.60
C VAL Q 184 -40.10 -14.86 -12.59
N HIS Q 188 -40.11 -9.40 -4.55
CA HIS Q 188 -39.11 -8.45 -4.12
C HIS Q 188 -37.76 -9.12 -3.86
N HIS Q 189 -37.64 -10.44 -3.85
CA HIS Q 189 -36.35 -11.07 -4.01
C HIS Q 189 -35.80 -10.66 -5.37
N HIS Q 190 -34.73 -9.85 -5.36
CA HIS Q 190 -34.05 -9.49 -6.58
C HIS Q 190 -33.10 -10.60 -7.01
N HIS Q 191 -32.33 -10.24 -8.05
CA HIS Q 191 -31.26 -11.01 -8.65
C HIS Q 191 -30.19 -11.17 -7.58
N MET R 1 -34.71 -64.91 3.95
CA MET R 1 -34.52 -66.33 4.33
C MET R 1 -34.94 -67.30 3.22
N PRO R 2 -36.04 -67.07 2.47
CA PRO R 2 -36.27 -67.80 1.23
C PRO R 2 -35.37 -67.29 0.09
N GLY R 3 -35.19 -65.98 0.07
CA GLY R 3 -34.37 -65.30 -0.91
C GLY R 3 -35.07 -64.51 -2.02
N PRO R 4 -36.18 -63.75 -1.79
CA PRO R 4 -36.47 -62.62 -2.70
C PRO R 4 -35.52 -61.45 -2.49
N ARG R 5 -34.97 -60.94 -3.60
CA ARG R 5 -33.91 -59.95 -3.55
C ARG R 5 -34.50 -58.62 -4.00
N ILE R 6 -34.68 -57.68 -3.07
CA ILE R 6 -35.19 -56.37 -3.40
C ILE R 6 -34.07 -55.37 -3.20
N VAL R 7 -33.92 -54.44 -4.18
CA VAL R 7 -32.90 -53.45 -4.18
C VAL R 7 -33.54 -52.05 -4.20
N ALA R 8 -32.79 -51.06 -3.70
CA ALA R 8 -33.27 -49.71 -3.62
C ALA R 8 -32.27 -48.74 -4.25
N PHE R 9 -32.78 -47.75 -5.00
CA PHE R 9 -31.86 -46.82 -5.63
C PHE R 9 -32.40 -45.40 -5.58
N ALA R 10 -31.57 -44.45 -5.15
CA ALA R 10 -31.96 -43.04 -5.07
C ALA R 10 -30.88 -42.23 -5.78
N GLY R 11 -31.29 -41.10 -6.36
CA GLY R 11 -30.32 -40.20 -6.96
C GLY R 11 -29.90 -39.09 -6.01
N SER R 12 -29.50 -39.47 -4.80
CA SER R 12 -29.06 -38.52 -3.78
C SER R 12 -27.67 -37.89 -4.07
N TRP R 13 -27.21 -37.01 -3.18
CA TRP R 13 -25.83 -36.58 -3.25
C TRP R 13 -25.14 -36.81 -1.91
N SER R 14 -25.85 -36.82 -0.79
CA SER R 14 -25.29 -36.90 0.53
C SER R 14 -26.16 -37.80 1.41
N ARG R 15 -25.57 -38.28 2.51
CA ARG R 15 -26.18 -39.11 3.50
C ARG R 15 -27.32 -38.51 4.29
N PRO R 16 -27.34 -37.25 4.74
CA PRO R 16 -28.52 -36.71 5.40
C PRO R 16 -29.63 -36.19 4.52
N SER R 17 -29.78 -36.68 3.28
CA SER R 17 -30.97 -36.48 2.47
C SER R 17 -32.03 -37.53 2.81
N LYS R 18 -33.29 -37.14 2.58
CA LYS R 18 -34.41 -37.99 2.93
C LYS R 18 -34.75 -38.94 1.78
N THR R 19 -34.14 -38.75 0.59
CA THR R 19 -34.49 -39.66 -0.49
C THR R 19 -33.78 -41.01 -0.40
N ARG R 20 -32.72 -41.09 0.40
CA ARG R 20 -32.19 -42.36 0.88
C ARG R 20 -33.19 -42.97 1.90
N SER R 21 -33.84 -42.10 2.66
CA SER R 21 -34.61 -42.53 3.82
C SER R 21 -35.98 -43.00 3.38
N LEU R 22 -36.52 -42.45 2.28
CA LEU R 22 -37.84 -42.87 1.78
C LEU R 22 -37.73 -44.20 1.04
N VAL R 23 -36.56 -44.42 0.39
CA VAL R 23 -36.38 -45.68 -0.30
C VAL R 23 -35.92 -46.76 0.68
N GLU R 24 -35.37 -46.36 1.83
CA GLU R 24 -35.01 -47.32 2.85
C GLU R 24 -36.26 -47.81 3.58
N GLU R 25 -37.25 -46.94 3.74
CA GLU R 25 -38.47 -47.31 4.44
C GLU R 25 -39.40 -48.07 3.52
N ALA R 26 -39.30 -47.80 2.19
CA ALA R 26 -40.11 -48.56 1.24
C ALA R 26 -39.56 -49.96 1.01
N ALA R 27 -38.23 -50.11 1.23
CA ALA R 27 -37.64 -51.43 1.16
C ALA R 27 -37.91 -52.18 2.47
N ARG R 28 -37.93 -51.48 3.60
CA ARG R 28 -38.19 -52.08 4.89
C ARG R 28 -39.64 -52.56 4.98
N ARG R 29 -40.56 -51.85 4.30
CA ARG R 29 -41.94 -52.27 4.30
C ARG R 29 -42.13 -53.49 3.39
N ALA R 30 -41.24 -53.66 2.42
CA ALA R 30 -41.41 -54.72 1.43
C ALA R 30 -40.83 -56.03 1.96
N VAL R 31 -39.75 -55.93 2.74
CA VAL R 31 -39.18 -57.15 3.33
C VAL R 31 -39.98 -57.56 4.55
N ALA R 32 -40.72 -56.64 5.16
CA ALA R 32 -41.65 -56.98 6.22
C ALA R 32 -42.91 -57.66 5.65
N ARG R 33 -43.27 -57.31 4.42
CA ARG R 33 -44.51 -57.78 3.86
C ARG R 33 -44.27 -59.01 3.06
N PHE R 34 -43.07 -59.31 2.60
CA PHE R 34 -42.85 -60.34 1.62
C PHE R 34 -41.66 -61.21 1.95
N GLY R 35 -40.77 -60.79 2.84
CA GLY R 35 -39.67 -61.65 3.24
C GLY R 35 -38.47 -61.56 2.30
N GLY R 36 -37.31 -61.96 2.81
CA GLY R 36 -36.07 -61.88 2.09
C GLY R 36 -35.08 -60.91 2.75
N SER R 37 -34.07 -60.58 1.95
CA SER R 37 -33.13 -59.52 2.30
C SER R 37 -33.26 -58.38 1.28
N ALA R 38 -32.97 -57.17 1.78
CA ALA R 38 -33.04 -55.95 0.98
C ALA R 38 -31.65 -55.36 0.87
N HIS R 39 -31.39 -54.73 -0.28
CA HIS R 39 -30.15 -54.01 -0.48
C HIS R 39 -30.46 -52.54 -0.80
N VAL R 40 -30.11 -51.67 0.16
CA VAL R 40 -30.36 -50.26 -0.02
C VAL R 40 -29.02 -49.55 -0.17
N PHE R 41 -28.87 -48.84 -1.28
CA PHE R 41 -27.64 -48.08 -1.47
C PHE R 41 -28.00 -46.71 -2.06
N ASP R 42 -27.02 -45.80 -1.86
CA ASP R 42 -27.21 -44.47 -2.43
C ASP R 42 -26.15 -44.31 -3.51
N ILE R 43 -26.21 -43.16 -4.17
CA ILE R 43 -25.37 -42.92 -5.33
C ILE R 43 -23.95 -42.62 -4.89
N ALA R 44 -23.76 -42.14 -3.66
CA ALA R 44 -22.42 -41.95 -3.12
C ALA R 44 -21.76 -43.28 -2.81
N ASP R 45 -22.54 -44.37 -2.62
CA ASP R 45 -21.97 -45.69 -2.46
C ASP R 45 -21.46 -46.30 -3.77
N LEU R 46 -21.73 -45.68 -4.91
CA LEU R 46 -20.97 -45.99 -6.12
C LEU R 46 -19.56 -45.41 -6.11
N GLY R 47 -19.32 -44.40 -5.28
CA GLY R 47 -17.99 -43.94 -4.94
C GLY R 47 -17.53 -42.81 -5.84
N PRO R 48 -16.26 -42.43 -5.78
CA PRO R 48 -15.73 -41.40 -6.68
C PRO R 48 -15.50 -41.95 -8.09
N ASP R 49 -16.55 -42.31 -8.81
CA ASP R 49 -16.43 -43.05 -10.06
C ASP R 49 -15.85 -42.16 -11.16
N PHE R 50 -14.89 -42.68 -11.93
CA PHE R 50 -14.49 -42.06 -13.18
C PHE R 50 -15.67 -42.30 -14.13
N GLY R 51 -16.53 -41.29 -14.30
CA GLY R 51 -17.84 -41.48 -14.90
C GLY R 51 -17.75 -41.63 -16.43
N SER R 52 -16.74 -40.98 -17.01
CA SER R 52 -16.61 -40.93 -18.44
C SER R 52 -15.73 -42.06 -18.95
N LEU R 53 -15.58 -43.17 -18.23
CA LEU R 53 -14.58 -44.19 -18.53
C LEU R 53 -15.22 -45.33 -19.33
N ARG R 54 -14.36 -46.13 -19.92
CA ARG R 54 -14.81 -47.22 -20.78
C ARG R 54 -14.87 -48.55 -20.05
N GLN R 55 -13.98 -48.82 -19.08
CA GLN R 55 -13.95 -50.10 -18.43
C GLN R 55 -14.81 -50.14 -17.16
N PRO R 56 -15.86 -50.98 -17.10
CA PRO R 56 -16.59 -51.16 -15.84
C PRO R 56 -15.96 -52.17 -14.88
N GLN R 57 -15.08 -51.71 -13.96
CA GLN R 57 -14.20 -52.62 -13.26
C GLN R 57 -14.37 -52.60 -11.75
N ASP R 58 -15.01 -51.60 -11.12
CA ASP R 58 -14.78 -51.37 -9.70
C ASP R 58 -15.59 -52.36 -8.88
N GLY R 59 -15.04 -52.78 -7.74
CA GLY R 59 -15.72 -53.73 -6.88
C GLY R 59 -17.12 -53.29 -6.50
N PRO R 60 -17.22 -52.28 -5.63
CA PRO R 60 -18.51 -51.75 -5.16
C PRO R 60 -19.38 -51.29 -6.33
N HIS R 61 -18.78 -50.62 -7.30
CA HIS R 61 -19.51 -50.12 -8.46
C HIS R 61 -20.31 -51.23 -9.13
N THR R 62 -19.71 -52.42 -9.24
CA THR R 62 -20.39 -53.55 -9.86
C THR R 62 -21.26 -54.22 -8.82
N ARG R 63 -21.01 -54.04 -7.53
CA ARG R 63 -21.70 -54.83 -6.53
C ARG R 63 -23.16 -54.38 -6.40
N HIS R 64 -23.33 -53.05 -6.53
CA HIS R 64 -24.68 -52.49 -6.42
C HIS R 64 -25.40 -52.47 -7.76
N LEU R 65 -24.64 -52.57 -8.87
CA LEU R 65 -25.23 -52.69 -10.18
C LEU R 65 -25.75 -54.11 -10.40
N ASP R 66 -25.04 -55.11 -9.86
CA ASP R 66 -25.42 -56.49 -10.03
C ASP R 66 -26.58 -56.85 -9.11
N ALA R 67 -26.68 -56.16 -7.98
CA ALA R 67 -27.83 -56.34 -7.10
C ALA R 67 -29.03 -55.57 -7.63
N PHE R 68 -28.82 -54.57 -8.50
CA PHE R 68 -29.91 -53.96 -9.22
C PHE R 68 -30.47 -54.93 -10.26
N LEU R 69 -29.55 -55.65 -10.92
CA LEU R 69 -29.97 -56.47 -12.06
C LEU R 69 -30.44 -57.84 -11.59
N ALA R 70 -29.82 -58.32 -10.51
CA ALA R 70 -30.12 -59.67 -10.01
C ALA R 70 -31.09 -59.54 -8.84
N ALA R 71 -31.83 -58.43 -8.77
CA ALA R 71 -32.96 -58.31 -7.87
C ALA R 71 -34.15 -59.12 -8.39
N ASP R 72 -35.18 -59.15 -7.55
CA ASP R 72 -36.52 -59.58 -7.92
C ASP R 72 -37.53 -58.44 -7.79
N ALA R 73 -37.16 -57.37 -7.09
CA ALA R 73 -37.98 -56.18 -6.93
C ALA R 73 -37.12 -54.93 -6.98
N LEU R 74 -37.64 -53.83 -7.50
CA LEU R 74 -36.88 -52.60 -7.72
C LEU R 74 -37.63 -51.42 -7.10
N ILE R 75 -36.88 -50.53 -6.47
CA ILE R 75 -37.43 -49.26 -6.02
C ILE R 75 -36.55 -48.16 -6.56
N VAL R 76 -37.17 -47.14 -7.15
CA VAL R 76 -36.50 -45.96 -7.63
C VAL R 76 -37.09 -44.71 -6.97
N ALA R 77 -36.18 -43.81 -6.58
CA ALA R 77 -36.59 -42.67 -5.75
C ALA R 77 -35.56 -41.55 -6.00
N SER R 78 -35.56 -41.09 -7.27
CA SER R 78 -34.74 -39.96 -7.65
C SER R 78 -35.40 -38.69 -7.12
N PRO R 79 -34.64 -37.68 -6.67
CA PRO R 79 -35.24 -36.38 -6.37
C PRO R 79 -35.57 -35.63 -7.66
N VAL R 80 -36.69 -34.92 -7.67
CA VAL R 80 -37.00 -34.01 -8.75
C VAL R 80 -36.15 -32.73 -8.66
N TYR R 81 -35.29 -32.56 -9.65
CA TYR R 81 -34.53 -31.31 -9.76
C TYR R 81 -34.59 -30.94 -11.22
N LYS R 82 -34.89 -29.68 -11.48
CA LYS R 82 -34.93 -29.08 -12.81
C LYS R 82 -35.91 -29.83 -13.73
N GLY R 83 -37.12 -30.02 -13.19
CA GLY R 83 -38.24 -30.45 -14.02
C GLY R 83 -38.19 -31.92 -14.37
N SER R 84 -37.26 -32.68 -13.78
CA SER R 84 -37.13 -34.10 -14.03
C SER R 84 -36.25 -34.68 -12.92
N TYR R 85 -35.73 -35.88 -13.16
CA TYR R 85 -34.79 -36.53 -12.30
C TYR R 85 -33.43 -35.85 -12.33
N THR R 86 -32.53 -36.31 -11.46
CA THR R 86 -31.19 -35.78 -11.40
C THR R 86 -30.33 -36.34 -12.53
N GLY R 87 -29.05 -35.98 -12.50
CA GLY R 87 -28.17 -36.18 -13.65
C GLY R 87 -27.52 -37.55 -13.55
N LEU R 88 -26.84 -37.75 -12.42
CA LEU R 88 -25.96 -38.91 -12.25
C LEU R 88 -26.79 -40.16 -11.96
N PHE R 89 -28.04 -39.97 -11.62
CA PHE R 89 -29.04 -41.01 -11.43
C PHE R 89 -29.32 -41.64 -12.79
N LYS R 90 -29.44 -40.81 -13.85
CA LYS R 90 -29.75 -41.33 -15.16
C LYS R 90 -28.51 -42.00 -15.76
N HIS R 91 -27.31 -41.65 -15.34
CA HIS R 91 -26.12 -42.30 -15.85
C HIS R 91 -26.01 -43.74 -15.33
N PHE R 92 -26.58 -43.99 -14.16
CA PHE R 92 -26.67 -45.34 -13.64
C PHE R 92 -27.72 -46.14 -14.37
N ILE R 93 -28.76 -45.47 -14.81
CA ILE R 93 -29.84 -46.10 -15.58
C ILE R 93 -29.39 -46.30 -17.03
N ASP R 94 -28.49 -45.48 -17.52
CA ASP R 94 -27.98 -45.56 -18.88
C ASP R 94 -27.05 -46.76 -19.06
N LEU R 95 -26.44 -47.24 -17.95
CA LEU R 95 -25.39 -48.25 -18.18
C LEU R 95 -25.93 -49.67 -17.98
N ILE R 96 -27.23 -49.80 -17.67
CA ILE R 96 -27.84 -51.12 -17.72
C ILE R 96 -28.37 -51.38 -19.14
N GLU R 97 -28.28 -52.64 -19.55
CA GLU R 97 -28.59 -53.07 -20.88
C GLU R 97 -30.09 -52.91 -21.14
N PRO R 98 -30.49 -52.54 -22.37
CA PRO R 98 -31.90 -52.45 -22.73
C PRO R 98 -32.74 -53.71 -22.57
N VAL R 99 -32.12 -54.85 -22.28
CA VAL R 99 -32.85 -56.10 -22.37
C VAL R 99 -33.12 -56.68 -20.99
N ALA R 100 -32.43 -56.13 -19.97
CA ALA R 100 -32.81 -56.49 -18.60
C ALA R 100 -34.02 -55.68 -18.14
N LEU R 101 -34.52 -55.91 -16.92
CA LEU R 101 -35.63 -55.12 -16.36
C LEU R 101 -36.97 -55.39 -17.06
N VAL R 102 -37.17 -56.66 -17.40
CA VAL R 102 -38.40 -57.05 -18.12
C VAL R 102 -39.40 -57.75 -17.21
N GLY R 103 -38.97 -58.71 -16.37
CA GLY R 103 -39.87 -59.30 -15.42
C GLY R 103 -39.75 -58.68 -14.03
N LYS R 104 -39.42 -57.36 -13.97
CA LYS R 104 -39.07 -56.79 -12.66
C LYS R 104 -40.09 -55.74 -12.26
N PRO R 105 -40.73 -55.83 -11.08
CA PRO R 105 -41.57 -54.74 -10.61
C PRO R 105 -40.76 -53.55 -10.12
N VAL R 106 -41.20 -52.35 -10.46
CA VAL R 106 -40.57 -51.13 -10.00
C VAL R 106 -41.55 -50.26 -9.20
N LEU R 107 -41.08 -49.78 -8.04
CA LEU R 107 -41.79 -48.81 -7.22
C LEU R 107 -41.21 -47.41 -7.41
N LEU R 108 -42.02 -46.49 -7.92
CA LEU R 108 -41.50 -45.17 -8.28
C LEU R 108 -41.82 -44.19 -7.18
N ALA R 109 -40.89 -43.31 -6.89
CA ALA R 109 -41.11 -42.23 -5.92
C ALA R 109 -40.21 -41.07 -6.31
N ALA R 110 -40.48 -39.90 -5.73
CA ALA R 110 -39.79 -38.66 -6.04
C ALA R 110 -39.89 -37.70 -4.88
N THR R 111 -38.80 -36.98 -4.59
CA THR R 111 -38.82 -36.00 -3.53
C THR R 111 -38.52 -34.63 -4.13
N GLY R 112 -39.28 -33.61 -3.75
CA GLY R 112 -39.09 -32.33 -4.39
C GLY R 112 -39.35 -31.18 -3.42
N GLY R 113 -39.82 -30.05 -3.95
CA GLY R 113 -39.81 -28.83 -3.16
C GLY R 113 -41.17 -28.18 -3.04
N GLY R 114 -42.26 -28.93 -2.83
CA GLY R 114 -43.49 -28.29 -2.43
C GLY R 114 -44.64 -28.56 -3.40
N ASP R 115 -44.80 -29.83 -3.79
CA ASP R 115 -46.11 -30.31 -4.25
C ASP R 115 -46.46 -29.87 -5.66
N ARG R 116 -45.45 -29.38 -6.40
CA ARG R 116 -45.70 -28.72 -7.69
C ARG R 116 -45.28 -29.63 -8.85
N HIS R 117 -44.20 -30.38 -8.67
CA HIS R 117 -43.66 -31.18 -9.75
C HIS R 117 -44.03 -32.65 -9.64
N ALA R 118 -45.21 -32.96 -9.12
CA ALA R 118 -45.56 -34.34 -8.79
C ALA R 118 -45.90 -35.21 -10.00
N LEU R 119 -46.02 -34.60 -11.20
CA LEU R 119 -46.30 -35.41 -12.37
C LEU R 119 -45.02 -35.71 -13.15
N VAL R 120 -43.88 -35.69 -12.45
CA VAL R 120 -42.63 -36.17 -13.01
C VAL R 120 -42.58 -37.67 -12.83
N ILE R 121 -43.43 -38.26 -11.96
CA ILE R 121 -43.49 -39.70 -11.87
C ILE R 121 -44.09 -40.32 -13.15
N GLU R 122 -45.14 -39.70 -13.67
CA GLU R 122 -45.89 -40.32 -14.73
C GLU R 122 -45.39 -39.85 -16.10
N HIS R 123 -44.89 -38.60 -16.19
CA HIS R 123 -44.53 -38.06 -17.50
C HIS R 123 -43.02 -38.08 -17.73
N GLN R 124 -42.21 -38.23 -16.67
CA GLN R 124 -40.78 -38.29 -16.85
C GLN R 124 -40.14 -39.58 -16.35
N LEU R 125 -40.65 -40.17 -15.26
CA LEU R 125 -39.99 -41.30 -14.61
C LEU R 125 -40.53 -42.62 -15.12
N ARG R 126 -41.84 -42.68 -15.40
CA ARG R 126 -42.47 -43.89 -15.85
C ARG R 126 -42.15 -44.19 -17.31
N PRO R 127 -41.99 -43.21 -18.23
CA PRO R 127 -41.41 -43.50 -19.53
C PRO R 127 -39.98 -44.02 -19.58
N VAL R 128 -39.23 -43.92 -18.55
CA VAL R 128 -37.86 -44.45 -18.52
C VAL R 128 -37.90 -45.97 -18.36
N PHE R 129 -38.83 -46.42 -17.53
CA PHE R 129 -38.97 -47.86 -17.31
C PHE R 129 -40.07 -48.43 -18.17
N GLY R 130 -40.66 -47.59 -19.06
CA GLY R 130 -41.49 -48.10 -20.15
C GLY R 130 -40.65 -48.37 -21.39
N PHE R 131 -39.40 -47.88 -21.38
CA PHE R 131 -38.38 -48.32 -22.30
C PHE R 131 -38.02 -49.76 -21.93
N PHE R 132 -37.91 -50.03 -20.63
CA PHE R 132 -37.52 -51.33 -20.17
C PHE R 132 -38.67 -52.32 -20.14
N GLU R 133 -39.92 -51.80 -20.22
CA GLU R 133 -41.12 -52.61 -20.06
C GLU R 133 -41.17 -53.41 -18.75
N ALA R 134 -40.79 -52.74 -17.65
CA ALA R 134 -40.69 -53.36 -16.34
C ALA R 134 -42.07 -53.25 -15.73
N HIS R 135 -42.88 -54.30 -15.88
CA HIS R 135 -44.30 -54.23 -15.56
C HIS R 135 -44.45 -54.43 -14.08
N THR R 136 -45.71 -54.49 -13.64
CA THR R 136 -46.12 -54.42 -12.23
C THR R 136 -45.63 -53.14 -11.58
N LEU R 137 -45.81 -52.04 -12.31
CA LEU R 137 -45.32 -50.73 -11.99
C LEU R 137 -46.15 -50.18 -10.84
N ALA R 138 -45.52 -50.21 -9.65
CA ALA R 138 -46.15 -49.76 -8.43
C ALA R 138 -46.26 -48.22 -8.39
N THR R 139 -47.34 -47.72 -7.78
CA THR R 139 -47.81 -46.38 -8.05
C THR R 139 -46.87 -45.39 -7.38
N GLY R 140 -47.08 -44.12 -7.65
CA GLY R 140 -45.98 -43.14 -7.44
C GLY R 140 -46.24 -42.34 -6.18
N LEU R 141 -45.13 -41.89 -5.57
CA LEU R 141 -45.25 -41.07 -4.38
C LEU R 141 -44.44 -39.80 -4.51
N TYR R 142 -45.12 -38.63 -4.49
CA TYR R 142 -44.36 -37.40 -4.53
C TYR R 142 -44.36 -36.76 -3.14
N VAL R 143 -43.14 -36.60 -2.59
CA VAL R 143 -43.11 -36.27 -1.16
C VAL R 143 -42.45 -34.89 -1.02
N SER R 144 -43.18 -33.94 -0.40
CA SER R 144 -42.71 -32.57 -0.37
C SER R 144 -42.23 -32.01 0.96
N ALA R 145 -43.02 -32.26 2.02
CA ALA R 145 -42.72 -31.73 3.34
C ALA R 145 -43.27 -32.67 4.41
N SER R 146 -42.74 -32.58 5.63
CA SER R 146 -43.06 -33.45 6.77
C SER R 146 -42.93 -34.85 6.18
N ASP R 147 -41.71 -35.29 6.06
CA ASP R 147 -41.32 -36.46 5.27
C ASP R 147 -40.33 -37.36 6.05
N PHE R 148 -40.87 -38.29 6.85
CA PHE R 148 -40.08 -39.24 7.60
C PHE R 148 -40.59 -40.67 7.71
N GLY R 149 -41.87 -40.88 7.44
CA GLY R 149 -42.46 -42.21 7.48
C GLY R 149 -42.32 -43.02 8.77
N GLU R 156 -47.43 -37.92 7.37
CA GLU R 156 -48.89 -37.79 7.33
C GLU R 156 -49.39 -39.06 6.65
N ALA R 157 -50.68 -39.08 6.30
CA ALA R 157 -51.34 -40.22 5.70
C ALA R 157 -50.92 -40.45 4.26
N ALA R 158 -49.91 -39.76 3.74
CA ALA R 158 -49.23 -40.11 2.50
C ALA R 158 -48.17 -41.21 2.70
N SER R 159 -47.90 -41.58 3.94
CA SER R 159 -47.20 -42.81 4.30
C SER R 159 -48.08 -44.02 4.03
N THR R 160 -49.39 -43.85 4.03
CA THR R 160 -50.32 -44.91 3.70
C THR R 160 -50.35 -45.10 2.19
N ARG R 161 -50.02 -44.08 1.42
CA ARG R 161 -49.91 -44.21 -0.03
C ARG R 161 -48.63 -44.94 -0.42
N LEU R 162 -47.64 -45.05 0.48
CA LEU R 162 -46.56 -46.01 0.29
C LEU R 162 -47.01 -47.43 0.64
N ASP R 163 -47.87 -47.57 1.61
CA ASP R 163 -48.49 -48.85 1.94
C ASP R 163 -49.46 -49.29 0.87
N ARG R 164 -50.01 -48.35 0.10
CA ARG R 164 -50.84 -48.65 -1.06
C ARG R 164 -49.98 -49.12 -2.25
N ALA R 165 -48.72 -48.70 -2.26
CA ALA R 165 -47.83 -48.92 -3.38
C ALA R 165 -46.91 -50.09 -3.08
N VAL R 166 -46.62 -50.36 -1.79
CA VAL R 166 -45.75 -51.48 -1.47
C VAL R 166 -46.57 -52.77 -1.53
N ALA R 167 -47.88 -52.64 -1.33
CA ALA R 167 -48.77 -53.80 -1.35
C ALA R 167 -49.20 -54.08 -2.79
N GLN R 168 -48.65 -53.39 -3.78
CA GLN R 168 -48.88 -53.70 -5.17
C GLN R 168 -47.87 -54.70 -5.70
N PHE R 169 -46.95 -55.16 -4.84
CA PHE R 169 -45.95 -56.12 -5.25
C PHE R 169 -46.47 -57.54 -5.20
N ALA R 170 -47.65 -57.79 -4.61
CA ALA R 170 -48.15 -59.13 -4.38
C ALA R 170 -48.63 -59.82 -5.66
N ALA R 171 -48.61 -59.10 -6.77
CA ALA R 171 -48.95 -59.65 -8.07
C ALA R 171 -47.70 -59.65 -8.90
N HIS R 172 -46.61 -60.01 -8.24
CA HIS R 172 -45.28 -60.05 -8.85
C HIS R 172 -45.27 -60.40 -10.33
N LEU R 173 -45.55 -61.66 -10.64
CA LEU R 173 -45.55 -62.13 -12.04
C LEU R 173 -46.62 -63.18 -12.36
N SER R 174 -46.74 -64.19 -11.51
CA SER R 174 -47.70 -65.30 -11.64
C SER R 174 -47.82 -65.82 -10.22
N ARG R 175 -48.36 -67.03 -10.07
CA ARG R 175 -48.55 -67.66 -8.76
C ARG R 175 -47.39 -67.68 -7.81
N HIS R 176 -47.46 -66.87 -6.77
CA HIS R 176 -46.40 -66.74 -5.81
C HIS R 176 -45.01 -66.53 -6.47
N ASP R 177 -44.88 -65.43 -7.20
CA ASP R 177 -43.66 -65.02 -7.86
C ASP R 177 -43.26 -66.01 -8.95
N VAL R 184 -35.85 -60.26 -26.06
CA VAL R 184 -35.19 -60.39 -27.39
C VAL R 184 -35.67 -59.25 -28.28
N GLY R 185 -36.90 -58.74 -28.03
CA GLY R 185 -37.45 -57.73 -28.91
C GLY R 185 -38.23 -58.39 -30.04
N LEU R 186 -37.77 -58.27 -31.31
CA LEU R 186 -38.55 -58.61 -32.47
C LEU R 186 -38.25 -60.04 -32.94
N GLU R 187 -38.88 -60.45 -34.03
CA GLU R 187 -38.95 -61.84 -34.45
C GLU R 187 -37.77 -62.23 -35.32
N HIS R 188 -36.78 -61.36 -35.53
CA HIS R 188 -35.77 -61.55 -36.56
C HIS R 188 -34.71 -62.57 -36.14
N PRO S 2 -65.80 -68.60 -15.19
CA PRO S 2 -64.35 -68.66 -15.44
C PRO S 2 -63.92 -67.63 -16.49
N GLY S 3 -64.82 -66.70 -16.83
CA GLY S 3 -64.53 -65.67 -17.81
C GLY S 3 -64.73 -64.28 -17.25
N PRO S 4 -63.68 -63.43 -17.12
CA PRO S 4 -63.91 -61.97 -17.04
C PRO S 4 -64.33 -61.40 -18.40
N ARG S 5 -65.11 -60.35 -18.40
CA ARG S 5 -65.54 -59.68 -19.61
C ARG S 5 -64.43 -58.73 -20.08
N ILE S 6 -63.81 -59.04 -21.23
CA ILE S 6 -62.77 -58.16 -21.75
C ILE S 6 -63.43 -57.22 -22.77
N VAL S 7 -63.86 -56.04 -22.29
CA VAL S 7 -64.52 -55.02 -23.16
C VAL S 7 -63.77 -53.70 -23.04
N ALA S 8 -62.92 -53.37 -24.02
CA ALA S 8 -62.14 -52.12 -24.01
C ALA S 8 -61.62 -51.83 -25.42
N PHE S 9 -62.41 -51.16 -26.24
CA PHE S 9 -62.02 -50.83 -27.64
C PHE S 9 -61.57 -49.37 -27.72
N ALA S 10 -61.05 -48.96 -28.88
CA ALA S 10 -60.58 -47.57 -29.09
C ALA S 10 -61.71 -46.74 -29.70
N GLY S 11 -61.40 -45.50 -30.12
CA GLY S 11 -62.39 -44.62 -30.72
C GLY S 11 -61.88 -43.91 -31.97
N SER S 12 -62.45 -44.23 -33.12
CA SER S 12 -62.18 -43.52 -34.36
C SER S 12 -63.44 -43.58 -35.18
N TRP S 13 -63.80 -42.50 -35.83
CA TRP S 13 -65.00 -42.35 -36.64
C TRP S 13 -64.72 -42.75 -38.09
N SER S 14 -64.25 -44.01 -38.22
CA SER S 14 -64.27 -44.67 -39.55
C SER S 14 -64.85 -46.06 -39.44
N ARG S 15 -65.60 -46.48 -40.46
CA ARG S 15 -66.13 -47.84 -40.52
C ARG S 15 -65.03 -48.85 -40.91
N PRO S 16 -64.25 -48.65 -41.99
CA PRO S 16 -63.13 -49.53 -42.27
C PRO S 16 -61.86 -49.03 -41.58
N SER S 17 -61.88 -48.87 -40.26
CA SER S 17 -60.79 -48.29 -39.50
C SER S 17 -59.70 -49.34 -39.22
N LYS S 18 -58.47 -48.86 -39.01
CA LYS S 18 -57.36 -49.69 -38.59
C LYS S 18 -57.39 -49.94 -37.08
N THR S 19 -58.26 -49.23 -36.35
CA THR S 19 -58.28 -49.35 -34.89
C THR S 19 -59.31 -50.40 -34.55
N ARG S 20 -60.47 -50.36 -35.23
CA ARG S 20 -61.57 -51.26 -34.92
C ARG S 20 -61.26 -52.67 -35.38
N SER S 21 -60.42 -52.80 -36.43
CA SER S 21 -59.96 -54.12 -36.86
C SER S 21 -58.88 -54.63 -35.90
N LEU S 22 -58.13 -53.71 -35.28
CA LEU S 22 -56.90 -54.07 -34.60
C LEU S 22 -57.24 -54.47 -33.18
N VAL S 23 -58.23 -53.81 -32.58
CA VAL S 23 -58.53 -54.08 -31.19
C VAL S 23 -59.51 -55.23 -31.12
N GLU S 24 -60.18 -55.62 -32.21
CA GLU S 24 -60.93 -56.87 -32.23
C GLU S 24 -59.99 -58.07 -32.32
N GLU S 25 -58.89 -57.89 -33.05
CA GLU S 25 -57.88 -58.90 -33.25
C GLU S 25 -56.96 -58.96 -32.04
N ALA S 26 -56.89 -57.95 -31.19
CA ALA S 26 -56.14 -57.98 -29.97
C ALA S 26 -57.02 -58.44 -28.80
N ALA S 27 -58.31 -58.27 -28.90
CA ALA S 27 -59.21 -58.71 -27.85
C ALA S 27 -59.51 -60.17 -28.00
N ARG S 28 -59.46 -60.73 -29.21
CA ARG S 28 -59.62 -62.16 -29.42
C ARG S 28 -58.44 -62.92 -28.83
N ARG S 29 -57.28 -62.32 -28.74
CA ARG S 29 -56.14 -62.95 -28.07
C ARG S 29 -56.31 -62.94 -26.56
N ALA S 30 -57.12 -62.03 -26.04
CA ALA S 30 -57.38 -61.95 -24.61
C ALA S 30 -58.47 -62.94 -24.20
N VAL S 31 -59.43 -63.15 -25.11
CA VAL S 31 -60.52 -64.08 -24.83
C VAL S 31 -60.03 -65.52 -25.00
N ALA S 32 -59.01 -65.70 -25.86
CA ALA S 32 -58.45 -67.03 -26.03
C ALA S 32 -57.52 -67.38 -24.88
N ARG S 33 -57.02 -66.36 -24.17
CA ARG S 33 -56.15 -66.61 -23.02
C ARG S 33 -56.96 -66.94 -21.76
N PHE S 34 -58.02 -66.19 -21.50
CA PHE S 34 -59.08 -66.66 -20.60
C PHE S 34 -60.36 -66.15 -21.17
N GLY S 35 -61.50 -66.82 -21.00
CA GLY S 35 -62.69 -66.53 -21.77
C GLY S 35 -63.43 -65.27 -21.27
N GLY S 36 -64.44 -64.90 -22.04
CA GLY S 36 -65.24 -63.73 -21.76
C GLY S 36 -65.77 -63.10 -23.04
N SER S 37 -66.51 -62.03 -22.84
CA SER S 37 -67.14 -61.28 -23.91
C SER S 37 -66.17 -60.25 -24.50
N ALA S 38 -66.48 -59.73 -25.69
CA ALA S 38 -65.77 -58.58 -26.22
C ALA S 38 -66.78 -57.61 -26.80
N HIS S 39 -66.56 -56.30 -26.56
CA HIS S 39 -67.42 -55.26 -27.06
C HIS S 39 -66.65 -54.60 -28.19
N VAL S 40 -67.34 -54.40 -29.32
CA VAL S 40 -66.74 -53.61 -30.39
C VAL S 40 -67.22 -52.15 -30.33
N PHE S 41 -66.26 -51.26 -30.14
CA PHE S 41 -66.60 -49.96 -29.51
C PHE S 41 -65.77 -48.87 -30.13
N ASP S 42 -66.40 -47.78 -30.57
CA ASP S 42 -65.70 -46.61 -31.03
C ASP S 42 -66.60 -45.40 -30.76
N ILE S 43 -66.19 -44.23 -31.24
CA ILE S 43 -66.93 -43.02 -30.99
C ILE S 43 -68.20 -42.99 -31.85
N ALA S 44 -68.17 -43.68 -33.00
CA ALA S 44 -69.35 -43.75 -33.83
C ALA S 44 -70.44 -44.63 -33.19
N ASP S 45 -70.06 -45.55 -32.30
CA ASP S 45 -71.03 -46.28 -31.51
C ASP S 45 -71.63 -45.44 -30.39
N LEU S 46 -70.90 -44.39 -29.99
CA LEU S 46 -71.36 -43.55 -28.89
C LEU S 46 -72.36 -42.51 -29.42
N GLY S 47 -72.12 -42.10 -30.66
CA GLY S 47 -72.71 -40.87 -31.20
C GLY S 47 -72.00 -39.66 -30.61
N PRO S 48 -72.69 -38.50 -30.54
CA PRO S 48 -72.08 -37.29 -29.99
C PRO S 48 -71.96 -37.34 -28.47
N ASP S 49 -70.76 -37.04 -27.96
CA ASP S 49 -70.48 -37.11 -26.54
C ASP S 49 -71.01 -35.84 -25.90
N PHE S 50 -72.18 -35.90 -25.26
CA PHE S 50 -72.70 -34.83 -24.44
C PHE S 50 -72.25 -35.03 -23.00
N GLY S 51 -72.71 -34.13 -22.13
CA GLY S 51 -72.25 -34.11 -20.74
C GLY S 51 -71.54 -32.81 -20.37
N SER S 52 -71.86 -31.75 -21.09
CA SER S 52 -71.26 -30.44 -20.84
C SER S 52 -72.10 -29.68 -19.82
N LEU S 53 -73.45 -29.79 -19.90
CA LEU S 53 -74.29 -28.87 -19.14
C LEU S 53 -74.70 -29.39 -17.76
N ARG S 54 -75.43 -30.51 -17.73
CA ARG S 54 -75.93 -31.01 -16.46
C ARG S 54 -75.13 -32.22 -15.95
N GLN S 55 -75.05 -33.21 -16.80
CA GLN S 55 -74.58 -34.56 -16.55
C GLN S 55 -74.84 -35.28 -17.86
N PRO S 56 -74.18 -36.44 -18.13
CA PRO S 56 -74.57 -37.34 -19.21
C PRO S 56 -75.99 -37.96 -19.23
N GLN S 57 -76.81 -37.48 -20.15
CA GLN S 57 -78.25 -37.68 -20.10
C GLN S 57 -78.71 -38.82 -20.98
N ASP S 58 -77.97 -39.22 -22.02
CA ASP S 58 -78.52 -40.10 -23.03
C ASP S 58 -78.41 -41.57 -22.63
N GLY S 59 -79.06 -42.39 -23.43
CA GLY S 59 -79.06 -43.83 -23.20
C GLY S 59 -77.79 -44.53 -23.71
N PRO S 60 -77.57 -44.60 -25.04
CA PRO S 60 -76.50 -45.44 -25.59
C PRO S 60 -75.06 -45.01 -25.35
N HIS S 61 -74.85 -43.85 -24.75
CA HIS S 61 -73.54 -43.50 -24.21
C HIS S 61 -73.28 -44.26 -22.90
N THR S 62 -74.34 -44.48 -22.13
CA THR S 62 -74.25 -45.18 -20.87
C THR S 62 -74.20 -46.67 -21.11
N ARG S 63 -74.53 -47.18 -22.30
CA ARG S 63 -74.40 -48.58 -22.60
C ARG S 63 -72.92 -49.01 -22.62
N HIS S 64 -72.08 -48.07 -23.10
CA HIS S 64 -70.70 -48.39 -23.38
C HIS S 64 -69.76 -47.84 -22.33
N LEU S 65 -70.29 -47.33 -21.20
CA LEU S 65 -69.36 -46.74 -20.20
C LEU S 65 -69.86 -47.07 -18.80
N ASP S 66 -71.18 -47.09 -18.60
CA ASP S 66 -71.69 -47.39 -17.25
C ASP S 66 -71.61 -48.89 -17.05
N ALA S 67 -71.67 -49.66 -18.14
CA ALA S 67 -71.43 -51.09 -18.13
C ALA S 67 -69.94 -51.38 -18.04
N PHE S 68 -69.09 -50.42 -18.37
CA PHE S 68 -67.67 -50.58 -18.40
C PHE S 68 -67.03 -50.28 -17.07
N LEU S 69 -67.77 -49.96 -16.02
CA LEU S 69 -67.22 -49.83 -14.69
C LEU S 69 -66.99 -51.20 -14.02
N ALA S 70 -67.67 -52.24 -14.49
CA ALA S 70 -67.28 -53.63 -14.24
C ALA S 70 -66.32 -54.04 -15.35
N ALA S 71 -66.05 -55.34 -15.46
CA ALA S 71 -65.38 -55.92 -16.61
C ALA S 71 -63.91 -55.49 -16.73
N ASP S 72 -63.05 -56.04 -15.88
CA ASP S 72 -61.85 -55.32 -15.47
C ASP S 72 -60.62 -55.71 -16.29
N ALA S 73 -60.86 -56.20 -17.53
CA ALA S 73 -59.79 -56.19 -18.55
C ALA S 73 -60.02 -55.09 -19.59
N LEU S 74 -59.02 -54.21 -19.79
CA LEU S 74 -59.21 -53.05 -20.64
C LEU S 74 -58.20 -53.05 -21.80
N ILE S 75 -58.67 -52.48 -22.91
CA ILE S 75 -57.89 -52.23 -24.17
C ILE S 75 -58.13 -50.76 -24.51
N VAL S 76 -57.08 -49.92 -24.45
CA VAL S 76 -57.21 -48.45 -24.68
C VAL S 76 -57.32 -48.10 -26.17
N ALA S 77 -57.58 -46.82 -26.45
CA ALA S 77 -57.72 -46.28 -27.82
C ALA S 77 -56.36 -46.30 -28.54
N SER S 78 -56.36 -46.30 -29.88
CA SER S 78 -55.07 -46.33 -30.61
C SER S 78 -55.02 -45.35 -31.80
N PRO S 79 -55.62 -44.15 -31.66
CA PRO S 79 -55.81 -43.17 -32.77
C PRO S 79 -54.96 -41.89 -32.87
N VAL S 80 -53.63 -41.96 -32.81
CA VAL S 80 -52.89 -40.69 -32.72
C VAL S 80 -52.89 -39.85 -33.96
N TYR S 81 -53.75 -38.82 -33.94
CA TYR S 81 -54.06 -37.99 -35.17
C TYR S 81 -53.29 -36.63 -35.23
N LYS S 82 -53.41 -35.84 -34.15
CA LYS S 82 -52.83 -34.45 -34.18
C LYS S 82 -51.58 -34.35 -33.31
N GLY S 83 -50.55 -35.12 -33.64
CA GLY S 83 -49.33 -35.14 -32.85
C GLY S 83 -49.22 -36.20 -31.77
N SER S 84 -49.98 -36.03 -30.70
CA SER S 84 -50.16 -37.03 -29.64
C SER S 84 -51.64 -37.52 -29.87
N TYR S 85 -52.27 -38.13 -28.88
CA TYR S 85 -53.67 -38.72 -28.96
C TYR S 85 -54.79 -37.78 -29.47
N THR S 86 -55.99 -38.33 -29.56
CA THR S 86 -57.23 -37.58 -29.89
C THR S 86 -57.88 -36.77 -28.84
N GLY S 87 -58.86 -35.94 -29.20
CA GLY S 87 -59.59 -35.13 -28.25
C GLY S 87 -60.95 -35.71 -27.84
N LEU S 88 -61.53 -36.52 -28.68
CA LEU S 88 -62.86 -37.03 -28.45
C LEU S 88 -62.76 -38.34 -27.71
N PHE S 89 -61.61 -39.02 -27.76
CA PHE S 89 -61.32 -40.15 -26.89
C PHE S 89 -61.10 -39.64 -25.48
N LYS S 90 -60.50 -38.48 -25.31
CA LYS S 90 -60.28 -37.91 -23.99
C LYS S 90 -61.59 -37.34 -23.41
N HIS S 91 -62.51 -36.95 -24.28
CA HIS S 91 -63.79 -36.45 -23.81
C HIS S 91 -64.65 -37.58 -23.26
N PHE S 92 -64.42 -38.80 -23.72
CA PHE S 92 -65.06 -39.98 -23.16
C PHE S 92 -64.46 -40.31 -21.80
N ILE S 93 -63.16 -40.02 -21.63
CA ILE S 93 -62.49 -40.28 -20.37
C ILE S 93 -62.84 -39.18 -19.37
N ASP S 94 -63.15 -37.97 -19.85
CA ASP S 94 -63.49 -36.87 -18.99
C ASP S 94 -64.87 -37.04 -18.33
N LEU S 95 -65.65 -38.04 -18.77
CA LEU S 95 -66.93 -38.31 -18.15
C LEU S 95 -66.85 -39.42 -17.12
N ILE S 96 -65.65 -39.94 -16.82
CA ILE S 96 -65.54 -41.06 -15.93
C ILE S 96 -65.19 -40.52 -14.55
N GLU S 97 -65.80 -41.07 -13.49
CA GLU S 97 -65.35 -40.71 -12.14
C GLU S 97 -64.05 -41.46 -11.86
N PRO S 98 -62.99 -40.79 -11.33
CA PRO S 98 -61.69 -41.42 -11.31
C PRO S 98 -61.57 -42.53 -10.29
N VAL S 99 -62.54 -42.68 -9.40
CA VAL S 99 -62.30 -43.58 -8.27
C VAL S 99 -62.68 -45.01 -8.63
N ALA S 100 -63.54 -45.13 -9.66
CA ALA S 100 -64.05 -46.42 -10.07
C ALA S 100 -63.10 -47.14 -11.03
N LEU S 101 -61.83 -46.75 -11.10
CA LEU S 101 -60.86 -47.37 -11.99
C LEU S 101 -59.63 -47.86 -11.25
N VAL S 102 -59.71 -48.06 -9.93
CA VAL S 102 -58.59 -48.56 -9.16
C VAL S 102 -58.53 -50.09 -9.32
N GLY S 103 -57.33 -50.59 -9.60
CA GLY S 103 -57.18 -51.95 -10.16
C GLY S 103 -57.35 -51.89 -11.67
N LYS S 104 -58.14 -52.82 -12.25
CA LYS S 104 -58.50 -52.76 -13.67
C LYS S 104 -57.40 -52.64 -14.74
N PRO S 105 -56.64 -53.69 -15.05
CA PRO S 105 -55.52 -53.65 -15.94
C PRO S 105 -55.82 -53.26 -17.38
N VAL S 106 -54.98 -52.36 -17.89
CA VAL S 106 -55.24 -51.66 -19.14
C VAL S 106 -54.06 -51.89 -20.09
N LEU S 107 -54.39 -52.18 -21.35
CA LEU S 107 -53.43 -52.38 -22.39
C LEU S 107 -53.47 -51.18 -23.35
N LEU S 108 -52.31 -50.52 -23.44
CA LEU S 108 -52.20 -49.32 -24.26
C LEU S 108 -51.65 -49.71 -25.63
N ALA S 109 -52.18 -49.05 -26.67
CA ALA S 109 -51.70 -49.19 -28.03
C ALA S 109 -51.88 -47.86 -28.75
N ALA S 110 -51.55 -47.86 -30.04
CA ALA S 110 -51.66 -46.68 -30.85
C ALA S 110 -51.56 -47.03 -32.34
N THR S 111 -52.16 -46.21 -33.19
CA THR S 111 -52.13 -46.44 -34.62
C THR S 111 -51.86 -45.12 -35.32
N GLY S 112 -50.74 -45.03 -36.02
CA GLY S 112 -50.39 -43.79 -36.68
C GLY S 112 -50.07 -44.04 -38.15
N GLY S 113 -49.35 -43.10 -38.76
CA GLY S 113 -48.97 -43.24 -40.14
C GLY S 113 -47.52 -43.69 -40.23
N GLY S 114 -46.65 -43.04 -39.51
CA GLY S 114 -45.25 -43.40 -39.44
C GLY S 114 -44.85 -43.54 -37.99
N ASP S 115 -43.62 -44.01 -37.74
CA ASP S 115 -43.12 -44.31 -36.41
C ASP S 115 -42.40 -43.00 -36.11
N ARG S 116 -43.11 -42.10 -35.44
CA ARG S 116 -42.56 -40.80 -35.07
C ARG S 116 -43.20 -40.55 -33.71
N HIS S 117 -44.39 -41.13 -33.55
CA HIS S 117 -45.13 -41.18 -32.29
C HIS S 117 -44.90 -42.31 -31.13
N ALA S 118 -43.86 -43.07 -31.46
CA ALA S 118 -43.45 -44.19 -30.63
C ALA S 118 -43.33 -43.96 -29.13
N LEU S 119 -43.35 -42.69 -28.73
CA LEU S 119 -43.26 -42.34 -27.31
C LEU S 119 -44.55 -41.73 -26.82
N VAL S 120 -45.67 -41.93 -27.51
CA VAL S 120 -46.94 -41.44 -26.97
C VAL S 120 -47.54 -42.55 -26.12
N ILE S 121 -46.97 -43.73 -26.13
CA ILE S 121 -47.41 -44.75 -25.17
C ILE S 121 -46.74 -44.54 -23.82
N GLU S 122 -45.51 -44.02 -23.85
CA GLU S 122 -44.75 -43.77 -22.59
C GLU S 122 -45.01 -42.37 -22.01
N HIS S 123 -45.50 -41.43 -22.82
CA HIS S 123 -45.75 -40.07 -22.45
C HIS S 123 -47.20 -39.61 -22.40
N GLN S 124 -48.08 -40.05 -23.28
CA GLN S 124 -49.40 -39.52 -23.50
C GLN S 124 -50.53 -40.39 -22.98
N LEU S 125 -50.26 -41.67 -22.70
CA LEU S 125 -51.35 -42.59 -22.26
C LEU S 125 -51.08 -43.19 -20.87
N ARG S 126 -49.81 -43.38 -20.49
CA ARG S 126 -49.49 -44.00 -19.22
C ARG S 126 -49.62 -42.96 -18.13
N PRO S 127 -49.23 -41.67 -18.28
CA PRO S 127 -49.62 -40.66 -17.29
C PRO S 127 -51.10 -40.36 -17.17
N VAL S 128 -51.90 -40.70 -18.13
CA VAL S 128 -53.33 -40.46 -18.06
C VAL S 128 -53.99 -41.47 -17.13
N PHE S 129 -53.48 -42.71 -17.20
CA PHE S 129 -53.95 -43.77 -16.33
C PHE S 129 -53.02 -43.91 -15.13
N GLY S 130 -52.14 -42.92 -14.91
CA GLY S 130 -51.47 -42.71 -13.64
C GLY S 130 -52.29 -41.82 -12.73
N PHE S 131 -53.40 -41.32 -13.24
CA PHE S 131 -54.38 -40.57 -12.52
C PHE S 131 -55.43 -41.52 -11.93
N PHE S 132 -55.78 -42.53 -12.71
CA PHE S 132 -56.77 -43.51 -12.33
C PHE S 132 -56.20 -44.61 -11.46
N GLU S 133 -54.86 -44.65 -11.30
CA GLU S 133 -54.14 -45.72 -10.60
C GLU S 133 -54.38 -47.09 -11.24
N ALA S 134 -54.36 -47.16 -12.56
CA ALA S 134 -54.53 -48.41 -13.29
C ALA S 134 -53.26 -49.25 -13.23
N HIS S 135 -53.42 -50.53 -12.87
CA HIS S 135 -52.32 -51.44 -12.57
C HIS S 135 -52.04 -52.24 -13.82
N THR S 136 -50.90 -52.94 -13.91
CA THR S 136 -50.63 -54.03 -14.85
C THR S 136 -50.61 -53.62 -16.32
N LEU S 137 -49.80 -52.58 -16.58
CA LEU S 137 -49.67 -52.02 -17.91
C LEU S 137 -48.24 -52.29 -18.39
N ALA S 138 -48.06 -53.45 -19.01
CA ALA S 138 -46.73 -54.03 -19.20
C ALA S 138 -45.99 -53.39 -20.36
N THR S 139 -46.50 -53.58 -21.58
CA THR S 139 -45.81 -53.17 -22.79
C THR S 139 -46.77 -52.53 -23.77
N GLY S 140 -46.46 -51.31 -24.25
CA GLY S 140 -47.30 -50.70 -25.25
C GLY S 140 -46.77 -51.00 -26.64
N LEU S 141 -47.61 -50.78 -27.62
CA LEU S 141 -47.35 -51.14 -29.02
C LEU S 141 -47.83 -50.02 -29.92
N TYR S 142 -47.10 -49.79 -30.98
CA TYR S 142 -47.38 -48.77 -31.98
C TYR S 142 -47.42 -49.43 -33.34
N VAL S 143 -48.48 -49.19 -34.12
CA VAL S 143 -48.54 -49.73 -35.48
C VAL S 143 -48.48 -48.60 -36.50
N SER S 144 -47.53 -48.64 -37.42
CA SER S 144 -47.43 -47.57 -38.41
C SER S 144 -47.70 -48.13 -39.79
N ALA S 145 -46.71 -48.91 -40.28
CA ALA S 145 -46.78 -49.55 -41.59
C ALA S 145 -46.97 -51.06 -41.51
N SER S 146 -46.91 -51.66 -40.32
CA SER S 146 -47.15 -53.06 -40.11
C SER S 146 -48.66 -53.34 -40.03
N ASP S 147 -49.31 -53.30 -41.20
CA ASP S 147 -50.73 -53.32 -41.33
C ASP S 147 -51.13 -54.20 -42.54
N PHE S 148 -52.41 -54.52 -42.58
CA PHE S 148 -53.07 -55.07 -43.77
C PHE S 148 -54.28 -54.18 -44.02
N GLY S 149 -53.99 -53.00 -44.57
CA GLY S 149 -54.99 -51.95 -44.72
C GLY S 149 -56.06 -52.24 -45.77
N GLY S 152 -57.63 -60.07 -45.06
CA GLY S 152 -56.34 -59.67 -44.45
C GLY S 152 -56.46 -59.34 -42.97
N LEU S 153 -56.40 -58.05 -42.64
CA LEU S 153 -56.56 -57.53 -41.30
C LEU S 153 -55.55 -58.02 -40.26
N ALA S 154 -54.28 -57.80 -40.59
CA ALA S 154 -53.16 -58.41 -39.88
C ALA S 154 -52.04 -57.38 -39.68
N SER S 155 -50.91 -57.86 -39.16
CA SER S 155 -49.76 -57.02 -38.87
C SER S 155 -48.48 -57.72 -39.37
N GLU S 156 -47.36 -57.01 -39.20
CA GLU S 156 -46.05 -57.52 -39.58
C GLU S 156 -45.18 -57.49 -38.32
N ALA S 157 -45.10 -58.63 -37.61
CA ALA S 157 -44.01 -58.87 -36.67
C ALA S 157 -44.07 -58.00 -35.40
N ALA S 158 -45.11 -57.20 -35.25
CA ALA S 158 -45.47 -56.54 -34.01
C ALA S 158 -46.45 -57.39 -33.18
N SER S 159 -46.89 -58.51 -33.73
CA SER S 159 -47.84 -59.39 -33.11
C SER S 159 -47.21 -60.16 -31.96
N THR S 160 -45.89 -60.27 -31.90
CA THR S 160 -45.26 -60.92 -30.78
C THR S 160 -45.27 -60.02 -29.54
N ARG S 161 -45.22 -58.69 -29.79
CA ARG S 161 -45.25 -57.74 -28.70
C ARG S 161 -46.68 -57.59 -28.18
N LEU S 162 -47.68 -57.90 -29.04
CA LEU S 162 -49.06 -57.90 -28.58
C LEU S 162 -49.36 -59.21 -27.84
N ASP S 163 -48.72 -60.31 -28.25
CA ASP S 163 -48.80 -61.57 -27.54
C ASP S 163 -48.14 -61.48 -26.18
N ARG S 164 -47.14 -60.58 -26.02
CA ARG S 164 -46.52 -60.39 -24.76
C ARG S 164 -47.40 -59.57 -23.80
N ALA S 165 -48.28 -58.73 -24.40
CA ALA S 165 -49.03 -57.80 -23.57
C ALA S 165 -50.31 -58.45 -23.01
N VAL S 166 -50.78 -59.50 -23.72
CA VAL S 166 -51.97 -60.19 -23.27
C VAL S 166 -51.60 -61.14 -22.12
N ALA S 167 -50.30 -61.54 -22.07
CA ALA S 167 -49.87 -62.50 -21.07
C ALA S 167 -49.69 -61.83 -19.72
N GLN S 168 -49.77 -60.47 -19.68
CA GLN S 168 -49.58 -59.79 -18.41
C GLN S 168 -50.87 -59.65 -17.62
N PHE S 169 -52.00 -60.10 -18.22
CA PHE S 169 -53.25 -60.00 -17.50
C PHE S 169 -53.46 -61.15 -16.52
N ALA S 170 -52.75 -62.27 -16.73
CA ALA S 170 -52.75 -63.36 -15.78
C ALA S 170 -51.90 -63.07 -14.54
N ALA S 171 -51.12 -61.99 -14.56
CA ALA S 171 -50.51 -61.48 -13.34
C ALA S 171 -51.49 -60.67 -12.52
N HIS S 172 -52.58 -60.16 -13.14
CA HIS S 172 -53.51 -59.33 -12.41
C HIS S 172 -54.79 -60.10 -12.10
N LEU S 173 -55.36 -60.71 -13.14
CA LEU S 173 -56.70 -61.28 -13.07
C LEU S 173 -56.78 -62.59 -12.26
N SER S 174 -57.89 -62.75 -11.55
CA SER S 174 -58.32 -64.05 -11.03
C SER S 174 -59.26 -64.62 -12.09
N ARG S 175 -59.95 -65.73 -11.76
CA ARG S 175 -60.58 -66.60 -12.74
C ARG S 175 -61.76 -65.89 -13.41
N HIS S 176 -62.72 -65.42 -12.60
CA HIS S 176 -63.90 -64.77 -13.14
C HIS S 176 -64.39 -63.69 -12.20
N PRO S 180 -63.97 -54.88 -7.89
CA PRO S 180 -63.78 -54.23 -6.60
C PRO S 180 -65.04 -53.54 -6.10
N LEU S 181 -65.42 -53.80 -4.83
CA LEU S 181 -66.70 -53.33 -4.30
C LEU S 181 -66.57 -52.58 -2.98
N LEU S 182 -65.45 -51.85 -2.76
CA LEU S 182 -65.30 -51.06 -1.56
C LEU S 182 -65.60 -49.57 -1.76
N ALA S 183 -66.28 -48.99 -0.76
CA ALA S 183 -66.78 -47.62 -0.83
C ALA S 183 -65.74 -46.65 -0.29
N VAL S 184 -65.03 -47.07 0.77
CA VAL S 184 -64.04 -46.19 1.45
C VAL S 184 -62.66 -46.30 0.77
N GLY S 185 -62.00 -45.15 0.59
CA GLY S 185 -60.64 -45.08 0.00
C GLY S 185 -59.66 -44.34 0.89
N HIS S 188 -61.46 -40.23 7.49
CA HIS S 188 -62.45 -41.09 8.15
C HIS S 188 -63.84 -40.98 7.52
N HIS S 189 -63.87 -40.77 6.20
CA HIS S 189 -65.13 -40.65 5.49
C HIS S 189 -65.25 -41.66 4.36
N MET T 1 -59.90 -1.94 -35.55
CA MET T 1 -58.78 -1.80 -36.54
C MET T 1 -57.42 -1.62 -35.87
N PRO T 2 -57.20 -0.67 -34.93
CA PRO T 2 -55.85 -0.16 -34.69
C PRO T 2 -55.04 -1.11 -33.82
N GLY T 3 -53.97 -1.70 -34.40
CA GLY T 3 -53.24 -2.77 -33.76
C GLY T 3 -53.40 -4.13 -34.44
N PRO T 4 -52.36 -4.99 -34.39
CA PRO T 4 -52.47 -6.38 -34.83
C PRO T 4 -53.39 -7.24 -33.96
N ARG T 5 -53.87 -8.31 -34.56
CA ARG T 5 -54.90 -9.17 -34.00
C ARG T 5 -54.56 -9.95 -32.73
N ILE T 6 -55.60 -10.12 -31.91
CA ILE T 6 -55.51 -10.81 -30.63
C ILE T 6 -56.46 -12.01 -30.69
N VAL T 7 -56.01 -13.19 -30.25
CA VAL T 7 -56.93 -14.33 -30.24
C VAL T 7 -56.97 -14.94 -28.86
N ALA T 8 -58.16 -15.29 -28.37
CA ALA T 8 -58.30 -15.86 -27.03
C ALA T 8 -59.07 -17.16 -27.11
N PHE T 9 -58.68 -18.15 -26.31
CA PHE T 9 -59.35 -19.44 -26.31
C PHE T 9 -59.12 -20.18 -24.99
N ALA T 10 -60.12 -20.89 -24.53
CA ALA T 10 -59.98 -21.71 -23.35
C ALA T 10 -60.74 -22.93 -23.84
N GLY T 11 -61.30 -23.67 -22.90
CA GLY T 11 -62.15 -24.78 -23.24
C GLY T 11 -62.33 -25.43 -21.90
N SER T 12 -63.57 -25.76 -21.60
CA SER T 12 -63.95 -26.44 -20.37
C SER T 12 -65.47 -26.51 -20.42
N TRP T 13 -66.12 -26.50 -19.26
CA TRP T 13 -67.57 -26.49 -19.32
C TRP T 13 -68.40 -25.22 -19.15
N SER T 14 -67.84 -24.21 -18.50
CA SER T 14 -68.58 -22.99 -18.21
C SER T 14 -67.63 -21.81 -17.97
N ARG T 15 -68.19 -20.70 -17.50
CA ARG T 15 -67.39 -19.50 -17.23
C ARG T 15 -67.20 -19.30 -15.73
N PRO T 16 -67.19 -20.40 -14.97
CA PRO T 16 -67.02 -20.39 -13.53
C PRO T 16 -65.67 -20.11 -12.88
N SER T 17 -64.55 -20.45 -13.52
CA SER T 17 -63.29 -20.18 -12.86
C SER T 17 -62.34 -19.56 -13.87
N LYS T 18 -61.04 -19.64 -13.59
CA LYS T 18 -59.99 -18.89 -14.23
C LYS T 18 -59.64 -19.43 -15.62
N THR T 19 -60.45 -20.34 -16.14
CA THR T 19 -60.52 -20.59 -17.59
C THR T 19 -61.41 -19.53 -18.27
N ARG T 20 -62.44 -19.07 -17.58
CA ARG T 20 -63.18 -17.89 -18.04
C ARG T 20 -62.37 -16.60 -17.92
N SER T 21 -61.47 -16.56 -16.95
CA SER T 21 -60.38 -15.56 -16.89
C SER T 21 -59.29 -16.10 -17.78
N LEU T 22 -58.12 -15.45 -17.86
CA LEU T 22 -56.97 -15.88 -18.61
C LEU T 22 -57.15 -15.90 -20.12
N VAL T 23 -58.36 -15.64 -20.56
CA VAL T 23 -58.70 -15.38 -21.95
C VAL T 23 -59.54 -14.10 -22.00
N GLU T 24 -60.21 -13.71 -20.89
CA GLU T 24 -60.85 -12.40 -20.88
C GLU T 24 -59.87 -11.40 -20.27
N GLU T 25 -59.40 -11.71 -19.06
CA GLU T 25 -58.48 -10.80 -18.31
C GLU T 25 -57.11 -10.73 -18.98
N ALA T 26 -56.64 -11.87 -19.49
CA ALA T 26 -55.35 -11.95 -20.18
C ALA T 26 -55.48 -11.19 -21.50
N ALA T 27 -56.68 -11.11 -22.05
CA ALA T 27 -56.98 -10.25 -23.17
C ALA T 27 -57.13 -8.82 -22.71
N ARG T 28 -57.61 -8.55 -21.51
CA ARG T 28 -57.58 -7.22 -20.91
C ARG T 28 -56.14 -6.75 -20.65
N ARG T 29 -55.24 -7.65 -20.36
CA ARG T 29 -53.83 -7.35 -20.23
C ARG T 29 -53.19 -7.08 -21.60
N ALA T 30 -53.79 -7.70 -22.62
CA ALA T 30 -53.34 -7.56 -23.99
C ALA T 30 -53.86 -6.24 -24.55
N VAL T 31 -55.10 -5.91 -24.23
CA VAL T 31 -55.67 -4.65 -24.71
C VAL T 31 -55.01 -3.44 -24.03
N ALA T 32 -54.52 -3.65 -22.83
CA ALA T 32 -53.74 -2.66 -22.10
C ALA T 32 -52.35 -2.51 -22.67
N ARG T 33 -51.85 -3.53 -23.39
CA ARG T 33 -50.59 -3.43 -24.11
C ARG T 33 -50.79 -2.70 -25.44
N PHE T 34 -51.60 -3.27 -26.32
CA PHE T 34 -51.80 -2.72 -27.66
C PHE T 34 -53.21 -2.99 -28.09
N GLY T 35 -53.56 -2.69 -29.34
CA GLY T 35 -54.90 -2.93 -29.84
C GLY T 35 -54.94 -4.06 -30.86
N GLY T 36 -56.07 -4.18 -31.52
CA GLY T 36 -56.31 -5.28 -32.45
C GLY T 36 -57.78 -5.58 -32.57
N ALA T 38 -61.01 -7.81 -30.46
CA ALA T 38 -61.40 -8.42 -29.20
C ALA T 38 -62.29 -9.65 -29.46
N HIS T 39 -61.82 -10.45 -30.42
CA HIS T 39 -62.49 -11.70 -30.75
C HIS T 39 -62.00 -12.79 -29.80
N VAL T 40 -62.94 -13.24 -28.94
CA VAL T 40 -62.64 -14.32 -28.01
C VAL T 40 -63.46 -15.53 -28.46
N PHE T 41 -62.75 -16.65 -28.63
CA PHE T 41 -63.38 -17.86 -29.14
C PHE T 41 -63.81 -18.65 -27.92
N ASP T 42 -65.13 -18.67 -27.69
CA ASP T 42 -65.70 -19.22 -26.50
C ASP T 42 -65.95 -20.71 -26.71
N ILE T 43 -66.42 -21.37 -25.65
CA ILE T 43 -66.58 -22.86 -25.70
C ILE T 43 -68.07 -23.20 -25.90
N ALA T 44 -68.95 -22.27 -25.55
CA ALA T 44 -70.35 -22.53 -25.68
C ALA T 44 -70.82 -22.16 -27.10
N ASP T 45 -70.04 -21.44 -27.83
CA ASP T 45 -70.40 -20.82 -29.10
C ASP T 45 -70.44 -21.83 -30.25
N LEU T 46 -69.90 -23.04 -30.05
CA LEU T 46 -70.13 -24.10 -31.01
C LEU T 46 -71.47 -24.78 -30.74
N GLY T 47 -71.71 -25.06 -29.47
CA GLY T 47 -72.92 -25.80 -29.09
C GLY T 47 -72.56 -26.90 -28.11
N PRO T 48 -73.33 -28.01 -28.05
CA PRO T 48 -72.94 -29.17 -27.27
C PRO T 48 -71.71 -29.91 -27.80
N ASP T 49 -71.76 -30.37 -29.05
CA ASP T 49 -70.61 -30.90 -29.75
C ASP T 49 -70.98 -31.10 -31.22
N PHE T 50 -70.38 -30.30 -32.11
CA PHE T 50 -70.54 -30.52 -33.55
C PHE T 50 -69.45 -31.46 -34.09
N GLY T 51 -68.96 -32.37 -33.25
CA GLY T 51 -67.64 -32.93 -33.47
C GLY T 51 -67.55 -34.38 -33.91
N SER T 52 -68.72 -34.99 -34.00
CA SER T 52 -68.82 -36.35 -34.40
C SER T 52 -68.54 -36.35 -35.88
N ARG T 54 -68.56 -35.37 -40.09
CA ARG T 54 -67.95 -34.36 -40.96
C ARG T 54 -69.18 -33.61 -41.47
N GLN T 55 -69.56 -32.57 -40.73
CA GLN T 55 -70.68 -31.73 -41.12
C GLN T 55 -70.13 -30.62 -42.01
N PRO T 56 -70.12 -30.88 -43.33
CA PRO T 56 -69.63 -30.01 -44.41
C PRO T 56 -69.85 -28.52 -44.14
N GLN T 57 -68.79 -27.83 -43.73
CA GLN T 57 -68.89 -26.38 -43.41
C GLN T 57 -70.12 -25.77 -42.69
N ASP T 58 -70.17 -26.02 -41.39
CA ASP T 58 -71.28 -25.59 -40.53
C ASP T 58 -71.39 -24.09 -40.33
N GLY T 59 -72.22 -23.69 -39.38
CA GLY T 59 -72.40 -22.27 -39.10
C GLY T 59 -71.35 -21.80 -38.08
N PRO T 60 -71.41 -22.28 -36.82
CA PRO T 60 -70.66 -21.62 -35.75
C PRO T 60 -69.14 -21.82 -35.74
N HIS T 61 -68.64 -22.90 -36.34
CA HIS T 61 -67.21 -23.12 -36.31
C HIS T 61 -66.53 -22.35 -37.40
N THR T 62 -67.22 -21.90 -38.45
CA THR T 62 -66.58 -21.30 -39.59
C THR T 62 -66.13 -19.87 -39.27
N ARG T 63 -66.80 -19.23 -38.31
CA ARG T 63 -66.45 -17.87 -37.93
C ARG T 63 -65.26 -17.79 -36.94
N HIS T 64 -64.66 -18.91 -36.66
CA HIS T 64 -63.65 -19.01 -35.63
C HIS T 64 -62.54 -19.84 -36.25
N LEU T 65 -62.80 -20.56 -37.33
CA LEU T 65 -61.73 -21.16 -38.11
C LEU T 65 -60.98 -20.10 -38.91
N ASP T 66 -61.67 -19.05 -39.30
CA ASP T 66 -61.11 -17.88 -39.95
C ASP T 66 -60.26 -17.11 -38.93
N ALA T 67 -60.76 -17.01 -37.72
CA ALA T 67 -60.25 -16.12 -36.71
C ALA T 67 -59.03 -16.74 -36.02
N PHE T 68 -58.92 -18.06 -36.04
CA PHE T 68 -57.87 -18.74 -35.28
C PHE T 68 -56.51 -18.54 -35.90
N LEU T 69 -56.47 -18.39 -37.23
CA LEU T 69 -55.25 -18.20 -37.98
C LEU T 69 -54.83 -16.75 -37.99
N ALA T 70 -55.46 -15.83 -37.26
CA ALA T 70 -54.98 -14.48 -37.06
C ALA T 70 -53.63 -14.36 -36.35
N ALA T 71 -52.60 -13.80 -37.02
CA ALA T 71 -51.23 -13.93 -36.61
C ALA T 71 -50.94 -13.07 -35.39
N ASP T 72 -49.68 -13.17 -34.97
CA ASP T 72 -49.03 -12.28 -33.96
C ASP T 72 -49.44 -12.45 -32.49
N ALA T 73 -50.48 -13.25 -32.22
CA ALA T 73 -50.95 -13.45 -30.84
C ALA T 73 -52.16 -14.39 -30.83
N LEU T 74 -52.17 -15.33 -29.87
CA LEU T 74 -53.25 -16.34 -29.67
C LEU T 74 -52.96 -17.05 -28.35
N ILE T 75 -53.83 -16.88 -27.34
CA ILE T 75 -53.53 -17.47 -26.07
C ILE T 75 -54.42 -18.69 -25.85
N VAL T 76 -53.87 -19.74 -25.19
CA VAL T 76 -54.65 -20.93 -24.95
C VAL T 76 -54.73 -21.27 -23.47
N ALA T 77 -55.90 -21.71 -23.05
CA ALA T 77 -56.09 -22.09 -21.66
C ALA T 77 -57.22 -23.06 -21.39
N SER T 78 -56.93 -24.09 -20.60
CA SER T 78 -57.90 -25.14 -20.29
C SER T 78 -57.75 -25.60 -18.86
N PRO T 79 -58.83 -26.15 -18.30
CA PRO T 79 -58.78 -26.57 -16.89
C PRO T 79 -58.05 -27.93 -16.88
N VAL T 80 -57.13 -28.18 -15.94
CA VAL T 80 -56.40 -29.44 -15.96
C VAL T 80 -57.21 -30.55 -15.30
N TYR T 81 -57.75 -31.47 -16.14
CA TYR T 81 -58.44 -32.64 -15.74
C TYR T 81 -57.62 -33.84 -16.17
N LYS T 82 -57.44 -34.73 -15.20
CA LYS T 82 -57.00 -36.13 -15.45
C LYS T 82 -55.62 -36.15 -16.07
N GLY T 83 -54.70 -35.42 -15.43
CA GLY T 83 -53.29 -35.46 -15.79
C GLY T 83 -52.97 -34.77 -17.12
N SER T 84 -53.92 -34.02 -17.64
CA SER T 84 -53.88 -33.50 -19.01
C SER T 84 -54.92 -32.38 -19.10
N TYR T 85 -54.95 -31.79 -20.28
CA TYR T 85 -55.92 -30.73 -20.57
C TYR T 85 -57.28 -31.35 -20.91
N THR T 86 -58.21 -30.49 -21.32
CA THR T 86 -59.55 -30.82 -21.68
C THR T 86 -59.58 -31.56 -23.01
N GLY T 87 -60.60 -32.41 -23.19
CA GLY T 87 -60.73 -33.24 -24.37
C GLY T 87 -61.23 -32.42 -25.58
N LEU T 88 -62.21 -31.56 -25.29
CA LEU T 88 -62.87 -30.81 -26.32
C LEU T 88 -62.05 -29.62 -26.74
N PHE T 89 -61.05 -29.27 -25.93
CA PHE T 89 -60.02 -28.31 -26.35
C PHE T 89 -59.16 -28.95 -27.43
N LYS T 90 -58.84 -30.24 -27.27
CA LYS T 90 -58.03 -30.95 -28.21
C LYS T 90 -58.78 -31.25 -29.51
N HIS T 91 -60.11 -31.34 -29.41
CA HIS T 91 -60.93 -31.59 -30.58
C HIS T 91 -60.91 -30.36 -31.50
N PHE T 92 -60.80 -29.19 -30.92
CA PHE T 92 -60.81 -27.97 -31.70
C PHE T 92 -59.51 -27.78 -32.46
N ILE T 93 -58.41 -28.22 -31.80
CA ILE T 93 -57.11 -28.10 -32.46
C ILE T 93 -56.90 -29.32 -33.33
N ASP T 94 -57.68 -30.39 -33.27
CA ASP T 94 -57.70 -31.49 -34.21
C ASP T 94 -58.14 -31.06 -35.62
N LEU T 95 -58.56 -29.81 -35.83
CA LEU T 95 -59.04 -29.38 -37.11
C LEU T 95 -57.99 -28.60 -37.91
N ILE T 96 -56.78 -28.50 -37.41
CA ILE T 96 -55.79 -27.56 -37.96
C ILE T 96 -54.77 -28.30 -38.81
N GLU T 97 -54.33 -27.70 -39.90
CA GLU T 97 -53.30 -28.38 -40.71
C GLU T 97 -51.95 -27.89 -40.20
N PRO T 98 -50.88 -28.70 -40.26
CA PRO T 98 -49.56 -28.28 -39.82
C PRO T 98 -49.13 -26.94 -40.42
N VAL T 99 -49.34 -26.77 -41.73
CA VAL T 99 -49.00 -25.50 -42.45
C VAL T 99 -49.50 -24.32 -41.63
N ALA T 100 -50.81 -24.26 -41.37
CA ALA T 100 -51.54 -22.98 -41.16
C ALA T 100 -50.85 -22.16 -40.07
N LEU T 101 -50.45 -22.79 -38.96
CA LEU T 101 -49.68 -22.05 -37.94
C LEU T 101 -48.35 -21.79 -38.62
N VAL T 102 -48.16 -20.56 -39.06
CA VAL T 102 -46.99 -20.16 -39.80
C VAL T 102 -45.91 -19.92 -38.77
N GLY T 103 -46.11 -20.38 -37.53
CA GLY T 103 -45.22 -19.96 -36.44
C GLY T 103 -45.81 -18.68 -35.79
N LYS T 104 -47.01 -18.86 -35.32
CA LYS T 104 -47.78 -17.88 -34.58
C LYS T 104 -47.41 -17.96 -33.10
N PRO T 105 -47.22 -16.81 -32.43
CA PRO T 105 -46.83 -16.81 -31.02
C PRO T 105 -47.95 -17.25 -30.07
N VAL T 106 -47.59 -18.20 -29.19
CA VAL T 106 -48.58 -18.82 -28.33
C VAL T 106 -48.20 -18.58 -26.87
N LEU T 107 -49.17 -18.11 -26.09
CA LEU T 107 -49.02 -18.17 -24.62
C LEU T 107 -49.97 -19.25 -24.10
N LEU T 108 -49.44 -20.31 -23.58
CA LEU T 108 -50.26 -21.47 -23.21
C LEU T 108 -50.31 -21.53 -21.70
N ALA T 109 -51.46 -21.86 -21.13
CA ALA T 109 -51.59 -21.93 -19.68
C ALA T 109 -52.72 -22.88 -19.34
N ALA T 110 -52.87 -23.22 -18.05
CA ALA T 110 -53.96 -23.96 -17.50
C ALA T 110 -54.25 -23.53 -16.06
N THR T 111 -55.41 -23.89 -15.54
CA THR T 111 -55.68 -23.43 -14.17
C THR T 111 -56.62 -24.37 -13.44
N GLY T 112 -57.10 -25.42 -14.07
CA GLY T 112 -58.18 -26.15 -13.38
C GLY T 112 -57.75 -27.23 -12.39
N GLY T 113 -57.29 -26.79 -11.23
CA GLY T 113 -57.04 -27.69 -10.12
C GLY T 113 -56.15 -27.03 -9.10
N GLY T 114 -55.45 -27.86 -8.29
CA GLY T 114 -54.58 -27.35 -7.25
C GLY T 114 -53.11 -27.36 -7.65
N ASP T 115 -52.23 -27.29 -6.66
CA ASP T 115 -50.82 -27.08 -6.89
C ASP T 115 -50.08 -28.33 -7.42
N ARG T 116 -50.76 -29.48 -7.44
CA ARG T 116 -50.06 -30.72 -7.71
C ARG T 116 -49.88 -30.93 -9.22
N HIS T 117 -50.81 -30.39 -10.01
CA HIS T 117 -50.87 -30.65 -11.43
C HIS T 117 -50.28 -29.52 -12.25
N ALA T 118 -49.22 -28.88 -11.74
CA ALA T 118 -48.63 -27.73 -12.40
C ALA T 118 -47.68 -28.11 -13.54
N LEU T 119 -47.66 -29.37 -13.97
CA LEU T 119 -46.73 -29.81 -14.99
C LEU T 119 -47.40 -29.93 -16.33
N VAL T 120 -48.65 -29.49 -16.52
CA VAL T 120 -49.34 -29.91 -17.73
C VAL T 120 -48.99 -28.95 -18.87
N ILE T 121 -48.39 -27.82 -18.55
CA ILE T 121 -48.07 -26.82 -19.54
C ILE T 121 -46.88 -27.27 -20.40
N GLU T 122 -45.87 -27.87 -19.75
CA GLU T 122 -44.70 -28.20 -20.57
C GLU T 122 -44.72 -29.65 -21.02
N HIS T 123 -45.43 -30.51 -20.29
CA HIS T 123 -45.49 -31.92 -20.62
C HIS T 123 -46.66 -32.33 -21.51
N GLN T 124 -47.74 -31.54 -21.50
CA GLN T 124 -48.94 -31.89 -22.22
C GLN T 124 -49.53 -30.82 -23.14
N LEU T 125 -49.14 -29.56 -22.97
CA LEU T 125 -49.82 -28.43 -23.58
C LEU T 125 -48.85 -27.84 -24.58
N ARG T 126 -47.54 -27.85 -24.26
CA ARG T 126 -46.54 -27.29 -25.17
C ARG T 126 -46.36 -28.20 -26.40
N PRO T 127 -46.23 -29.54 -26.27
CA PRO T 127 -45.78 -30.28 -27.47
C PRO T 127 -46.82 -30.50 -28.56
N VAL T 128 -48.06 -30.15 -28.32
CA VAL T 128 -49.08 -30.11 -29.32
C VAL T 128 -48.91 -28.83 -30.12
N PHE T 129 -48.40 -27.74 -29.54
CA PHE T 129 -48.19 -26.55 -30.28
C PHE T 129 -46.81 -26.45 -30.88
N GLY T 130 -45.93 -27.42 -30.54
CA GLY T 130 -44.65 -27.47 -31.22
C GLY T 130 -44.70 -28.45 -32.39
N PHE T 131 -45.84 -29.16 -32.48
CA PHE T 131 -46.16 -29.94 -33.66
C PHE T 131 -46.48 -28.97 -34.80
N PHE T 132 -47.13 -27.85 -34.49
CA PHE T 132 -47.43 -26.86 -35.49
C PHE T 132 -46.27 -25.90 -35.72
N GLU T 133 -45.19 -26.04 -34.99
CA GLU T 133 -43.94 -25.30 -35.14
C GLU T 133 -44.16 -23.83 -34.85
N ALA T 134 -44.77 -23.55 -33.69
CA ALA T 134 -44.97 -22.22 -33.16
C ALA T 134 -43.69 -21.41 -32.94
N HIS T 135 -43.90 -20.10 -32.84
CA HIS T 135 -42.85 -19.10 -32.73
C HIS T 135 -42.13 -19.16 -31.38
N THR T 136 -42.89 -18.84 -30.33
CA THR T 136 -42.38 -18.92 -28.97
C THR T 136 -43.44 -19.59 -28.11
N LEU T 137 -43.11 -20.73 -27.53
CA LEU T 137 -43.91 -21.32 -26.49
C LEU T 137 -43.40 -20.66 -25.22
N ALA T 138 -44.16 -19.67 -24.74
CA ALA T 138 -43.84 -18.98 -23.51
C ALA T 138 -44.28 -19.80 -22.30
N THR T 139 -44.14 -19.23 -21.11
CA THR T 139 -44.43 -19.93 -19.88
C THR T 139 -45.95 -20.11 -19.71
N GLY T 140 -46.28 -20.70 -18.60
CA GLY T 140 -47.68 -20.90 -18.20
C GLY T 140 -47.96 -20.24 -16.87
N LEU T 141 -48.95 -20.80 -16.17
CA LEU T 141 -49.39 -20.22 -14.88
C LEU T 141 -49.18 -21.21 -13.73
N TYR T 142 -48.95 -20.65 -12.52
CA TYR T 142 -48.84 -21.42 -11.26
C TYR T 142 -50.29 -21.78 -10.92
N VAL T 143 -50.66 -23.04 -11.15
CA VAL T 143 -52.06 -23.42 -11.06
C VAL T 143 -52.42 -23.65 -9.60
N SER T 144 -53.58 -23.15 -9.21
CA SER T 144 -54.06 -23.26 -7.84
C SER T 144 -55.54 -22.90 -7.81
N ALA T 145 -56.10 -22.92 -6.60
CA ALA T 145 -57.44 -22.42 -6.34
C ALA T 145 -57.25 -20.94 -6.04
N SER T 146 -56.84 -20.23 -7.09
CA SER T 146 -56.66 -18.76 -7.05
C SER T 146 -57.23 -18.17 -8.32
N ASP T 147 -58.49 -17.74 -8.29
CA ASP T 147 -59.19 -17.37 -9.51
C ASP T 147 -58.58 -16.28 -10.36
N PHE T 148 -58.60 -15.02 -9.89
CA PHE T 148 -58.03 -13.88 -10.64
C PHE T 148 -58.26 -12.63 -9.78
N GLY T 149 -58.00 -11.45 -10.35
CA GLY T 149 -58.19 -10.17 -9.64
C GLY T 149 -59.12 -9.09 -10.15
N PRO T 150 -59.40 -8.99 -11.48
CA PRO T 150 -60.33 -7.99 -11.99
C PRO T 150 -61.78 -8.53 -11.95
N ASP T 151 -61.88 -9.85 -11.94
CA ASP T 151 -63.12 -10.68 -11.90
C ASP T 151 -63.07 -11.89 -10.96
N GLY T 152 -62.75 -11.66 -9.72
CA GLY T 152 -62.69 -12.74 -8.78
C GLY T 152 -62.82 -12.24 -7.38
N LEU T 153 -63.14 -13.14 -6.47
CA LEU T 153 -63.28 -12.79 -5.07
C LEU T 153 -62.95 -13.98 -4.17
N SER T 155 -55.39 -14.00 -8.28
CA SER T 155 -56.10 -13.22 -7.23
C SER T 155 -55.04 -12.73 -6.25
N GLU T 156 -53.77 -13.05 -6.53
CA GLU T 156 -52.70 -12.89 -5.57
C GLU T 156 -51.38 -12.68 -6.31
N ALA T 157 -50.26 -12.64 -5.60
CA ALA T 157 -49.00 -12.17 -6.14
C ALA T 157 -48.46 -12.85 -7.39
N ALA T 158 -49.16 -13.86 -7.91
CA ALA T 158 -48.76 -14.58 -9.10
C ALA T 158 -49.57 -14.09 -10.30
N SER T 159 -50.16 -12.89 -10.22
CA SER T 159 -50.72 -12.22 -11.37
C SER T 159 -49.62 -11.73 -12.33
N THR T 160 -48.47 -11.49 -11.81
CA THR T 160 -47.28 -11.08 -12.52
C THR T 160 -46.71 -12.23 -13.34
N ARG T 161 -47.18 -13.46 -13.14
CA ARG T 161 -46.81 -14.56 -14.00
C ARG T 161 -47.49 -14.44 -15.37
N LEU T 162 -48.67 -13.82 -15.38
CA LEU T 162 -49.37 -13.62 -16.65
C LEU T 162 -48.82 -12.32 -17.25
N ASP T 163 -48.59 -11.31 -16.39
CA ASP T 163 -48.38 -9.97 -16.90
C ASP T 163 -47.01 -9.86 -17.60
N ARG T 164 -46.06 -10.65 -17.14
CA ARG T 164 -44.77 -10.69 -17.80
C ARG T 164 -44.72 -11.80 -18.84
N ALA T 165 -45.70 -12.67 -18.90
CA ALA T 165 -45.79 -13.68 -19.96
C ALA T 165 -46.43 -13.11 -21.22
N VAL T 166 -47.22 -12.04 -21.10
CA VAL T 166 -47.62 -11.34 -22.32
C VAL T 166 -46.47 -10.45 -22.83
N ALA T 167 -45.66 -10.01 -21.91
CA ALA T 167 -44.49 -9.19 -22.18
C ALA T 167 -43.33 -10.09 -22.57
N GLN T 168 -43.50 -11.39 -22.64
CA GLN T 168 -42.55 -12.32 -23.27
C GLN T 168 -42.70 -12.36 -24.79
N PHE T 169 -43.83 -11.81 -25.29
CA PHE T 169 -44.00 -11.73 -26.72
C PHE T 169 -44.54 -10.40 -27.14
N ALA T 170 -44.83 -9.47 -26.22
CA ALA T 170 -45.26 -8.12 -26.54
C ALA T 170 -44.21 -7.08 -26.14
N LEU T 173 -40.98 -9.03 -30.70
CA LEU T 173 -40.65 -10.20 -31.53
C LEU T 173 -40.15 -9.73 -32.89
N ARG T 175 -41.38 -6.22 -35.99
CA ARG T 175 -42.20 -5.06 -36.32
C ARG T 175 -43.64 -5.51 -36.58
N HIS T 176 -44.21 -6.23 -35.61
CA HIS T 176 -45.47 -6.94 -35.69
C HIS T 176 -45.61 -7.83 -36.91
N ASP T 177 -44.54 -8.51 -37.31
CA ASP T 177 -44.44 -9.23 -38.56
C ASP T 177 -43.25 -10.16 -38.41
N ALA T 178 -43.49 -11.47 -38.22
CA ALA T 178 -42.42 -12.43 -38.12
C ALA T 178 -42.73 -13.55 -39.11
N ALA T 179 -42.47 -13.26 -40.39
CA ALA T 179 -42.85 -14.09 -41.54
C ALA T 179 -44.35 -14.46 -41.62
N PRO T 180 -45.26 -13.47 -41.74
CA PRO T 180 -46.68 -13.71 -41.46
C PRO T 180 -47.42 -14.58 -42.47
N LEU T 181 -47.12 -14.41 -43.76
CA LEU T 181 -47.81 -15.15 -44.81
C LEU T 181 -46.73 -16.05 -45.42
N LEU T 182 -45.58 -16.10 -44.76
CA LEU T 182 -44.52 -17.02 -45.18
C LEU T 182 -44.17 -18.31 -44.45
N ALA T 183 -44.61 -19.44 -45.00
CA ALA T 183 -44.43 -20.73 -44.35
C ALA T 183 -43.57 -21.47 -45.36
N VAL T 184 -42.27 -21.15 -45.38
CA VAL T 184 -41.33 -21.78 -46.29
C VAL T 184 -40.77 -22.89 -45.42
N GLY T 185 -41.32 -24.10 -45.55
CA GLY T 185 -40.86 -25.23 -44.78
C GLY T 185 -41.01 -26.54 -45.53
N LEU T 186 -41.56 -26.47 -46.74
CA LEU T 186 -41.75 -27.65 -47.57
C LEU T 186 -41.24 -27.41 -48.99
N GLU T 187 -40.68 -28.44 -49.60
CA GLU T 187 -40.15 -28.34 -50.95
C GLU T 187 -40.39 -29.64 -51.72
N HIS T 188 -41.32 -30.48 -51.26
CA HIS T 188 -41.54 -31.82 -51.78
C HIS T 188 -42.26 -31.79 -53.14
#